data_6SMH
#
_entry.id   6SMH
#
loop_
_entity.id
_entity.type
_entity.pdbx_description
1 polymer 'Ribulose bisphosphate carboxylase large chain'
2 polymer 'Rubisco accumulation factor 1 (RAF1) peptide'
#
loop_
_entity_poly.entity_id
_entity_poly.type
_entity_poly.pdbx_seq_one_letter_code
_entity_poly.pdbx_strand_id
1 'polypeptide(L)'
;LTYYTPDYTPKDTDLLAAFRFSPQPGVPAPEAGAAIAAESSTGTWTTVWTDLLTDMDRYDGKCYHIEPVQGEENSYFAFI
ADPLDLFEEGSVTNILTSIVGNVFGFKAIRSLRLEDIRFPVALVKTFQGPPHGIQVERDLLNKYGRPMLGCTIKPKLGLS
AKNYGRAVYECLRGGLDFTKDDENINSQPFQRWRDRFLFVADAIHKSQAETGEIKGHYLNVTAPTCEEMMKRAEFAKELG
MPIIMHDFLTAGFTANTTLAKWCRDNGVLLHIHRAMHAVIDRQRNHGIHFRVLAKCLRLSGGDHLHSGTVVGKLEGDKAS
TLGFVDLMREDHIEADRSRGVFFTQDWASMPGVLPVASGGIHVWHMPALVEIFGDDSVLQFGGGTLGHPWGNAPGATANR
VALEACVQARNEGRDLYREGGDILREAGKWSPELAAALDLWKEIKFE
;
A,B,C,D,E,F,G,H
2 'polypeptide(L)'
;ERQELLGQLRRKEGRWLAWARACQTLLKNGLNPQTLFEATGFEPIQQNQITVAMQVYDSILRQDPPAHVRETYQEWGSDL
LYELRELDQEQRSLCAQLALERKLDADQIREVAKATKDFCRLPKQPENFDRHPGDAVAHQCWRLAQERTDLTERSRLIAR
GLQFAQSAGARALIEALLLDLSGVPSRK
;
I,J,K,L,M,N,O,P
#
# COMPACT_ATOMS: atom_id res chain seq x y z
N LEU A 1 15.48 29.58 -45.93
CA LEU A 1 16.74 29.52 -45.20
C LEU A 1 17.44 30.87 -45.13
N THR A 2 16.90 31.79 -44.34
CA THR A 2 17.56 33.08 -44.06
C THR A 2 17.58 33.23 -42.54
N TYR A 3 18.65 32.73 -41.93
CA TYR A 3 18.85 32.87 -40.49
C TYR A 3 20.31 33.13 -40.18
N TYR A 4 21.04 33.65 -41.17
CA TYR A 4 22.51 33.53 -41.30
C TYR A 4 23.17 34.25 -40.13
N THR A 5 23.12 35.58 -40.06
CA THR A 5 23.62 36.36 -38.93
C THR A 5 22.74 37.58 -38.74
N PRO A 6 21.44 37.42 -38.38
CA PRO A 6 20.65 38.68 -38.29
C PRO A 6 20.75 39.38 -36.93
N ASP A 7 21.90 39.21 -36.28
CA ASP A 7 22.45 39.99 -35.18
C ASP A 7 21.65 39.97 -33.88
N TYR A 8 20.33 39.77 -33.97
CA TYR A 8 19.39 39.21 -33.01
C TYR A 8 19.28 39.90 -31.64
N THR A 9 20.29 40.70 -31.25
CA THR A 9 20.50 41.21 -29.89
C THR A 9 20.26 40.08 -28.89
N PRO A 10 21.21 39.16 -28.71
CA PRO A 10 20.96 37.94 -27.95
C PRO A 10 20.62 38.18 -26.49
N LYS A 11 19.59 37.48 -26.03
CA LYS A 11 18.83 37.93 -24.87
C LYS A 11 19.13 37.15 -23.60
N ASP A 12 18.34 37.46 -22.57
CA ASP A 12 18.50 36.95 -21.22
C ASP A 12 18.33 35.44 -21.10
N THR A 13 17.30 34.86 -21.71
CA THR A 13 17.06 33.44 -21.46
C THR A 13 17.72 32.56 -22.52
N ASP A 14 17.16 32.54 -23.73
CA ASP A 14 17.86 32.47 -25.00
C ASP A 14 18.65 31.19 -25.31
N LEU A 15 18.95 30.36 -24.30
CA LEU A 15 19.76 29.13 -24.35
C LEU A 15 20.92 29.16 -25.32
N LEU A 16 21.83 30.11 -25.14
CA LEU A 16 22.84 30.40 -26.15
C LEU A 16 23.92 29.32 -26.23
N ALA A 17 23.72 28.29 -27.04
CA ALA A 17 24.71 27.22 -27.16
C ALA A 17 25.64 27.48 -28.34
N ALA A 18 26.82 26.86 -28.32
CA ALA A 18 27.78 27.08 -29.40
C ALA A 18 28.16 25.77 -30.09
N PHE A 19 28.92 25.85 -31.17
CA PHE A 19 29.31 24.68 -31.95
C PHE A 19 30.65 24.85 -32.63
N ARG A 20 31.49 23.82 -32.60
CA ARG A 20 32.70 23.76 -33.42
C ARG A 20 32.31 23.09 -34.72
N PHE A 21 32.43 23.82 -35.82
CA PHE A 21 31.73 23.51 -37.05
C PHE A 21 32.72 23.32 -38.18
N SER A 22 32.54 22.25 -38.97
CA SER A 22 33.42 21.98 -40.11
C SER A 22 32.62 21.46 -41.28
N PRO A 23 32.45 22.23 -42.34
CA PRO A 23 31.69 21.77 -43.50
C PRO A 23 32.49 20.79 -44.34
N GLN A 24 31.77 20.16 -45.26
CA GLN A 24 32.36 19.47 -46.40
C GLN A 24 32.50 20.54 -47.47
N PRO A 25 33.55 20.52 -48.31
CA PRO A 25 33.68 21.55 -49.35
C PRO A 25 32.58 21.53 -50.39
N GLY A 26 32.33 22.70 -50.98
CA GLY A 26 31.20 22.87 -51.85
C GLY A 26 29.98 23.33 -51.07
N VAL A 27 30.21 23.81 -49.85
CA VAL A 27 29.13 24.29 -48.99
C VAL A 27 29.46 25.72 -48.57
N PRO A 28 28.59 26.69 -48.85
CA PRO A 28 28.78 28.04 -48.27
C PRO A 28 28.48 28.00 -46.77
N ALA A 29 29.25 28.77 -46.02
CA ALA A 29 29.28 28.69 -44.57
C ALA A 29 28.00 29.12 -43.85
N PRO A 30 27.38 30.30 -44.08
CA PRO A 30 26.24 30.66 -43.23
C PRO A 30 24.97 29.90 -43.57
N GLU A 31 24.86 29.35 -44.79
CA GLU A 31 23.73 28.50 -45.12
C GLU A 31 23.75 27.23 -44.30
N ALA A 32 24.94 26.73 -44.02
CA ALA A 32 25.06 25.56 -43.15
C ALA A 32 24.80 25.93 -41.70
N GLY A 33 25.12 27.17 -41.31
CA GLY A 33 24.74 27.63 -39.99
C GLY A 33 23.23 27.72 -39.80
N ALA A 34 22.53 28.25 -40.80
CA ALA A 34 21.07 28.28 -40.73
C ALA A 34 20.50 26.88 -40.91
N ALA A 35 21.26 25.97 -41.52
CA ALA A 35 20.85 24.57 -41.56
C ALA A 35 20.89 23.96 -40.17
N ILE A 36 21.91 24.30 -39.38
CA ILE A 36 21.95 23.90 -37.97
C ILE A 36 20.77 24.48 -37.22
N ALA A 37 20.48 25.75 -37.49
CA ALA A 37 19.38 26.44 -36.81
C ALA A 37 18.03 25.86 -37.16
N ALA A 38 17.88 25.39 -38.39
CA ALA A 38 16.61 24.79 -38.80
C ALA A 38 16.49 23.35 -38.31
N GLU A 39 17.59 22.61 -38.35
CA GLU A 39 17.59 21.23 -37.87
C GLU A 39 17.41 21.16 -36.36
N SER A 40 17.77 22.21 -35.63
CA SER A 40 17.53 22.23 -34.20
C SER A 40 16.04 22.29 -33.86
N SER A 41 15.24 22.92 -34.71
CA SER A 41 13.80 23.02 -34.46
C SER A 41 13.06 23.35 -35.73
N THR A 42 11.98 22.59 -36.00
CA THR A 42 11.07 22.78 -37.14
C THR A 42 11.81 22.75 -38.47
N GLY A 43 12.30 21.55 -38.86
CA GLY A 43 13.32 21.39 -39.88
C GLY A 43 13.01 21.98 -41.26
N THR A 44 13.95 22.82 -41.70
CA THR A 44 14.12 23.37 -43.05
C THR A 44 12.87 24.06 -43.62
N TRP A 45 12.07 24.66 -42.73
CA TRP A 45 10.78 25.29 -43.05
C TRP A 45 9.89 24.29 -43.79
N THR A 46 9.45 23.26 -43.07
CA THR A 46 8.64 22.21 -43.66
C THR A 46 7.29 22.76 -44.10
N THR A 47 6.98 22.63 -45.39
CA THR A 47 5.79 23.23 -45.96
C THR A 47 4.54 22.51 -45.51
N VAL A 48 3.59 23.26 -44.97
CA VAL A 48 2.32 22.74 -44.50
C VAL A 48 1.25 23.49 -45.28
N TRP A 49 -0.02 23.16 -45.09
CA TRP A 49 -1.10 23.86 -45.77
C TRP A 49 -1.51 25.15 -45.07
N THR A 50 -0.96 25.42 -43.88
CA THR A 50 -1.34 26.56 -43.07
C THR A 50 -0.26 27.66 -43.09
N ASP A 51 0.86 27.40 -43.79
CA ASP A 51 1.93 28.37 -43.91
C ASP A 51 1.52 29.64 -44.65
N LEU A 52 0.54 29.54 -45.54
CA LEU A 52 -0.08 30.71 -46.13
C LEU A 52 -1.02 31.43 -45.17
N LEU A 53 -1.56 30.72 -44.18
CA LEU A 53 -2.50 31.31 -43.24
C LEU A 53 -1.78 31.88 -42.03
N THR A 54 -1.04 31.03 -41.31
CA THR A 54 -0.38 31.42 -40.09
C THR A 54 1.13 31.32 -40.23
N ASP A 55 1.86 32.33 -39.72
CA ASP A 55 3.32 32.32 -39.81
C ASP A 55 3.92 31.71 -38.55
N MET A 56 4.68 30.63 -38.72
CA MET A 56 5.32 29.92 -37.61
C MET A 56 6.64 30.61 -37.28
N ASP A 57 6.56 31.57 -36.35
CA ASP A 57 7.67 32.48 -36.11
C ASP A 57 7.84 32.77 -34.62
N ARG A 58 7.38 31.87 -33.77
CA ARG A 58 7.54 32.12 -32.34
C ARG A 58 8.58 31.18 -31.72
N TYR A 59 8.90 30.09 -32.40
CA TYR A 59 9.74 29.05 -31.84
C TYR A 59 10.93 28.73 -32.72
N ASP A 60 11.35 29.67 -33.56
CA ASP A 60 12.46 29.41 -34.46
C ASP A 60 13.78 29.41 -33.70
N GLY A 61 14.46 28.27 -33.70
CA GLY A 61 15.84 28.25 -33.28
C GLY A 61 16.70 29.02 -34.26
N LYS A 62 17.40 30.02 -33.76
CA LYS A 62 17.86 31.11 -34.62
C LYS A 62 19.36 31.36 -34.42
N CYS A 63 20.14 31.03 -35.45
CA CYS A 63 21.56 31.30 -35.44
C CYS A 63 21.80 32.79 -35.61
N TYR A 64 22.92 33.31 -35.09
CA TYR A 64 23.20 34.72 -35.28
C TYR A 64 24.66 35.07 -35.51
N HIS A 65 25.57 34.10 -35.62
CA HIS A 65 26.98 34.47 -35.60
C HIS A 65 27.80 33.49 -36.43
N ILE A 66 28.96 33.97 -36.86
CA ILE A 66 29.96 33.17 -37.55
C ILE A 66 31.34 33.76 -37.25
N GLU A 67 32.30 32.90 -36.91
CA GLU A 67 33.63 33.37 -36.60
C GLU A 67 34.63 32.24 -36.81
N PRO A 68 35.59 32.41 -37.72
CA PRO A 68 36.55 31.35 -38.02
C PRO A 68 37.54 31.08 -36.90
N VAL A 69 37.96 29.81 -36.81
CA VAL A 69 38.82 29.38 -35.72
C VAL A 69 40.22 29.92 -35.95
N GLN A 70 40.82 30.50 -34.92
CA GLN A 70 42.17 31.03 -34.98
C GLN A 70 43.14 29.87 -35.05
N GLY A 71 43.69 29.64 -36.24
CA GLY A 71 44.68 28.59 -36.41
C GLY A 71 44.08 27.24 -36.77
N GLU A 72 43.26 27.22 -37.82
CA GLU A 72 42.58 25.99 -38.24
C GLU A 72 42.14 26.17 -39.67
N GLU A 73 42.20 25.08 -40.44
CA GLU A 73 41.68 25.07 -41.80
C GLU A 73 40.24 24.58 -41.76
N ASN A 74 39.34 25.39 -42.33
CA ASN A 74 37.96 25.02 -42.66
C ASN A 74 37.16 24.65 -41.41
N SER A 75 37.06 25.62 -40.50
CA SER A 75 36.31 25.42 -39.28
C SER A 75 35.93 26.76 -38.68
N TYR A 76 34.73 26.84 -38.11
CA TYR A 76 34.34 28.06 -37.43
C TYR A 76 33.37 27.77 -36.28
N PHE A 77 33.16 28.79 -35.44
CA PHE A 77 32.31 28.70 -34.28
C PHE A 77 30.96 29.36 -34.57
N ALA A 78 29.89 28.57 -34.53
CA ALA A 78 28.55 29.10 -34.73
C ALA A 78 27.83 29.19 -33.40
N PHE A 79 27.19 30.34 -33.16
CA PHE A 79 26.44 30.59 -31.93
C PHE A 79 24.94 30.45 -32.17
N ILE A 80 24.34 29.39 -31.62
CA ILE A 80 22.93 29.10 -31.83
C ILE A 80 22.11 29.77 -30.72
N ALA A 81 20.82 29.91 -30.92
CA ALA A 81 19.92 30.48 -29.93
C ALA A 81 18.55 29.84 -30.01
N ASP A 82 18.07 29.34 -28.89
CA ASP A 82 16.78 28.68 -28.75
C ASP A 82 16.02 29.30 -27.59
N PRO A 83 14.84 29.91 -27.85
CA PRO A 83 14.32 30.95 -26.95
C PRO A 83 13.96 30.54 -25.52
N LEU A 84 12.85 29.85 -25.28
CA LEU A 84 12.69 29.19 -23.99
C LEU A 84 11.95 27.87 -24.10
N ASP A 85 10.89 27.85 -24.91
CA ASP A 85 9.79 26.92 -24.67
C ASP A 85 10.03 25.56 -25.29
N LEU A 86 11.27 25.27 -25.68
CA LEU A 86 11.53 23.99 -26.30
C LEU A 86 12.00 22.97 -25.28
N PHE A 87 11.87 23.27 -23.99
CA PHE A 87 12.50 22.47 -22.97
C PHE A 87 11.57 22.24 -21.78
N GLU A 88 11.62 21.04 -21.23
CA GLU A 88 10.80 20.68 -20.08
C GLU A 88 11.53 21.03 -18.79
N GLU A 89 10.78 21.44 -17.77
CA GLU A 89 11.35 21.56 -16.44
C GLU A 89 11.67 20.17 -15.90
N GLY A 90 12.78 20.05 -15.20
CA GLY A 90 13.16 18.80 -14.59
C GLY A 90 14.07 17.90 -15.41
N SER A 91 14.16 18.09 -16.71
CA SER A 91 14.83 17.14 -17.58
C SER A 91 16.14 17.71 -18.11
N VAL A 92 17.18 16.89 -18.05
CA VAL A 92 18.37 17.11 -18.87
C VAL A 92 18.26 16.30 -20.15
N THR A 93 17.46 15.23 -20.09
CA THR A 93 17.24 14.37 -21.24
C THR A 93 16.53 15.12 -22.35
N ASN A 94 15.58 15.97 -21.99
CA ASN A 94 14.89 16.77 -23.00
C ASN A 94 15.82 17.83 -23.57
N ILE A 95 16.74 18.34 -22.75
CA ILE A 95 17.74 19.31 -23.21
C ILE A 95 18.60 18.68 -24.29
N LEU A 96 19.15 17.51 -24.02
CA LEU A 96 20.00 16.85 -25.01
C LEU A 96 19.19 16.38 -26.22
N THR A 97 17.94 16.01 -26.00
CA THR A 97 17.13 15.51 -27.10
C THR A 97 16.78 16.63 -28.06
N SER A 98 16.53 17.82 -27.52
CA SER A 98 16.16 18.95 -28.37
C SER A 98 17.36 19.51 -29.09
N ILE A 99 18.49 19.64 -28.38
CA ILE A 99 19.65 20.30 -28.97
C ILE A 99 20.35 19.38 -29.95
N VAL A 100 20.90 18.27 -29.45
CA VAL A 100 21.60 17.36 -30.34
C VAL A 100 20.92 16.00 -30.28
N GLY A 101 19.96 15.78 -31.16
CA GLY A 101 19.43 14.46 -31.31
C GLY A 101 19.56 13.96 -32.73
N ASN A 102 19.53 14.89 -33.68
CA ASN A 102 19.61 14.51 -35.09
C ASN A 102 20.48 15.48 -35.88
N VAL A 103 20.92 16.56 -35.22
CA VAL A 103 21.62 17.66 -35.87
C VAL A 103 22.96 17.18 -36.40
N PHE A 104 23.64 16.34 -35.64
CA PHE A 104 24.89 15.78 -36.08
C PHE A 104 24.67 14.84 -37.26
N GLY A 105 25.68 14.73 -38.11
CA GLY A 105 25.71 13.78 -39.21
C GLY A 105 24.59 13.93 -40.21
N PHE A 106 24.28 15.16 -40.62
CA PHE A 106 23.18 15.40 -41.53
C PHE A 106 23.66 15.50 -42.98
N LYS A 107 24.86 14.94 -43.21
CA LYS A 107 25.36 14.55 -44.53
C LYS A 107 25.57 15.75 -45.44
N ALA A 108 25.82 16.90 -44.82
CA ALA A 108 26.19 18.07 -45.60
C ALA A 108 27.56 18.55 -45.18
N ILE A 109 27.80 18.55 -43.87
CA ILE A 109 29.06 19.00 -43.30
C ILE A 109 29.98 17.82 -43.06
N ARG A 110 31.26 18.09 -42.83
CA ARG A 110 32.18 17.03 -42.49
C ARG A 110 32.03 16.64 -41.02
N SER A 111 32.08 17.62 -40.12
CA SER A 111 32.07 17.29 -38.70
C SER A 111 31.54 18.42 -37.83
N LEU A 112 31.09 18.07 -36.62
CA LEU A 112 30.45 19.02 -35.75
C LEU A 112 30.63 18.56 -34.31
N ARG A 113 30.92 19.52 -33.43
CA ARG A 113 31.23 19.24 -32.04
C ARG A 113 30.54 20.26 -31.15
N LEU A 114 29.58 19.79 -30.35
CA LEU A 114 28.87 20.63 -29.39
C LEU A 114 29.86 21.06 -28.32
N GLU A 115 30.23 22.32 -28.34
CA GLU A 115 31.37 22.75 -27.56
C GLU A 115 30.92 23.36 -26.24
N ASP A 116 29.87 24.17 -26.26
CA ASP A 116 29.47 24.89 -25.06
C ASP A 116 27.97 25.12 -24.96
N ILE A 117 27.53 25.55 -23.79
CA ILE A 117 26.11 25.72 -23.50
C ILE A 117 25.95 26.83 -22.47
N ARG A 118 24.96 27.69 -22.69
CA ARG A 118 24.61 28.72 -21.72
C ARG A 118 23.27 28.31 -21.13
N PHE A 119 23.21 28.18 -19.85
CA PHE A 119 21.94 27.92 -19.22
C PHE A 119 21.43 29.17 -18.52
N PRO A 120 20.17 29.53 -18.78
CA PRO A 120 19.63 30.78 -18.23
C PRO A 120 19.23 30.60 -16.78
N VAL A 121 19.01 31.72 -16.11
CA VAL A 121 18.68 31.74 -14.70
C VAL A 121 17.26 31.18 -14.51
N ALA A 122 16.44 31.33 -15.54
CA ALA A 122 15.05 30.89 -15.49
C ALA A 122 14.86 29.44 -15.91
N LEU A 123 15.96 28.70 -16.08
CA LEU A 123 15.84 27.27 -16.32
C LEU A 123 16.68 26.55 -15.28
N VAL A 124 17.71 27.22 -14.80
CA VAL A 124 18.57 26.69 -13.75
C VAL A 124 17.77 26.50 -12.47
N LYS A 125 16.91 27.45 -12.13
CA LYS A 125 16.18 27.41 -10.88
C LYS A 125 15.13 26.30 -10.81
N THR A 126 14.66 25.79 -11.93
CA THR A 126 13.58 24.82 -11.86
C THR A 126 14.06 23.39 -11.76
N PHE A 127 15.36 23.15 -11.79
CA PHE A 127 15.88 21.80 -11.63
C PHE A 127 16.09 21.51 -10.15
N GLN A 128 16.43 20.26 -9.87
CA GLN A 128 16.64 19.80 -8.52
C GLN A 128 17.91 20.37 -7.90
N GLY A 129 18.97 20.52 -8.67
CA GLY A 129 20.25 20.85 -8.12
C GLY A 129 20.90 19.63 -7.51
N PRO A 130 22.08 19.81 -6.93
CA PRO A 130 22.74 18.69 -6.26
C PRO A 130 22.03 18.35 -4.98
N PRO A 131 22.17 17.12 -4.49
CA PRO A 131 21.55 16.76 -3.21
C PRO A 131 22.13 17.51 -2.03
N HIS A 132 23.43 17.79 -2.06
CA HIS A 132 24.05 18.55 -1.00
C HIS A 132 25.10 19.47 -1.60
N GLY A 133 25.33 20.59 -0.94
CA GLY A 133 26.37 21.48 -1.39
C GLY A 133 27.74 21.03 -0.95
N ILE A 134 28.75 21.71 -1.48
CA ILE A 134 30.13 21.58 -0.99
C ILE A 134 30.16 21.96 0.48
N GLN A 135 29.49 23.07 0.80
CA GLN A 135 29.26 23.47 2.17
C GLN A 135 28.60 22.36 2.98
N VAL A 136 27.47 21.85 2.51
CA VAL A 136 26.68 20.87 3.24
C VAL A 136 27.40 19.54 3.36
N GLU A 137 28.18 19.19 2.33
CA GLU A 137 28.96 17.96 2.40
C GLU A 137 30.07 18.06 3.44
N ARG A 138 30.74 19.21 3.49
CA ARG A 138 31.71 19.45 4.56
C ARG A 138 31.03 19.47 5.92
N ASP A 139 29.79 19.94 5.97
CA ASP A 139 29.03 19.96 7.22
C ASP A 139 28.74 18.54 7.70
N LEU A 140 28.43 17.64 6.77
CA LEU A 140 28.13 16.27 7.15
C LEU A 140 29.41 15.48 7.38
N LEU A 141 30.55 15.98 6.93
CA LEU A 141 31.75 15.17 7.06
C LEU A 141 32.82 15.75 7.98
N ASN A 142 32.69 17.02 8.40
CA ASN A 142 33.62 17.70 9.31
C ASN A 142 35.05 17.70 8.77
N LYS A 143 35.19 18.04 7.50
CA LYS A 143 36.49 18.09 6.82
C LYS A 143 36.64 19.51 6.29
N TYR A 144 37.40 20.34 6.98
CA TYR A 144 37.22 21.79 6.89
C TYR A 144 38.43 22.53 6.37
N GLY A 145 39.57 21.86 6.29
CA GLY A 145 40.77 22.58 5.90
C GLY A 145 41.54 21.96 4.76
N ARG A 146 41.23 20.70 4.45
CA ARG A 146 42.06 19.95 3.53
C ARG A 146 41.18 19.31 2.47
N PRO A 147 41.74 18.95 1.31
CA PRO A 147 41.00 18.11 0.37
C PRO A 147 40.85 16.71 0.94
N MET A 148 39.84 16.00 0.44
CA MET A 148 39.51 14.68 0.96
C MET A 148 40.38 13.61 0.27
N LEU A 149 40.55 12.49 0.97
CA LEU A 149 41.46 11.43 0.55
C LEU A 149 40.70 10.20 0.05
N GLY A 150 41.31 9.50 -0.90
CA GLY A 150 40.69 8.31 -1.47
C GLY A 150 41.64 7.39 -2.20
N CYS A 151 41.40 6.08 -2.10
CA CYS A 151 42.11 5.14 -2.94
C CYS A 151 41.16 4.07 -3.46
N THR A 152 41.56 3.43 -4.55
CA THR A 152 40.79 2.37 -5.18
C THR A 152 41.32 1.04 -4.68
N ILE A 153 40.40 0.15 -4.29
CA ILE A 153 40.80 -1.14 -3.75
C ILE A 153 41.33 -2.02 -4.86
N LYS A 154 42.54 -2.53 -4.68
CA LYS A 154 43.15 -3.36 -5.70
C LYS A 154 43.36 -4.76 -5.15
N PRO A 155 43.16 -5.80 -5.98
CA PRO A 155 42.82 -5.78 -7.41
C PRO A 155 41.35 -5.54 -7.70
N LYS A 156 40.99 -5.66 -8.97
CA LYS A 156 39.62 -5.41 -9.40
C LYS A 156 38.70 -6.55 -9.02
N LEU A 157 39.06 -7.78 -9.38
CA LEU A 157 38.17 -8.91 -9.24
C LEU A 157 38.81 -10.03 -8.44
N GLY A 158 38.07 -11.12 -8.23
CA GLY A 158 38.56 -12.31 -7.54
C GLY A 158 38.89 -12.05 -6.08
N LEU A 159 38.21 -11.08 -5.50
CA LEU A 159 38.63 -10.48 -4.25
C LEU A 159 37.38 -10.29 -3.39
N SER A 160 36.72 -11.38 -3.04
CA SER A 160 35.29 -11.56 -2.69
C SER A 160 34.96 -10.95 -1.32
N ALA A 161 33.82 -11.33 -0.73
CA ALA A 161 33.15 -10.64 0.37
C ALA A 161 34.02 -10.29 1.57
N LYS A 162 34.58 -11.28 2.30
CA LYS A 162 35.49 -10.94 3.41
C LYS A 162 36.75 -10.28 2.95
N ASN A 163 37.24 -10.73 1.80
CA ASN A 163 38.42 -10.17 1.17
C ASN A 163 38.26 -8.68 0.92
N TYR A 164 37.20 -8.30 0.20
CA TYR A 164 37.03 -6.91 -0.23
C TYR A 164 36.74 -6.00 0.94
N GLY A 165 35.81 -6.39 1.80
CA GLY A 165 35.41 -5.52 2.91
C GLY A 165 36.51 -5.32 3.93
N ARG A 166 37.26 -6.38 4.23
CA ARG A 166 38.31 -6.19 5.22
C ARG A 166 39.55 -5.56 4.60
N ALA A 167 39.73 -5.67 3.29
CA ALA A 167 40.73 -4.84 2.64
C ALA A 167 40.33 -3.36 2.67
N VAL A 168 39.02 -3.10 2.56
CA VAL A 168 38.51 -1.74 2.71
C VAL A 168 38.76 -1.24 4.12
N TYR A 169 38.56 -2.11 5.12
CA TYR A 169 38.82 -1.72 6.51
C TYR A 169 40.29 -1.39 6.72
N GLU A 170 41.19 -2.18 6.15
CA GLU A 170 42.62 -1.91 6.31
C GLU A 170 43.00 -0.60 5.62
N CYS A 171 42.59 -0.44 4.35
CA CYS A 171 42.99 0.73 3.57
C CYS A 171 42.30 2.00 4.05
N LEU A 172 41.21 1.86 4.82
CA LEU A 172 40.52 3.04 5.32
C LEU A 172 40.96 3.35 6.74
N ARG A 173 41.33 2.32 7.51
CA ARG A 173 41.86 2.52 8.85
C ARG A 173 43.25 3.10 8.80
N GLY A 174 43.93 2.95 7.65
CA GLY A 174 45.21 3.61 7.46
C GLY A 174 45.15 5.13 7.54
N GLY A 175 43.98 5.70 7.24
CA GLY A 175 43.81 7.12 7.48
C GLY A 175 43.12 7.88 6.38
N LEU A 176 42.62 7.17 5.37
CA LEU A 176 41.99 7.83 4.24
C LEU A 176 40.61 8.37 4.61
N ASP A 177 40.06 9.16 3.69
CA ASP A 177 38.69 9.64 3.88
C ASP A 177 37.67 8.75 3.18
N PHE A 178 37.99 8.25 1.98
CA PHE A 178 37.06 7.42 1.24
C PHE A 178 37.78 6.30 0.52
N THR A 179 37.00 5.30 0.12
CA THR A 179 37.42 4.26 -0.80
C THR A 179 36.26 4.01 -1.75
N LYS A 180 36.58 3.64 -2.99
CA LYS A 180 35.52 3.44 -3.97
C LYS A 180 35.60 2.04 -4.54
N ASP A 181 34.48 1.56 -5.04
CA ASP A 181 34.50 0.54 -6.05
C ASP A 181 34.87 1.20 -7.36
N ASP A 182 35.40 0.41 -8.29
CA ASP A 182 35.41 0.87 -9.66
C ASP A 182 34.09 0.57 -10.35
N GLU A 183 34.07 0.81 -11.65
CA GLU A 183 32.83 0.95 -12.40
C GLU A 183 32.10 -0.38 -12.58
N ASN A 184 32.84 -1.48 -12.56
CA ASN A 184 32.28 -2.77 -12.94
C ASN A 184 32.39 -3.82 -11.85
N ILE A 185 31.99 -3.48 -10.62
CA ILE A 185 31.88 -4.44 -9.53
C ILE A 185 30.40 -4.45 -9.15
N ASN A 186 29.55 -4.42 -10.17
CA ASN A 186 28.14 -4.66 -9.98
C ASN A 186 27.89 -6.14 -9.73
N SER A 187 26.61 -6.53 -9.69
CA SER A 187 26.25 -7.84 -9.13
C SER A 187 26.67 -8.97 -10.06
N GLN A 188 27.93 -9.36 -9.96
CA GLN A 188 28.51 -10.36 -10.85
C GLN A 188 28.64 -11.65 -10.06
N PRO A 189 28.42 -12.80 -10.71
CA PRO A 189 28.14 -14.03 -9.95
C PRO A 189 29.31 -14.61 -9.18
N PHE A 190 30.50 -14.00 -9.24
CA PHE A 190 31.55 -14.38 -8.32
C PHE A 190 31.47 -13.55 -7.04
N GLN A 191 30.72 -12.44 -7.08
CA GLN A 191 30.69 -11.52 -5.96
C GLN A 191 29.32 -10.85 -5.92
N ARG A 192 28.40 -11.40 -5.15
CA ARG A 192 27.02 -10.95 -5.17
C ARG A 192 26.94 -9.60 -4.47
N TRP A 193 26.03 -8.72 -4.91
CA TRP A 193 26.00 -7.35 -4.42
C TRP A 193 25.60 -7.21 -2.96
N ARG A 194 24.92 -8.21 -2.42
CA ARG A 194 24.48 -8.28 -1.03
C ARG A 194 25.63 -8.16 -0.04
N ASP A 195 26.53 -9.14 -0.07
CA ASP A 195 27.44 -9.31 1.06
C ASP A 195 28.58 -8.30 0.98
N ARG A 196 28.85 -7.78 -0.21
CA ARG A 196 29.82 -6.70 -0.35
C ARG A 196 29.34 -5.47 0.37
N PHE A 197 28.06 -5.15 0.18
CA PHE A 197 27.46 -4.04 0.91
C PHE A 197 27.49 -4.27 2.40
N LEU A 198 27.17 -5.50 2.84
CA LEU A 198 27.14 -5.80 4.27
C LEU A 198 28.51 -5.67 4.91
N PHE A 199 29.54 -6.20 4.25
CA PHE A 199 30.87 -6.21 4.85
C PHE A 199 31.52 -4.84 4.77
N VAL A 200 31.33 -4.12 3.66
CA VAL A 200 31.86 -2.77 3.56
C VAL A 200 31.18 -1.86 4.57
N ALA A 201 29.90 -2.09 4.81
CA ALA A 201 29.15 -1.33 5.80
C ALA A 201 29.68 -1.56 7.20
N ASP A 202 29.93 -2.83 7.54
CA ASP A 202 30.43 -3.16 8.86
C ASP A 202 31.85 -2.64 9.05
N ALA A 203 32.63 -2.64 7.97
CA ALA A 203 33.99 -2.10 8.01
C ALA A 203 33.98 -0.61 8.28
N ILE A 204 33.08 0.12 7.61
CA ILE A 204 32.91 1.55 7.85
C ILE A 204 32.54 1.82 9.30
N HIS A 205 31.63 1.00 9.83
CA HIS A 205 31.11 1.26 11.17
C HIS A 205 32.18 1.02 12.24
N LYS A 206 32.94 -0.07 12.09
CA LYS A 206 34.00 -0.35 13.04
C LYS A 206 35.16 0.63 12.90
N SER A 207 35.38 1.12 11.68
CA SER A 207 36.45 2.09 11.48
C SER A 207 36.09 3.45 12.06
N GLN A 208 34.81 3.81 12.00
CA GLN A 208 34.35 5.01 12.71
C GLN A 208 34.49 4.83 14.21
N ALA A 209 34.24 3.61 14.69
CA ALA A 209 34.38 3.33 16.12
C ALA A 209 35.83 3.48 16.58
N GLU A 210 36.79 3.07 15.76
CA GLU A 210 38.18 3.22 16.18
C GLU A 210 38.75 4.60 15.97
N THR A 211 38.60 5.19 14.79
CA THR A 211 39.38 6.38 14.48
C THR A 211 38.75 7.67 14.96
N GLY A 212 37.43 7.71 15.15
CA GLY A 212 36.79 8.92 15.61
C GLY A 212 36.56 9.96 14.53
N GLU A 213 36.87 9.65 13.29
CA GLU A 213 36.58 10.52 12.16
C GLU A 213 35.41 9.94 11.40
N ILE A 214 34.58 10.81 10.82
CA ILE A 214 33.50 10.32 9.97
C ILE A 214 34.09 9.74 8.71
N LYS A 215 33.72 8.51 8.39
CA LYS A 215 34.29 7.76 7.28
C LYS A 215 33.18 7.34 6.33
N GLY A 216 33.59 6.92 5.13
CA GLY A 216 32.63 6.47 4.15
C GLY A 216 33.26 5.75 2.97
N HIS A 217 32.49 4.89 2.30
CA HIS A 217 32.93 4.19 1.11
C HIS A 217 31.97 4.52 -0.02
N TYR A 218 32.50 4.64 -1.24
CA TYR A 218 31.66 4.91 -2.39
C TYR A 218 31.04 3.60 -2.86
N LEU A 219 29.79 3.34 -2.49
CA LEU A 219 29.11 2.12 -2.87
C LEU A 219 28.54 2.28 -4.28
N ASN A 220 28.74 1.25 -5.10
CA ASN A 220 28.28 1.25 -6.48
C ASN A 220 26.86 0.73 -6.53
N VAL A 221 25.94 1.51 -7.11
CA VAL A 221 24.58 1.06 -7.32
C VAL A 221 24.16 1.13 -8.77
N THR A 222 25.09 0.93 -9.70
CA THR A 222 24.74 0.82 -11.11
C THR A 222 23.92 -0.42 -11.34
N ALA A 223 22.68 -0.24 -11.76
CA ALA A 223 21.71 -1.33 -11.71
C ALA A 223 21.13 -1.52 -13.09
N PRO A 224 20.70 -2.74 -13.41
CA PRO A 224 19.91 -2.92 -14.63
C PRO A 224 18.58 -2.20 -14.61
N THR A 225 17.70 -2.49 -13.64
CA THR A 225 16.39 -1.87 -13.62
C THR A 225 16.40 -0.76 -12.60
N CYS A 226 15.45 0.15 -12.74
CA CYS A 226 15.37 1.26 -11.78
C CYS A 226 14.88 0.76 -10.44
N GLU A 227 14.11 -0.32 -10.43
CA GLU A 227 13.63 -0.88 -9.17
C GLU A 227 14.79 -1.54 -8.41
N GLU A 228 15.71 -2.16 -9.15
CA GLU A 228 16.94 -2.66 -8.54
C GLU A 228 17.77 -1.53 -7.96
N MET A 229 17.80 -0.39 -8.66
CA MET A 229 18.55 0.77 -8.20
C MET A 229 17.97 1.33 -6.92
N MET A 230 16.65 1.50 -6.89
CA MET A 230 15.99 1.99 -5.68
C MET A 230 16.10 1.01 -4.53
N LYS A 231 16.12 -0.29 -4.84
CA LYS A 231 16.26 -1.29 -3.78
C LYS A 231 17.64 -1.25 -3.16
N ARG A 232 18.68 -1.15 -4.00
CA ARG A 232 20.04 -1.10 -3.46
C ARG A 232 20.29 0.22 -2.74
N ALA A 233 19.70 1.30 -3.23
CA ALA A 233 19.81 2.58 -2.53
C ALA A 233 19.10 2.54 -1.18
N GLU A 234 17.93 1.91 -1.12
CA GLU A 234 17.20 1.83 0.13
C GLU A 234 17.90 0.94 1.13
N PHE A 235 18.62 -0.08 0.65
CA PHE A 235 19.48 -0.81 1.57
C PHE A 235 20.69 0.00 1.99
N ALA A 236 21.21 0.86 1.11
CA ALA A 236 22.31 1.73 1.49
C ALA A 236 21.91 2.75 2.55
N LYS A 237 20.65 3.19 2.54
CA LYS A 237 20.16 4.08 3.58
C LYS A 237 19.75 3.32 4.83
N GLU A 238 19.38 2.05 4.69
CA GLU A 238 18.98 1.25 5.84
C GLU A 238 20.11 1.02 6.82
N LEU A 239 21.34 0.86 6.35
CA LEU A 239 22.46 0.61 7.23
C LEU A 239 23.23 1.90 7.50
N GLY A 240 22.84 3.00 6.86
CA GLY A 240 23.43 4.28 7.16
C GLY A 240 24.76 4.52 6.49
N MET A 241 24.82 4.34 5.18
CA MET A 241 26.06 4.71 4.52
C MET A 241 25.95 6.13 4.00
N PRO A 242 26.99 6.94 4.18
CA PRO A 242 26.85 8.37 3.91
C PRO A 242 26.84 8.72 2.44
N ILE A 243 27.27 7.83 1.55
CA ILE A 243 27.46 8.21 0.16
C ILE A 243 27.37 6.95 -0.71
N ILE A 244 26.82 7.12 -1.91
CA ILE A 244 26.78 6.08 -2.92
C ILE A 244 27.34 6.63 -4.23
N MET A 245 27.97 5.75 -5.01
CA MET A 245 28.54 6.14 -6.28
C MET A 245 27.74 5.51 -7.40
N HIS A 246 27.61 6.24 -8.50
CA HIS A 246 26.73 5.82 -9.59
C HIS A 246 27.16 6.51 -10.88
N ASP A 247 27.58 5.72 -11.85
CA ASP A 247 27.99 6.26 -13.13
C ASP A 247 26.81 6.82 -13.91
N PHE A 248 27.04 7.90 -14.64
CA PHE A 248 25.95 8.70 -15.18
C PHE A 248 25.64 8.38 -16.63
N LEU A 249 26.67 8.16 -17.45
CA LEU A 249 26.49 8.24 -18.89
C LEU A 249 26.07 6.93 -19.52
N THR A 250 26.43 5.81 -18.90
CA THR A 250 25.95 4.53 -19.36
C THR A 250 24.65 4.14 -18.69
N ALA A 251 24.39 4.68 -17.50
CA ALA A 251 23.16 4.34 -16.80
C ALA A 251 22.02 5.21 -17.29
N GLY A 252 22.32 6.47 -17.60
CA GLY A 252 21.34 7.34 -18.21
C GLY A 252 20.75 8.40 -17.30
N PHE A 253 20.37 9.52 -17.91
CA PHE A 253 20.01 10.70 -17.15
C PHE A 253 18.68 10.54 -16.44
N THR A 254 17.79 9.69 -16.95
CA THR A 254 16.54 9.48 -16.26
C THR A 254 16.76 8.77 -14.94
N ALA A 255 17.58 7.71 -14.97
CA ALA A 255 17.97 7.01 -13.75
C ALA A 255 18.76 7.94 -12.83
N ASN A 256 19.60 8.79 -13.40
CA ASN A 256 20.44 9.64 -12.56
C ASN A 256 19.65 10.75 -11.90
N THR A 257 18.72 11.39 -12.62
CA THR A 257 17.88 12.40 -12.03
C THR A 257 16.97 11.80 -10.97
N THR A 258 16.45 10.60 -11.23
CA THR A 258 15.63 9.92 -10.23
C THR A 258 16.43 9.60 -8.97
N LEU A 259 17.67 9.14 -9.16
CA LEU A 259 18.51 8.78 -8.02
C LEU A 259 18.92 10.03 -7.25
N ALA A 260 19.11 11.15 -7.94
CA ALA A 260 19.47 12.38 -7.28
C ALA A 260 18.31 12.93 -6.47
N LYS A 261 17.10 12.80 -6.99
CA LYS A 261 15.93 13.23 -6.24
C LYS A 261 15.72 12.32 -5.04
N TRP A 262 16.08 11.05 -5.17
CA TRP A 262 16.07 10.14 -4.03
C TRP A 262 17.08 10.56 -2.97
N CYS A 263 18.28 10.95 -3.40
CA CYS A 263 19.32 11.35 -2.45
C CYS A 263 18.95 12.64 -1.73
N ARG A 264 18.22 13.53 -2.40
CA ARG A 264 17.62 14.65 -1.69
C ARG A 264 16.59 14.17 -0.70
N ASP A 265 15.82 13.14 -1.06
CA ASP A 265 14.73 12.69 -0.20
C ASP A 265 15.22 12.01 1.06
N ASN A 266 16.42 11.43 1.04
CA ASN A 266 16.91 10.76 2.23
C ASN A 266 18.21 11.32 2.77
N GLY A 267 18.79 12.33 2.13
CA GLY A 267 19.94 13.00 2.71
C GLY A 267 21.23 12.24 2.63
N VAL A 268 21.51 11.58 1.53
CA VAL A 268 22.73 10.81 1.34
C VAL A 268 23.54 11.51 0.26
N LEU A 269 24.86 11.60 0.47
CA LEU A 269 25.76 12.20 -0.51
C LEU A 269 25.84 11.34 -1.76
N LEU A 270 26.34 11.90 -2.87
CA LEU A 270 26.18 11.24 -4.15
C LEU A 270 27.44 11.40 -4.98
N HIS A 271 28.03 10.29 -5.40
CA HIS A 271 29.23 10.27 -6.22
C HIS A 271 28.87 9.80 -7.63
N ILE A 272 29.55 10.38 -8.62
CA ILE A 272 29.31 10.06 -10.02
C ILE A 272 30.65 9.70 -10.66
N HIS A 273 30.73 8.50 -11.23
CA HIS A 273 31.88 8.05 -12.01
C HIS A 273 31.63 8.34 -13.48
N ARG A 274 32.58 9.01 -14.12
CA ARG A 274 32.34 9.40 -15.50
C ARG A 274 32.77 8.29 -16.47
N ALA A 275 32.17 7.12 -16.32
CA ALA A 275 32.42 6.01 -17.23
C ALA A 275 31.89 6.32 -18.62
N MET A 276 32.53 5.73 -19.62
CA MET A 276 32.13 5.76 -21.02
C MET A 276 32.17 7.19 -21.56
N HIS A 277 33.02 8.02 -20.97
CA HIS A 277 33.05 9.41 -21.39
C HIS A 277 33.89 9.57 -22.65
N ALA A 278 34.97 8.79 -22.75
CA ALA A 278 35.96 8.95 -23.81
C ALA A 278 35.46 8.51 -25.18
N VAL A 279 34.26 7.91 -25.22
CA VAL A 279 33.62 7.60 -26.49
C VAL A 279 33.22 8.89 -27.20
N ILE A 280 32.88 9.91 -26.42
CA ILE A 280 32.10 11.01 -26.95
C ILE A 280 32.93 12.29 -27.02
N ASP A 281 33.90 12.44 -26.13
CA ASP A 281 34.52 13.74 -25.92
C ASP A 281 35.98 13.82 -26.33
N ARG A 282 36.53 12.81 -26.99
CA ARG A 282 37.97 12.80 -27.15
C ARG A 282 38.40 13.57 -28.41
N GLN A 283 37.78 13.28 -29.55
CA GLN A 283 38.21 13.86 -30.82
C GLN A 283 37.87 15.35 -30.88
N ARG A 284 38.74 16.13 -31.50
CA ARG A 284 38.65 17.58 -31.42
C ARG A 284 37.82 18.17 -32.54
N ASN A 285 37.04 17.34 -33.22
CA ASN A 285 36.25 17.83 -34.34
C ASN A 285 34.83 17.28 -34.33
N HIS A 286 34.56 16.31 -33.46
CA HIS A 286 33.26 15.61 -33.54
C HIS A 286 32.93 15.04 -32.15
N GLY A 287 31.77 15.44 -31.65
CA GLY A 287 31.27 14.90 -30.39
C GLY A 287 30.58 15.99 -29.59
N ILE A 288 30.59 15.82 -28.28
CA ILE A 288 30.29 16.91 -27.36
C ILE A 288 31.48 17.00 -26.42
N HIS A 289 31.60 18.14 -25.74
CA HIS A 289 32.73 18.35 -24.84
C HIS A 289 32.28 17.86 -23.47
N PHE A 290 33.26 17.46 -22.66
CA PHE A 290 32.97 16.96 -21.32
C PHE A 290 32.48 18.10 -20.42
N ARG A 291 32.81 19.33 -20.80
CA ARG A 291 32.32 20.53 -20.14
C ARG A 291 30.81 20.64 -20.18
N VAL A 292 30.20 20.30 -21.32
CA VAL A 292 28.74 20.35 -21.42
C VAL A 292 28.11 19.29 -20.54
N LEU A 293 28.71 18.09 -20.51
CA LEU A 293 28.29 17.06 -19.58
C LEU A 293 28.49 17.49 -18.15
N ALA A 294 29.53 18.29 -17.89
CA ALA A 294 29.79 18.75 -16.53
C ALA A 294 28.72 19.72 -16.05
N LYS A 295 28.29 20.64 -16.91
CA LYS A 295 27.22 21.55 -16.52
C LYS A 295 25.89 20.81 -16.40
N CYS A 296 25.61 19.91 -17.34
CA CYS A 296 24.37 19.13 -17.30
C CYS A 296 24.34 18.21 -16.10
N LEU A 297 25.50 17.80 -15.62
CA LEU A 297 25.55 16.88 -14.50
C LEU A 297 25.61 17.63 -13.19
N ARG A 298 25.98 18.92 -13.24
CA ARG A 298 25.71 19.78 -12.10
C ARG A 298 24.21 20.01 -11.97
N LEU A 299 23.50 20.06 -13.10
CA LEU A 299 22.05 20.26 -13.02
C LEU A 299 21.33 19.00 -12.53
N SER A 300 21.43 17.91 -13.26
CA SER A 300 20.94 16.64 -12.74
C SER A 300 21.90 16.21 -11.66
N GLY A 301 21.55 16.50 -10.41
CA GLY A 301 22.54 16.82 -9.41
C GLY A 301 23.40 15.65 -8.98
N GLY A 302 24.61 15.99 -8.57
CA GLY A 302 25.56 15.05 -8.00
C GLY A 302 26.46 15.80 -7.06
N ASP A 303 26.98 15.14 -6.04
CA ASP A 303 27.82 15.85 -5.08
C ASP A 303 29.29 15.71 -5.38
N HIS A 304 29.68 14.64 -6.07
CA HIS A 304 31.05 14.48 -6.55
C HIS A 304 31.04 14.25 -8.06
N LEU A 305 32.20 14.39 -8.68
CA LEU A 305 32.37 14.21 -10.12
C LEU A 305 33.84 13.99 -10.44
N HIS A 306 34.17 12.81 -10.96
CA HIS A 306 35.49 12.57 -11.53
C HIS A 306 35.74 13.55 -12.65
N SER A 307 36.91 14.16 -12.67
CA SER A 307 37.23 15.18 -13.66
C SER A 307 38.63 14.99 -14.22
N GLY A 308 39.39 14.08 -13.65
CA GLY A 308 40.75 13.87 -14.13
C GLY A 308 41.68 14.97 -13.67
N THR A 309 42.93 14.88 -14.09
CA THR A 309 43.98 15.69 -13.50
C THR A 309 44.83 16.29 -14.60
N VAL A 310 45.75 17.15 -14.19
CA VAL A 310 46.77 17.68 -15.06
C VAL A 310 48.14 17.34 -14.47
N VAL A 311 48.90 16.53 -15.19
CA VAL A 311 50.20 16.13 -14.67
C VAL A 311 51.33 16.61 -15.56
N GLY A 312 51.29 16.26 -16.84
CA GLY A 312 52.30 16.69 -17.79
C GLY A 312 51.65 17.06 -19.09
N LYS A 313 50.42 17.58 -19.00
CA LYS A 313 49.59 17.81 -20.17
C LYS A 313 49.99 19.10 -20.88
N LEU A 314 49.31 19.40 -21.97
CA LEU A 314 49.56 20.61 -22.73
C LEU A 314 48.97 21.80 -21.97
N GLU A 315 49.55 22.98 -22.21
CA GLU A 315 49.23 24.18 -21.44
C GLU A 315 47.78 24.61 -21.63
N GLY A 316 47.32 24.67 -22.88
CA GLY A 316 45.94 25.07 -23.14
C GLY A 316 44.94 24.04 -22.67
N ASP A 317 45.33 22.76 -22.71
CA ASP A 317 44.47 21.71 -22.18
C ASP A 317 44.37 21.81 -20.67
N LYS A 318 45.48 22.15 -20.01
CA LYS A 318 45.47 22.35 -18.57
C LYS A 318 44.62 23.56 -18.20
N ALA A 319 44.70 24.61 -19.01
CA ALA A 319 43.87 25.79 -18.78
C ALA A 319 42.39 25.49 -18.99
N SER A 320 42.09 24.62 -19.96
CA SER A 320 40.70 24.23 -20.21
C SER A 320 40.17 23.37 -19.06
N THR A 321 41.05 22.54 -18.50
CA THR A 321 40.66 21.69 -17.38
C THR A 321 40.40 22.54 -16.15
N LEU A 322 41.24 23.55 -15.91
CA LEU A 322 40.97 24.56 -14.89
C LEU A 322 39.67 25.30 -15.19
N GLY A 323 39.38 25.50 -16.48
CA GLY A 323 38.16 26.18 -16.87
C GLY A 323 36.91 25.43 -16.45
N PHE A 324 36.82 24.16 -16.80
CA PHE A 324 35.59 23.48 -16.36
C PHE A 324 35.71 22.93 -14.95
N VAL A 325 36.84 23.09 -14.28
CA VAL A 325 36.82 22.98 -12.82
C VAL A 325 36.11 24.20 -12.27
N ASP A 326 36.43 25.38 -12.80
CA ASP A 326 35.81 26.62 -12.35
C ASP A 326 34.33 26.72 -12.73
N LEU A 327 33.84 25.84 -13.60
CA LEU A 327 32.44 25.92 -14.01
C LEU A 327 31.50 25.26 -13.02
N MET A 328 32.03 24.72 -11.92
CA MET A 328 31.21 23.92 -11.02
C MET A 328 31.54 24.14 -9.56
N ARG A 329 32.27 25.20 -9.23
CA ARG A 329 32.37 25.63 -7.84
C ARG A 329 31.88 27.06 -7.72
N GLU A 330 32.28 27.90 -8.66
CA GLU A 330 31.80 29.27 -8.73
C GLU A 330 30.35 29.30 -9.21
N ASP A 331 29.59 30.30 -8.77
CA ASP A 331 28.22 30.47 -9.24
C ASP A 331 28.04 31.73 -10.09
N HIS A 332 29.13 32.39 -10.46
CA HIS A 332 29.05 33.46 -11.45
C HIS A 332 30.34 33.54 -12.24
N ILE A 333 30.30 33.10 -13.49
CA ILE A 333 31.50 32.73 -14.22
C ILE A 333 31.54 33.57 -15.50
N GLU A 334 32.69 34.19 -15.78
CA GLU A 334 32.85 34.97 -17.00
C GLU A 334 33.20 34.07 -18.19
N ALA A 335 33.55 34.67 -19.33
CA ALA A 335 33.69 33.91 -20.57
C ALA A 335 35.12 34.04 -21.11
N ASP A 336 35.84 32.93 -21.14
CA ASP A 336 37.18 32.86 -21.71
C ASP A 336 37.22 31.77 -22.76
N ARG A 337 37.59 32.14 -23.99
CA ARG A 337 37.73 31.15 -25.04
C ARG A 337 38.92 30.21 -24.77
N SER A 338 40.01 30.74 -24.24
CA SER A 338 41.21 29.92 -24.06
C SER A 338 41.04 28.94 -22.92
N ARG A 339 40.16 29.27 -21.96
CA ARG A 339 39.80 28.26 -20.99
C ARG A 339 38.62 27.44 -21.49
N GLY A 340 37.99 27.88 -22.58
CA GLY A 340 36.95 27.07 -23.17
C GLY A 340 35.58 27.42 -22.67
N VAL A 341 35.47 28.48 -21.88
CA VAL A 341 34.17 28.93 -21.42
C VAL A 341 33.68 30.04 -22.34
N PHE A 342 32.73 29.71 -23.23
CA PHE A 342 32.37 30.70 -24.24
C PHE A 342 31.30 31.66 -23.72
N PHE A 343 30.73 31.40 -22.55
CA PHE A 343 29.57 32.15 -22.13
C PHE A 343 29.69 32.57 -20.68
N THR A 344 29.11 33.73 -20.38
CA THR A 344 29.02 34.22 -19.01
C THR A 344 27.75 33.67 -18.35
N GLN A 345 27.95 32.70 -17.46
CA GLN A 345 26.81 31.95 -16.94
C GLN A 345 26.61 32.18 -15.45
N ASP A 346 25.36 32.46 -15.08
CA ASP A 346 24.98 32.51 -13.68
C ASP A 346 24.45 31.16 -13.24
N TRP A 347 24.47 30.91 -11.93
CA TRP A 347 23.91 29.67 -11.39
C TRP A 347 22.84 29.88 -10.34
N ALA A 348 22.67 31.12 -9.85
CA ALA A 348 21.59 31.51 -8.93
C ALA A 348 21.57 30.65 -7.66
N SER A 349 22.72 30.58 -7.01
CA SER A 349 22.95 29.84 -5.76
C SER A 349 22.67 28.35 -5.92
N MET A 350 23.14 27.80 -7.01
CA MET A 350 23.25 26.36 -6.93
C MET A 350 24.60 25.96 -6.33
N PRO A 351 24.57 25.24 -5.23
CA PRO A 351 25.81 24.89 -4.55
C PRO A 351 26.57 23.78 -5.27
N GLY A 352 27.45 24.19 -6.19
CA GLY A 352 28.05 23.31 -7.18
C GLY A 352 28.84 22.11 -6.68
N VAL A 353 29.31 21.29 -7.63
CA VAL A 353 29.77 19.95 -7.33
C VAL A 353 31.28 19.97 -7.04
N LEU A 354 31.70 19.16 -6.06
CA LEU A 354 33.12 18.91 -5.86
C LEU A 354 33.71 18.16 -7.04
N PRO A 355 34.84 18.60 -7.58
CA PRO A 355 35.60 17.74 -8.49
C PRO A 355 36.48 16.79 -7.71
N VAL A 356 36.91 15.75 -8.40
CA VAL A 356 37.87 14.78 -7.87
C VAL A 356 38.69 14.22 -9.03
N ALA A 357 40.01 14.20 -8.87
CA ALA A 357 40.93 13.81 -9.91
C ALA A 357 41.42 12.39 -9.63
N SER A 358 41.50 11.57 -10.67
CA SER A 358 41.98 10.20 -10.53
C SER A 358 42.80 9.84 -11.77
N GLY A 359 44.11 9.84 -11.62
CA GLY A 359 45.02 9.40 -12.66
C GLY A 359 46.13 8.61 -12.04
N GLY A 360 47.17 8.36 -12.81
CA GLY A 360 48.30 7.63 -12.27
C GLY A 360 49.20 8.53 -11.46
N ILE A 361 48.76 8.88 -10.26
CA ILE A 361 49.44 9.89 -9.44
C ILE A 361 49.91 9.26 -8.14
N HIS A 362 51.17 9.46 -7.83
CA HIS A 362 51.75 9.10 -6.55
C HIS A 362 51.93 10.37 -5.72
N VAL A 363 52.63 10.25 -4.59
CA VAL A 363 52.63 11.30 -3.58
C VAL A 363 53.46 12.50 -4.03
N TRP A 364 54.37 12.29 -4.98
CA TRP A 364 55.17 13.39 -5.48
C TRP A 364 54.35 14.31 -6.38
N HIS A 365 53.23 13.79 -6.90
CA HIS A 365 52.27 14.63 -7.60
C HIS A 365 51.42 15.44 -6.64
N MET A 366 51.38 15.06 -5.36
CA MET A 366 50.60 15.77 -4.35
C MET A 366 50.95 17.26 -4.19
N PRO A 367 52.23 17.69 -4.20
CA PRO A 367 52.46 19.14 -4.19
C PRO A 367 52.03 19.85 -5.47
N ALA A 368 51.73 19.13 -6.54
CA ALA A 368 51.09 19.79 -7.67
C ALA A 368 49.59 19.91 -7.40
N LEU A 369 49.01 18.87 -6.79
CA LEU A 369 47.56 18.76 -6.63
C LEU A 369 46.97 19.89 -5.79
N VAL A 370 47.57 20.16 -4.65
CA VAL A 370 47.06 21.23 -3.79
C VAL A 370 47.47 22.57 -4.40
N GLU A 371 48.47 22.56 -5.29
CA GLU A 371 48.75 23.71 -6.10
C GLU A 371 47.64 23.98 -7.11
N ILE A 372 46.95 22.95 -7.61
CA ILE A 372 45.98 23.14 -8.67
C ILE A 372 44.56 23.24 -8.13
N PHE A 373 44.08 22.22 -7.42
CA PHE A 373 42.68 22.24 -7.02
C PHE A 373 42.41 23.05 -5.76
N GLY A 374 43.42 23.70 -5.20
CA GLY A 374 43.21 24.53 -4.02
C GLY A 374 42.86 23.72 -2.79
N ASP A 375 41.61 23.82 -2.36
CA ASP A 375 41.18 23.14 -1.15
C ASP A 375 39.90 22.34 -1.42
N ASP A 376 39.08 22.81 -2.35
CA ASP A 376 37.76 22.24 -2.55
C ASP A 376 37.80 21.13 -3.59
N SER A 377 38.28 19.96 -3.19
CA SER A 377 38.35 18.80 -4.06
C SER A 377 38.59 17.52 -3.26
N VAL A 378 38.55 16.39 -3.95
CA VAL A 378 38.90 15.09 -3.38
C VAL A 378 40.03 14.55 -4.25
N LEU A 379 40.98 13.85 -3.65
CA LEU A 379 42.11 13.34 -4.39
C LEU A 379 42.16 11.82 -4.30
N GLN A 380 42.45 11.17 -5.42
CA GLN A 380 42.45 9.71 -5.50
C GLN A 380 43.85 9.16 -5.64
N PHE A 381 43.96 7.85 -5.39
CA PHE A 381 45.20 7.11 -5.53
C PHE A 381 44.87 5.69 -5.95
N GLY A 382 45.93 4.94 -6.28
CA GLY A 382 45.81 3.51 -6.52
C GLY A 382 45.55 3.09 -7.94
N GLY A 383 45.74 3.97 -8.91
CA GLY A 383 45.42 3.64 -10.29
C GLY A 383 46.34 2.64 -10.95
N GLY A 384 47.58 3.04 -11.25
CA GLY A 384 48.53 2.20 -11.93
C GLY A 384 49.38 1.39 -10.98
N THR A 385 50.66 1.24 -11.32
CA THR A 385 51.60 0.48 -10.52
C THR A 385 52.08 1.36 -9.38
N LEU A 386 51.33 1.37 -8.29
CA LEU A 386 51.73 2.07 -7.08
C LEU A 386 51.38 1.22 -5.87
N GLY A 387 51.54 -0.09 -6.01
CA GLY A 387 51.41 -1.00 -4.90
C GLY A 387 52.52 -0.76 -3.90
N HIS A 388 52.14 -0.31 -2.72
CA HIS A 388 53.11 -0.01 -1.67
C HIS A 388 53.79 -1.29 -1.20
N PRO A 389 55.10 -1.43 -1.36
CA PRO A 389 55.76 -2.68 -0.97
C PRO A 389 55.79 -2.93 0.52
N TRP A 390 55.42 -1.95 1.34
CA TRP A 390 55.13 -2.22 2.73
C TRP A 390 53.70 -2.66 2.93
N GLY A 391 52.72 -1.82 2.60
CA GLY A 391 51.33 -2.21 2.76
C GLY A 391 50.39 -1.07 2.43
N ASN A 392 49.12 -1.45 2.29
CA ASN A 392 48.09 -0.51 1.89
C ASN A 392 47.75 0.47 3.01
N ALA A 393 47.61 -0.01 4.25
CA ALA A 393 47.40 0.89 5.38
C ALA A 393 48.64 1.74 5.71
N PRO A 394 49.89 1.24 5.64
CA PRO A 394 51.02 2.18 5.67
C PRO A 394 51.01 3.18 4.53
N GLY A 395 50.55 2.80 3.34
CA GLY A 395 50.41 3.71 2.23
C GLY A 395 49.41 4.81 2.50
N ALA A 396 48.28 4.41 3.11
CA ALA A 396 47.25 5.37 3.46
C ALA A 396 47.74 6.33 4.53
N THR A 397 48.51 5.81 5.48
CA THR A 397 49.06 6.66 6.53
C THR A 397 50.06 7.65 5.95
N ALA A 398 50.90 7.18 5.02
CA ALA A 398 51.87 8.06 4.36
C ALA A 398 51.17 9.12 3.54
N ASN A 399 50.06 8.75 2.90
CA ASN A 399 49.22 9.69 2.16
C ASN A 399 48.65 10.77 3.06
N ARG A 400 48.15 10.37 4.23
CA ARG A 400 47.54 11.30 5.16
C ARG A 400 48.58 12.29 5.68
N VAL A 401 49.76 11.77 6.00
CA VAL A 401 50.88 12.61 6.46
C VAL A 401 51.28 13.58 5.36
N ALA A 402 51.31 13.09 4.11
CA ALA A 402 51.71 13.88 2.96
C ALA A 402 50.74 15.03 2.72
N LEU A 403 49.44 14.76 2.76
CA LEU A 403 48.47 15.83 2.52
C LEU A 403 48.42 16.82 3.67
N GLU A 404 48.59 16.34 4.91
CA GLU A 404 48.59 17.27 6.04
C GLU A 404 49.79 18.21 5.96
N ALA A 405 50.97 17.66 5.63
CA ALA A 405 52.16 18.49 5.51
C ALA A 405 52.06 19.43 4.31
N CYS A 406 51.44 18.98 3.21
CA CYS A 406 51.28 19.83 2.05
C CYS A 406 50.31 20.99 2.30
N VAL A 407 49.21 20.73 2.99
CA VAL A 407 48.24 21.79 3.28
C VAL A 407 48.86 22.80 4.25
N GLN A 408 49.60 22.30 5.24
CA GLN A 408 50.21 23.20 6.19
C GLN A 408 51.36 23.99 5.56
N ALA A 409 52.06 23.42 4.57
CA ALA A 409 53.16 24.13 3.95
C ALA A 409 52.66 25.09 2.88
N ARG A 410 51.47 24.84 2.35
CA ARG A 410 50.82 25.85 1.52
C ARG A 410 50.37 27.00 2.39
N ASN A 411 49.97 26.68 3.63
CA ASN A 411 49.61 27.73 4.58
C ASN A 411 50.84 28.50 5.04
N GLU A 412 52.01 27.86 5.00
CA GLU A 412 53.29 28.51 5.25
C GLU A 412 53.61 29.61 4.23
N GLY A 413 53.04 29.51 3.03
CA GLY A 413 53.26 30.57 2.07
C GLY A 413 54.46 30.33 1.19
N ARG A 414 55.21 29.25 1.46
CA ARG A 414 56.28 28.81 0.57
C ARG A 414 55.61 28.44 -0.74
N ASP A 415 56.11 28.94 -1.87
CA ASP A 415 55.43 28.75 -3.15
C ASP A 415 55.56 27.28 -3.58
N LEU A 416 54.56 26.50 -3.20
CA LEU A 416 54.69 25.05 -3.04
C LEU A 416 54.84 24.31 -4.36
N TYR A 417 54.57 24.96 -5.49
CA TYR A 417 54.96 24.41 -6.78
C TYR A 417 56.47 24.32 -6.94
N ARG A 418 57.22 25.18 -6.24
CA ARG A 418 58.68 25.16 -6.33
C ARG A 418 59.34 24.26 -5.28
N GLU A 419 58.88 24.29 -4.03
CA GLU A 419 59.59 23.58 -2.97
C GLU A 419 58.89 22.34 -2.44
N GLY A 420 57.84 21.85 -3.11
CA GLY A 420 57.04 20.76 -2.58
C GLY A 420 57.76 19.45 -2.40
N GLY A 421 58.78 19.21 -3.22
CA GLY A 421 59.59 18.01 -3.04
C GLY A 421 60.38 18.05 -1.74
N ASP A 422 60.98 19.20 -1.44
CA ASP A 422 61.73 19.35 -0.20
C ASP A 422 60.80 19.35 1.00
N ILE A 423 59.55 19.83 0.81
CA ILE A 423 58.52 19.76 1.85
C ILE A 423 58.27 18.32 2.26
N LEU A 424 58.09 17.44 1.27
CA LEU A 424 57.88 16.04 1.55
C LEU A 424 59.13 15.39 2.14
N ARG A 425 60.30 15.88 1.75
CA ARG A 425 61.53 15.34 2.31
C ARG A 425 61.67 15.66 3.79
N GLU A 426 61.29 16.88 4.20
CA GLU A 426 61.33 17.13 5.65
C GLU A 426 60.14 16.49 6.34
N ALA A 427 59.09 16.17 5.58
CA ALA A 427 57.93 15.53 6.20
C ALA A 427 58.18 14.07 6.49
N GLY A 428 58.96 13.38 5.66
CA GLY A 428 59.20 11.97 5.90
C GLY A 428 60.27 11.66 6.92
N LYS A 429 60.74 12.67 7.67
CA LYS A 429 61.90 12.46 8.53
C LYS A 429 61.54 11.66 9.78
N TRP A 430 60.25 11.56 10.10
CA TRP A 430 59.82 10.76 11.23
C TRP A 430 58.88 9.64 10.80
N SER A 431 58.18 9.82 9.68
CA SER A 431 57.31 8.77 9.18
C SER A 431 58.07 7.87 8.22
N PRO A 432 58.29 6.60 8.56
CA PRO A 432 59.04 5.71 7.66
C PRO A 432 58.27 5.33 6.42
N GLU A 433 56.94 5.35 6.51
CA GLU A 433 56.10 5.02 5.37
C GLU A 433 56.24 6.09 4.29
N LEU A 434 56.25 7.35 4.72
CA LEU A 434 56.47 8.45 3.79
C LEU A 434 57.89 8.45 3.27
N ALA A 435 58.83 7.94 4.06
CA ALA A 435 60.20 7.77 3.57
C ALA A 435 60.27 6.72 2.48
N ALA A 436 59.49 5.65 2.61
CA ALA A 436 59.37 4.67 1.54
C ALA A 436 58.72 5.26 0.30
N ALA A 437 57.76 6.14 0.53
CA ALA A 437 57.12 6.87 -0.56
C ALA A 437 58.10 7.80 -1.25
N LEU A 438 59.05 8.35 -0.50
CA LEU A 438 60.13 9.14 -1.07
C LEU A 438 61.03 8.24 -1.90
N ASP A 439 61.26 7.03 -1.39
CA ASP A 439 62.14 6.08 -2.05
C ASP A 439 61.58 5.55 -3.36
N LEU A 440 60.26 5.43 -3.47
CA LEU A 440 59.72 4.65 -4.59
C LEU A 440 59.57 5.49 -5.86
N TRP A 441 59.51 6.82 -5.74
CA TRP A 441 59.41 7.67 -6.92
C TRP A 441 60.22 8.95 -6.72
N LYS A 442 59.94 9.93 -7.57
CA LYS A 442 60.73 11.15 -7.68
C LYS A 442 59.94 12.23 -8.41
N GLU A 443 60.44 13.47 -8.39
CA GLU A 443 59.67 14.63 -8.81
C GLU A 443 60.42 15.56 -9.78
N ILE A 444 61.47 15.09 -10.46
CA ILE A 444 62.37 16.02 -11.15
C ILE A 444 61.93 16.15 -12.62
N LYS A 445 60.64 15.95 -12.88
CA LYS A 445 59.98 16.35 -14.12
C LYS A 445 60.36 17.77 -14.55
N PHE A 446 60.16 18.75 -13.66
CA PHE A 446 60.48 20.14 -13.94
C PHE A 446 60.55 20.89 -12.62
N GLU A 447 60.97 22.14 -12.63
CA GLU A 447 60.79 23.06 -11.52
C GLU A 447 59.30 23.23 -11.24
N LEU B 1 7.00 -43.17 -36.23
CA LEU B 1 7.98 -43.47 -35.15
C LEU B 1 9.31 -43.90 -35.77
N THR B 2 10.10 -42.95 -36.24
CA THR B 2 11.42 -43.24 -36.87
C THR B 2 12.50 -42.40 -36.19
N TYR B 3 12.58 -42.45 -34.86
CA TYR B 3 13.60 -41.70 -34.08
C TYR B 3 14.34 -42.67 -33.15
N TYR B 4 14.84 -43.77 -33.72
CA TYR B 4 15.56 -44.81 -32.93
C TYR B 4 16.99 -44.33 -32.63
N THR B 5 17.94 -44.71 -33.49
CA THR B 5 19.36 -44.33 -33.28
C THR B 5 19.85 -43.54 -34.50
N PRO B 6 19.44 -42.26 -34.68
CA PRO B 6 19.87 -41.45 -35.82
C PRO B 6 21.13 -40.62 -35.51
N ASP B 7 22.07 -41.18 -34.74
CA ASP B 7 23.32 -40.46 -34.38
C ASP B 7 22.97 -39.08 -33.82
N TYR B 8 22.62 -38.15 -34.71
CA TYR B 8 22.22 -36.80 -34.30
C TYR B 8 23.34 -35.76 -34.11
N THR B 9 24.49 -36.19 -33.62
CA THR B 9 25.58 -35.21 -33.32
C THR B 9 25.03 -34.21 -32.29
N PRO B 10 25.33 -34.37 -30.97
CA PRO B 10 24.80 -33.49 -29.92
C PRO B 10 25.00 -31.98 -30.11
N LYS B 11 24.09 -31.17 -29.54
CA LYS B 11 24.14 -29.69 -29.64
C LYS B 11 24.56 -29.08 -28.30
N ASP B 12 24.16 -27.82 -28.06
CA ASP B 12 24.49 -27.09 -26.80
C ASP B 12 23.40 -27.35 -25.76
N THR B 13 22.34 -26.53 -25.77
CA THR B 13 21.19 -26.68 -24.82
C THR B 13 20.75 -28.14 -24.85
N ASP B 14 20.75 -28.73 -26.05
CA ASP B 14 20.43 -30.13 -26.30
C ASP B 14 19.71 -30.91 -25.19
N LEU B 15 19.74 -30.41 -23.94
CA LEU B 15 19.19 -31.03 -22.73
C LEU B 15 19.30 -32.55 -22.66
N LEU B 16 20.52 -33.06 -22.74
CA LEU B 16 20.73 -34.48 -22.96
C LEU B 16 20.41 -35.31 -21.70
N ALA B 17 19.16 -35.73 -21.54
CA ALA B 17 18.79 -36.53 -20.37
C ALA B 17 18.85 -38.02 -20.68
N ALA B 18 18.98 -38.86 -19.65
CA ALA B 18 19.06 -40.30 -19.87
C ALA B 18 17.95 -41.05 -19.14
N PHE B 19 17.86 -42.36 -19.39
CA PHE B 19 16.80 -43.18 -18.80
C PHE B 19 17.23 -44.62 -18.59
N ARG B 20 16.90 -45.20 -17.44
CA ARG B 20 17.03 -46.63 -17.20
C ARG B 20 15.72 -47.27 -17.64
N PHE B 21 15.79 -48.12 -18.65
CA PHE B 21 14.63 -48.48 -19.44
C PHE B 21 14.42 -49.99 -19.39
N SER B 22 13.17 -50.41 -19.18
CA SER B 22 12.84 -51.84 -19.15
C SER B 22 11.51 -52.08 -19.82
N PRO B 23 11.48 -52.71 -20.99
CA PRO B 23 10.22 -52.97 -21.67
C PRO B 23 9.47 -54.14 -21.04
N GLN B 24 8.22 -54.27 -21.45
CA GLN B 24 7.45 -55.49 -21.29
C GLN B 24 7.79 -56.33 -22.51
N PRO B 25 7.86 -57.67 -22.39
CA PRO B 25 8.18 -58.49 -23.58
C PRO B 25 7.13 -58.43 -24.68
N GLY B 26 7.58 -58.67 -25.91
CA GLY B 26 6.75 -58.46 -27.07
C GLY B 26 6.87 -57.05 -27.58
N VAL B 27 7.93 -56.36 -27.15
CA VAL B 27 8.19 -54.99 -27.58
C VAL B 27 9.59 -54.91 -28.16
N PRO B 28 9.77 -54.49 -29.41
CA PRO B 28 11.11 -54.22 -29.92
C PRO B 28 11.67 -52.95 -29.28
N ALA B 29 12.96 -52.98 -29.00
CA ALA B 29 13.63 -51.98 -28.16
C ALA B 29 13.69 -50.55 -28.74
N PRO B 30 14.13 -50.29 -29.98
CA PRO B 30 14.27 -48.87 -30.36
C PRO B 30 12.93 -48.20 -30.68
N GLU B 31 11.89 -48.98 -31.00
CA GLU B 31 10.57 -48.41 -31.18
C GLU B 31 10.05 -47.84 -29.87
N ALA B 32 10.39 -48.50 -28.77
CA ALA B 32 10.00 -47.98 -27.46
C ALA B 32 10.85 -46.78 -27.07
N GLY B 33 12.10 -46.73 -27.55
CA GLY B 33 12.90 -45.53 -27.37
C GLY B 33 12.34 -44.33 -28.11
N ALA B 34 11.91 -44.53 -29.35
CA ALA B 34 11.27 -43.44 -30.07
C ALA B 34 9.88 -43.15 -29.51
N ALA B 35 9.28 -44.13 -28.83
CA ALA B 35 8.04 -43.86 -28.11
C ALA B 35 8.28 -42.93 -26.93
N ILE B 36 9.41 -43.10 -26.24
CA ILE B 36 9.81 -42.15 -25.20
C ILE B 36 10.03 -40.77 -25.81
N ALA B 37 10.69 -40.75 -26.96
CA ALA B 37 11.01 -39.49 -27.63
C ALA B 37 9.77 -38.77 -28.11
N ALA B 38 8.75 -39.52 -28.52
CA ALA B 38 7.51 -38.91 -28.98
C ALA B 38 6.64 -38.48 -27.80
N GLU B 39 6.60 -39.29 -26.75
CA GLU B 39 5.82 -38.97 -25.57
C GLU B 39 6.40 -37.78 -24.82
N SER B 40 7.72 -37.57 -24.96
CA SER B 40 8.37 -36.42 -24.28
C SER B 40 7.76 -35.11 -24.78
N SER B 41 7.36 -35.09 -26.06
CA SER B 41 6.73 -33.92 -26.71
C SER B 41 6.09 -34.34 -28.03
N THR B 42 4.91 -33.78 -28.35
CA THR B 42 4.15 -34.09 -29.59
C THR B 42 3.75 -35.57 -29.61
N GLY B 43 2.68 -35.91 -28.89
CA GLY B 43 2.15 -37.29 -28.77
C GLY B 43 2.21 -38.09 -30.05
N THR B 44 3.28 -38.89 -30.21
CA THR B 44 3.51 -39.78 -31.37
C THR B 44 3.10 -39.11 -32.69
N TRP B 45 3.65 -37.93 -32.99
CA TRP B 45 3.33 -37.20 -34.25
C TRP B 45 1.81 -37.10 -34.40
N THR B 46 1.14 -36.43 -33.46
CA THR B 46 -0.34 -36.25 -33.50
C THR B 46 -0.75 -35.72 -34.88
N THR B 47 -1.59 -36.47 -35.60
CA THR B 47 -2.06 -36.08 -36.95
C THR B 47 -2.92 -34.82 -36.85
N VAL B 48 -2.80 -33.93 -37.85
CA VAL B 48 -3.56 -32.69 -37.89
C VAL B 48 -3.90 -32.47 -39.37
N TRP B 49 -4.66 -31.42 -39.69
CA TRP B 49 -4.99 -31.13 -41.08
C TRP B 49 -3.90 -30.35 -41.80
N THR B 50 -2.87 -29.91 -41.08
CA THR B 50 -1.81 -29.07 -41.62
C THR B 50 -0.51 -29.85 -41.81
N ASP B 51 -0.50 -31.14 -41.44
CA ASP B 51 0.67 -31.99 -41.61
C ASP B 51 1.05 -32.21 -43.08
N LEU B 52 0.08 -32.13 -43.98
CA LEU B 52 0.34 -32.09 -45.41
C LEU B 52 0.89 -30.75 -45.86
N LEU B 53 0.59 -29.68 -45.14
CA LEU B 53 1.03 -28.34 -45.52
C LEU B 53 2.39 -28.01 -44.91
N THR B 54 2.45 -28.04 -43.58
CA THR B 54 3.66 -27.65 -42.86
C THR B 54 4.24 -28.84 -42.09
N ASP B 55 5.56 -29.00 -42.14
CA ASP B 55 6.21 -30.10 -41.44
C ASP B 55 6.67 -29.65 -40.05
N MET B 56 6.15 -30.31 -39.01
CA MET B 56 6.47 -29.99 -37.62
C MET B 56 7.76 -30.70 -37.24
N ASP B 57 8.88 -29.99 -37.44
CA ASP B 57 10.19 -30.62 -37.36
C ASP B 57 11.20 -29.69 -36.70
N ARG B 58 10.74 -28.77 -35.87
CA ARG B 58 11.69 -27.89 -35.21
C ARG B 58 11.80 -28.20 -33.72
N TYR B 59 10.82 -28.90 -33.17
CA TYR B 59 10.74 -29.11 -31.73
C TYR B 59 10.64 -30.58 -31.36
N ASP B 60 11.12 -31.46 -32.23
CA ASP B 60 11.02 -32.90 -31.96
C ASP B 60 12.02 -33.30 -30.89
N GLY B 61 11.50 -33.78 -29.76
CA GLY B 61 12.36 -34.49 -28.82
C GLY B 61 12.86 -35.79 -29.41
N LYS B 62 14.18 -35.92 -29.52
CA LYS B 62 14.77 -37.13 -30.13
C LYS B 62 15.88 -37.71 -29.24
N CYS B 63 16.21 -38.99 -29.46
CA CYS B 63 17.28 -39.69 -28.70
C CYS B 63 18.49 -39.92 -29.62
N TYR B 64 19.52 -40.63 -29.12
CA TYR B 64 20.73 -40.88 -29.94
C TYR B 64 21.54 -42.03 -29.35
N HIS B 65 20.89 -42.94 -28.61
CA HIS B 65 21.62 -44.09 -28.01
C HIS B 65 20.65 -45.22 -27.64
N ILE B 66 21.21 -46.41 -27.40
CA ILE B 66 20.44 -47.63 -27.01
C ILE B 66 21.46 -48.70 -26.60
N GLU B 67 22.09 -48.53 -25.43
CA GLU B 67 23.11 -49.48 -24.94
C GLU B 67 22.55 -50.34 -23.80
N PRO B 68 22.69 -51.69 -23.86
CA PRO B 68 22.21 -52.59 -22.79
C PRO B 68 23.03 -52.51 -21.52
N VAL B 69 22.35 -52.73 -20.41
CA VAL B 69 22.97 -52.60 -19.10
C VAL B 69 23.92 -53.77 -18.88
N GLN B 70 25.13 -53.46 -18.42
CA GLN B 70 26.13 -54.47 -18.12
C GLN B 70 25.70 -55.22 -16.86
N GLY B 71 25.23 -56.45 -17.05
CA GLY B 71 24.85 -57.27 -15.92
C GLY B 71 23.40 -57.11 -15.52
N GLU B 72 22.48 -57.24 -16.46
CA GLU B 72 21.06 -57.06 -16.20
C GLU B 72 20.27 -57.76 -17.30
N GLU B 73 19.13 -58.33 -16.92
CA GLU B 73 18.22 -58.91 -17.90
C GLU B 73 17.20 -57.86 -18.29
N ASN B 74 17.08 -57.61 -19.59
CA ASN B 74 15.99 -56.86 -20.23
C ASN B 74 15.95 -55.41 -19.73
N SER B 75 17.05 -54.70 -19.96
CA SER B 75 17.14 -53.31 -19.56
C SER B 75 18.23 -52.62 -20.36
N TYR B 76 18.00 -51.35 -20.72
CA TYR B 76 19.03 -50.60 -21.40
C TYR B 76 18.91 -49.11 -21.09
N PHE B 77 19.96 -48.38 -21.46
CA PHE B 77 20.05 -46.94 -21.22
C PHE B 77 19.76 -46.19 -22.50
N ALA B 78 18.70 -45.39 -22.50
CA ALA B 78 18.33 -44.58 -23.65
C ALA B 78 18.71 -43.12 -23.39
N PHE B 79 19.36 -42.51 -24.36
CA PHE B 79 19.78 -41.11 -24.27
C PHE B 79 18.85 -40.19 -25.07
N ILE B 80 18.05 -39.39 -24.36
CA ILE B 80 17.07 -38.53 -25.02
C ILE B 80 17.69 -37.18 -25.30
N ALA B 81 17.08 -36.38 -26.17
CA ALA B 81 17.57 -35.05 -26.49
C ALA B 81 16.40 -34.13 -26.80
N ASP B 82 16.34 -32.99 -26.11
CA ASP B 82 15.32 -31.99 -26.26
C ASP B 82 15.96 -30.62 -26.45
N PRO B 83 15.69 -29.94 -27.60
CA PRO B 83 16.27 -28.62 -27.85
C PRO B 83 16.10 -27.73 -26.62
N LEU B 84 16.61 -26.49 -26.67
CA LEU B 84 16.50 -25.56 -25.53
C LEU B 84 15.33 -24.58 -25.73
N ASP B 85 14.31 -25.01 -26.49
CA ASP B 85 13.13 -24.13 -26.75
C ASP B 85 11.92 -24.73 -26.02
N LEU B 86 12.05 -25.95 -25.49
CA LEU B 86 10.93 -26.62 -24.78
C LEU B 86 11.12 -26.44 -23.26
N PHE B 87 11.54 -25.25 -22.83
CA PHE B 87 11.77 -24.97 -21.39
C PHE B 87 11.55 -23.48 -21.11
N GLU B 88 10.98 -23.16 -19.94
CA GLU B 88 10.73 -21.75 -19.54
C GLU B 88 11.79 -21.33 -18.52
N GLU B 89 12.38 -20.14 -18.69
CA GLU B 89 13.42 -19.63 -17.77
C GLU B 89 12.83 -19.42 -16.37
N GLY B 90 13.63 -19.66 -15.32
CA GLY B 90 13.19 -19.51 -13.95
C GLY B 90 12.58 -20.74 -13.31
N SER B 91 12.12 -21.72 -14.09
CA SER B 91 11.31 -22.81 -13.54
C SER B 91 12.10 -24.11 -13.54
N VAL B 92 12.03 -24.81 -12.42
CA VAL B 92 12.37 -26.22 -12.39
C VAL B 92 11.09 -27.05 -12.57
N THR B 93 9.96 -26.44 -12.21
CA THR B 93 8.67 -27.09 -12.35
C THR B 93 8.35 -27.37 -13.81
N ASN B 94 8.68 -26.42 -14.69
CA ASN B 94 8.45 -26.64 -16.11
C ASN B 94 9.41 -27.70 -16.65
N ILE B 95 10.61 -27.78 -16.09
CA ILE B 95 11.57 -28.82 -16.49
C ILE B 95 11.01 -30.20 -16.19
N LEU B 96 10.52 -30.39 -14.96
CA LEU B 96 9.98 -31.70 -14.60
C LEU B 96 8.67 -31.97 -15.32
N THR B 97 7.90 -30.92 -15.60
CA THR B 97 6.61 -31.12 -16.26
C THR B 97 6.81 -31.53 -17.70
N SER B 98 7.82 -30.97 -18.36
CA SER B 98 8.06 -31.30 -19.76
C SER B 98 8.70 -32.66 -19.90
N ILE B 99 9.68 -32.97 -19.05
CA ILE B 99 10.42 -34.20 -19.21
C ILE B 99 9.62 -35.40 -18.74
N VAL B 100 9.29 -35.44 -17.44
CA VAL B 100 8.54 -36.57 -16.92
C VAL B 100 7.24 -36.05 -16.32
N GLY B 101 6.20 -35.98 -17.13
CA GLY B 101 4.90 -35.71 -16.58
C GLY B 101 3.90 -36.79 -16.92
N ASN B 102 4.12 -37.43 -18.07
CA ASN B 102 3.21 -38.52 -18.54
C ASN B 102 4.05 -39.65 -19.17
N VAL B 103 5.25 -39.31 -19.65
CA VAL B 103 6.14 -40.32 -20.31
C VAL B 103 6.28 -41.54 -19.39
N PHE B 104 6.70 -41.33 -18.14
CA PHE B 104 6.88 -42.44 -17.17
C PHE B 104 5.56 -43.22 -17.05
N GLY B 105 5.66 -44.56 -17.08
CA GLY B 105 4.50 -45.44 -16.96
C GLY B 105 3.44 -45.15 -18.02
N PHE B 106 3.74 -45.46 -19.28
CA PHE B 106 2.76 -45.22 -20.38
C PHE B 106 2.21 -46.56 -20.87
N LYS B 107 2.17 -47.55 -19.97
CA LYS B 107 1.64 -48.91 -20.27
C LYS B 107 2.24 -49.42 -21.58
N ALA B 108 3.57 -49.39 -21.70
CA ALA B 108 4.25 -49.88 -22.92
C ALA B 108 5.59 -50.52 -22.53
N ILE B 109 6.16 -50.07 -21.41
CA ILE B 109 7.46 -50.61 -20.90
C ILE B 109 7.26 -50.98 -19.42
N ARG B 110 7.64 -52.20 -19.04
CA ARG B 110 7.46 -52.63 -17.66
C ARG B 110 7.81 -51.50 -16.70
N SER B 111 9.00 -50.91 -16.87
CA SER B 111 9.43 -49.90 -15.91
C SER B 111 10.43 -48.91 -16.49
N LEU B 112 10.54 -47.75 -15.84
CA LEU B 112 11.35 -46.66 -16.37
C LEU B 112 11.81 -45.78 -15.21
N ARG B 113 13.07 -45.39 -15.25
CA ARG B 113 13.69 -44.63 -14.16
C ARG B 113 14.53 -43.51 -14.74
N LEU B 114 14.12 -42.27 -14.50
CA LEU B 114 14.86 -41.08 -14.93
C LEU B 114 16.17 -41.06 -14.15
N GLU B 115 17.26 -41.31 -14.83
CA GLU B 115 18.50 -41.58 -14.12
C GLU B 115 19.37 -40.35 -14.08
N ASP B 116 19.45 -39.60 -15.17
CA ASP B 116 20.37 -38.48 -15.23
C ASP B 116 19.87 -37.34 -16.11
N ILE B 117 20.53 -36.18 -16.00
CA ILE B 117 20.14 -34.99 -16.81
C ILE B 117 21.31 -34.00 -16.85
N ARG B 118 21.49 -33.33 -17.99
CA ARG B 118 22.59 -32.35 -18.17
C ARG B 118 22.00 -31.04 -18.70
N PHE B 119 22.19 -29.94 -17.97
CA PHE B 119 21.66 -28.61 -18.39
C PHE B 119 22.69 -27.91 -19.29
N PRO B 120 22.25 -27.05 -20.23
CA PRO B 120 23.17 -26.33 -21.12
C PRO B 120 23.64 -25.02 -20.49
N VAL B 121 24.91 -24.67 -20.71
CA VAL B 121 25.50 -23.42 -20.15
C VAL B 121 24.64 -22.22 -20.59
N ALA B 122 23.51 -22.50 -21.25
CA ALA B 122 22.61 -21.43 -21.74
C ALA B 122 21.25 -21.56 -21.04
N LEU B 123 21.13 -22.51 -20.10
CA LEU B 123 19.86 -22.73 -19.38
C LEU B 123 20.15 -22.79 -17.87
N VAL B 124 21.42 -22.93 -17.49
CA VAL B 124 21.81 -23.01 -16.05
C VAL B 124 22.33 -21.63 -15.61
N LYS B 125 22.52 -20.72 -16.57
CA LYS B 125 23.01 -19.35 -16.25
C LYS B 125 21.83 -18.37 -16.29
N THR B 126 20.61 -18.90 -16.43
CA THR B 126 19.40 -18.04 -16.48
C THR B 126 18.55 -18.27 -15.23
N PHE B 127 19.03 -19.14 -14.34
CA PHE B 127 18.28 -19.43 -13.08
C PHE B 127 18.74 -18.46 -11.98
N GLN B 128 18.20 -18.61 -10.77
CA GLN B 128 18.53 -17.70 -9.64
C GLN B 128 19.75 -18.24 -8.89
N GLY B 129 20.08 -19.52 -9.04
CA GLY B 129 21.21 -20.04 -8.31
C GLY B 129 20.92 -20.09 -6.83
N PRO B 130 21.89 -20.52 -6.04
CA PRO B 130 21.71 -20.53 -4.60
C PRO B 130 21.74 -19.12 -4.05
N PRO B 131 21.14 -18.88 -2.89
CA PRO B 131 21.20 -17.55 -2.30
C PRO B 131 22.60 -17.14 -1.88
N HIS B 132 23.41 -18.08 -1.43
CA HIS B 132 24.77 -17.78 -1.07
C HIS B 132 25.67 -18.95 -1.47
N GLY B 133 26.91 -18.65 -1.77
CA GLY B 133 27.85 -19.71 -2.09
C GLY B 133 28.38 -20.37 -0.84
N ILE B 134 29.11 -21.46 -1.05
CA ILE B 134 29.90 -22.11 -0.01
C ILE B 134 30.90 -21.09 0.52
N GLN B 135 31.55 -20.40 -0.41
CA GLN B 135 32.40 -19.26 -0.07
C GLN B 135 31.67 -18.24 0.77
N VAL B 136 30.53 -17.76 0.28
CA VAL B 136 29.79 -16.67 0.92
C VAL B 136 29.21 -17.13 2.27
N GLU B 137 28.83 -18.40 2.37
CA GLU B 137 28.33 -18.91 3.64
C GLU B 137 29.43 -18.98 4.68
N ARG B 138 30.63 -19.42 4.27
CA ARG B 138 31.77 -19.36 5.17
C ARG B 138 32.12 -17.92 5.52
N ASP B 139 31.91 -17.00 4.59
CA ASP B 139 32.16 -15.58 4.84
C ASP B 139 31.21 -15.04 5.91
N LEU B 140 29.96 -15.48 5.87
CA LEU B 140 29.00 -15.01 6.85
C LEU B 140 29.13 -15.75 8.17
N LEU B 141 29.83 -16.87 8.18
CA LEU B 141 29.86 -17.65 9.42
C LEU B 141 31.25 -17.77 10.05
N ASN B 142 32.32 -17.39 9.33
CA ASN B 142 33.70 -17.40 9.83
C ASN B 142 34.13 -18.80 10.27
N LYS B 143 33.82 -19.79 9.45
CA LYS B 143 34.16 -21.19 9.72
C LYS B 143 35.01 -21.66 8.55
N TYR B 144 36.32 -21.72 8.74
CA TYR B 144 37.25 -21.65 7.63
C TYR B 144 38.13 -22.89 7.47
N GLY B 145 38.13 -23.76 8.46
CA GLY B 145 39.04 -24.89 8.38
C GLY B 145 38.40 -26.23 8.60
N ARG B 146 37.19 -26.23 9.14
CA ARG B 146 36.59 -27.47 9.59
C ARG B 146 35.18 -27.59 9.01
N PRO B 147 34.63 -28.80 8.94
CA PRO B 147 33.20 -28.93 8.64
C PRO B 147 32.37 -28.42 9.81
N MET B 148 31.14 -28.06 9.52
CA MET B 148 30.26 -27.48 10.51
C MET B 148 29.56 -28.56 11.33
N LEU B 149 29.15 -28.21 12.54
CA LEU B 149 28.61 -29.15 13.50
C LEU B 149 27.11 -28.97 13.69
N GLY B 150 26.41 -30.07 13.97
CA GLY B 150 24.97 -30.03 14.17
C GLY B 150 24.39 -31.22 14.89
N CYS B 151 23.38 -30.98 15.71
CA CYS B 151 22.61 -32.08 16.28
C CYS B 151 21.12 -31.77 16.23
N THR B 152 20.32 -32.82 16.31
CA THR B 152 18.87 -32.71 16.31
C THR B 152 18.38 -32.73 17.75
N ILE B 153 17.48 -31.81 18.08
CA ILE B 153 16.99 -31.72 19.44
C ILE B 153 16.05 -32.88 19.73
N LYS B 154 16.35 -33.62 20.79
CA LYS B 154 15.55 -34.77 21.14
C LYS B 154 14.87 -34.54 22.48
N PRO B 155 13.61 -34.99 22.64
CA PRO B 155 12.78 -35.73 21.71
C PRO B 155 12.11 -34.88 20.65
N LYS B 156 11.24 -35.52 19.87
CA LYS B 156 10.55 -34.84 18.77
C LYS B 156 9.46 -33.92 19.28
N LEU B 157 8.56 -34.45 20.10
CA LEU B 157 7.37 -33.70 20.49
C LEU B 157 7.24 -33.61 22.01
N GLY B 158 6.18 -32.94 22.48
CA GLY B 158 5.89 -32.81 23.90
C GLY B 158 6.94 -32.02 24.66
N LEU B 159 7.61 -31.12 23.95
CA LEU B 159 8.85 -30.55 24.41
C LEU B 159 8.82 -29.05 24.10
N SER B 160 7.87 -28.34 24.70
CA SER B 160 7.22 -27.08 24.26
C SER B 160 8.19 -25.88 24.40
N ALA B 161 7.65 -24.66 24.38
CA ALA B 161 8.36 -23.40 24.15
C ALA B 161 9.61 -23.18 24.99
N LYS B 162 9.51 -23.08 26.33
CA LYS B 162 10.73 -22.94 27.15
C LYS B 162 11.59 -24.16 27.10
N ASN B 163 10.94 -25.32 27.06
CA ASN B 163 11.60 -26.61 26.94
C ASN B 163 12.51 -26.67 25.72
N TYR B 164 11.93 -26.40 24.54
CA TYR B 164 12.65 -26.58 23.29
C TYR B 164 13.76 -25.56 23.13
N GLY B 165 13.45 -24.28 23.37
CA GLY B 165 14.43 -23.23 23.16
C GLY B 165 15.59 -23.29 24.13
N ARG B 166 15.31 -23.62 25.38
CA ARG B 166 16.43 -23.68 26.32
C ARG B 166 17.19 -24.99 26.19
N ALA B 167 16.55 -26.04 25.66
CA ALA B 167 17.34 -27.21 25.28
C ALA B 167 18.23 -26.90 24.09
N VAL B 168 17.75 -26.04 23.18
CA VAL B 168 18.58 -25.56 22.07
C VAL B 168 19.75 -24.76 22.60
N TYR B 169 19.50 -23.92 23.61
CA TYR B 169 20.58 -23.13 24.21
C TYR B 169 21.63 -24.03 24.86
N GLU B 170 21.20 -25.08 25.56
CA GLU B 170 22.16 -25.99 26.17
C GLU B 170 22.97 -26.74 25.12
N CYS B 171 22.28 -27.33 24.13
CA CYS B 171 22.94 -28.16 23.14
C CYS B 171 23.78 -27.32 22.18
N LEU B 172 23.52 -26.01 22.12
CA LEU B 172 24.31 -25.17 21.23
C LEU B 172 25.43 -24.48 22.00
N ARG B 173 25.22 -24.22 23.28
CA ARG B 173 26.27 -23.64 24.12
C ARG B 173 27.34 -24.68 24.41
N GLY B 174 27.00 -25.97 24.26
CA GLY B 174 28.00 -27.01 24.37
C GLY B 174 29.11 -26.91 23.35
N GLY B 175 28.85 -26.28 22.21
CA GLY B 175 29.92 -25.99 21.28
C GLY B 175 29.61 -26.27 19.82
N LEU B 176 28.36 -26.62 19.52
CA LEU B 176 28.00 -26.96 18.16
C LEU B 176 27.92 -25.72 17.28
N ASP B 177 27.78 -25.95 15.98
CA ASP B 177 27.58 -24.85 15.04
C ASP B 177 26.10 -24.61 14.76
N PHE B 178 25.32 -25.68 14.65
CA PHE B 178 23.90 -25.53 14.34
C PHE B 178 23.07 -26.56 15.09
N THR B 179 21.78 -26.28 15.16
CA THR B 179 20.76 -27.23 15.59
C THR B 179 19.56 -27.08 14.67
N LYS B 180 18.85 -28.16 14.43
CA LYS B 180 17.73 -28.09 13.52
C LYS B 180 16.46 -28.56 14.20
N ASP B 181 15.33 -28.10 13.70
CA ASP B 181 14.11 -28.82 13.87
C ASP B 181 14.13 -30.01 12.92
N ASP B 182 13.35 -31.03 13.24
CA ASP B 182 13.03 -32.01 12.21
C ASP B 182 11.85 -31.54 11.38
N GLU B 183 11.38 -32.44 10.52
CA GLU B 183 10.54 -32.08 9.40
C GLU B 183 9.14 -31.68 9.84
N ASN B 184 8.67 -32.21 10.97
CA ASN B 184 7.28 -32.08 11.35
C ASN B 184 7.08 -31.38 12.70
N ILE B 185 7.74 -30.25 12.91
CA ILE B 185 7.51 -29.41 14.08
C ILE B 185 6.98 -28.09 13.53
N ASN B 186 6.11 -28.19 12.53
CA ASN B 186 5.35 -27.04 12.08
C ASN B 186 4.26 -26.69 13.09
N SER B 187 3.39 -25.76 12.73
CA SER B 187 2.53 -25.12 13.71
C SER B 187 1.45 -26.07 14.21
N GLN B 188 1.81 -26.90 15.17
CA GLN B 188 0.93 -27.93 15.68
C GLN B 188 0.42 -27.48 17.03
N PRO B 189 -0.84 -27.78 17.36
CA PRO B 189 -1.51 -27.06 18.46
C PRO B 189 -1.00 -27.36 19.86
N PHE B 190 -0.02 -28.24 20.02
CA PHE B 190 0.65 -28.34 21.30
C PHE B 190 1.84 -27.39 21.37
N GLN B 191 2.28 -26.88 20.22
CA GLN B 191 3.49 -26.06 20.16
C GLN B 191 3.34 -25.07 19.02
N ARG B 192 2.86 -23.87 19.33
CA ARG B 192 2.53 -22.90 18.30
C ARG B 192 3.82 -22.34 17.71
N TRP B 193 3.82 -21.99 16.42
CA TRP B 193 5.05 -21.65 15.73
C TRP B 193 5.66 -20.33 16.20
N ARG B 194 4.87 -19.46 16.82
CA ARG B 194 5.28 -18.18 17.37
C ARG B 194 6.40 -18.31 18.39
N ASP B 195 6.10 -18.97 19.50
CA ASP B 195 6.95 -18.85 20.67
C ASP B 195 8.19 -19.70 20.53
N ARG B 196 8.12 -20.74 19.69
CA ARG B 196 9.31 -21.51 19.40
C ARG B 196 10.34 -20.67 18.68
N PHE B 197 9.88 -19.88 17.70
CA PHE B 197 10.75 -18.93 17.03
C PHE B 197 11.31 -17.91 17.99
N LEU B 198 10.47 -17.38 18.88
CA LEU B 198 10.93 -16.36 19.82
C LEU B 198 12.00 -16.90 20.77
N PHE B 199 11.77 -18.09 21.32
CA PHE B 199 12.69 -18.63 22.32
C PHE B 199 13.97 -19.15 21.69
N VAL B 200 13.86 -19.78 20.51
CA VAL B 200 15.06 -20.23 19.81
C VAL B 200 15.90 -19.04 19.37
N ALA B 201 15.23 -17.95 19.00
CA ALA B 201 15.91 -16.72 18.62
C ALA B 201 16.68 -16.12 19.79
N ASP B 202 16.03 -16.05 20.95
CA ASP B 202 16.67 -15.50 22.14
C ASP B 202 17.82 -16.39 22.61
N ALA B 203 17.66 -17.70 22.44
CA ALA B 203 18.72 -18.63 22.78
C ALA B 203 19.95 -18.44 21.90
N ILE B 204 19.73 -18.26 20.60
CA ILE B 204 20.81 -17.96 19.67
C ILE B 204 21.53 -16.68 20.07
N HIS B 205 20.76 -15.66 20.42
CA HIS B 205 21.35 -14.35 20.69
C HIS B 205 22.19 -14.37 21.97
N LYS B 206 21.69 -15.01 23.01
CA LYS B 206 22.45 -15.11 24.25
C LYS B 206 23.65 -16.04 24.10
N SER B 207 23.53 -17.06 23.24
CA SER B 207 24.65 -17.95 23.02
C SER B 207 25.76 -17.28 22.22
N GLN B 208 25.38 -16.40 21.29
CA GLN B 208 26.38 -15.58 20.61
C GLN B 208 27.04 -14.62 21.59
N ALA B 209 26.26 -14.11 22.55
CA ALA B 209 26.82 -13.22 23.56
C ALA B 209 27.84 -13.92 24.44
N GLU B 210 27.60 -15.19 24.78
CA GLU B 210 28.57 -15.89 25.62
C GLU B 210 29.77 -16.44 24.85
N THR B 211 29.55 -17.17 23.77
CA THR B 211 30.65 -17.94 23.18
C THR B 211 31.53 -17.14 22.24
N GLY B 212 31.02 -16.07 21.64
CA GLY B 212 31.82 -15.29 20.73
C GLY B 212 31.96 -15.87 19.34
N GLU B 213 31.27 -16.96 19.05
CA GLU B 213 31.23 -17.55 17.72
C GLU B 213 29.88 -17.23 17.11
N ILE B 214 29.84 -17.05 15.79
CA ILE B 214 28.55 -16.87 15.14
C ILE B 214 27.80 -18.19 15.16
N LYS B 215 26.57 -18.14 15.64
CA LYS B 215 25.76 -19.33 15.85
C LYS B 215 24.45 -19.21 15.08
N GLY B 216 23.76 -20.33 14.94
CA GLY B 216 22.49 -20.35 14.23
C GLY B 216 21.70 -21.62 14.43
N HIS B 217 20.38 -21.53 14.28
CA HIS B 217 19.50 -22.69 14.34
C HIS B 217 18.73 -22.79 13.03
N TYR B 218 18.48 -24.02 12.59
CA TYR B 218 17.72 -24.22 11.37
C TYR B 218 16.24 -24.11 11.70
N LEU B 219 15.64 -22.96 11.42
CA LEU B 219 14.24 -22.76 11.71
C LEU B 219 13.39 -23.33 10.58
N ASN B 220 12.33 -24.05 10.94
CA ASN B 220 11.45 -24.69 9.96
C ASN B 220 10.36 -23.70 9.57
N VAL B 221 10.23 -23.45 8.27
CA VAL B 221 9.14 -22.62 7.77
C VAL B 221 8.28 -23.35 6.74
N THR B 222 8.13 -24.66 6.87
CA THR B 222 7.21 -25.39 6.02
C THR B 222 5.78 -24.97 6.33
N ALA B 223 5.13 -24.39 5.35
CA ALA B 223 3.89 -23.66 5.61
C ALA B 223 2.80 -24.21 4.72
N PRO B 224 1.55 -24.13 5.15
CA PRO B 224 0.45 -24.41 4.23
C PRO B 224 0.35 -23.44 3.07
N THR B 225 0.19 -22.15 3.34
CA THR B 225 0.03 -21.20 2.26
C THR B 225 1.34 -20.48 2.04
N CYS B 226 1.51 -19.91 0.86
CA CYS B 226 2.73 -19.18 0.58
C CYS B 226 2.79 -17.89 1.36
N GLU B 227 1.63 -17.33 1.71
CA GLU B 227 1.60 -16.12 2.51
C GLU B 227 2.02 -16.41 3.94
N GLU B 228 1.67 -17.59 4.45
CA GLU B 228 2.17 -18.04 5.73
C GLU B 228 3.68 -18.22 5.70
N MET B 229 4.19 -18.72 4.57
CA MET B 229 5.62 -18.94 4.41
C MET B 229 6.37 -17.62 4.41
N MET B 230 5.90 -16.66 3.63
CA MET B 230 6.52 -15.35 3.60
C MET B 230 6.41 -14.63 4.92
N LYS B 231 5.31 -14.84 5.65
CA LYS B 231 5.15 -14.22 6.96
C LYS B 231 6.14 -14.77 7.98
N ARG B 232 6.31 -16.09 7.99
CA ARG B 232 7.26 -16.69 8.94
C ARG B 232 8.69 -16.38 8.55
N ALA B 233 8.98 -16.28 7.25
CA ALA B 233 10.30 -15.87 6.82
C ALA B 233 10.59 -14.42 7.17
N GLU B 234 9.59 -13.54 7.03
CA GLU B 234 9.79 -12.14 7.38
C GLU B 234 9.96 -11.95 8.88
N PHE B 235 9.32 -12.80 9.67
CA PHE B 235 9.63 -12.77 11.09
C PHE B 235 11.01 -13.34 11.38
N ALA B 236 11.46 -14.32 10.61
CA ALA B 236 12.81 -14.83 10.77
C ALA B 236 13.88 -13.81 10.42
N LYS B 237 13.60 -12.92 9.48
CA LYS B 237 14.52 -11.84 9.18
C LYS B 237 14.38 -10.67 10.13
N GLU B 238 13.20 -10.51 10.75
CA GLU B 238 12.97 -9.42 11.68
C GLU B 238 13.83 -9.54 12.94
N LEU B 239 14.06 -10.75 13.42
CA LEU B 239 14.84 -10.93 14.63
C LEU B 239 16.28 -11.29 14.30
N GLY B 240 16.59 -11.46 13.01
CA GLY B 240 17.96 -11.66 12.60
C GLY B 240 18.45 -13.09 12.76
N MET B 241 17.70 -14.05 12.24
CA MET B 241 18.25 -15.39 12.27
C MET B 241 18.99 -15.67 10.98
N PRO B 242 20.17 -16.28 11.05
CA PRO B 242 21.01 -16.36 9.86
C PRO B 242 20.55 -17.39 8.84
N ILE B 243 19.69 -18.32 9.20
CA ILE B 243 19.37 -19.43 8.32
C ILE B 243 17.99 -19.98 8.67
N ILE B 244 17.27 -20.43 7.64
CA ILE B 244 16.00 -21.11 7.80
C ILE B 244 16.04 -22.42 7.02
N MET B 245 15.31 -23.41 7.53
CA MET B 245 15.25 -24.72 6.88
C MET B 245 13.86 -24.94 6.32
N HIS B 246 13.80 -25.61 5.18
CA HIS B 246 12.55 -25.74 4.45
C HIS B 246 12.65 -26.95 3.52
N ASP B 247 11.79 -27.92 3.75
CA ASP B 247 11.78 -29.12 2.93
C ASP B 247 11.24 -28.81 1.54
N PHE B 248 11.79 -29.49 0.53
CA PHE B 248 11.59 -29.09 -0.85
C PHE B 248 10.51 -29.89 -1.55
N LEU B 249 10.43 -31.19 -1.31
CA LEU B 249 9.72 -32.08 -2.22
C LEU B 249 8.25 -32.22 -1.86
N THR B 250 7.91 -32.05 -0.60
CA THR B 250 6.50 -32.04 -0.21
C THR B 250 5.93 -30.63 -0.27
N ALA B 251 6.77 -29.61 -0.14
CA ALA B 251 6.28 -28.23 -0.17
C ALA B 251 6.14 -27.77 -1.60
N GLY B 252 7.05 -28.20 -2.47
CA GLY B 252 6.93 -27.92 -3.88
C GLY B 252 7.86 -26.86 -4.42
N PHE B 253 8.20 -27.02 -5.70
CA PHE B 253 9.28 -26.22 -6.30
C PHE B 253 8.87 -24.77 -6.49
N THR B 254 7.58 -24.50 -6.63
CA THR B 254 7.16 -23.11 -6.76
C THR B 254 7.38 -22.36 -5.47
N ALA B 255 6.98 -22.97 -4.36
CA ALA B 255 7.24 -22.40 -3.04
C ALA B 255 8.74 -22.31 -2.78
N ASN B 256 9.49 -23.31 -3.24
CA ASN B 256 10.92 -23.32 -2.94
C ASN B 256 11.68 -22.29 -3.76
N THR B 257 11.35 -22.13 -5.03
CA THR B 257 11.99 -21.11 -5.84
C THR B 257 11.63 -19.72 -5.35
N THR B 258 10.37 -19.52 -4.93
CA THR B 258 9.96 -18.24 -4.37
C THR B 258 10.72 -17.95 -3.08
N LEU B 259 10.88 -18.95 -2.23
CA LEU B 259 11.57 -18.75 -0.96
C LEU B 259 13.06 -18.51 -1.18
N ALA B 260 13.63 -19.13 -2.21
CA ALA B 260 15.03 -18.91 -2.52
C ALA B 260 15.27 -17.52 -3.05
N LYS B 261 14.34 -17.03 -3.87
CA LYS B 261 14.47 -15.66 -4.36
C LYS B 261 14.28 -14.67 -3.22
N TRP B 262 13.45 -15.03 -2.24
CA TRP B 262 13.34 -14.22 -1.04
C TRP B 262 14.63 -14.20 -0.25
N CYS B 263 15.29 -15.36 -0.12
CA CYS B 263 16.54 -15.43 0.64
C CYS B 263 17.65 -14.67 -0.05
N ARG B 264 17.62 -14.61 -1.38
CA ARG B 264 18.51 -13.69 -2.06
C ARG B 264 18.16 -12.25 -1.75
N ASP B 265 16.86 -11.96 -1.63
CA ASP B 265 16.42 -10.58 -1.45
C ASP B 265 16.77 -10.05 -0.06
N ASN B 266 16.89 -10.93 0.93
CA ASN B 266 17.21 -10.44 2.27
C ASN B 266 18.51 -10.99 2.84
N GLY B 267 19.22 -11.85 2.11
CA GLY B 267 20.54 -12.26 2.55
C GLY B 267 20.57 -13.24 3.68
N VAL B 268 19.67 -14.22 3.69
CA VAL B 268 19.60 -15.22 4.74
C VAL B 268 19.98 -16.55 4.12
N LEU B 269 20.78 -17.35 4.84
CA LEU B 269 21.17 -18.68 4.38
C LEU B 269 19.98 -19.61 4.35
N LEU B 270 20.09 -20.73 3.64
CA LEU B 270 18.89 -21.53 3.34
C LEU B 270 19.23 -23.01 3.43
N HIS B 271 18.49 -23.72 4.27
CA HIS B 271 18.64 -25.16 4.47
C HIS B 271 17.44 -25.88 3.86
N ILE B 272 17.71 -27.06 3.29
CA ILE B 272 16.69 -27.87 2.66
C ILE B 272 16.76 -29.28 3.26
N HIS B 273 15.64 -29.74 3.80
CA HIS B 273 15.49 -31.10 4.30
C HIS B 273 14.87 -31.96 3.19
N ARG B 274 15.50 -33.08 2.89
CA ARG B 274 14.99 -33.87 1.78
C ARG B 274 13.93 -34.86 2.24
N ALA B 275 12.85 -34.33 2.81
CA ALA B 275 11.72 -35.15 3.22
C ALA B 275 11.02 -35.74 2.00
N MET B 276 10.41 -36.91 2.20
CA MET B 276 9.55 -37.60 1.24
C MET B 276 10.36 -38.00 0.01
N HIS B 277 11.66 -38.19 0.18
CA HIS B 277 12.49 -38.51 -0.96
C HIS B 277 12.41 -39.99 -1.30
N ALA B 278 12.30 -40.84 -0.28
CA ALA B 278 12.37 -42.28 -0.44
C ALA B 278 11.14 -42.87 -1.10
N VAL B 279 10.12 -42.06 -1.33
CA VAL B 279 8.98 -42.48 -2.13
C VAL B 279 9.39 -42.69 -3.56
N ILE B 280 10.35 -41.90 -4.02
CA ILE B 280 10.52 -41.72 -5.46
C ILE B 280 11.82 -42.35 -5.94
N ASP B 281 12.82 -42.42 -5.07
CA ASP B 281 14.17 -42.71 -5.53
C ASP B 281 14.74 -44.04 -5.04
N ARG B 282 13.93 -44.90 -4.44
CA ARG B 282 14.54 -46.05 -3.78
C ARG B 282 14.70 -47.22 -4.74
N GLN B 283 13.64 -47.59 -5.45
CA GLN B 283 13.66 -48.78 -6.29
C GLN B 283 14.56 -48.57 -7.50
N ARG B 284 15.24 -49.64 -7.92
CA ARG B 284 16.31 -49.49 -8.90
C ARG B 284 15.80 -49.69 -10.33
N ASN B 285 14.50 -49.62 -10.52
CA ASN B 285 13.94 -49.83 -11.85
C ASN B 285 12.86 -48.81 -12.19
N HIS B 286 12.43 -48.01 -11.22
CA HIS B 286 11.27 -47.14 -11.44
C HIS B 286 11.36 -45.93 -10.51
N GLY B 287 11.34 -44.74 -11.11
CA GLY B 287 11.32 -43.52 -10.33
C GLY B 287 12.18 -42.46 -11.01
N ILE B 288 12.70 -41.55 -10.19
CA ILE B 288 13.80 -40.69 -10.60
C ILE B 288 14.88 -40.88 -9.57
N HIS B 289 16.11 -40.49 -9.92
CA HIS B 289 17.22 -40.66 -9.01
C HIS B 289 17.32 -39.39 -8.18
N PHE B 290 17.89 -39.52 -6.99
CA PHE B 290 18.04 -38.37 -6.10
C PHE B 290 19.06 -37.39 -6.65
N ARG B 291 19.94 -37.89 -7.51
CA ARG B 291 20.91 -37.08 -8.24
C ARG B 291 20.25 -36.02 -9.11
N VAL B 292 19.16 -36.38 -9.79
CA VAL B 292 18.45 -35.41 -10.62
C VAL B 292 17.80 -34.35 -9.75
N LEU B 293 17.22 -34.78 -8.63
CA LEU B 293 16.71 -33.82 -7.65
C LEU B 293 17.83 -32.95 -7.08
N ALA B 294 19.03 -33.52 -6.96
CA ALA B 294 20.14 -32.75 -6.42
C ALA B 294 20.57 -31.64 -7.37
N LYS B 295 20.63 -31.95 -8.67
CA LYS B 295 20.98 -30.90 -9.64
C LYS B 295 19.87 -29.87 -9.75
N CYS B 296 18.61 -30.33 -9.78
CA CYS B 296 17.47 -29.43 -9.87
C CYS B 296 17.35 -28.55 -8.63
N LEU B 297 17.84 -29.06 -7.49
CA LEU B 297 17.73 -28.31 -6.26
C LEU B 297 18.95 -27.43 -6.06
N ARG B 298 20.04 -27.73 -6.76
CA ARG B 298 21.10 -26.73 -6.89
C ARG B 298 20.62 -25.57 -7.74
N LEU B 299 19.77 -25.85 -8.73
CA LEU B 299 19.26 -24.77 -9.57
C LEU B 299 18.24 -23.90 -8.82
N SER B 300 17.12 -24.49 -8.42
CA SER B 300 16.21 -23.77 -7.54
C SER B 300 16.86 -23.71 -6.17
N GLY B 301 17.53 -22.59 -5.90
CA GLY B 301 18.72 -22.59 -5.08
C GLY B 301 18.48 -22.92 -3.62
N GLY B 302 19.50 -23.49 -3.01
CA GLY B 302 19.53 -23.77 -1.60
C GLY B 302 20.97 -23.75 -1.15
N ASP B 303 21.24 -23.41 0.10
CA ASP B 303 22.61 -23.33 0.55
C ASP B 303 23.07 -24.60 1.25
N HIS B 304 22.14 -25.36 1.81
CA HIS B 304 22.43 -26.68 2.36
C HIS B 304 21.53 -27.72 1.72
N LEU B 305 21.90 -28.99 1.90
CA LEU B 305 21.15 -30.12 1.34
C LEU B 305 21.53 -31.38 2.09
N HIS B 306 20.57 -32.00 2.78
CA HIS B 306 20.75 -33.33 3.32
C HIS B 306 21.05 -34.30 2.19
N SER B 307 22.04 -35.16 2.37
CA SER B 307 22.46 -36.07 1.32
C SER B 307 22.72 -37.46 1.87
N GLY B 308 22.69 -37.60 3.18
CA GLY B 308 22.95 -38.91 3.76
C GLY B 308 24.42 -39.24 3.74
N THR B 309 24.75 -40.43 4.22
CA THR B 309 26.13 -40.77 4.52
C THR B 309 26.45 -42.15 3.97
N VAL B 310 27.72 -42.51 4.07
CA VAL B 310 28.17 -43.85 3.77
C VAL B 310 28.85 -44.42 5.01
N VAL B 311 28.27 -45.47 5.58
CA VAL B 311 28.86 -46.04 6.80
C VAL B 311 29.32 -47.47 6.57
N GLY B 312 28.41 -48.33 6.12
CA GLY B 312 28.76 -49.72 5.85
C GLY B 312 28.09 -50.16 4.57
N LYS B 313 27.93 -49.22 3.65
CA LYS B 313 27.14 -49.44 2.45
C LYS B 313 27.93 -50.22 1.40
N LEU B 314 27.28 -50.51 0.27
CA LEU B 314 27.95 -51.26 -0.83
C LEU B 314 28.99 -50.36 -1.49
N GLU B 315 30.09 -50.96 -1.98
CA GLU B 315 31.18 -50.19 -2.64
C GLU B 315 30.57 -49.29 -3.72
N GLY B 316 29.93 -49.89 -4.73
CA GLY B 316 29.29 -49.13 -5.82
C GLY B 316 28.39 -48.03 -5.27
N ASP B 317 27.48 -48.38 -4.36
CA ASP B 317 26.56 -47.40 -3.74
C ASP B 317 27.36 -46.22 -3.19
N LYS B 318 28.40 -46.51 -2.40
CA LYS B 318 29.26 -45.45 -1.82
C LYS B 318 29.74 -44.54 -2.95
N ALA B 319 30.33 -45.14 -4.00
CA ALA B 319 30.83 -44.36 -5.15
C ALA B 319 29.69 -43.53 -5.75
N SER B 320 28.52 -44.15 -5.95
CA SER B 320 27.34 -43.44 -6.51
C SER B 320 27.10 -42.14 -5.74
N THR B 321 26.87 -42.26 -4.42
CA THR B 321 26.64 -41.06 -3.56
C THR B 321 27.79 -40.08 -3.78
N LEU B 322 29.04 -40.55 -3.67
CA LEU B 322 30.23 -39.68 -3.88
C LEU B 322 30.11 -39.00 -5.25
N GLY B 323 29.82 -39.78 -6.30
CA GLY B 323 29.66 -39.23 -7.66
C GLY B 323 28.74 -38.02 -7.68
N PHE B 324 27.56 -38.15 -7.08
CA PHE B 324 26.58 -37.03 -7.03
C PHE B 324 27.04 -35.98 -6.01
N VAL B 325 27.84 -36.42 -5.02
CA VAL B 325 28.34 -35.48 -3.96
C VAL B 325 29.36 -34.54 -4.59
N ASP B 326 30.11 -34.99 -5.59
CA ASP B 326 31.13 -34.15 -6.28
C ASP B 326 30.50 -33.49 -7.50
N LEU B 327 29.21 -33.73 -7.73
CA LEU B 327 28.47 -33.15 -8.89
C LEU B 327 27.69 -31.93 -8.43
N MET B 328 28.24 -31.17 -7.47
CA MET B 328 27.56 -29.95 -6.95
C MET B 328 28.61 -28.93 -6.48
N ARG B 329 29.59 -29.40 -5.70
CA ARG B 329 30.63 -28.49 -5.20
C ARG B 329 31.50 -28.05 -6.37
N GLU B 330 31.85 -29.00 -7.23
CA GLU B 330 32.59 -28.70 -8.45
C GLU B 330 31.70 -28.00 -9.46
N ASP B 331 32.28 -27.15 -10.30
CA ASP B 331 31.52 -26.50 -11.36
C ASP B 331 31.95 -26.95 -12.75
N HIS B 332 32.78 -27.99 -12.85
CA HIS B 332 33.05 -28.62 -14.14
C HIS B 332 33.34 -30.10 -13.94
N ILE B 333 32.39 -30.95 -14.31
CA ILE B 333 32.34 -32.33 -13.84
C ILE B 333 32.35 -33.24 -15.06
N GLU B 334 33.21 -34.25 -15.03
CA GLU B 334 33.27 -35.22 -16.12
C GLU B 334 32.21 -36.30 -15.96
N ALA B 335 32.27 -37.35 -16.78
CA ALA B 335 31.18 -38.32 -16.84
C ALA B 335 31.69 -39.72 -16.48
N ASP B 336 31.21 -40.26 -15.37
CA ASP B 336 31.51 -41.62 -14.95
C ASP B 336 30.22 -42.38 -14.74
N ARG B 337 30.09 -43.50 -15.45
CA ARG B 337 28.92 -44.34 -15.24
C ARG B 337 28.91 -45.01 -13.87
N SER B 338 30.09 -45.41 -13.38
CA SER B 338 30.14 -46.15 -12.13
C SER B 338 29.90 -45.22 -10.95
N ARG B 339 30.17 -43.93 -11.11
CA ARG B 339 29.73 -42.99 -10.10
C ARG B 339 28.33 -42.51 -10.41
N GLY B 340 27.83 -42.82 -11.61
CA GLY B 340 26.45 -42.49 -11.90
C GLY B 340 26.29 -41.15 -12.57
N VAL B 341 27.40 -40.52 -12.94
CA VAL B 341 27.34 -39.27 -13.66
C VAL B 341 27.47 -39.57 -15.14
N PHE B 342 26.36 -39.51 -15.88
CA PHE B 342 26.41 -39.95 -17.27
C PHE B 342 26.86 -38.84 -18.20
N PHE B 343 26.96 -37.62 -17.70
CA PHE B 343 27.16 -36.48 -18.58
C PHE B 343 28.23 -35.55 -18.04
N THR B 344 28.95 -34.92 -18.97
CA THR B 344 29.92 -33.90 -18.63
C THR B 344 29.25 -32.53 -18.56
N GLN B 345 29.05 -32.04 -17.33
CA GLN B 345 28.21 -30.88 -17.13
C GLN B 345 29.01 -29.68 -16.61
N ASP B 346 28.80 -28.53 -17.25
CA ASP B 346 29.33 -27.28 -16.74
C ASP B 346 28.29 -26.60 -15.86
N TRP B 347 28.76 -25.70 -14.99
CA TRP B 347 27.84 -24.93 -14.15
C TRP B 347 28.00 -23.43 -14.29
N ALA B 348 29.06 -22.96 -14.95
CA ALA B 348 29.27 -21.54 -15.30
C ALA B 348 29.24 -20.64 -14.07
N SER B 349 30.07 -21.01 -13.08
CA SER B 349 30.24 -20.30 -11.81
C SER B 349 28.93 -20.22 -11.02
N MET B 350 28.22 -21.32 -10.98
CA MET B 350 27.26 -21.34 -9.89
C MET B 350 27.89 -21.88 -8.62
N PRO B 351 27.88 -21.09 -7.58
CA PRO B 351 28.55 -21.51 -6.34
C PRO B 351 27.75 -22.56 -5.57
N GLY B 352 28.02 -23.83 -5.89
CA GLY B 352 27.18 -24.95 -5.50
C GLY B 352 26.92 -25.17 -4.01
N VAL B 353 26.09 -26.16 -3.72
CA VAL B 353 25.47 -26.29 -2.41
C VAL B 353 26.34 -27.16 -1.50
N LEU B 354 26.42 -26.79 -0.23
CA LEU B 354 27.02 -27.66 0.78
C LEU B 354 26.18 -28.91 0.98
N PRO B 355 26.78 -30.10 0.97
CA PRO B 355 26.06 -31.27 1.45
C PRO B 355 26.15 -31.36 2.97
N VAL B 356 25.27 -32.16 3.54
CA VAL B 356 25.28 -32.47 4.96
C VAL B 356 24.70 -33.87 5.15
N ALA B 357 25.40 -34.70 5.92
CA ALA B 357 25.02 -36.09 6.12
C ALA B 357 24.36 -36.24 7.48
N SER B 358 23.29 -37.03 7.53
CA SER B 358 22.59 -37.28 8.78
C SER B 358 22.12 -38.73 8.79
N GLY B 359 22.81 -39.56 9.54
CA GLY B 359 22.41 -40.94 9.76
C GLY B 359 22.66 -41.31 11.19
N GLY B 360 22.61 -42.59 11.50
CA GLY B 360 22.87 -43.02 12.85
C GLY B 360 24.36 -43.09 13.12
N ILE B 361 24.99 -41.94 13.30
CA ILE B 361 26.44 -41.85 13.39
C ILE B 361 26.83 -41.27 14.74
N HIS B 362 27.79 -41.92 15.39
CA HIS B 362 28.30 -41.48 16.71
C HIS B 362 29.79 -41.13 16.60
N VAL B 363 30.31 -40.31 17.51
CA VAL B 363 31.76 -39.92 17.48
C VAL B 363 32.61 -41.19 17.43
N TRP B 364 32.97 -41.63 16.23
CA TRP B 364 33.80 -42.86 16.03
C TRP B 364 34.31 -42.88 14.58
N HIS B 365 33.42 -42.53 13.64
CA HIS B 365 33.79 -42.50 12.20
C HIS B 365 34.08 -41.05 11.79
N MET B 366 34.28 -40.17 12.79
CA MET B 366 34.58 -38.73 12.55
C MET B 366 35.73 -38.62 11.54
N PRO B 367 36.88 -39.29 11.77
CA PRO B 367 38.01 -39.23 10.83
C PRO B 367 37.54 -39.61 9.42
N ALA B 368 36.87 -40.76 9.30
CA ALA B 368 36.35 -41.23 7.98
C ALA B 368 35.51 -40.11 7.35
N LEU B 369 34.56 -39.56 8.11
CA LEU B 369 33.68 -38.47 7.64
C LEU B 369 34.55 -37.32 7.09
N VAL B 370 35.54 -36.90 7.88
CA VAL B 370 36.46 -35.79 7.48
C VAL B 370 37.33 -36.25 6.30
N GLU B 371 37.68 -37.54 6.25
CA GLU B 371 38.51 -38.10 5.15
C GLU B 371 37.64 -38.31 3.91
N ILE B 372 36.32 -38.39 4.08
CA ILE B 372 35.39 -38.62 2.94
C ILE B 372 34.78 -37.28 2.50
N PHE B 373 34.08 -36.59 3.42
CA PHE B 373 33.44 -35.29 3.09
C PHE B 373 34.48 -34.17 3.06
N GLY B 374 35.76 -34.53 3.15
CA GLY B 374 36.84 -33.57 3.10
C GLY B 374 36.68 -32.46 4.11
N ASP B 375 36.36 -31.26 3.63
CA ASP B 375 36.23 -30.11 4.51
C ASP B 375 34.92 -29.38 4.26
N ASP B 376 34.41 -29.44 3.03
CA ASP B 376 33.26 -28.65 2.63
C ASP B 376 31.97 -29.42 2.86
N SER B 377 31.54 -29.47 4.11
CA SER B 377 30.29 -30.14 4.49
C SER B 377 29.86 -29.75 5.89
N VAL B 378 28.68 -30.21 6.28
CA VAL B 378 28.17 -30.07 7.64
C VAL B 378 27.89 -31.47 8.13
N LEU B 379 28.12 -31.75 9.41
CA LEU B 379 27.93 -33.08 9.94
C LEU B 379 26.88 -33.05 11.05
N GLN B 380 26.00 -34.04 11.05
CA GLN B 380 24.88 -34.10 11.99
C GLN B 380 25.08 -35.20 13.02
N PHE B 381 24.29 -35.11 14.09
CA PHE B 381 24.28 -36.10 15.15
C PHE B 381 22.87 -36.16 15.74
N GLY B 382 22.66 -37.15 16.61
CA GLY B 382 21.45 -37.23 17.40
C GLY B 382 20.32 -38.04 16.80
N GLY B 383 20.59 -38.85 15.78
CA GLY B 383 19.53 -39.59 15.13
C GLY B 383 18.92 -40.71 15.93
N GLY B 384 19.66 -41.79 16.13
CA GLY B 384 19.17 -42.96 16.84
C GLY B 384 19.44 -42.90 18.33
N THR B 385 19.77 -44.06 18.89
CA THR B 385 20.05 -44.17 20.32
C THR B 385 21.48 -43.71 20.57
N LEU B 386 21.64 -42.39 20.74
CA LEU B 386 22.98 -41.79 20.95
C LEU B 386 22.89 -40.75 22.08
N GLY B 387 21.75 -40.70 22.77
CA GLY B 387 21.56 -39.74 23.88
C GLY B 387 22.72 -39.79 24.85
N HIS B 388 23.65 -38.84 24.74
CA HIS B 388 24.83 -38.79 25.64
C HIS B 388 24.38 -38.90 27.10
N PRO B 389 24.68 -40.00 27.81
CA PRO B 389 24.26 -40.17 29.20
C PRO B 389 24.69 -38.99 30.08
N TRP B 390 25.94 -38.54 29.93
CA TRP B 390 26.46 -37.40 30.73
C TRP B 390 25.54 -36.18 30.57
N GLY B 391 25.45 -35.64 29.35
CA GLY B 391 24.60 -34.46 29.09
C GLY B 391 24.72 -34.01 27.64
N ASN B 392 23.65 -33.43 27.09
CA ASN B 392 23.66 -32.97 25.71
C ASN B 392 24.76 -31.95 25.47
N ALA B 393 24.92 -30.99 26.37
CA ALA B 393 26.04 -30.05 26.25
C ALA B 393 27.42 -30.69 26.48
N PRO B 394 27.60 -31.64 27.42
CA PRO B 394 28.86 -32.43 27.37
C PRO B 394 29.04 -33.21 26.09
N GLY B 395 27.95 -33.71 25.49
CA GLY B 395 28.03 -34.39 24.21
C GLY B 395 28.48 -33.48 23.10
N ALA B 396 27.95 -32.26 23.10
CA ALA B 396 28.32 -31.27 22.11
C ALA B 396 29.78 -30.87 22.27
N THR B 397 30.23 -30.76 23.52
CA THR B 397 31.62 -30.41 23.78
C THR B 397 32.55 -31.53 23.32
N ALA B 398 32.15 -32.78 23.57
CA ALA B 398 32.93 -33.93 23.13
C ALA B 398 32.99 -34.00 21.61
N ASN B 399 31.88 -33.66 20.96
CA ASN B 399 31.80 -33.58 19.50
C ASN B 399 32.76 -32.53 18.96
N ARG B 400 32.80 -31.36 19.59
CA ARG B 400 33.65 -30.27 19.12
C ARG B 400 35.12 -30.65 19.26
N VAL B 401 35.45 -31.26 20.39
CA VAL B 401 36.82 -31.74 20.63
C VAL B 401 37.19 -32.80 19.60
N ALA B 402 36.25 -33.69 19.29
CA ALA B 402 36.46 -34.78 18.35
C ALA B 402 36.72 -34.26 16.95
N LEU B 403 35.93 -33.30 16.49
CA LEU B 403 36.13 -32.77 15.14
C LEU B 403 37.39 -31.93 15.04
N GLU B 404 37.73 -31.19 16.10
CA GLU B 404 38.95 -30.39 16.08
C GLU B 404 40.17 -31.30 16.01
N ALA B 405 40.17 -32.37 16.80
CA ALA B 405 41.28 -33.31 16.79
C ALA B 405 41.35 -34.06 15.48
N CYS B 406 40.19 -34.39 14.89
CA CYS B 406 40.18 -35.10 13.61
C CYS B 406 40.69 -34.23 12.47
N VAL B 407 40.31 -32.95 12.43
CA VAL B 407 40.76 -32.05 11.36
C VAL B 407 42.26 -31.82 11.50
N GLN B 408 42.73 -31.65 12.75
CA GLN B 408 44.15 -31.43 12.95
C GLN B 408 44.96 -32.68 12.66
N ALA B 409 44.40 -33.88 12.90
CA ALA B 409 45.15 -35.10 12.65
C ALA B 409 45.10 -35.49 11.19
N ARG B 410 44.08 -35.01 10.46
CA ARG B 410 44.12 -35.13 9.01
C ARG B 410 45.17 -34.18 8.45
N ASN B 411 45.34 -33.03 9.11
CA ASN B 411 46.40 -32.11 8.72
C ASN B 411 47.78 -32.67 9.06
N GLU B 412 47.83 -33.54 10.07
CA GLU B 412 49.06 -34.27 10.42
C GLU B 412 49.52 -35.21 9.31
N GLY B 413 48.60 -35.63 8.44
CA GLY B 413 49.01 -36.47 7.34
C GLY B 413 48.99 -37.94 7.65
N ARG B 414 48.68 -38.29 8.90
CA ARG B 414 48.43 -39.67 9.30
C ARG B 414 47.20 -40.11 8.51
N ASP B 415 47.26 -41.26 7.84
CA ASP B 415 46.18 -41.67 6.96
C ASP B 415 44.97 -42.07 7.78
N LEU B 416 44.09 -41.09 8.00
CA LEU B 416 43.17 -41.08 9.13
C LEU B 416 42.06 -42.11 9.02
N TYR B 417 41.87 -42.66 7.82
CA TYR B 417 40.82 -43.69 7.58
C TYR B 417 41.29 -45.03 8.18
N ARG B 418 42.44 -45.02 8.87
CA ARG B 418 42.99 -46.25 9.48
C ARG B 418 43.40 -45.97 10.94
N GLU B 419 43.96 -44.78 11.20
CA GLU B 419 44.41 -44.41 12.57
C GLU B 419 43.31 -43.61 13.28
N GLY B 420 42.11 -43.58 12.71
CA GLY B 420 40.97 -42.83 13.29
C GLY B 420 40.80 -43.13 14.78
N GLY B 421 40.49 -44.39 15.10
CA GLY B 421 40.29 -44.83 16.50
C GLY B 421 41.38 -44.32 17.42
N ASP B 422 42.64 -44.65 17.12
CA ASP B 422 43.79 -44.22 17.96
C ASP B 422 43.74 -42.69 18.14
N ILE B 423 43.57 -41.96 17.04
CA ILE B 423 43.52 -40.46 17.08
C ILE B 423 42.49 -40.03 18.14
N LEU B 424 41.23 -40.44 17.97
CA LEU B 424 40.15 -40.08 18.91
C LEU B 424 40.48 -40.61 20.32
N ARG B 425 41.01 -41.85 20.39
CA ARG B 425 41.37 -42.46 21.70
C ARG B 425 42.28 -41.50 22.47
N GLU B 426 43.34 -40.99 21.81
CA GLU B 426 44.29 -40.05 22.46
C GLU B 426 43.69 -38.65 22.50
N ALA B 427 42.75 -38.36 21.60
CA ALA B 427 42.12 -37.02 21.54
C ALA B 427 41.44 -36.71 22.87
N GLY B 428 40.74 -37.70 23.44
CA GLY B 428 40.03 -37.50 24.72
C GLY B 428 40.87 -37.94 25.91
N LYS B 429 42.16 -37.57 25.92
CA LYS B 429 43.07 -37.94 27.03
C LYS B 429 42.93 -36.91 28.16
N TRP B 430 42.29 -35.76 27.86
CA TRP B 430 42.10 -34.70 28.87
C TRP B 430 40.60 -34.37 28.99
N SER B 431 39.82 -34.71 27.96
CA SER B 431 38.38 -34.43 27.96
C SER B 431 37.62 -35.66 28.46
N PRO B 432 36.96 -35.57 29.62
CA PRO B 432 36.23 -36.75 30.12
C PRO B 432 34.99 -37.06 29.34
N GLU B 433 34.41 -36.05 28.69
CA GLU B 433 33.22 -36.25 27.88
C GLU B 433 33.55 -37.10 26.66
N LEU B 434 34.69 -36.81 26.04
CA LEU B 434 35.14 -37.61 24.92
C LEU B 434 35.56 -38.99 25.37
N ALA B 435 36.02 -39.11 26.62
CA ALA B 435 36.32 -40.43 27.18
C ALA B 435 35.05 -41.25 27.35
N ALA B 436 33.96 -40.60 27.74
CA ALA B 436 32.67 -41.27 27.80
C ALA B 436 32.19 -41.67 26.41
N ALA B 437 32.49 -40.82 25.43
CA ALA B 437 32.20 -41.12 24.03
C ALA B 437 33.00 -42.32 23.55
N LEU B 438 34.23 -42.46 24.05
CA LEU B 438 35.05 -43.62 23.76
C LEU B 438 34.41 -44.85 24.40
N ASP B 439 33.88 -44.66 25.61
CA ASP B 439 33.28 -45.75 26.37
C ASP B 439 32.00 -46.27 25.75
N LEU B 440 31.22 -45.41 25.10
CA LEU B 440 29.86 -45.81 24.76
C LEU B 440 29.79 -46.59 23.44
N TRP B 441 30.78 -46.46 22.57
CA TRP B 441 30.79 -47.22 21.32
C TRP B 441 32.21 -47.65 20.99
N LYS B 442 32.39 -48.04 19.71
CA LYS B 442 33.61 -48.68 19.24
C LYS B 442 33.67 -48.61 17.71
N GLU B 443 34.82 -48.96 17.14
CA GLU B 443 35.11 -48.71 15.73
C GLU B 443 35.68 -49.91 14.98
N ILE B 444 35.51 -51.14 15.49
CA ILE B 444 36.28 -52.26 14.94
C ILE B 444 35.46 -52.98 13.87
N LYS B 445 34.57 -52.24 13.20
CA LYS B 445 33.95 -52.63 11.93
C LYS B 445 34.96 -53.19 10.95
N PHE B 446 36.01 -52.43 10.65
CA PHE B 446 37.06 -52.85 9.71
C PHE B 446 38.28 -51.97 9.94
N GLU B 447 39.39 -52.29 9.29
CA GLU B 447 40.52 -51.37 9.16
C GLU B 447 40.07 -50.11 8.42
N LEU C 1 -45.80 -30.62 13.46
CA LEU C 1 -45.13 -30.52 14.74
C LEU C 1 -45.07 -31.86 15.46
N THR C 2 -44.22 -32.76 14.97
CA THR C 2 -43.94 -34.03 15.65
C THR C 2 -42.42 -34.14 15.75
N TYR C 3 -41.86 -33.61 16.84
CA TYR C 3 -40.43 -33.70 17.11
C TYR C 3 -40.19 -33.94 18.58
N TYR C 4 -41.20 -34.48 19.28
CA TYR C 4 -41.40 -34.35 20.74
C TYR C 4 -40.23 -35.02 21.46
N THR C 5 -40.12 -36.34 21.44
CA THR C 5 -38.99 -37.09 21.99
C THR C 5 -38.73 -38.32 21.13
N PRO C 6 -38.32 -38.17 19.85
CA PRO C 6 -38.16 -39.42 19.09
C PRO C 6 -36.77 -40.08 19.25
N ASP C 7 -36.23 -39.93 20.45
CA ASP C 7 -34.90 -40.51 20.80
C ASP C 7 -33.80 -39.77 20.05
N TYR C 8 -33.51 -40.20 18.80
CA TYR C 8 -32.49 -39.64 17.86
C TYR C 8 -31.04 -39.95 18.27
N THR C 9 -30.62 -39.53 19.48
CA THR C 9 -29.27 -39.69 20.08
C THR C 9 -28.28 -38.70 19.45
N PRO C 10 -27.72 -37.75 20.23
CA PRO C 10 -26.77 -36.75 19.72
C PRO C 10 -25.65 -37.40 18.89
N LYS C 11 -25.70 -37.23 17.57
CA LYS C 11 -24.69 -37.82 16.66
C LYS C 11 -23.35 -37.10 16.83
N ASP C 12 -22.38 -37.76 17.47
CA ASP C 12 -21.06 -37.22 17.69
C ASP C 12 -20.97 -35.70 17.51
N THR C 13 -21.55 -35.16 16.44
CA THR C 13 -21.33 -33.74 16.20
C THR C 13 -22.45 -32.88 16.80
N ASP C 14 -23.63 -32.91 16.18
CA ASP C 14 -24.93 -32.86 16.82
C ASP C 14 -25.32 -31.57 17.57
N LEU C 15 -24.34 -30.71 17.91
CA LEU C 15 -24.47 -29.47 18.69
C LEU C 15 -25.49 -29.52 19.82
N LEU C 16 -25.33 -30.46 20.74
CA LEU C 16 -26.37 -30.77 21.70
C LEU C 16 -26.52 -29.68 22.77
N ALA C 17 -27.35 -28.67 22.52
CA ALA C 17 -27.56 -27.60 23.48
C ALA C 17 -28.76 -27.87 24.37
N ALA C 18 -28.82 -27.24 25.54
CA ALA C 18 -29.94 -27.48 26.45
C ALA C 18 -30.67 -26.19 26.78
N PHE C 19 -31.80 -26.30 27.50
CA PHE C 19 -32.63 -25.14 27.83
C PHE C 19 -33.37 -25.32 29.14
N ARG C 20 -33.40 -24.28 29.97
CA ARG C 20 -34.27 -24.22 31.14
C ARG C 20 -35.57 -23.59 30.68
N PHE C 21 -36.66 -24.35 30.76
CA PHE C 21 -37.86 -24.09 30.00
C PHE C 21 -39.04 -23.92 30.94
N SER C 22 -39.85 -22.89 30.71
CA SER C 22 -41.03 -22.65 31.53
C SER C 22 -42.18 -22.15 30.67
N PRO C 23 -43.22 -22.96 30.47
CA PRO C 23 -44.35 -22.54 29.65
C PRO C 23 -45.26 -21.58 30.40
N GLN C 24 -46.15 -20.99 29.63
CA GLN C 24 -47.35 -20.32 30.15
C GLN C 24 -48.38 -21.43 30.26
N PRO C 25 -49.27 -21.42 31.26
CA PRO C 25 -50.29 -22.48 31.38
C PRO C 25 -51.28 -22.50 30.22
N GLY C 26 -51.82 -23.69 29.96
CA GLY C 26 -52.64 -23.90 28.78
C GLY C 26 -51.79 -24.35 27.62
N VAL C 27 -50.57 -24.79 27.91
CA VAL C 27 -49.65 -25.26 26.88
C VAL C 27 -49.19 -26.67 27.24
N PRO C 28 -49.41 -27.66 26.37
CA PRO C 28 -48.79 -28.98 26.61
C PRO C 28 -47.29 -28.92 26.37
N ALA C 29 -46.56 -29.65 27.19
CA ALA C 29 -45.10 -29.53 27.29
C ALA C 29 -44.31 -29.95 26.04
N PRO C 30 -44.49 -31.14 25.43
CA PRO C 30 -43.57 -31.48 24.33
C PRO C 30 -43.88 -30.75 23.03
N GLU C 31 -45.11 -30.25 22.87
CA GLU C 31 -45.41 -29.41 21.71
C GLU C 31 -44.62 -28.12 21.75
N ALA C 32 -44.40 -27.60 22.95
CA ALA C 32 -43.59 -26.40 23.09
C ALA C 32 -42.11 -26.73 22.90
N GLY C 33 -41.71 -27.95 23.26
CA GLY C 33 -40.35 -28.39 22.94
C GLY C 33 -40.10 -28.49 21.45
N ALA C 34 -41.04 -29.06 20.71
CA ALA C 34 -40.92 -29.10 19.26
C ALA C 34 -41.10 -27.70 18.65
N ALA C 35 -41.78 -26.81 19.38
CA ALA C 35 -41.83 -25.43 18.95
C ALA C 35 -40.46 -24.76 19.04
N ILE C 36 -39.71 -25.08 20.10
CA ILE C 36 -38.32 -24.62 20.20
C ILE C 36 -37.50 -25.20 19.06
N ALA C 37 -37.73 -26.47 18.77
CA ALA C 37 -36.97 -27.16 17.72
C ALA C 37 -37.28 -26.61 16.34
N ALA C 38 -38.52 -26.17 16.13
CA ALA C 38 -38.89 -25.61 14.84
C ALA C 38 -38.42 -24.16 14.73
N GLU C 39 -38.54 -23.40 15.81
CA GLU C 39 -38.10 -22.01 15.81
C GLU C 39 -36.58 -21.89 15.70
N SER C 40 -35.85 -22.92 16.10
CA SER C 40 -34.40 -22.90 15.93
C SER C 40 -33.99 -22.96 14.47
N SER C 41 -34.78 -23.63 13.63
CA SER C 41 -34.46 -23.74 12.20
C SER C 41 -35.70 -24.11 11.41
N THR C 42 -35.94 -23.39 10.31
CA THR C 42 -37.03 -23.61 9.35
C THR C 42 -38.39 -23.62 10.03
N GLY C 43 -38.84 -22.42 10.49
CA GLY C 43 -39.91 -22.28 11.45
C GLY C 43 -41.25 -22.92 11.09
N THR C 44 -41.70 -23.76 12.02
CA THR C 44 -43.05 -24.35 12.13
C THR C 44 -43.54 -25.06 10.88
N TRP C 45 -42.60 -25.64 10.12
CA TRP C 45 -42.85 -26.29 8.83
C TRP C 45 -43.56 -25.33 7.89
N THR C 46 -42.85 -24.28 7.48
CA THR C 46 -43.44 -23.27 6.62
C THR C 46 -43.80 -23.85 5.26
N THR C 47 -45.08 -23.76 4.90
CA THR C 47 -45.59 -24.39 3.69
C THR C 47 -45.10 -23.67 2.44
N VAL C 48 -44.49 -24.42 1.53
CA VAL C 48 -43.97 -23.89 0.28
C VAL C 48 -44.69 -24.68 -0.82
N TRP C 49 -44.44 -24.35 -2.09
CA TRP C 49 -45.05 -25.09 -3.19
C TRP C 49 -44.30 -26.36 -3.54
N THR C 50 -43.13 -26.60 -2.93
CA THR C 50 -42.27 -27.72 -3.27
C THR C 50 -42.31 -28.80 -2.17
N ASP C 51 -43.06 -28.55 -1.09
CA ASP C 51 -43.20 -29.51 -0.01
C ASP C 51 -43.88 -30.81 -0.43
N LEU C 52 -44.74 -30.75 -1.45
CA LEU C 52 -45.26 -31.94 -2.09
C LEU C 52 -44.24 -32.64 -2.97
N LEU C 53 -43.25 -31.91 -3.49
CA LEU C 53 -42.24 -32.49 -4.37
C LEU C 53 -41.05 -33.01 -3.57
N THR C 54 -40.41 -32.13 -2.82
CA THR C 54 -39.18 -32.47 -2.09
C THR C 54 -39.40 -32.37 -0.59
N ASP C 55 -38.87 -33.35 0.14
CA ASP C 55 -39.00 -33.37 1.63
C ASP C 55 -37.61 -33.19 2.26
N MET C 56 -37.05 -31.99 2.17
CA MET C 56 -35.72 -31.70 2.74
C MET C 56 -35.77 -31.83 4.26
N ASP C 57 -34.76 -32.47 4.86
CA ASP C 57 -34.73 -32.65 6.34
C ASP C 57 -33.31 -33.02 6.77
N ARG C 58 -32.30 -32.60 5.99
CA ARG C 58 -30.88 -32.89 6.32
C ARG C 58 -30.44 -31.95 7.45
N TYR C 59 -31.06 -30.77 7.55
CA TYR C 59 -30.73 -29.77 8.60
C TYR C 59 -32.02 -29.34 9.29
N ASP C 60 -32.30 -29.91 10.47
CA ASP C 60 -33.53 -29.57 11.23
C ASP C 60 -33.29 -29.80 12.72
N GLY C 61 -33.04 -28.73 13.48
CA GLY C 61 -32.81 -28.85 14.93
C GLY C 61 -33.93 -29.64 15.60
N LYS C 62 -33.74 -30.96 15.72
CA LYS C 62 -34.77 -31.84 16.33
C LYS C 62 -34.52 -31.98 17.84
N CYS C 63 -35.49 -31.59 18.67
CA CYS C 63 -35.33 -31.75 20.14
C CYS C 63 -35.14 -33.25 20.46
N TYR C 64 -34.80 -33.60 21.70
CA TYR C 64 -34.60 -35.03 22.04
C TYR C 64 -34.74 -35.26 23.55
N HIS C 65 -35.43 -34.37 24.26
CA HIS C 65 -35.63 -34.55 25.73
C HIS C 65 -36.82 -33.71 26.22
N ILE C 66 -37.36 -34.07 27.37
CA ILE C 66 -38.52 -33.37 27.99
C ILE C 66 -38.66 -33.87 29.43
N GLU C 67 -37.78 -33.42 30.32
CA GLU C 67 -37.79 -33.84 31.75
C GLU C 67 -38.16 -32.65 32.63
N PRO C 68 -38.97 -32.83 33.70
CA PRO C 68 -39.37 -31.72 34.57
C PRO C 68 -38.27 -31.36 35.57
N VAL C 69 -37.86 -30.08 35.57
CA VAL C 69 -36.79 -29.56 36.49
C VAL C 69 -37.07 -30.00 37.92
N GLN C 70 -36.07 -30.58 38.58
CA GLN C 70 -36.22 -31.06 39.99
C GLN C 70 -36.20 -29.85 40.93
N GLY C 71 -37.07 -29.84 41.94
CA GLY C 71 -37.14 -28.73 42.90
C GLY C 71 -37.59 -27.43 42.25
N GLU C 72 -38.77 -27.45 41.63
CA GLU C 72 -39.33 -26.24 40.95
C GLU C 72 -40.82 -26.46 40.68
N GLU C 73 -41.48 -25.48 40.06
CA GLU C 73 -42.93 -25.59 39.74
C GLU C 73 -43.19 -25.10 38.31
N ASN C 74 -43.43 -26.04 37.39
CA ASN C 74 -43.71 -25.69 35.99
C ASN C 74 -42.43 -25.30 35.24
N SER C 75 -41.50 -26.23 35.19
CA SER C 75 -40.23 -26.01 34.50
C SER C 75 -39.59 -27.34 34.17
N TYR C 76 -38.96 -27.41 33.00
CA TYR C 76 -38.22 -28.62 32.65
C TYR C 76 -37.05 -28.31 31.73
N PHE C 77 -36.18 -29.31 31.58
CA PHE C 77 -34.97 -29.19 30.77
C PHE C 77 -35.18 -29.88 29.43
N ALA C 78 -35.11 -29.11 28.35
CA ALA C 78 -35.24 -29.65 27.00
C ALA C 78 -33.87 -29.71 26.35
N PHE C 79 -33.57 -30.86 25.75
CA PHE C 79 -32.31 -31.08 25.04
C PHE C 79 -32.47 -30.96 23.53
N ILE C 80 -31.93 -29.89 22.95
CA ILE C 80 -32.08 -29.63 21.53
C ILE C 80 -30.92 -30.28 20.77
N ALA C 81 -31.05 -30.43 19.46
CA ALA C 81 -30.01 -30.99 18.63
C ALA C 81 -30.04 -30.37 17.24
N ASP C 82 -28.91 -29.84 16.81
CA ASP C 82 -28.74 -29.20 15.52
C ASP C 82 -27.53 -29.79 14.81
N PRO C 83 -27.72 -30.42 13.63
CA PRO C 83 -26.76 -31.44 13.17
C PRO C 83 -25.34 -30.99 12.87
N LEU C 84 -25.06 -30.31 11.77
CA LEU C 84 -23.78 -29.62 11.65
C LEU C 84 -23.89 -28.30 10.88
N ASP C 85 -24.65 -28.32 9.80
CA ASP C 85 -24.40 -27.40 8.70
C ASP C 85 -25.07 -26.05 8.89
N LEU C 86 -25.52 -25.77 10.10
CA LEU C 86 -26.19 -24.50 10.33
C LEU C 86 -25.22 -23.44 10.82
N PHE C 87 -23.91 -23.70 10.74
CA PHE C 87 -22.93 -22.86 11.42
C PHE C 87 -21.73 -22.61 10.54
N GLU C 88 -21.21 -21.40 10.61
CA GLU C 88 -20.04 -21.01 9.83
C GLU C 88 -18.77 -21.32 10.62
N GLU C 89 -17.71 -21.71 9.92
CA GLU C 89 -16.41 -21.77 10.56
C GLU C 89 -15.93 -20.37 10.87
N GLY C 90 -15.27 -20.22 12.02
CA GLY C 90 -14.72 -18.94 12.41
C GLY C 90 -15.61 -18.07 13.28
N SER C 91 -16.90 -18.30 13.30
CA SER C 91 -17.84 -17.35 13.92
C SER C 91 -18.40 -17.92 15.21
N VAL C 92 -18.42 -17.08 16.25
CA VAL C 92 -19.27 -17.32 17.40
C VAL C 92 -20.57 -16.55 17.22
N THR C 93 -20.52 -15.48 16.41
CA THR C 93 -21.67 -14.66 16.12
C THR C 93 -22.74 -15.46 15.38
N ASN C 94 -22.31 -16.30 14.45
CA ASN C 94 -23.25 -17.15 13.73
C ASN C 94 -23.83 -18.21 14.65
N ILE C 95 -23.05 -18.68 15.62
CA ILE C 95 -23.52 -19.65 16.61
C ILE C 95 -24.67 -19.05 17.41
N LEU C 96 -24.45 -17.85 17.94
CA LEU C 96 -25.49 -17.22 18.74
C LEU C 96 -26.68 -16.80 17.89
N THR C 97 -26.42 -16.43 16.63
CA THR C 97 -27.49 -15.98 15.77
C THR C 97 -28.39 -17.14 15.39
N SER C 98 -27.81 -18.31 15.17
CA SER C 98 -28.61 -19.47 14.79
C SER C 98 -29.36 -20.03 15.97
N ILE C 99 -28.72 -20.13 17.12
CA ILE C 99 -29.33 -20.79 18.26
C ILE C 99 -30.36 -19.89 18.91
N VAL C 100 -29.93 -18.76 19.45
CA VAL C 100 -30.88 -17.86 20.11
C VAL C 100 -30.83 -16.52 19.41
N GLY C 101 -31.67 -16.34 18.42
CA GLY C 101 -31.83 -15.02 17.86
C GLY C 101 -33.27 -14.56 17.91
N ASN C 102 -34.20 -15.52 17.84
CA ASN C 102 -35.60 -15.19 17.87
C ASN C 102 -36.40 -16.17 18.71
N VAL C 103 -35.74 -17.23 19.20
CA VAL C 103 -36.39 -18.34 19.88
C VAL C 103 -37.00 -17.86 21.18
N PHE C 104 -36.29 -16.98 21.89
CA PHE C 104 -36.81 -16.43 23.12
C PHE C 104 -38.00 -15.52 22.82
N GLY C 105 -38.90 -15.43 23.80
CA GLY C 105 -40.03 -14.51 23.76
C GLY C 105 -40.98 -14.70 22.60
N PHE C 106 -41.32 -15.94 22.29
CA PHE C 106 -42.18 -16.22 21.14
C PHE C 106 -43.64 -16.35 21.56
N LYS C 107 -43.95 -15.80 22.74
CA LYS C 107 -45.30 -15.43 23.17
C LYS C 107 -46.19 -16.66 23.37
N ALA C 108 -45.55 -17.79 23.66
CA ALA C 108 -46.31 -18.98 24.00
C ALA C 108 -45.92 -19.43 25.40
N ILE C 109 -44.64 -19.39 25.70
CA ILE C 109 -44.12 -19.81 26.99
C ILE C 109 -43.95 -18.60 27.90
N ARG C 110 -43.77 -18.86 29.20
CA ARG C 110 -43.50 -17.77 30.13
C ARG C 110 -42.04 -17.34 30.04
N SER C 111 -41.12 -18.29 30.14
CA SER C 111 -39.70 -17.92 30.18
C SER C 111 -38.78 -19.03 29.71
N LEU C 112 -37.57 -18.65 29.32
CA LEU C 112 -36.63 -19.58 28.72
C LEU C 112 -35.21 -19.08 28.96
N ARG C 113 -34.33 -20.00 29.30
CA ARG C 113 -32.96 -19.68 29.68
C ARG C 113 -32.01 -20.68 29.04
N LEU C 114 -31.18 -20.21 28.10
CA LEU C 114 -30.17 -21.03 27.45
C LEU C 114 -29.13 -21.40 28.50
N GLU C 115 -29.12 -22.67 28.89
CA GLU C 115 -28.38 -23.06 30.07
C GLU C 115 -27.03 -23.63 29.68
N ASP C 116 -26.99 -24.46 28.64
CA ASP C 116 -25.68 -25.05 28.25
C ASP C 116 -25.75 -25.61 26.82
N ILE C 117 -24.59 -25.61 26.14
CA ILE C 117 -24.47 -26.13 24.74
C ILE C 117 -23.07 -26.74 24.58
N ARG C 118 -23.01 -28.00 24.16
CA ARG C 118 -21.71 -28.70 23.96
C ARG C 118 -21.28 -28.57 22.49
N PHE C 119 -20.00 -28.29 22.25
CA PHE C 119 -19.48 -28.14 20.87
C PHE C 119 -18.89 -29.48 20.40
N PRO C 120 -18.93 -29.80 19.09
CA PRO C 120 -18.38 -31.07 18.60
C PRO C 120 -16.86 -30.94 18.44
N VAL C 121 -16.19 -32.07 18.16
CA VAL C 121 -14.70 -32.08 17.98
C VAL C 121 -14.37 -31.74 16.52
N ALA C 122 -15.39 -31.72 15.65
CA ALA C 122 -15.19 -31.41 14.22
C ALA C 122 -15.55 -29.94 13.96
N LEU C 123 -15.59 -29.13 15.02
CA LEU C 123 -15.93 -27.68 14.89
C LEU C 123 -15.16 -26.90 15.95
N VAL C 124 -14.78 -27.57 17.05
CA VAL C 124 -14.03 -26.91 18.16
C VAL C 124 -12.59 -26.68 17.71
N LYS C 125 -12.09 -27.53 16.81
CA LYS C 125 -10.70 -27.41 16.28
C LYS C 125 -10.71 -26.53 15.03
N THR C 126 -11.91 -26.10 14.59
CA THR C 126 -12.03 -25.26 13.38
C THR C 126 -11.89 -23.79 13.77
N PHE C 127 -12.01 -23.48 15.07
CA PHE C 127 -11.88 -22.08 15.55
C PHE C 127 -10.40 -21.71 15.71
N GLN C 128 -10.13 -20.44 15.96
CA GLN C 128 -8.73 -19.95 16.11
C GLN C 128 -8.17 -20.31 17.48
N GLY C 129 -9.03 -20.41 18.51
CA GLY C 129 -8.52 -20.71 19.82
C GLY C 129 -7.99 -19.47 20.49
N PRO C 130 -7.45 -19.62 21.68
CA PRO C 130 -6.85 -18.48 22.36
C PRO C 130 -5.54 -18.10 21.69
N PRO C 131 -5.10 -16.86 21.85
CA PRO C 131 -3.80 -16.47 21.28
C PRO C 131 -2.63 -17.18 21.93
N HIS C 132 -2.72 -17.44 23.22
CA HIS C 132 -1.65 -18.16 23.90
C HIS C 132 -2.27 -19.08 24.94
N GLY C 133 -1.60 -20.18 25.22
CA GLY C 133 -2.07 -21.08 26.24
C GLY C 133 -1.70 -20.59 27.62
N ILE C 134 -2.25 -21.27 28.62
CA ILE C 134 -1.84 -21.12 30.01
C ILE C 134 -0.36 -21.45 30.11
N GLN C 135 0.03 -22.55 29.47
CA GLN C 135 1.42 -22.92 29.31
C GLN C 135 2.22 -21.79 28.69
N VAL C 136 1.79 -21.32 27.52
CA VAL C 136 2.53 -20.32 26.75
C VAL C 136 2.57 -18.98 27.47
N GLU C 137 1.50 -18.64 28.19
CA GLU C 137 1.50 -17.40 28.96
C GLU C 137 2.48 -17.47 30.12
N ARG C 138 2.54 -18.61 30.80
CA ARG C 138 3.57 -18.79 31.82
C ARG C 138 4.97 -18.78 31.20
N ASP C 139 5.08 -19.27 29.96
CA ASP C 139 6.37 -19.27 29.27
C ASP C 139 6.82 -17.84 28.99
N LEU C 140 5.87 -16.97 28.62
CA LEU C 140 6.23 -15.59 28.32
C LEU C 140 6.38 -14.77 29.60
N LEU C 141 5.89 -15.28 30.73
CA LEU C 141 5.94 -14.45 31.92
C LEU C 141 6.83 -14.99 33.04
N ASN C 142 7.29 -16.24 32.94
CA ASN C 142 8.17 -16.89 33.92
C ASN C 142 7.57 -16.89 35.32
N LYS C 143 6.30 -17.27 35.41
CA LYS C 143 5.58 -17.32 36.68
C LYS C 143 5.07 -18.75 36.82
N TYR C 144 5.77 -19.55 37.62
CA TYR C 144 5.39 -20.98 37.81
C TYR C 144 5.07 -21.25 39.29
N GLY C 145 5.80 -20.60 40.20
CA GLY C 145 5.62 -20.79 41.65
C GLY C 145 4.16 -20.71 42.06
N ARG C 146 3.53 -19.55 41.89
CA ARG C 146 2.10 -19.37 42.28
C ARG C 146 1.40 -18.45 41.28
N PRO C 147 0.09 -18.18 41.44
CA PRO C 147 -0.64 -17.31 40.51
C PRO C 147 -0.13 -15.86 40.62
N MET C 148 -0.19 -15.12 39.52
CA MET C 148 0.27 -13.70 39.48
C MET C 148 -0.71 -12.83 40.28
N LEU C 149 -0.21 -11.74 40.88
CA LEU C 149 -1.07 -10.83 41.68
C LEU C 149 -1.40 -9.57 40.85
N GLY C 150 -2.49 -8.89 41.20
CA GLY C 150 -2.91 -7.67 40.47
C GLY C 150 -3.93 -6.84 41.25
N CYS C 151 -3.91 -5.52 41.02
CA CYS C 151 -4.81 -4.59 41.68
C CYS C 151 -5.32 -3.56 40.69
N THR C 152 -6.45 -2.95 41.03
CA THR C 152 -7.07 -1.91 40.22
C THR C 152 -6.62 -0.56 40.75
N ILE C 153 -6.23 0.33 39.84
CA ILE C 153 -5.74 1.63 40.25
C ILE C 153 -6.90 2.49 40.71
N LYS C 154 -6.79 3.02 41.93
CA LYS C 154 -7.86 3.83 42.48
C LYS C 154 -7.37 5.25 42.69
N PRO C 155 -8.21 6.26 42.44
CA PRO C 155 -9.62 6.19 42.03
C PRO C 155 -9.83 5.93 40.55
N LYS C 156 -11.09 6.01 40.13
CA LYS C 156 -11.45 5.73 38.75
C LYS C 156 -11.06 6.87 37.83
N LEU C 157 -11.48 8.08 38.17
CA LEU C 157 -11.33 9.22 37.26
C LEU C 157 -10.59 10.36 37.93
N GLY C 158 -10.38 11.45 37.19
CA GLY C 158 -9.74 12.66 37.69
C GLY C 158 -8.30 12.46 38.09
N LEU C 159 -7.64 11.53 37.39
CA LEU C 159 -6.21 11.23 37.60
C LEU C 159 -5.49 11.37 36.25
N SER C 160 -4.63 12.38 36.13
CA SER C 160 -3.89 12.66 34.86
C SER C 160 -2.80 11.61 34.62
N ALA C 161 -2.38 11.47 33.36
CA ALA C 161 -1.34 10.49 32.94
C ALA C 161 -0.14 10.52 33.90
N LYS C 162 0.41 11.71 34.14
CA LYS C 162 1.59 11.87 35.04
C LYS C 162 1.33 11.15 36.37
N ASN C 163 0.29 11.59 37.10
CA ASN C 163 -0.05 10.96 38.40
C ASN C 163 -0.37 9.48 38.19
N TYR C 164 -1.22 9.18 37.20
CA TYR C 164 -1.62 7.78 36.88
C TYR C 164 -0.37 6.91 36.75
N GLY C 165 0.49 7.21 35.78
CA GLY C 165 1.73 6.45 35.59
C GLY C 165 2.52 6.37 36.88
N ARG C 166 2.81 7.53 37.48
CA ARG C 166 3.57 7.60 38.76
C ARG C 166 2.92 6.66 39.79
N ALA C 167 1.59 6.78 39.97
CA ALA C 167 0.87 5.90 40.92
C ALA C 167 1.07 4.44 40.51
N VAL C 168 0.94 4.16 39.20
CA VAL C 168 1.11 2.76 38.68
C VAL C 168 2.53 2.29 39.00
N TYR C 169 3.53 3.17 38.79
CA TYR C 169 4.95 2.82 39.08
C TYR C 169 5.07 2.26 40.49
N GLU C 170 4.59 3.01 41.49
CA GLU C 170 4.63 2.56 42.91
C GLU C 170 3.99 1.18 43.00
N CYS C 171 2.71 1.07 42.63
CA CYS C 171 1.97 -0.21 42.70
C CYS C 171 2.77 -1.32 41.99
N LEU C 172 3.20 -1.07 40.75
CA LEU C 172 3.97 -2.07 39.97
C LEU C 172 5.28 -2.42 40.71
N ARG C 173 5.94 -1.41 41.29
CA ARG C 173 7.21 -1.64 42.01
C ARG C 173 6.91 -2.32 43.35
N GLY C 174 5.71 -2.08 43.91
CA GLY C 174 5.28 -2.69 45.18
C GLY C 174 5.55 -4.18 45.16
N GLY C 175 5.30 -4.83 44.02
CA GLY C 175 5.58 -6.25 43.88
C GLY C 175 4.52 -7.04 43.14
N LEU C 176 3.53 -6.38 42.59
CA LEU C 176 2.44 -7.08 41.92
C LEU C 176 2.88 -7.62 40.57
N ASP C 177 2.02 -8.43 39.97
CA ASP C 177 2.29 -8.94 38.63
C ASP C 177 1.61 -8.08 37.56
N PHE C 178 0.39 -7.61 37.83
CA PHE C 178 -0.34 -6.81 36.85
C PHE C 178 -1.12 -5.69 37.52
N THR C 179 -1.51 -4.72 36.71
CA THR C 179 -2.48 -3.71 37.08
C THR C 179 -3.39 -3.50 35.88
N LYS C 180 -4.67 -3.22 36.14
CA LYS C 180 -5.65 -3.00 35.05
C LYS C 180 -6.32 -1.64 35.23
N ASP C 181 -6.30 -0.80 34.19
CA ASP C 181 -6.93 0.54 34.25
C ASP C 181 -8.46 0.38 34.25
N ASP C 182 -9.17 1.32 34.87
CA ASP C 182 -10.66 1.29 34.95
C ASP C 182 -11.23 1.05 33.55
N GLU C 183 -12.11 0.04 33.43
CA GLU C 183 -12.74 -0.35 32.13
C GLU C 183 -13.25 0.89 31.39
N ASN C 184 -14.04 1.73 32.08
CA ASN C 184 -14.60 2.96 31.44
C ASN C 184 -13.52 4.04 31.37
N ILE C 185 -12.27 3.66 31.11
CA ILE C 185 -11.21 4.67 31.03
C ILE C 185 -10.77 4.66 29.58
N ASN C 186 -11.73 4.59 28.67
CA ASN C 186 -11.48 4.81 27.26
C ASN C 186 -11.27 6.30 27.01
N SER C 187 -11.17 6.68 25.73
CA SER C 187 -10.65 7.99 25.39
C SER C 187 -11.61 9.11 25.74
N GLN C 188 -11.59 9.52 26.99
CA GLN C 188 -12.53 10.49 27.52
C GLN C 188 -11.79 11.80 27.67
N PRO C 189 -12.46 12.93 27.41
CA PRO C 189 -11.73 14.18 27.16
C PRO C 189 -11.03 14.81 28.35
N PHE C 190 -11.13 14.21 29.52
CA PHE C 190 -10.26 14.62 30.62
C PHE C 190 -8.96 13.84 30.60
N GLN C 191 -8.93 12.72 29.87
CA GLN C 191 -7.77 11.82 29.91
C GLN C 191 -7.67 11.15 28.55
N ARG C 192 -6.87 11.71 27.66
CA ARG C 192 -6.81 11.23 26.29
C ARG C 192 -6.07 9.91 26.25
N TRP C 193 -6.44 9.00 25.34
CA TRP C 193 -5.91 7.64 25.36
C TRP C 193 -4.43 7.55 25.02
N ARG C 194 -3.89 8.56 24.35
CA ARG C 194 -2.48 8.66 23.97
C ARG C 194 -1.54 8.57 25.17
N ASP C 195 -1.64 9.57 26.06
CA ASP C 195 -0.58 9.79 27.01
C ASP C 195 -0.67 8.78 28.16
N ARG C 196 -1.86 8.24 28.38
CA ARG C 196 -2.01 7.17 29.37
C ARG C 196 -1.22 5.96 28.93
N PHE C 197 -1.35 5.60 27.64
CA PHE C 197 -0.56 4.51 27.09
C PHE C 197 0.93 4.80 27.18
N LEU C 198 1.34 6.03 26.87
CA LEU C 198 2.76 6.36 26.90
C LEU C 198 3.33 6.26 28.30
N PHE C 199 2.62 6.80 29.29
CA PHE C 199 3.16 6.84 30.65
C PHE C 199 3.09 5.48 31.32
N VAL C 200 2.01 4.73 31.08
CA VAL C 200 1.91 3.37 31.62
C VAL C 200 2.98 2.48 31.01
N ALA C 201 3.28 2.71 29.72
CA ALA C 201 4.32 1.97 29.04
C ALA C 201 5.69 2.25 29.64
N ASP C 202 5.98 3.53 29.88
CA ASP C 202 7.27 3.91 30.44
C ASP C 202 7.41 3.42 31.88
N ALA C 203 6.28 3.39 32.60
CA ALA C 203 6.28 2.87 33.96
C ALA C 203 6.59 1.38 33.99
N ILE C 204 5.98 0.62 33.06
CA ILE C 204 6.28 -0.80 32.93
C ILE C 204 7.75 -1.02 32.63
N HIS C 205 8.30 -0.21 31.74
CA HIS C 205 9.67 -0.43 31.28
C HIS C 205 10.68 -0.15 32.39
N LYS C 206 10.52 1.01 33.04
CA LYS C 206 11.43 1.39 34.15
C LYS C 206 11.14 0.51 35.36
N SER C 207 10.09 -0.32 35.27
CA SER C 207 9.70 -1.23 36.38
C SER C 207 10.38 -2.59 36.21
N GLN C 208 11.04 -2.81 35.06
CA GLN C 208 11.73 -4.09 34.78
C GLN C 208 13.14 -4.06 35.40
N ALA C 209 13.89 -2.99 35.14
CA ALA C 209 15.26 -2.84 35.68
C ALA C 209 15.21 -2.20 37.07
N GLU C 210 14.64 -2.91 38.04
CA GLU C 210 14.53 -2.41 39.44
C GLU C 210 14.18 -3.58 40.36
N THR C 211 13.39 -4.53 39.84
CA THR C 211 12.98 -5.73 40.62
C THR C 211 13.54 -6.98 39.92
N GLY C 212 13.54 -6.98 38.58
CA GLY C 212 14.07 -8.11 37.80
C GLY C 212 12.99 -9.13 37.48
N GLU C 213 11.76 -8.68 37.24
CA GLU C 213 10.68 -9.59 36.91
C GLU C 213 9.96 -9.04 35.69
N ILE C 214 9.43 -9.94 34.85
CA ILE C 214 8.63 -9.49 33.73
C ILE C 214 7.32 -8.95 34.26
N LYS C 215 6.96 -7.73 33.83
CA LYS C 215 5.70 -7.12 34.32
C LYS C 215 5.15 -6.14 33.27
N GLY C 216 3.97 -5.56 33.54
CA GLY C 216 3.33 -4.60 32.64
C GLY C 216 1.82 -4.73 32.65
N HIS C 217 1.15 -3.98 33.52
CA HIS C 217 -0.34 -4.03 33.61
C HIS C 217 -0.94 -3.83 32.21
N TYR C 218 -1.66 -4.84 31.71
CA TYR C 218 -2.26 -4.79 30.35
C TYR C 218 -3.08 -3.51 30.16
N LEU C 219 -2.90 -2.85 29.01
CA LEU C 219 -3.61 -1.61 28.64
C LEU C 219 -4.99 -1.99 28.11
N ASN C 220 -5.91 -1.01 28.02
CA ASN C 220 -7.28 -1.26 27.51
C ASN C 220 -7.38 -0.77 26.06
N VAL C 221 -8.33 -1.28 25.29
CA VAL C 221 -8.49 -0.87 23.90
C VAL C 221 -9.94 -0.98 23.43
N THR C 222 -10.90 -0.80 24.31
CA THR C 222 -12.30 -0.73 23.90
C THR C 222 -12.53 0.50 23.05
N ALA C 223 -12.88 0.29 21.80
CA ALA C 223 -12.82 1.36 20.82
C ALA C 223 -14.18 1.51 20.16
N PRO C 224 -14.52 2.71 19.70
CA PRO C 224 -15.71 2.85 18.85
C PRO C 224 -15.59 2.11 17.53
N THR C 225 -14.60 2.42 16.71
CA THR C 225 -14.50 1.79 15.41
C THR C 225 -13.45 0.71 15.47
N CYS C 226 -13.52 -0.23 14.53
CA CYS C 226 -12.53 -1.30 14.51
C CYS C 226 -11.17 -0.78 14.07
N GLU C 227 -11.20 0.28 13.25
CA GLU C 227 -9.94 0.90 12.77
C GLU C 227 -9.18 1.46 13.97
N GLU C 228 -9.86 2.28 14.78
CA GLU C 228 -9.21 2.86 16.00
C GLU C 228 -8.77 1.71 16.90
N MET C 229 -9.66 0.73 17.11
CA MET C 229 -9.36 -0.45 17.98
C MET C 229 -8.06 -1.10 17.49
N MET C 230 -7.95 -1.35 16.19
CA MET C 230 -6.73 -1.98 15.60
C MET C 230 -5.56 -0.99 15.64
N LYS C 231 -5.85 0.32 15.56
CA LYS C 231 -4.80 1.37 15.57
C LYS C 231 -4.25 1.54 16.99
N ARG C 232 -5.12 1.75 17.99
CA ARG C 232 -4.67 1.95 19.39
C ARG C 232 -3.93 0.70 19.87
N ALA C 233 -4.43 -0.49 19.52
CA ALA C 233 -3.78 -1.76 19.93
C ALA C 233 -2.42 -1.88 19.24
N GLU C 234 -2.32 -1.40 17.99
CA GLU C 234 -1.05 -1.45 17.22
C GLU C 234 0.03 -0.68 17.99
N PHE C 235 -0.31 0.49 18.52
CA PHE C 235 0.64 1.33 19.29
C PHE C 235 1.14 0.57 20.52
N ALA C 236 0.24 -0.16 21.18
CA ALA C 236 0.61 -0.94 22.39
C ALA C 236 1.80 -1.84 22.07
N LYS C 237 1.72 -2.60 20.97
CA LYS C 237 2.82 -3.51 20.57
C LYS C 237 4.02 -2.70 20.09
N GLU C 238 3.77 -1.56 19.41
CA GLU C 238 4.87 -0.70 18.92
C GLU C 238 5.82 -0.38 20.07
N LEU C 239 5.29 -0.29 21.30
CA LEU C 239 6.12 0.00 22.45
C LEU C 239 6.39 -1.28 23.25
N GLY C 240 5.79 -2.39 22.85
CA GLY C 240 6.11 -3.67 23.47
C GLY C 240 5.38 -3.92 24.76
N MET C 241 4.07 -3.76 24.77
CA MET C 241 3.36 -4.13 25.98
C MET C 241 2.90 -5.57 25.86
N PRO C 242 3.05 -6.36 26.92
CA PRO C 242 2.82 -7.81 26.77
C PRO C 242 1.37 -8.20 26.71
N ILE C 243 0.44 -7.33 27.10
CA ILE C 243 -0.95 -7.74 27.23
C ILE C 243 -1.86 -6.52 27.07
N ILE C 244 -3.03 -6.73 26.48
CA ILE C 244 -4.07 -5.71 26.37
C ILE C 244 -5.37 -6.30 26.89
N MET C 245 -6.21 -5.43 27.46
CA MET C 245 -7.49 -5.86 27.98
C MET C 245 -8.59 -5.26 27.12
N HIS C 246 -9.67 -6.03 26.95
CA HIS C 246 -10.73 -5.66 26.01
C HIS C 246 -12.01 -6.38 26.40
N ASP C 247 -13.03 -5.62 26.76
CA ASP C 247 -14.31 -6.19 27.13
C ASP C 247 -15.01 -6.79 25.92
N PHE C 248 -15.72 -7.89 26.13
CA PHE C 248 -16.19 -8.71 25.03
C PHE C 248 -17.63 -8.44 24.65
N LEU C 249 -18.51 -8.23 25.62
CA LEU C 249 -19.93 -8.36 25.39
C LEU C 249 -20.58 -7.07 24.93
N THR C 250 -20.01 -5.93 25.30
CA THR C 250 -20.50 -4.66 24.79
C THR C 250 -19.77 -4.28 23.50
N ALA C 251 -18.55 -4.78 23.31
CA ALA C 251 -17.81 -4.44 22.10
C ALA C 251 -18.22 -5.33 20.95
N GLY C 252 -18.50 -6.59 21.26
CA GLY C 252 -19.04 -7.50 20.26
C GLY C 252 -18.08 -8.54 19.74
N PHE C 253 -18.64 -9.68 19.34
CA PHE C 253 -17.83 -10.84 19.03
C PHE C 253 -17.06 -10.68 17.72
N THR C 254 -17.55 -9.85 16.81
CA THR C 254 -16.81 -9.63 15.59
C THR C 254 -15.52 -8.87 15.86
N ALA C 255 -15.63 -7.82 16.67
CA ALA C 255 -14.45 -7.08 17.11
C ALA C 255 -13.54 -7.96 17.94
N ASN C 256 -14.12 -8.83 18.76
CA ASN C 256 -13.30 -9.64 19.65
C ASN C 256 -12.56 -10.74 18.91
N THR C 257 -13.22 -11.41 17.96
CA THR C 257 -12.56 -12.42 17.16
C THR C 257 -11.48 -11.81 16.29
N THR C 258 -11.75 -10.61 15.74
CA THR C 258 -10.74 -9.91 14.96
C THR C 258 -9.53 -9.54 15.81
N LEU C 259 -9.78 -9.06 17.03
CA LEU C 259 -8.69 -8.67 17.91
C LEU C 259 -7.91 -9.89 18.39
N ALA C 260 -8.58 -11.03 18.55
CA ALA C 260 -7.89 -12.24 18.97
C ALA C 260 -7.01 -12.77 17.84
N LYS C 261 -7.49 -12.68 16.62
CA LYS C 261 -6.67 -13.10 15.48
C LYS C 261 -5.49 -12.15 15.32
N TRP C 262 -5.68 -10.88 15.66
CA TRP C 262 -4.56 -9.93 15.68
C TRP C 262 -3.54 -10.32 16.74
N CYS C 263 -4.01 -10.71 17.93
CA CYS C 263 -3.09 -11.05 19.01
C CYS C 263 -2.33 -12.34 18.69
N ARG C 264 -2.94 -13.24 17.95
CA ARG C 264 -2.16 -14.35 17.41
C ARG C 264 -1.14 -13.85 16.41
N ASP C 265 -1.49 -12.86 15.61
CA ASP C 265 -0.60 -12.39 14.54
C ASP C 265 0.61 -11.66 15.10
N ASN C 266 0.51 -11.07 16.28
CA ASN C 266 1.67 -10.36 16.82
C ASN C 266 2.16 -10.88 18.15
N GLY C 267 1.53 -11.92 18.71
CA GLY C 267 2.07 -12.55 19.89
C GLY C 267 1.92 -11.78 21.17
N VAL C 268 0.78 -11.15 21.38
CA VAL C 268 0.52 -10.37 22.58
C VAL C 268 -0.57 -11.10 23.36
N LEU C 269 -0.43 -11.16 24.68
CA LEU C 269 -1.43 -11.78 25.54
C LEU C 269 -2.71 -10.96 25.56
N LEU C 270 -3.81 -11.55 26.01
CA LEU C 270 -5.12 -10.92 25.79
C LEU C 270 -5.99 -11.10 27.01
N HIS C 271 -6.47 -9.99 27.57
CA HIS C 271 -7.35 -9.97 28.73
C HIS C 271 -8.75 -9.56 28.30
N ILE C 272 -9.75 -10.15 28.93
CA ILE C 272 -11.15 -9.87 28.64
C ILE C 272 -11.85 -9.52 29.94
N HIS C 273 -12.43 -8.32 29.99
CA HIS C 273 -13.13 -7.82 31.21
C HIS C 273 -14.63 -8.04 31.05
N ARG C 274 -15.18 -9.08 31.68
CA ARG C 274 -16.64 -9.37 31.60
C ARG C 274 -17.42 -8.12 32.00
N ALA C 275 -17.79 -7.29 31.01
CA ALA C 275 -18.55 -6.04 31.28
C ALA C 275 -20.03 -6.30 30.95
N MET C 276 -20.93 -5.79 31.80
CA MET C 276 -22.40 -5.97 31.61
C MET C 276 -22.69 -7.46 31.38
N HIS C 277 -22.20 -8.32 32.27
CA HIS C 277 -22.41 -9.78 32.17
C HIS C 277 -23.51 -10.22 33.14
N ALA C 278 -24.16 -9.24 33.78
CA ALA C 278 -25.25 -9.52 34.75
C ALA C 278 -26.59 -9.10 34.13
N VAL C 279 -26.53 -8.37 33.01
CA VAL C 279 -27.76 -7.87 32.32
C VAL C 279 -28.34 -9.00 31.45
N ILE C 280 -27.70 -10.17 31.45
CA ILE C 280 -28.15 -11.30 30.67
C ILE C 280 -28.23 -12.57 31.51
N ASP C 281 -27.38 -12.68 32.52
CA ASP C 281 -27.16 -13.96 33.16
C ASP C 281 -27.62 -14.04 34.60
N ARG C 282 -28.35 -13.04 35.11
CA ARG C 282 -28.58 -13.02 36.54
C ARG C 282 -29.82 -13.83 36.92
N GLN C 283 -30.95 -13.58 36.25
CA GLN C 283 -32.22 -14.19 36.63
C GLN C 283 -32.22 -15.67 36.31
N ARG C 284 -32.86 -16.46 37.16
CA ARG C 284 -32.72 -17.91 37.09
C ARG C 284 -33.79 -18.55 36.22
N ASN C 285 -34.46 -17.75 35.40
CA ASN C 285 -35.52 -18.28 34.56
C ASN C 285 -35.46 -17.75 33.14
N HIS C 286 -34.61 -16.76 32.89
CA HIS C 286 -34.66 -16.08 31.60
C HIS C 286 -33.27 -15.47 31.30
N GLY C 287 -32.70 -15.86 30.18
CA GLY C 287 -31.44 -15.30 29.73
C GLY C 287 -30.58 -16.38 29.09
N ILE C 288 -29.27 -16.16 29.17
CA ILE C 288 -28.31 -17.23 28.92
C ILE C 288 -27.43 -17.28 30.15
N HIS C 289 -26.71 -18.39 30.31
CA HIS C 289 -25.86 -18.56 31.49
C HIS C 289 -24.48 -18.03 31.09
N PHE C 290 -23.73 -17.60 32.10
CA PHE C 290 -22.40 -17.08 31.87
C PHE C 290 -21.44 -18.18 31.43
N ARG C 291 -21.80 -19.42 31.76
CA ARG C 291 -21.09 -20.60 31.32
C ARG C 291 -21.06 -20.73 29.81
N VAL C 292 -22.18 -20.44 29.14
CA VAL C 292 -22.21 -20.51 27.68
C VAL C 292 -21.33 -19.43 27.08
N LEU C 293 -21.37 -18.23 27.67
CA LEU C 293 -20.45 -17.17 27.27
C LEU C 293 -19.00 -17.56 27.55
N ALA C 294 -18.77 -18.34 28.61
CA ALA C 294 -17.42 -18.76 28.93
C ALA C 294 -16.86 -19.71 27.89
N LYS C 295 -17.68 -20.67 27.45
CA LYS C 295 -17.22 -21.58 26.41
C LYS C 295 -17.05 -20.85 25.07
N CYS C 296 -18.01 -19.99 24.73
CA CYS C 296 -17.94 -19.22 23.50
C CYS C 296 -16.76 -18.26 23.49
N LEU C 297 -16.34 -17.82 24.68
CA LEU C 297 -15.26 -16.87 24.77
C LEU C 297 -13.92 -17.59 24.89
N ARG C 298 -13.96 -18.86 25.28
CA ARG C 298 -12.78 -19.69 25.07
C ARG C 298 -12.57 -19.95 23.59
N LEU C 299 -13.67 -20.03 22.82
CA LEU C 299 -13.51 -20.25 21.38
C LEU C 299 -13.03 -18.99 20.68
N SER C 300 -13.80 -17.91 20.72
CA SER C 300 -13.29 -16.64 20.24
C SER C 300 -12.26 -16.16 21.24
N GLY C 301 -11.00 -16.42 20.95
CA GLY C 301 -10.03 -16.70 21.99
C GLY C 301 -9.69 -15.50 22.86
N GLY C 302 -9.32 -15.82 24.09
CA GLY C 302 -8.82 -14.84 25.04
C GLY C 302 -7.90 -15.56 25.99
N ASP C 303 -6.92 -14.87 26.55
CA ASP C 303 -5.99 -15.53 27.44
C ASP C 303 -6.35 -15.38 28.91
N HIS C 304 -7.09 -14.33 29.25
CA HIS C 304 -7.65 -14.17 30.58
C HIS C 304 -9.15 -13.98 30.50
N LEU C 305 -9.82 -14.13 31.64
CA LEU C 305 -11.27 -14.00 31.74
C LEU C 305 -11.66 -13.77 33.20
N HIS C 306 -12.23 -12.59 33.49
CA HIS C 306 -12.87 -12.36 34.78
C HIS C 306 -13.97 -13.38 34.98
N SER C 307 -14.03 -13.96 36.17
CA SER C 307 -15.00 -15.00 36.45
C SER C 307 -15.63 -14.83 37.82
N GLY C 308 -15.12 -13.88 38.58
CA GLY C 308 -15.67 -13.67 39.91
C GLY C 308 -15.22 -14.74 40.89
N THR C 309 -15.69 -14.64 42.11
CA THR C 309 -15.14 -15.44 43.20
C THR C 309 -16.26 -16.05 44.02
N VAL C 310 -15.85 -16.89 44.96
CA VAL C 310 -16.76 -17.44 45.95
C VAL C 310 -16.25 -17.06 47.34
N VAL C 311 -17.02 -16.26 48.06
CA VAL C 311 -16.57 -15.83 49.37
C VAL C 311 -17.50 -16.33 50.47
N GLY C 312 -18.80 -16.01 50.37
CA GLY C 312 -19.77 -16.45 51.33
C GLY C 312 -21.03 -16.88 50.62
N LYS C 313 -20.85 -17.38 49.40
CA LYS C 313 -22.00 -17.82 48.56
C LYS C 313 -22.53 -19.17 49.10
N LEU C 314 -23.63 -19.65 48.52
CA LEU C 314 -24.25 -20.93 48.97
C LEU C 314 -23.42 -22.10 48.41
N GLU C 315 -23.54 -23.28 49.03
CA GLU C 315 -22.79 -24.49 48.60
C GLU C 315 -23.01 -24.71 47.09
N GLY C 316 -24.27 -24.91 46.68
CA GLY C 316 -24.59 -25.12 45.25
C GLY C 316 -24.00 -24.02 44.39
N ASP C 317 -24.35 -22.76 44.69
CA ASP C 317 -23.84 -21.60 43.93
C ASP C 317 -22.31 -21.68 43.83
N LYS C 318 -21.64 -21.86 44.98
CA LYS C 318 -20.16 -21.98 44.99
C LYS C 318 -19.73 -23.06 44.01
N ALA C 319 -20.33 -24.26 44.12
CA ALA C 319 -20.01 -25.40 43.23
C ALA C 319 -20.24 -25.00 41.77
N SER C 320 -21.36 -24.33 41.48
CA SER C 320 -21.70 -23.90 40.11
C SER C 320 -20.50 -23.17 39.47
N THR C 321 -20.04 -22.10 40.13
CA THR C 321 -18.87 -21.33 39.62
C THR C 321 -17.70 -22.30 39.35
N LEU C 322 -17.37 -23.14 40.34
CA LEU C 322 -16.28 -24.12 40.18
C LEU C 322 -16.54 -24.97 38.93
N GLY C 323 -17.76 -25.50 38.81
CA GLY C 323 -18.13 -26.32 37.63
C GLY C 323 -17.76 -25.62 36.33
N PHE C 324 -18.17 -24.36 36.16
CA PHE C 324 -17.88 -23.59 34.93
C PHE C 324 -16.39 -23.22 34.90
N VAL C 325 -15.79 -23.06 36.07
CA VAL C 325 -14.34 -22.68 36.15
C VAL C 325 -13.50 -23.78 35.50
N ASP C 326 -13.85 -25.04 35.75
CA ASP C 326 -13.08 -26.19 35.18
C ASP C 326 -13.40 -26.33 33.69
N LEU C 327 -14.46 -25.70 33.20
CA LEU C 327 -14.81 -25.81 31.79
C LEU C 327 -13.80 -25.13 30.89
N MET C 328 -12.75 -24.55 31.46
CA MET C 328 -11.84 -23.74 30.67
C MET C 328 -10.38 -23.91 31.07
N ARG C 329 -10.06 -24.95 31.83
CA ARG C 329 -8.65 -25.33 32.00
C ARG C 329 -8.48 -26.77 31.53
N GLU C 330 -9.41 -27.64 31.90
CA GLU C 330 -9.42 -29.01 31.43
C GLU C 330 -9.83 -29.07 29.97
N ASP C 331 -9.32 -30.07 29.24
CA ASP C 331 -9.73 -30.27 27.86
C ASP C 331 -10.53 -31.55 27.65
N HIS C 332 -10.93 -32.22 28.73
CA HIS C 332 -11.88 -33.32 28.62
C HIS C 332 -12.73 -33.40 29.87
N ILE C 333 -13.99 -32.99 29.78
CA ILE C 333 -14.80 -32.64 30.93
C ILE C 333 -16.04 -33.52 30.93
N GLU C 334 -16.35 -34.13 32.07
CA GLU C 334 -17.56 -34.94 32.19
C GLU C 334 -18.78 -34.07 32.46
N ALA C 335 -19.92 -34.71 32.78
CA ALA C 335 -21.19 -33.97 32.86
C ALA C 335 -21.78 -34.11 34.25
N ASP C 336 -21.88 -32.98 34.96
CA ASP C 336 -22.53 -32.92 36.27
C ASP C 336 -23.60 -31.86 36.24
N ARG C 337 -24.84 -32.27 36.57
CA ARG C 337 -25.91 -31.29 36.65
C ARG C 337 -25.74 -30.34 37.82
N SER C 338 -25.23 -30.84 38.95
CA SER C 338 -25.14 -30.01 40.14
C SER C 338 -24.01 -29.00 40.01
N ARG C 339 -23.01 -29.30 39.18
CA ARG C 339 -22.05 -28.26 38.86
C ARG C 339 -22.53 -27.48 37.64
N GLY C 340 -23.57 -27.99 36.98
CA GLY C 340 -24.11 -27.33 35.77
C GLY C 340 -23.69 -28.05 34.51
N VAL C 341 -22.44 -28.50 34.46
CA VAL C 341 -21.92 -29.25 33.27
C VAL C 341 -22.88 -30.40 32.98
N PHE C 342 -23.80 -30.21 32.03
CA PHE C 342 -24.81 -31.23 31.69
C PHE C 342 -24.16 -32.40 30.92
N PHE C 343 -23.03 -32.15 30.25
CA PHE C 343 -22.33 -33.22 29.49
C PHE C 343 -20.89 -32.79 29.19
N THR C 344 -19.92 -33.44 29.82
CA THR C 344 -18.48 -33.11 29.61
C THR C 344 -18.20 -33.15 28.09
N GLN C 345 -17.66 -32.06 27.55
CA GLN C 345 -17.35 -31.98 26.10
C GLN C 345 -15.83 -31.95 25.89
N ASP C 346 -15.37 -32.47 24.76
CA ASP C 346 -13.95 -32.49 24.44
C ASP C 346 -13.53 -31.11 23.91
N TRP C 347 -12.23 -30.83 23.98
CA TRP C 347 -11.71 -29.59 23.44
C TRP C 347 -10.60 -29.78 22.42
N ALA C 348 -10.06 -31.00 22.30
CA ALA C 348 -9.09 -31.37 21.27
C ALA C 348 -7.85 -30.48 21.28
N SER C 349 -7.25 -30.38 22.47
CA SER C 349 -6.03 -29.60 22.73
C SER C 349 -6.23 -28.12 22.43
N MET C 350 -7.35 -27.60 22.85
CA MET C 350 -7.31 -26.14 22.95
C MET C 350 -6.79 -25.72 24.31
N PRO C 351 -5.71 -24.96 24.32
CA PRO C 351 -5.09 -24.58 25.59
C PRO C 351 -5.88 -23.49 26.29
N GLY C 352 -6.84 -23.91 27.13
CA GLY C 352 -7.87 -23.05 27.69
C GLY C 352 -7.45 -21.83 28.48
N VAL C 353 -8.43 -21.04 28.89
CA VAL C 353 -8.20 -19.67 29.35
C VAL C 353 -7.98 -19.67 30.87
N LEU C 354 -7.05 -18.83 31.32
CA LEU C 354 -6.91 -18.56 32.75
C LEU C 354 -8.14 -17.83 33.28
N PRO C 355 -8.72 -18.27 34.39
CA PRO C 355 -9.69 -17.44 35.08
C PRO C 355 -8.98 -16.45 35.99
N VAL C 356 -9.72 -15.41 36.38
CA VAL C 356 -9.26 -14.43 37.35
C VAL C 356 -10.47 -13.89 38.11
N ALA C 357 -10.37 -13.86 39.42
CA ALA C 357 -11.47 -13.48 40.30
C ALA C 357 -11.25 -12.04 40.77
N SER C 358 -12.32 -11.25 40.80
CA SER C 358 -12.24 -9.88 41.28
C SER C 358 -13.52 -9.55 42.02
N GLY C 359 -13.44 -9.53 43.34
CA GLY C 359 -14.53 -9.11 44.19
C GLY C 359 -13.97 -8.28 45.32
N GLY C 360 -14.80 -8.04 46.33
CA GLY C 360 -14.35 -7.28 47.47
C GLY C 360 -13.54 -8.16 48.41
N ILE C 361 -12.31 -8.49 48.02
CA ILE C 361 -11.47 -9.38 48.87
C ILE C 361 -10.15 -8.69 49.22
N HIS C 362 -9.63 -8.96 50.42
CA HIS C 362 -8.34 -8.38 50.88
C HIS C 362 -7.31 -9.50 51.00
N VAL C 363 -6.38 -9.39 51.96
CA VAL C 363 -5.33 -10.43 52.15
C VAL C 363 -5.85 -11.49 53.12
N TRP C 364 -7.02 -11.25 53.72
CA TRP C 364 -7.61 -12.20 54.69
C TRP C 364 -8.13 -13.44 53.95
N HIS C 365 -8.53 -13.28 52.68
CA HIS C 365 -9.06 -14.41 51.88
C HIS C 365 -7.94 -15.05 51.06
N MET C 366 -6.71 -14.56 51.20
CA MET C 366 -5.55 -15.10 50.44
C MET C 366 -5.47 -16.62 50.63
N PRO C 367 -5.50 -17.14 51.88
CA PRO C 367 -5.43 -18.59 52.11
C PRO C 367 -6.61 -19.34 51.47
N ALA C 368 -7.79 -18.72 51.50
CA ALA C 368 -9.00 -19.36 50.91
C ALA C 368 -8.95 -19.26 49.38
N LEU C 369 -8.51 -18.10 48.86
CA LEU C 369 -8.44 -17.88 47.40
C LEU C 369 -7.69 -19.04 46.73
N VAL C 370 -6.43 -19.26 47.12
CA VAL C 370 -5.61 -20.36 46.54
C VAL C 370 -6.33 -21.70 46.73
N GLU C 371 -6.86 -21.93 47.94
CA GLU C 371 -7.57 -23.19 48.27
C GLU C 371 -8.61 -23.51 47.20
N ILE C 372 -9.17 -22.47 46.55
CA ILE C 372 -10.17 -22.71 45.52
C ILE C 372 -9.58 -22.81 44.13
N PHE C 373 -8.87 -21.78 43.67
CA PHE C 373 -8.42 -21.80 42.29
C PHE C 373 -7.12 -22.58 42.09
N GLY C 374 -6.58 -23.21 43.12
CA GLY C 374 -5.38 -23.99 42.98
C GLY C 374 -4.15 -23.17 42.68
N ASP C 375 -3.66 -23.26 41.45
CA ASP C 375 -2.46 -22.54 41.07
C ASP C 375 -2.68 -21.77 39.77
N ASP C 376 -3.57 -22.27 38.91
CA ASP C 376 -3.73 -21.72 37.58
C ASP C 376 -4.80 -20.65 37.55
N SER C 377 -4.45 -19.46 38.04
CA SER C 377 -5.36 -18.32 38.05
C SER C 377 -4.61 -17.02 38.31
N VAL C 378 -5.33 -15.91 38.23
CA VAL C 378 -4.81 -14.59 38.58
C VAL C 378 -5.75 -14.07 39.66
N LEU C 379 -5.21 -13.34 40.63
CA LEU C 379 -6.02 -12.84 41.72
C LEU C 379 -5.97 -11.32 41.76
N GLN C 380 -7.13 -10.69 41.98
CA GLN C 380 -7.26 -9.24 41.95
C GLN C 380 -7.47 -8.67 43.35
N PHE C 381 -7.26 -7.36 43.45
CA PHE C 381 -7.49 -6.60 44.67
C PHE C 381 -7.93 -5.20 44.31
N GLY C 382 -8.33 -4.45 45.33
CA GLY C 382 -8.60 -3.03 45.19
C GLY C 382 -10.02 -2.65 44.86
N GLY C 383 -10.98 -3.56 45.01
CA GLY C 383 -12.35 -3.28 44.62
C GLY C 383 -13.07 -2.28 45.51
N GLY C 384 -13.42 -2.68 46.72
CA GLY C 384 -14.16 -1.85 47.64
C GLY C 384 -13.28 -1.00 48.52
N THR C 385 -13.70 -0.84 49.78
CA THR C 385 -12.95 -0.05 50.75
C THR C 385 -11.81 -0.88 51.29
N LEU C 386 -10.68 -0.87 50.59
CA LEU C 386 -9.46 -1.54 51.06
C LEU C 386 -8.26 -0.66 50.76
N GLY C 387 -8.46 0.65 50.89
CA GLY C 387 -7.37 1.63 50.66
C GLY C 387 -6.30 1.48 51.73
N HIS C 388 -5.22 0.76 51.40
CA HIS C 388 -4.09 0.54 52.37
C HIS C 388 -3.67 1.88 52.97
N PRO C 389 -3.64 2.02 54.31
CA PRO C 389 -3.25 3.28 54.97
C PRO C 389 -1.73 3.51 54.98
N TRP C 390 -0.95 2.46 54.65
CA TRP C 390 0.53 2.58 54.64
C TRP C 390 1.02 2.80 53.21
N GLY C 391 0.17 3.35 52.34
CA GLY C 391 0.53 3.62 50.94
C GLY C 391 0.17 2.47 50.02
N ASN C 392 0.02 2.76 48.73
CA ASN C 392 -0.34 1.72 47.72
C ASN C 392 0.79 0.68 47.62
N ALA C 393 2.03 1.16 47.49
CA ALA C 393 3.21 0.27 47.36
C ALA C 393 3.20 -0.76 48.50
N PRO C 394 3.29 -0.35 49.79
CA PRO C 394 3.29 -1.27 50.92
C PRO C 394 2.18 -2.31 50.88
N GLY C 395 1.01 -1.97 50.36
CA GLY C 395 -0.07 -2.92 50.19
C GLY C 395 0.28 -4.01 49.21
N ALA C 396 0.93 -3.62 48.10
CA ALA C 396 1.34 -4.58 47.10
C ALA C 396 2.42 -5.49 47.65
N THR C 397 3.32 -4.94 48.47
CA THR C 397 4.37 -5.75 49.07
C THR C 397 3.78 -6.74 50.06
N ALA C 398 2.80 -6.30 50.85
CA ALA C 398 2.12 -7.18 51.79
C ALA C 398 1.35 -8.27 51.07
N ASN C 399 0.76 -7.94 49.93
CA ASN C 399 0.08 -8.90 49.07
C ASN C 399 1.05 -9.96 48.56
N ARG C 400 2.23 -9.53 48.11
CA ARG C 400 3.20 -10.45 47.56
C ARG C 400 3.71 -11.41 48.63
N VAL C 401 3.97 -10.86 49.82
CA VAL C 401 4.39 -11.68 50.96
C VAL C 401 3.31 -12.68 51.33
N ALA C 402 2.04 -12.22 51.30
CA ALA C 402 0.90 -13.05 51.64
C ALA C 402 0.73 -14.21 50.69
N LEU C 403 0.77 -13.93 49.39
CA LEU C 403 0.61 -15.00 48.36
C LEU C 403 1.77 -15.99 48.48
N GLU C 404 3.01 -15.50 48.43
CA GLU C 404 4.21 -16.37 48.52
C GLU C 404 4.08 -17.28 49.75
N ALA C 405 3.99 -16.68 50.94
CA ALA C 405 3.87 -17.47 52.19
C ALA C 405 2.71 -18.46 52.06
N CYS C 406 1.53 -17.96 51.67
CA CYS C 406 0.32 -18.82 51.51
C CYS C 406 0.66 -19.99 50.59
N VAL C 407 1.27 -19.71 49.43
CA VAL C 407 1.65 -20.78 48.46
C VAL C 407 2.45 -21.85 49.18
N GLN C 408 3.49 -21.44 49.91
CA GLN C 408 4.35 -22.39 50.67
C GLN C 408 3.46 -23.22 51.61
N ALA C 409 2.57 -22.57 52.35
CA ALA C 409 1.66 -23.26 53.30
C ALA C 409 0.89 -24.37 52.56
N ARG C 410 0.34 -24.06 51.38
CA ARG C 410 -0.43 -25.07 50.59
C ARG C 410 0.54 -26.18 50.19
N ASN C 411 1.77 -25.82 49.80
CA ASN C 411 2.80 -26.81 49.38
C ASN C 411 3.20 -27.64 50.62
N GLU C 412 3.25 -27.00 51.79
CA GLU C 412 3.62 -27.69 53.05
C GLU C 412 2.68 -28.88 53.28
N GLY C 413 1.36 -28.66 53.18
CA GLY C 413 0.42 -29.73 53.38
C GLY C 413 -0.52 -29.51 54.55
N ARG C 414 -0.31 -28.42 55.29
CA ARG C 414 -1.26 -27.97 56.30
C ARG C 414 -2.55 -27.66 55.57
N ASP C 415 -3.70 -28.18 56.02
CA ASP C 415 -4.95 -28.03 55.29
C ASP C 415 -5.42 -26.59 55.38
N LEU C 416 -5.02 -25.80 54.39
CA LEU C 416 -4.91 -24.36 54.50
C LEU C 416 -6.26 -23.65 54.58
N TYR C 417 -7.36 -24.33 54.27
CA TYR C 417 -8.68 -23.82 54.59
C TYR C 417 -8.91 -23.71 56.09
N ARG C 418 -8.22 -24.57 56.86
CA ARG C 418 -8.35 -24.58 58.34
C ARG C 418 -7.43 -23.53 58.96
N GLU C 419 -6.16 -23.88 59.14
CA GLU C 419 -5.14 -22.97 59.74
C GLU C 419 -4.69 -21.96 58.70
N GLY C 420 -5.55 -20.98 58.37
CA GLY C 420 -5.21 -19.95 57.38
C GLY C 420 -4.69 -18.69 58.05
N GLY C 421 -5.56 -18.00 58.80
CA GLY C 421 -5.18 -16.76 59.51
C GLY C 421 -3.89 -16.90 60.26
N ASP C 422 -3.76 -17.96 61.08
CA ASP C 422 -2.53 -18.21 61.87
C ASP C 422 -1.31 -18.14 60.95
N ILE C 423 -1.35 -18.88 59.84
CA ILE C 423 -0.21 -18.88 58.86
C ILE C 423 0.12 -17.44 58.48
N LEU C 424 -0.86 -16.71 57.93
CA LEU C 424 -0.66 -15.30 57.52
C LEU C 424 -0.19 -14.48 58.72
N ARG C 425 -0.84 -14.66 59.88
CA ARG C 425 -0.47 -13.93 61.12
C ARG C 425 1.04 -14.10 61.36
N GLU C 426 1.53 -15.33 61.34
CA GLU C 426 2.97 -15.62 61.56
C GLU C 426 3.77 -15.22 60.32
N ALA C 427 3.13 -15.21 59.15
CA ALA C 427 3.82 -14.84 57.89
C ALA C 427 4.23 -13.37 57.93
N GLY C 428 3.41 -12.52 58.56
CA GLY C 428 3.70 -11.08 58.65
C GLY C 428 4.39 -10.72 59.95
N LYS C 429 5.13 -11.67 60.53
CA LYS C 429 5.86 -11.43 61.81
C LYS C 429 7.04 -10.48 61.56
N TRP C 430 7.62 -10.52 60.35
CA TRP C 430 8.76 -9.64 60.00
C TRP C 430 8.31 -8.51 59.07
N SER C 431 7.20 -8.71 58.37
CA SER C 431 6.70 -7.68 57.46
C SER C 431 5.68 -6.81 58.17
N PRO C 432 5.98 -5.52 58.37
CA PRO C 432 5.02 -4.65 59.08
C PRO C 432 3.81 -4.31 58.24
N GLU C 433 3.96 -4.35 56.92
CA GLU C 433 2.84 -4.07 56.02
C GLU C 433 1.79 -5.16 56.13
N LEU C 434 2.26 -6.41 56.19
CA LEU C 434 1.36 -7.53 56.36
C LEU C 434 0.76 -7.53 57.76
N ALA C 435 1.50 -6.97 58.73
CA ALA C 435 0.94 -6.82 60.08
C ALA C 435 -0.18 -5.79 60.08
N ALA C 436 -0.05 -4.74 59.29
CA ALA C 436 -1.14 -3.77 59.12
C ALA C 436 -2.33 -4.42 58.42
N ALA C 437 -2.03 -5.31 57.47
CA ALA C 437 -3.06 -6.08 56.80
C ALA C 437 -3.78 -7.01 57.76
N LEU C 438 -3.05 -7.53 58.75
CA LEU C 438 -3.66 -8.33 59.81
C LEU C 438 -4.55 -7.44 60.66
N ASP C 439 -4.08 -6.21 60.90
CA ASP C 439 -4.81 -5.26 61.74
C ASP C 439 -6.10 -4.79 61.11
N LEU C 440 -6.17 -4.68 59.78
CA LEU C 440 -7.27 -3.95 59.19
C LEU C 440 -8.51 -4.82 58.99
N TRP C 441 -8.36 -6.15 58.95
CA TRP C 441 -9.51 -7.04 58.81
C TRP C 441 -9.31 -8.29 59.64
N LYS C 442 -10.11 -9.31 59.34
CA LYS C 442 -10.22 -10.52 60.14
C LYS C 442 -10.88 -11.63 59.33
N GLU C 443 -10.85 -12.86 59.85
CA GLU C 443 -11.21 -14.05 59.08
C GLU C 443 -12.18 -15.00 59.79
N ILE C 444 -12.91 -14.53 60.81
CA ILE C 444 -13.63 -15.47 61.68
C ILE C 444 -15.07 -15.64 61.19
N LYS C 445 -15.27 -15.48 59.88
CA LYS C 445 -16.47 -15.92 59.16
C LYS C 445 -16.87 -17.34 59.54
N PHE C 446 -15.94 -18.29 59.41
CA PHE C 446 -16.20 -19.69 59.72
C PHE C 446 -14.86 -20.40 59.86
N GLU C 447 -14.86 -21.65 60.30
CA GLU C 447 -13.71 -22.54 60.19
C GLU C 447 -13.35 -22.72 58.70
N LEU D 1 -37.18 42.37 4.40
CA LEU D 1 -36.17 42.79 5.36
C LEU D 1 -36.78 43.23 6.68
N THR D 2 -37.27 42.29 7.47
CA THR D 2 -37.75 42.55 8.84
C THR D 2 -37.05 41.54 9.74
N TYR D 3 -35.86 41.90 10.23
CA TYR D 3 -35.13 41.06 11.16
C TYR D 3 -34.47 41.91 12.23
N TYR D 4 -35.01 43.11 12.45
CA TYR D 4 -34.30 44.28 13.02
C TYR D 4 -33.89 43.94 14.47
N THR D 5 -34.83 43.84 15.41
CA THR D 5 -34.57 43.42 16.78
C THR D 5 -35.76 42.63 17.30
N PRO D 6 -36.07 41.44 16.71
CA PRO D 6 -37.29 40.79 17.26
C PRO D 6 -37.04 39.91 18.48
N ASP D 7 -36.04 40.30 19.28
CA ASP D 7 -35.77 39.95 20.67
C ASP D 7 -35.45 38.48 20.92
N TYR D 8 -35.98 37.58 20.08
CA TYR D 8 -35.52 36.24 19.71
C TYR D 8 -35.38 35.22 20.85
N THR D 9 -35.27 35.67 22.11
CA THR D 9 -34.83 34.89 23.26
C THR D 9 -33.61 34.04 22.87
N PRO D 10 -32.42 34.63 22.79
CA PRO D 10 -31.27 33.94 22.20
C PRO D 10 -30.84 32.70 22.96
N LYS D 11 -30.59 31.64 22.19
CA LYS D 11 -30.67 30.29 22.73
C LYS D 11 -29.32 29.64 22.98
N ASP D 12 -29.38 28.36 23.33
CA ASP D 12 -28.24 27.55 23.75
C ASP D 12 -27.17 27.38 22.67
N THR D 13 -27.56 27.05 21.44
CA THR D 13 -26.53 26.73 20.45
C THR D 13 -26.16 27.94 19.63
N ASP D 14 -27.02 28.36 18.72
CA ASP D 14 -27.30 29.75 18.36
C ASP D 14 -26.17 30.55 17.69
N LEU D 15 -24.91 30.08 17.79
CA LEU D 15 -23.69 30.73 17.29
C LEU D 15 -23.66 32.25 17.40
N LEU D 16 -23.82 32.77 18.61
CA LEU D 16 -24.08 34.19 18.79
C LEU D 16 -22.83 35.04 18.52
N ALA D 17 -22.61 35.47 17.29
CA ALA D 17 -21.44 36.28 16.96
C ALA D 17 -21.78 37.77 17.01
N ALA D 18 -20.78 38.63 17.17
CA ALA D 18 -21.05 40.07 17.23
C ALA D 18 -20.28 40.83 16.16
N PHE D 19 -20.55 42.13 16.04
CA PHE D 19 -19.93 42.96 15.01
C PHE D 19 -19.78 44.40 15.45
N ARG D 20 -18.63 45.00 15.15
CA ARG D 20 -18.43 46.44 15.28
C ARG D 20 -18.82 47.07 13.95
N PHE D 21 -19.85 47.89 13.97
CA PHE D 21 -20.60 48.22 12.77
C PHE D 21 -20.57 49.73 12.55
N SER D 22 -20.30 50.15 11.32
CA SER D 22 -20.29 51.58 10.98
C SER D 22 -20.90 51.80 9.60
N PRO D 23 -22.08 52.39 9.52
CA PRO D 23 -22.71 52.64 8.22
C PRO D 23 -22.07 53.82 7.50
N GLN D 24 -22.43 53.93 6.23
CA GLN D 24 -22.26 55.15 5.45
C GLN D 24 -23.51 55.96 5.73
N PRO D 25 -23.43 57.31 5.80
CA PRO D 25 -24.64 58.10 6.06
C PRO D 25 -25.69 58.01 4.96
N GLY D 26 -26.94 58.21 5.35
CA GLY D 26 -28.06 57.98 4.45
C GLY D 26 -28.55 56.56 4.57
N VAL D 27 -28.15 55.88 5.64
CA VAL D 27 -28.56 54.50 5.89
C VAL D 27 -29.21 54.42 7.27
N PRO D 28 -30.45 53.97 7.38
CA PRO D 28 -31.02 53.69 8.71
C PRO D 28 -30.37 52.44 9.31
N ALA D 29 -30.17 52.49 10.62
CA ALA D 29 -29.34 51.51 11.33
C ALA D 29 -29.87 50.08 11.36
N PRO D 30 -31.13 49.78 11.75
CA PRO D 30 -31.49 48.35 11.87
C PRO D 30 -31.72 47.67 10.54
N GLU D 31 -32.02 48.44 9.48
CA GLU D 31 -32.11 47.85 8.14
C GLU D 31 -30.76 47.32 7.69
N ALA D 32 -29.70 48.00 8.08
CA ALA D 32 -28.36 47.51 7.77
C ALA D 32 -27.99 46.32 8.64
N GLY D 33 -28.53 46.27 9.86
CA GLY D 33 -28.36 45.09 10.68
C GLY D 33 -29.03 43.86 10.09
N ALA D 34 -30.27 44.02 9.60
CA ALA D 34 -30.93 42.91 8.93
C ALA D 34 -30.29 42.63 7.58
N ALA D 35 -29.60 43.62 7.00
CA ALA D 35 -28.82 43.37 5.80
C ALA D 35 -27.64 42.46 6.11
N ILE D 36 -27.00 42.66 7.27
CA ILE D 36 -25.96 41.73 7.71
C ILE D 36 -26.54 40.35 7.92
N ALA D 37 -27.73 40.29 8.52
CA ALA D 37 -28.38 39.02 8.82
C ALA D 37 -28.79 38.28 7.56
N ALA D 38 -29.17 39.03 6.52
CA ALA D 38 -29.55 38.39 5.27
C ALA D 38 -28.32 37.99 4.47
N GLU D 39 -27.28 38.82 4.46
CA GLU D 39 -26.06 38.51 3.74
C GLU D 39 -25.31 37.35 4.37
N SER D 40 -25.52 37.10 5.67
CA SER D 40 -24.91 35.94 6.30
C SER D 40 -25.47 34.63 5.77
N SER D 41 -26.73 34.61 5.37
CA SER D 41 -27.36 33.38 4.87
C SER D 41 -28.61 33.72 4.07
N THR D 42 -28.72 33.13 2.87
CA THR D 42 -29.87 33.25 1.96
C THR D 42 -30.18 34.70 1.63
N GLY D 43 -29.30 35.33 0.84
CA GLY D 43 -29.24 36.78 0.69
C GLY D 43 -30.51 37.49 0.25
N THR D 44 -30.90 38.47 1.09
CA THR D 44 -31.91 39.50 0.85
C THR D 44 -33.28 38.97 0.43
N TRP D 45 -33.62 37.76 0.89
CA TRP D 45 -34.85 37.04 0.54
C TRP D 45 -34.93 36.91 -0.98
N THR D 46 -34.03 36.11 -1.55
CA THR D 46 -33.98 35.94 -2.99
C THR D 46 -35.24 35.24 -3.50
N THR D 47 -35.95 35.93 -4.41
CA THR D 47 -37.21 35.43 -5.00
C THR D 47 -36.99 34.03 -5.61
N VAL D 48 -38.09 33.29 -5.80
CA VAL D 48 -38.04 31.92 -6.39
C VAL D 48 -39.46 31.50 -6.80
N TRP D 49 -39.61 30.32 -7.40
CA TRP D 49 -40.94 29.83 -7.84
C TRP D 49 -41.61 29.02 -6.72
N THR D 50 -40.84 28.67 -5.68
CA THR D 50 -41.37 27.89 -4.53
C THR D 50 -41.56 28.80 -3.32
N ASP D 51 -41.51 30.13 -3.52
CA ASP D 51 -41.70 31.09 -2.41
C ASP D 51 -43.19 31.22 -2.09
N LEU D 52 -44.04 30.88 -3.06
CA LEU D 52 -45.52 30.95 -2.88
C LEU D 52 -46.04 29.53 -2.58
N LEU D 53 -45.13 28.60 -2.29
CA LEU D 53 -45.51 27.20 -1.99
C LEU D 53 -44.89 26.77 -0.64
N THR D 54 -43.63 27.15 -0.41
CA THR D 54 -42.96 26.79 0.83
C THR D 54 -42.25 27.99 1.44
N ASP D 55 -42.36 28.16 2.75
CA ASP D 55 -41.71 29.28 3.43
C ASP D 55 -40.34 28.86 3.95
N MET D 56 -39.29 29.55 3.48
CA MET D 56 -37.91 29.26 3.86
C MET D 56 -37.62 29.99 5.17
N ASP D 57 -37.85 29.29 6.28
CA ASP D 57 -37.86 29.92 7.60
C ASP D 57 -37.22 29.01 8.65
N ARG D 58 -36.35 28.11 8.23
CA ARG D 58 -35.71 27.25 9.22
C ARG D 58 -34.23 27.60 9.40
N TYR D 59 -33.66 28.31 8.45
CA TYR D 59 -32.22 28.55 8.42
C TYR D 59 -31.88 30.02 8.34
N ASP D 60 -32.82 30.88 8.78
CA ASP D 60 -32.62 32.35 8.74
C ASP D 60 -31.62 32.76 9.83
N GLY D 61 -30.81 33.79 9.54
CA GLY D 61 -29.83 34.30 10.52
C GLY D 61 -30.25 35.66 11.04
N LYS D 62 -31.32 35.70 11.84
CA LYS D 62 -31.87 36.97 12.39
C LYS D 62 -30.99 37.46 13.55
N CYS D 63 -30.93 38.79 13.73
CA CYS D 63 -30.13 39.41 14.83
C CYS D 63 -31.03 39.62 16.05
N TYR D 64 -30.53 40.33 17.07
CA TYR D 64 -31.35 40.56 18.30
C TYR D 64 -30.77 41.72 19.12
N HIS D 65 -30.00 42.60 18.50
CA HIS D 65 -29.42 43.77 19.24
C HIS D 65 -29.01 44.89 18.28
N ILE D 66 -28.79 46.08 18.85
CA ILE D 66 -28.36 47.31 18.10
C ILE D 66 -28.01 48.38 19.13
N GLU D 67 -26.93 48.18 19.88
CA GLU D 67 -26.52 49.14 20.95
C GLU D 67 -25.37 50.03 20.45
N PRO D 68 -25.47 51.38 20.58
CA PRO D 68 -24.41 52.29 20.16
C PRO D 68 -23.17 52.25 21.03
N VAL D 69 -22.03 52.51 20.40
CA VAL D 69 -20.75 52.40 21.09
C VAL D 69 -20.60 53.58 22.04
N GLN D 70 -20.21 53.29 23.27
CA GLN D 70 -19.98 54.32 24.28
C GLN D 70 -18.72 55.09 23.91
N GLY D 71 -18.91 56.31 23.41
CA GLY D 71 -17.78 57.16 23.09
C GLY D 71 -17.30 56.99 21.66
N GLU D 72 -18.20 57.11 20.70
CA GLU D 72 -17.87 56.92 19.29
C GLU D 72 -18.94 57.58 18.44
N GLU D 73 -18.53 58.16 17.33
CA GLU D 73 -19.48 58.71 16.35
C GLU D 73 -19.79 57.64 15.33
N ASN D 74 -21.09 57.38 15.13
CA ASN D 74 -21.58 56.38 14.14
C ASN D 74 -20.85 55.04 14.34
N SER D 75 -21.17 54.33 15.42
CA SER D 75 -20.54 53.01 15.73
C SER D 75 -21.36 52.27 16.79
N TYR D 76 -22.12 51.25 16.36
CA TYR D 76 -22.94 50.45 17.32
C TYR D 76 -22.80 48.96 16.99
N PHE D 77 -22.42 48.17 18.00
CA PHE D 77 -22.23 46.70 17.83
C PHE D 77 -23.58 46.01 17.64
N ALA D 78 -23.64 45.07 16.69
CA ALA D 78 -24.87 44.30 16.40
C ALA D 78 -24.70 42.87 16.89
N PHE D 79 -25.81 42.23 17.30
CA PHE D 79 -25.76 40.83 17.83
C PHE D 79 -26.54 39.91 16.90
N ILE D 80 -25.92 39.47 15.80
CA ILE D 80 -26.59 38.56 14.82
C ILE D 80 -26.47 37.13 15.36
N ALA D 81 -27.30 36.21 14.83
CA ALA D 81 -27.27 34.80 15.29
C ALA D 81 -27.40 33.85 14.09
N ASP D 82 -26.97 32.60 14.27
CA ASP D 82 -27.04 31.58 13.25
C ASP D 82 -27.24 30.22 13.89
N PRO D 83 -28.37 29.53 13.59
CA PRO D 83 -28.89 28.52 14.54
C PRO D 83 -28.03 27.29 14.80
N LEU D 84 -27.93 26.33 13.89
CA LEU D 84 -26.87 25.33 14.01
C LEU D 84 -26.34 24.88 12.66
N ASP D 85 -27.24 24.66 11.71
CA ASP D 85 -26.97 23.72 10.64
C ASP D 85 -26.20 24.33 9.48
N LEU D 86 -25.62 25.50 9.69
CA LEU D 86 -24.89 26.15 8.62
C LEU D 86 -23.42 25.80 8.66
N PHE D 87 -23.03 24.81 9.45
CA PHE D 87 -21.62 24.59 9.75
C PHE D 87 -21.29 23.10 9.72
N GLU D 88 -20.12 22.78 9.20
CA GLU D 88 -19.66 21.40 9.13
C GLU D 88 -18.91 21.04 10.39
N GLU D 89 -19.03 19.79 10.84
CA GLU D 89 -18.15 19.31 11.88
C GLU D 89 -16.73 19.18 11.34
N GLY D 90 -15.75 19.51 12.18
CA GLY D 90 -14.37 19.39 11.80
C GLY D 90 -13.71 20.63 11.21
N SER D 91 -14.50 21.59 10.71
CA SER D 91 -13.94 22.68 9.93
C SER D 91 -14.01 23.99 10.70
N VAL D 92 -12.90 24.71 10.68
CA VAL D 92 -12.92 26.14 11.01
C VAL D 92 -13.06 26.94 9.72
N THR D 93 -12.63 26.34 8.61
CA THR D 93 -12.72 26.98 7.30
C THR D 93 -14.16 27.22 6.91
N ASN D 94 -15.03 26.25 7.21
CA ASN D 94 -16.46 26.43 6.92
C ASN D 94 -17.06 27.49 7.83
N ILE D 95 -16.56 27.59 9.07
CA ILE D 95 -17.03 28.62 10.00
C ILE D 95 -16.74 30.00 9.44
N LEU D 96 -15.50 30.23 9.02
CA LEU D 96 -15.13 31.53 8.47
C LEU D 96 -15.81 31.79 7.14
N THR D 97 -16.03 30.72 6.35
CA THR D 97 -16.62 30.90 5.04
C THR D 97 -18.08 31.28 5.17
N SER D 98 -18.78 30.71 6.15
CA SER D 98 -20.19 31.00 6.32
C SER D 98 -20.40 32.37 6.94
N ILE D 99 -19.60 32.71 7.96
CA ILE D 99 -19.82 33.94 8.68
C ILE D 99 -19.33 35.13 7.88
N VAL D 100 -18.03 35.21 7.64
CA VAL D 100 -17.50 36.35 6.89
C VAL D 100 -16.83 35.83 5.63
N GLY D 101 -17.58 35.74 4.55
CA GLY D 101 -16.96 35.47 3.28
C GLY D 101 -17.28 36.54 2.26
N ASN D 102 -18.46 37.15 2.41
CA ASN D 102 -18.87 38.18 1.47
C ASN D 102 -19.56 39.34 2.18
N VAL D 103 -19.79 39.20 3.49
CA VAL D 103 -20.58 40.13 4.27
C VAL D 103 -19.88 41.49 4.33
N PHE D 104 -18.56 41.46 4.46
CA PHE D 104 -17.80 42.71 4.46
C PHE D 104 -17.85 43.35 3.10
N GLY D 105 -17.73 44.68 3.09
CA GLY D 105 -17.62 45.47 1.87
C GLY D 105 -18.76 45.34 0.90
N PHE D 106 -19.99 45.36 1.40
CA PHE D 106 -21.16 45.18 0.55
C PHE D 106 -21.75 46.52 0.11
N LYS D 107 -20.91 47.55 0.19
CA LYS D 107 -21.07 48.83 -0.50
C LYS D 107 -22.31 49.59 -0.03
N ALA D 108 -22.69 49.34 1.21
CA ALA D 108 -23.75 50.12 1.82
C ALA D 108 -23.23 50.82 3.05
N ILE D 109 -22.44 50.10 3.85
CA ILE D 109 -21.87 50.63 5.08
C ILE D 109 -20.46 51.15 4.83
N ARG D 110 -19.94 51.92 5.78
CA ARG D 110 -18.57 52.37 5.67
C ARG D 110 -17.60 51.27 6.07
N SER D 111 -17.81 50.68 7.25
CA SER D 111 -16.84 49.70 7.73
C SER D 111 -17.45 48.70 8.71
N LEU D 112 -16.78 47.56 8.86
CA LEU D 112 -17.33 46.46 9.67
C LEU D 112 -16.17 45.61 10.17
N ARG D 113 -16.26 45.21 11.43
CA ARG D 113 -15.19 44.50 12.11
C ARG D 113 -15.77 43.37 12.94
N LEU D 114 -15.49 42.13 12.54
CA LEU D 114 -15.92 40.95 13.28
C LEU D 114 -15.21 40.94 14.61
N GLU D 115 -15.95 41.19 15.67
CA GLU D 115 -15.32 41.48 16.95
C GLU D 115 -15.27 40.25 17.83
N ASP D 116 -16.36 39.49 17.85
CA ASP D 116 -16.44 38.36 18.78
C ASP D 116 -17.26 37.21 18.24
N ILE D 117 -17.18 36.07 18.93
CA ILE D 117 -17.81 34.83 18.49
C ILE D 117 -18.15 33.99 19.72
N ARG D 118 -19.35 33.41 19.72
CA ARG D 118 -19.73 32.46 20.76
C ARG D 118 -19.78 31.09 20.11
N PHE D 119 -19.05 30.14 20.70
CA PHE D 119 -19.06 28.76 20.18
C PHE D 119 -19.98 27.91 21.06
N PRO D 120 -21.05 27.29 20.50
CA PRO D 120 -21.98 26.47 21.29
C PRO D 120 -21.34 25.19 21.84
N VAL D 121 -21.93 24.63 22.90
CA VAL D 121 -21.40 23.39 23.56
C VAL D 121 -21.69 22.16 22.70
N ALA D 122 -22.68 22.24 21.79
CA ALA D 122 -23.03 21.10 20.91
C ALA D 122 -22.32 21.24 19.56
N LEU D 123 -21.29 22.08 19.48
CA LEU D 123 -20.52 22.28 18.22
C LEU D 123 -19.05 22.50 18.55
N VAL D 124 -18.74 22.75 19.82
CA VAL D 124 -17.32 22.96 20.25
C VAL D 124 -16.76 21.66 20.83
N LYS D 125 -17.62 20.63 20.94
CA LYS D 125 -17.19 19.31 21.48
C LYS D 125 -17.12 18.31 20.33
N THR D 126 -17.17 18.79 19.09
CA THR D 126 -17.10 17.91 17.89
C THR D 126 -15.83 18.20 17.10
N PHE D 127 -14.97 19.08 17.63
CA PHE D 127 -13.70 19.43 16.94
C PHE D 127 -12.55 18.63 17.57
N GLN D 128 -11.43 18.52 16.86
CA GLN D 128 -10.29 17.77 17.34
C GLN D 128 -9.79 18.25 18.69
N GLY D 129 -9.79 19.55 18.92
CA GLY D 129 -9.14 20.10 20.09
C GLY D 129 -7.64 20.18 19.86
N PRO D 130 -6.91 20.63 20.87
CA PRO D 130 -5.47 20.68 20.76
C PRO D 130 -4.89 19.28 20.82
N PRO D 131 -3.70 19.07 20.29
CA PRO D 131 -3.06 17.75 20.38
C PRO D 131 -2.72 17.36 21.80
N HIS D 132 -2.32 18.32 22.62
CA HIS D 132 -2.02 18.03 24.01
C HIS D 132 -2.50 19.19 24.87
N GLY D 133 -2.84 18.90 26.11
CA GLY D 133 -3.23 19.95 27.01
C GLY D 133 -2.02 20.65 27.60
N ILE D 134 -2.30 21.74 28.31
CA ILE D 134 -1.31 22.41 29.15
C ILE D 134 -0.81 21.43 30.18
N GLN D 135 -1.75 20.70 30.79
CA GLN D 135 -1.44 19.58 31.67
C GLN D 135 -0.53 18.58 30.98
N VAL D 136 -0.95 18.08 29.82
CA VAL D 136 -0.25 17.01 29.11
C VAL D 136 1.12 17.48 28.61
N GLU D 137 1.20 18.76 28.21
CA GLU D 137 2.48 19.30 27.78
C GLU D 137 3.47 19.40 28.94
N ARG D 138 2.98 19.83 30.10
CA ARG D 138 3.84 19.80 31.29
C ARG D 138 4.19 18.37 31.67
N ASP D 139 3.30 17.42 31.42
CA ASP D 139 3.58 16.02 31.69
C ASP D 139 4.70 15.51 30.80
N LEU D 140 4.71 15.93 29.54
CA LEU D 140 5.75 15.47 28.63
C LEU D 140 7.04 16.24 28.82
N LEU D 141 6.99 17.38 29.51
CA LEU D 141 8.20 18.18 29.60
C LEU D 141 8.76 18.32 31.01
N ASN D 142 8.01 17.93 32.05
CA ASN D 142 8.44 17.97 33.46
C ASN D 142 8.83 19.38 33.89
N LYS D 143 7.99 20.35 33.55
CA LYS D 143 8.22 21.76 33.88
C LYS D 143 7.00 22.21 34.67
N TYR D 144 7.12 22.27 35.99
CA TYR D 144 5.96 22.18 36.86
C TYR D 144 5.74 23.42 37.72
N GLY D 145 6.71 24.31 37.77
CA GLY D 145 6.55 25.44 38.67
C GLY D 145 6.77 26.79 38.03
N ARG D 146 7.36 26.79 36.84
CA ARG D 146 7.82 28.04 36.25
C ARG D 146 7.31 28.14 34.82
N PRO D 147 7.24 29.34 34.26
CA PRO D 147 7.00 29.46 32.82
C PRO D 147 8.23 28.97 32.05
N MET D 148 8.00 28.59 30.80
CA MET D 148 9.05 28.03 29.98
C MET D 148 9.87 29.14 29.31
N LEU D 149 11.11 28.80 28.97
CA LEU D 149 12.08 29.77 28.46
C LEU D 149 12.34 29.58 26.97
N GLY D 150 12.62 30.68 26.26
CA GLY D 150 12.89 30.59 24.82
C GLY D 150 13.43 31.89 24.24
N CYS D 151 14.41 31.79 23.34
CA CYS D 151 15.03 32.97 22.69
C CYS D 151 15.27 32.67 21.21
N THR D 152 14.69 33.47 20.31
CA THR D 152 14.84 33.28 18.86
C THR D 152 16.33 33.44 18.47
N ILE D 153 16.81 32.61 17.53
CA ILE D 153 18.23 32.67 17.09
C ILE D 153 18.42 33.95 16.26
N LYS D 154 19.62 34.53 16.30
CA LYS D 154 19.93 35.77 15.54
C LYS D 154 21.39 35.73 15.09
N PRO D 155 21.69 35.56 13.78
CA PRO D 155 21.04 36.34 12.72
C PRO D 155 19.82 35.61 12.15
N LYS D 156 19.15 36.22 11.16
CA LYS D 156 17.95 35.62 10.54
C LYS D 156 18.36 34.79 9.32
N LEU D 157 19.52 35.10 8.72
CA LEU D 157 19.98 34.36 7.55
C LEU D 157 21.50 34.30 7.50
N GLY D 158 22.04 33.64 6.48
CA GLY D 158 23.47 33.53 6.24
C GLY D 158 24.21 32.77 7.34
N LEU D 159 23.48 31.86 7.98
CA LEU D 159 23.90 31.31 9.25
C LEU D 159 23.62 29.81 9.21
N SER D 160 24.28 29.10 8.29
CA SER D 160 23.91 27.82 7.65
C SER D 160 24.02 26.64 8.61
N ALA D 161 24.06 25.41 8.08
CA ALA D 161 23.82 24.15 8.80
C ALA D 161 24.61 23.97 10.08
N LYS D 162 25.94 23.89 9.99
CA LYS D 162 26.81 23.72 11.18
C LYS D 162 26.85 25.04 11.96
N ASN D 163 26.88 26.17 11.24
CA ASN D 163 26.92 27.51 11.87
C ASN D 163 25.58 27.80 12.56
N TYR D 164 24.48 27.27 12.01
CA TYR D 164 23.14 27.50 12.61
C TYR D 164 22.81 26.34 13.57
N GLY D 165 23.67 25.32 13.60
CA GLY D 165 23.47 24.16 14.48
C GLY D 165 24.27 24.31 15.76
N ARG D 166 25.53 24.72 15.63
CA ARG D 166 26.43 24.91 16.81
C ARG D 166 26.00 26.17 17.58
N ALA D 167 25.39 27.13 16.89
CA ALA D 167 24.91 28.37 17.55
C ALA D 167 23.69 28.06 18.42
N VAL D 168 22.92 27.04 18.05
CA VAL D 168 21.71 26.63 18.83
C VAL D 168 22.17 25.92 20.11
N TYR D 169 23.35 25.28 20.07
CA TYR D 169 23.89 24.57 21.25
C TYR D 169 23.98 25.53 22.44
N GLU D 170 24.81 26.57 22.32
CA GLU D 170 24.98 27.58 23.41
C GLU D 170 23.63 28.08 23.89
N CYS D 171 22.81 28.60 22.98
CA CYS D 171 21.46 29.14 23.33
C CYS D 171 20.68 28.10 24.15
N LEU D 172 20.62 26.87 23.67
CA LEU D 172 19.86 25.79 24.39
C LEU D 172 20.61 25.40 25.67
N ARG D 173 21.85 24.92 25.55
CA ARG D 173 22.64 24.49 26.72
C ARG D 173 22.66 25.59 27.79
N GLY D 174 22.97 26.84 27.40
CA GLY D 174 23.01 27.89 28.40
C GLY D 174 21.94 27.76 29.46
N GLY D 175 20.82 27.11 29.14
CA GLY D 175 19.86 26.81 30.17
C GLY D 175 18.41 27.05 29.79
N LEU D 176 18.16 27.38 28.53
CA LEU D 176 16.81 27.68 28.10
C LEU D 176 15.96 26.42 27.98
N ASP D 177 14.66 26.63 27.77
CA ASP D 177 13.77 25.50 27.54
C ASP D 177 13.56 25.24 26.06
N PHE D 178 13.46 26.30 25.25
CA PHE D 178 13.23 26.14 23.82
C PHE D 178 13.99 27.18 23.03
N THR D 179 14.13 26.90 21.73
CA THR D 179 14.59 27.85 20.74
C THR D 179 13.73 27.66 19.50
N LYS D 180 13.47 28.76 18.78
CA LYS D 180 12.61 28.65 17.57
C LYS D 180 13.11 29.60 16.48
N ASP D 181 13.13 29.12 15.23
CA ASP D 181 13.57 29.94 14.07
C ASP D 181 12.41 30.82 13.62
N ASP D 182 12.68 31.88 12.87
CA ASP D 182 11.61 32.80 12.39
C ASP D 182 10.93 32.18 11.16
N GLU D 183 9.73 32.68 10.83
CA GLU D 183 8.93 32.19 9.68
C GLU D 183 9.82 32.07 8.44
N ASN D 184 10.52 33.16 8.09
CA ASN D 184 11.42 33.15 6.90
C ASN D 184 12.66 32.31 7.20
N ILE D 185 12.55 30.99 7.06
CA ILE D 185 13.69 30.06 7.31
C ILE D 185 13.42 28.76 6.54
N ASN D 186 12.22 28.65 5.95
CA ASN D 186 11.83 27.49 5.18
C ASN D 186 12.90 27.16 4.14
N SER D 187 12.59 26.13 3.34
CA SER D 187 13.50 25.62 2.28
C SER D 187 13.96 26.74 1.37
N GLN D 188 15.25 27.12 1.48
CA GLN D 188 15.83 28.19 0.64
C GLN D 188 17.10 27.65 -0.03
N PRO D 189 17.64 28.30 -1.09
CA PRO D 189 18.85 27.82 -1.75
C PRO D 189 20.11 28.00 -0.88
N PHE D 190 20.07 28.97 0.04
CA PHE D 190 21.22 29.25 0.93
C PHE D 190 21.20 28.33 2.15
N GLN D 191 20.12 27.56 2.34
CA GLN D 191 20.03 26.64 3.50
C GLN D 191 18.93 25.60 3.24
N ARG D 192 19.31 24.39 2.86
CA ARG D 192 18.33 23.30 2.56
C ARG D 192 17.24 23.30 3.64
N TRP D 193 16.39 22.27 3.65
CA TRP D 193 15.28 22.19 4.64
C TRP D 193 15.44 20.91 5.48
N ARG D 194 16.10 19.89 4.94
CA ARG D 194 16.31 18.61 5.67
C ARG D 194 17.62 18.69 6.45
N ASP D 195 18.66 19.24 5.82
CA ASP D 195 20.00 19.38 6.47
C ASP D 195 19.84 20.03 7.84
N ARG D 196 19.24 21.24 7.86
CA ARG D 196 19.04 21.99 9.13
C ARG D 196 18.41 21.10 10.19
N PHE D 197 17.31 20.42 9.85
CA PHE D 197 16.61 19.52 10.80
C PHE D 197 17.61 18.55 11.45
N LEU D 198 18.37 17.84 10.63
CA LEU D 198 19.38 16.85 11.13
C LEU D 198 20.28 17.52 12.18
N PHE D 199 21.00 18.57 11.78
CA PHE D 199 21.91 19.29 12.70
C PHE D 199 21.15 19.70 13.97
N VAL D 200 20.05 20.43 13.81
CA VAL D 200 19.23 20.89 14.97
C VAL D 200 18.90 19.70 15.87
N ALA D 201 18.35 18.63 15.29
CA ALA D 201 17.97 17.41 16.05
C ALA D 201 19.15 16.95 16.91
N ASP D 202 20.30 16.73 16.29
CA ASP D 202 21.52 16.25 17.01
C ASP D 202 21.80 17.17 18.21
N ALA D 203 21.80 18.49 17.99
CA ALA D 203 22.06 19.46 19.07
C ALA D 203 21.15 19.16 20.26
N ILE D 204 19.85 18.99 20.01
CA ILE D 204 18.88 18.69 21.05
C ILE D 204 19.26 17.42 21.79
N HIS D 205 19.69 16.40 21.05
CA HIS D 205 19.95 15.10 21.67
C HIS D 205 21.18 15.15 22.57
N LYS D 206 22.24 15.82 22.11
CA LYS D 206 23.44 15.95 22.93
C LYS D 206 23.20 16.88 24.12
N SER D 207 22.33 17.87 23.95
CA SER D 207 22.03 18.77 25.05
C SER D 207 21.20 18.09 26.12
N GLN D 208 20.31 17.18 25.71
CA GLN D 208 19.61 16.36 26.68
C GLN D 208 20.57 15.43 27.40
N ALA D 209 21.58 14.94 26.66
CA ALA D 209 22.58 14.08 27.28
C ALA D 209 23.39 14.81 28.34
N GLU D 210 23.71 16.07 28.10
CA GLU D 210 24.49 16.79 29.12
C GLU D 210 23.65 17.34 30.26
N THR D 211 22.55 18.04 29.99
CA THR D 211 21.91 18.79 31.05
C THR D 211 20.94 17.99 31.89
N GLY D 212 20.39 16.90 31.35
CA GLY D 212 19.46 16.10 32.12
C GLY D 212 18.06 16.65 32.19
N GLU D 213 17.77 17.73 31.47
CA GLU D 213 16.44 18.28 31.37
C GLU D 213 15.91 17.95 29.99
N ILE D 214 14.59 17.73 29.89
CA ILE D 214 13.99 17.53 28.58
C ILE D 214 14.03 18.85 27.81
N LYS D 215 14.57 18.80 26.61
CA LYS D 215 14.79 19.98 25.79
C LYS D 215 14.08 19.84 24.46
N GLY D 216 13.95 20.96 23.76
CA GLY D 216 13.32 20.94 22.45
C GLY D 216 13.52 22.22 21.66
N HIS D 217 13.42 22.12 20.34
CA HIS D 217 13.51 23.27 19.45
C HIS D 217 12.23 23.35 18.62
N TYR D 218 11.78 24.56 18.34
CA TYR D 218 10.59 24.72 17.52
C TYR D 218 10.99 24.61 16.05
N LEU D 219 10.78 23.46 15.46
CA LEU D 219 11.13 23.25 14.06
C LEU D 219 10.03 23.79 13.17
N ASN D 220 10.43 24.51 12.12
CA ASN D 220 9.49 25.11 11.19
C ASN D 220 9.17 24.11 10.08
N VAL D 221 7.88 23.84 9.88
CA VAL D 221 7.45 22.99 8.79
C VAL D 221 6.44 23.69 7.88
N THR D 222 6.56 25.00 7.72
CA THR D 222 5.73 25.72 6.75
C THR D 222 6.11 25.29 5.35
N ALA D 223 5.18 24.66 4.64
CA ALA D 223 5.53 23.94 3.44
C ALA D 223 4.67 24.46 2.30
N PRO D 224 5.13 24.33 1.03
CA PRO D 224 4.34 24.77 -0.12
C PRO D 224 3.05 23.95 -0.20
N THR D 225 3.16 22.66 -0.56
CA THR D 225 1.97 21.77 -0.70
C THR D 225 1.70 21.06 0.64
N CYS D 226 0.73 20.13 0.63
CA CYS D 226 0.39 19.37 1.86
C CYS D 226 1.32 18.16 1.98
N GLU D 227 1.50 17.42 0.88
CA GLU D 227 2.39 16.22 0.88
C GLU D 227 3.76 16.63 1.42
N GLU D 228 4.37 17.66 0.83
CA GLU D 228 5.69 18.15 1.29
C GLU D 228 5.62 18.45 2.79
N MET D 229 4.61 19.22 3.21
CA MET D 229 4.43 19.59 4.64
C MET D 229 4.46 18.31 5.49
N MET D 230 3.51 17.40 5.25
CA MET D 230 3.45 16.13 6.03
C MET D 230 4.81 15.41 5.94
N LYS D 231 5.35 15.29 4.73
CA LYS D 231 6.66 14.60 4.52
C LYS D 231 7.72 15.19 5.46
N ARG D 232 7.97 16.50 5.36
CA ARG D 232 9.01 17.15 6.21
C ARG D 232 8.65 16.97 7.69
N ALA D 233 7.36 17.12 8.05
CA ALA D 233 6.93 16.96 9.45
C ALA D 233 7.13 15.50 9.89
N GLU D 234 6.88 14.55 8.98
CA GLU D 234 7.04 13.10 9.26
C GLU D 234 8.48 12.81 9.70
N PHE D 235 9.45 13.41 9.01
CA PHE D 235 10.89 13.21 9.34
C PHE D 235 11.15 13.61 10.79
N ALA D 236 10.59 14.75 11.21
CA ALA D 236 10.76 15.24 12.60
C ALA D 236 10.42 14.13 13.60
N LYS D 237 9.27 13.48 13.43
CA LYS D 237 8.83 12.39 14.35
C LYS D 237 9.84 11.24 14.28
N GLU D 238 10.33 10.93 13.08
CA GLU D 238 11.32 9.82 12.91
C GLU D 238 12.59 10.16 13.69
N LEU D 239 13.02 11.43 13.63
CA LEU D 239 14.23 11.87 14.36
C LEU D 239 13.95 11.90 15.86
N GLY D 240 12.69 12.17 16.24
CA GLY D 240 12.29 12.20 17.65
C GLY D 240 12.36 13.60 18.25
N MET D 241 11.69 14.58 17.62
CA MET D 241 11.67 15.92 18.15
C MET D 241 10.34 16.17 18.83
N PRO D 242 10.34 16.79 20.00
CA PRO D 242 9.11 16.85 20.80
C PRO D 242 8.09 17.85 20.28
N ILE D 243 8.47 18.78 19.41
CA ILE D 243 7.58 19.88 19.06
C ILE D 243 7.98 20.42 17.69
N ILE D 244 6.98 20.85 16.92
CA ILE D 244 7.18 21.52 15.64
C ILE D 244 6.37 22.82 15.64
N MET D 245 6.90 23.81 14.93
CA MET D 245 6.22 25.10 14.83
C MET D 245 5.72 25.30 13.42
N HIS D 246 4.57 25.94 13.30
CA HIS D 246 3.89 26.05 12.01
C HIS D 246 2.94 27.24 12.05
N ASP D 247 3.19 28.21 11.20
CA ASP D 247 2.33 29.39 11.14
C ASP D 247 0.97 29.04 10.53
N PHE D 248 -0.07 29.71 11.04
CA PHE D 248 -1.43 29.26 10.78
C PHE D 248 -2.09 30.04 9.65
N LEU D 249 -1.88 31.34 9.58
CA LEU D 249 -2.78 32.21 8.82
C LEU D 249 -2.35 32.35 7.37
N THR D 250 -1.07 32.20 7.08
CA THR D 250 -0.61 32.19 5.70
C THR D 250 -0.61 30.78 5.13
N ALA D 251 -0.50 29.78 5.99
CA ALA D 251 -0.47 28.40 5.51
C ALA D 251 -1.89 27.90 5.29
N GLY D 252 -2.80 28.31 6.16
CA GLY D 252 -4.20 27.99 5.98
C GLY D 252 -4.76 26.93 6.89
N PHE D 253 -6.06 27.06 7.17
CA PHE D 253 -6.68 26.25 8.21
C PHE D 253 -6.83 24.79 7.81
N THR D 254 -6.89 24.52 6.52
CA THR D 254 -6.98 23.13 6.09
C THR D 254 -5.68 22.40 6.38
N ALA D 255 -4.56 23.03 6.04
CA ALA D 255 -3.25 22.50 6.37
C ALA D 255 -3.06 22.42 7.88
N ASN D 256 -3.57 23.42 8.60
CA ASN D 256 -3.34 23.44 10.04
C ASN D 256 -4.17 22.39 10.77
N THR D 257 -5.42 22.21 10.38
CA THR D 257 -6.25 21.16 10.99
C THR D 257 -5.71 19.79 10.66
N THR D 258 -5.22 19.60 9.42
CA THR D 258 -4.60 18.33 9.05
C THR D 258 -3.34 18.06 9.87
N LEU D 259 -2.53 19.10 10.06
CA LEU D 259 -1.29 18.94 10.82
C LEU D 259 -1.59 18.69 12.29
N ALA D 260 -2.66 19.29 12.80
CA ALA D 260 -3.02 19.08 14.21
C ALA D 260 -3.53 17.66 14.42
N LYS D 261 -4.30 17.15 13.47
CA LYS D 261 -4.76 15.77 13.56
C LYS D 261 -3.59 14.81 13.44
N TRP D 262 -2.58 15.19 12.65
CA TRP D 262 -1.35 14.41 12.61
C TRP D 262 -0.62 14.41 13.95
N CYS D 263 -0.55 15.58 14.59
CA CYS D 263 0.14 15.68 15.88
C CYS D 263 -0.57 14.91 16.96
N ARG D 264 -1.91 14.81 16.87
CA ARG D 264 -2.61 13.88 17.74
C ARG D 264 -2.25 12.44 17.40
N ASP D 265 -2.06 12.15 16.11
CA ASP D 265 -1.82 10.78 15.70
C ASP D 265 -0.44 10.28 16.11
N ASN D 266 0.52 11.18 16.29
CA ASN D 266 1.85 10.73 16.67
C ASN D 266 2.34 11.31 17.99
N GLY D 267 1.56 12.14 18.66
CA GLY D 267 1.92 12.58 19.99
C GLY D 267 3.04 13.58 20.06
N VAL D 268 3.07 14.55 19.16
CA VAL D 268 4.09 15.58 19.14
C VAL D 268 3.42 16.90 19.49
N LEU D 269 4.09 17.72 20.30
CA LEU D 269 3.57 19.03 20.66
C LEU D 269 3.58 19.97 19.46
N LEU D 270 2.83 21.08 19.53
CA LEU D 270 2.58 21.85 18.32
C LEU D 270 2.62 23.33 18.64
N HIS D 271 3.48 24.07 17.95
CA HIS D 271 3.64 25.51 18.09
C HIS D 271 3.07 26.21 16.88
N ILE D 272 2.46 27.37 17.10
CA ILE D 272 1.86 28.16 16.05
C ILE D 272 2.42 29.58 16.13
N HIS D 273 3.01 30.05 15.03
CA HIS D 273 3.47 31.42 14.89
C HIS D 273 2.39 32.25 14.22
N ARG D 274 2.03 33.37 14.83
CA ARG D 274 0.92 34.13 14.27
C ARG D 274 1.42 35.13 13.21
N ALA D 275 2.04 34.60 12.17
CA ALA D 275 2.48 35.43 11.06
C ALA D 275 1.29 35.98 10.29
N MET D 276 1.50 37.15 9.68
CA MET D 276 0.56 37.81 8.78
C MET D 276 -0.72 38.18 9.53
N HIS D 277 -0.61 38.38 10.83
CA HIS D 277 -1.81 38.68 11.61
C HIS D 277 -2.17 40.15 11.49
N ALA D 278 -1.16 41.03 11.42
CA ALA D 278 -1.35 42.47 11.48
C ALA D 278 -1.98 43.03 10.22
N VAL D 279 -2.14 42.21 9.18
CA VAL D 279 -2.89 42.61 8.00
C VAL D 279 -4.35 42.77 8.34
N ILE D 280 -4.84 41.99 9.28
CA ILE D 280 -6.27 41.77 9.40
C ILE D 280 -6.83 42.41 10.66
N ASP D 281 -6.01 42.50 11.71
CA ASP D 281 -6.55 42.79 13.03
C ASP D 281 -6.12 44.13 13.61
N ARG D 282 -5.49 45.00 12.82
CA ARG D 282 -4.89 46.17 13.45
C ARG D 282 -5.88 47.32 13.56
N GLN D 283 -6.56 47.66 12.47
CA GLN D 283 -7.43 48.84 12.44
C GLN D 283 -8.68 48.60 13.27
N ARG D 284 -9.14 49.66 13.94
CA ARG D 284 -10.18 49.50 14.94
C ARG D 284 -11.58 49.67 14.38
N ASN D 285 -11.70 49.58 13.06
CA ASN D 285 -13.01 49.75 12.44
C ASN D 285 -13.27 48.72 11.35
N HIS D 286 -12.26 47.93 10.97
CA HIS D 286 -12.41 47.06 9.81
C HIS D 286 -11.46 45.87 9.95
N GLY D 287 -12.02 44.67 9.91
CA GLY D 287 -11.22 43.46 9.95
C GLY D 287 -11.91 42.39 10.77
N ILE D 288 -11.10 41.51 11.33
CA ILE D 288 -11.54 40.64 12.42
C ILE D 288 -10.57 40.87 13.56
N HIS D 289 -10.97 40.47 14.76
CA HIS D 289 -10.12 40.67 15.93
C HIS D 289 -9.27 39.42 16.06
N PHE D 290 -8.10 39.58 16.69
CA PHE D 290 -7.20 38.46 16.89
C PHE D 290 -7.77 37.47 17.90
N ARG D 291 -8.69 37.96 18.73
CA ARG D 291 -9.44 37.13 19.67
C ARG D 291 -10.25 36.05 18.97
N VAL D 292 -10.89 36.39 17.85
CA VAL D 292 -11.67 35.40 17.11
C VAL D 292 -10.74 34.35 16.50
N LEU D 293 -9.60 34.80 15.97
CA LEU D 293 -8.57 33.86 15.52
C LEU D 293 -8.05 33.02 16.67
N ALA D 294 -7.99 33.59 17.88
CA ALA D 294 -7.49 32.84 19.02
C ALA D 294 -8.44 31.71 19.40
N LYS D 295 -9.75 31.99 19.41
CA LYS D 295 -10.70 30.93 19.71
C LYS D 295 -10.73 29.88 18.60
N CYS D 296 -10.72 30.34 17.34
CA CYS D 296 -10.72 29.42 16.20
C CYS D 296 -9.45 28.57 16.16
N LEU D 297 -8.36 29.11 16.70
CA LEU D 297 -7.10 28.40 16.65
C LEU D 297 -6.94 27.53 17.88
N ARG D 298 -7.70 27.81 18.93
CA ARG D 298 -7.86 26.82 19.99
C ARG D 298 -8.67 25.64 19.48
N LEU D 299 -9.62 25.89 18.59
CA LEU D 299 -10.40 24.78 18.04
C LEU D 299 -9.59 23.93 17.06
N SER D 300 -9.15 24.53 15.96
CA SER D 300 -8.20 23.82 15.10
C SER D 300 -6.88 23.79 15.83
N GLY D 301 -6.61 22.68 16.51
CA GLY D 301 -5.85 22.72 17.74
C GLY D 301 -4.39 23.07 17.55
N GLY D 302 -3.84 23.66 18.61
CA GLY D 302 -2.44 23.97 18.71
C GLY D 302 -2.06 23.98 20.17
N ASP D 303 -0.81 23.67 20.49
CA ASP D 303 -0.43 23.61 21.89
C ASP D 303 0.22 24.90 22.37
N HIS D 304 0.81 25.67 21.47
CA HIS D 304 1.31 27.00 21.78
C HIS D 304 0.69 28.02 20.84
N LEU D 305 0.82 29.29 21.19
CA LEU D 305 0.28 30.40 20.41
C LEU D 305 0.97 31.69 20.83
N HIS D 306 1.70 32.31 19.89
CA HIS D 306 2.20 33.67 20.09
C HIS D 306 1.03 34.61 20.32
N SER D 307 1.14 35.46 21.32
CA SER D 307 0.05 36.35 21.68
C SER D 307 0.55 37.76 21.97
N GLY D 308 1.88 37.92 21.96
CA GLY D 308 2.50 39.24 22.21
C GLY D 308 2.72 39.49 23.68
N THR D 309 2.62 40.75 24.11
CA THR D 309 2.83 41.10 25.55
C THR D 309 2.34 42.53 25.80
N VAL D 310 2.24 42.91 27.08
CA VAL D 310 1.78 44.28 27.48
C VAL D 310 2.96 44.99 28.16
N VAL D 311 4.08 45.12 27.43
CA VAL D 311 5.30 45.78 27.96
C VAL D 311 4.93 47.14 28.57
N GLY D 312 4.41 48.05 27.75
CA GLY D 312 4.01 49.39 28.23
C GLY D 312 3.01 50.05 27.31
N LYS D 313 1.93 49.35 26.97
CA LYS D 313 0.88 49.90 26.07
C LYS D 313 -0.19 50.60 26.90
N LEU D 314 -1.25 51.08 26.25
CA LEU D 314 -2.36 51.79 26.96
C LEU D 314 -3.07 50.80 27.89
N GLU D 315 -3.51 51.28 29.05
CA GLU D 315 -4.22 50.43 30.05
C GLU D 315 -5.46 49.79 29.40
N GLY D 316 -6.23 50.59 28.65
CA GLY D 316 -7.44 50.09 27.98
C GLY D 316 -7.11 48.92 27.06
N ASP D 317 -6.01 49.04 26.30
CA ASP D 317 -5.57 47.97 25.37
C ASP D 317 -4.96 46.83 26.17
N LYS D 318 -4.23 47.16 27.23
CA LYS D 318 -3.59 46.13 28.09
C LYS D 318 -4.66 45.14 28.56
N ALA D 319 -5.76 45.66 29.12
CA ALA D 319 -6.87 44.80 29.62
C ALA D 319 -7.43 43.96 28.47
N SER D 320 -7.60 44.58 27.29
CA SER D 320 -8.14 43.86 26.11
C SER D 320 -7.36 42.56 25.88
N THR D 321 -6.03 42.65 25.81
CA THR D 321 -5.17 41.46 25.61
C THR D 321 -5.49 40.43 26.70
N LEU D 322 -5.53 40.87 27.96
CA LEU D 322 -5.83 39.96 29.10
C LEU D 322 -7.19 39.28 28.84
N GLY D 323 -8.20 40.07 28.44
CA GLY D 323 -9.54 39.53 28.14
C GLY D 323 -9.48 38.35 27.19
N PHE D 324 -8.72 38.48 26.10
CA PHE D 324 -8.59 37.39 25.10
C PHE D 324 -7.56 36.37 25.58
N VAL D 325 -6.72 36.77 26.55
CA VAL D 325 -5.66 35.86 27.10
C VAL D 325 -6.32 34.77 27.96
N ASP D 326 -7.48 35.07 28.55
CA ASP D 326 -8.21 34.09 29.40
C ASP D 326 -9.28 33.36 28.57
N LEU D 327 -9.21 33.48 27.24
CA LEU D 327 -10.18 32.81 26.34
C LEU D 327 -9.55 31.53 25.78
N MET D 328 -8.79 30.81 26.61
CA MET D 328 -8.13 29.55 26.21
C MET D 328 -7.79 28.74 27.45
N ARG D 329 -7.02 29.31 28.38
CA ARG D 329 -6.64 28.63 29.63
C ARG D 329 -7.91 28.18 30.36
N GLU D 330 -8.78 29.15 30.70
CA GLU D 330 -10.03 28.81 31.38
C GLU D 330 -10.97 28.09 30.45
N ASP D 331 -11.82 27.22 31.00
CA ASP D 331 -12.82 26.55 30.19
C ASP D 331 -14.25 26.97 30.54
N HIS D 332 -14.41 28.01 31.36
CA HIS D 332 -15.72 28.61 31.57
C HIS D 332 -15.58 30.10 31.86
N ILE D 333 -15.92 30.92 30.87
CA ILE D 333 -15.48 32.31 30.84
C ILE D 333 -16.72 33.20 30.80
N GLU D 334 -16.76 34.22 31.66
CA GLU D 334 -17.87 35.17 31.65
C GLU D 334 -17.69 36.23 30.59
N ALA D 335 -18.53 37.26 30.60
CA ALA D 335 -18.57 38.24 29.50
C ALA D 335 -18.27 39.63 30.01
N ASP D 336 -17.15 40.20 29.58
CA ASP D 336 -16.77 41.57 29.90
C ASP D 336 -16.51 42.33 28.61
N ARG D 337 -17.24 43.44 28.44
CA ARG D 337 -17.00 44.28 27.27
C ARG D 337 -15.64 44.97 27.33
N SER D 338 -15.27 45.40 28.54
CA SER D 338 -13.97 46.09 28.77
C SER D 338 -12.86 45.05 28.86
N ARG D 339 -13.14 43.82 28.42
CA ARG D 339 -12.14 42.72 28.45
C ARG D 339 -12.18 41.96 27.12
N GLY D 340 -13.31 42.01 26.42
CA GLY D 340 -13.47 41.33 25.12
C GLY D 340 -14.59 40.31 25.15
N VAL D 341 -14.63 39.47 26.20
CA VAL D 341 -15.69 38.44 26.34
C VAL D 341 -17.06 39.11 26.20
N PHE D 342 -17.60 39.11 24.98
CA PHE D 342 -18.93 39.75 24.71
C PHE D 342 -20.05 38.84 25.21
N PHE D 343 -19.83 37.52 25.13
CA PHE D 343 -20.85 36.53 25.58
C PHE D 343 -20.14 35.38 26.31
N THR D 344 -20.71 34.94 27.44
CA THR D 344 -20.12 33.83 28.23
C THR D 344 -19.97 32.60 27.34
N GLN D 345 -18.81 31.93 27.40
CA GLN D 345 -18.53 30.77 26.57
C GLN D 345 -18.03 29.59 27.39
N ASP D 346 -18.62 28.42 27.16
CA ASP D 346 -18.11 27.18 27.74
C ASP D 346 -17.17 26.52 26.74
N TRP D 347 -16.31 25.64 27.26
CA TRP D 347 -15.41 24.89 26.38
C TRP D 347 -15.51 23.38 26.54
N ALA D 348 -16.22 22.91 27.58
CA ALA D 348 -16.54 21.48 27.79
C ALA D 348 -15.28 20.62 27.82
N SER D 349 -14.35 21.00 28.69
CA SER D 349 -13.07 20.33 28.92
C SER D 349 -12.22 20.25 27.65
N MET D 350 -12.17 21.36 26.95
CA MET D 350 -11.04 21.39 26.03
C MET D 350 -9.81 21.97 26.73
N PRO D 351 -8.75 21.21 26.78
CA PRO D 351 -7.55 21.66 27.50
C PRO D 351 -6.78 22.71 26.73
N GLY D 352 -7.13 23.99 26.98
CA GLY D 352 -6.72 25.12 26.15
C GLY D 352 -5.24 25.37 25.96
N VAL D 353 -4.93 26.36 25.13
CA VAL D 353 -3.59 26.52 24.57
C VAL D 353 -2.75 27.41 25.48
N LEU D 354 -1.47 27.07 25.63
CA LEU D 354 -0.51 27.96 26.27
C LEU D 354 -0.31 29.22 25.43
N PRO D 355 -0.37 30.40 26.02
CA PRO D 355 0.13 31.59 25.32
C PRO D 355 1.62 31.71 25.49
N VAL D 356 2.22 32.53 24.63
CA VAL D 356 3.63 32.87 24.70
C VAL D 356 3.82 34.26 24.12
N ALA D 357 4.54 35.11 24.85
CA ALA D 357 4.72 36.50 24.48
C ALA D 357 6.10 36.69 23.88
N SER D 358 6.19 37.47 22.80
CA SER D 358 7.47 37.75 22.16
C SER D 358 7.47 39.20 21.68
N GLY D 359 8.16 40.05 22.41
CA GLY D 359 8.36 41.43 22.01
C GLY D 359 9.78 41.83 22.33
N GLY D 360 10.05 43.13 22.25
CA GLY D 360 11.40 43.66 22.52
C GLY D 360 11.65 43.81 24.01
N ILE D 361 11.25 42.80 24.80
CA ILE D 361 11.43 42.85 26.28
C ILE D 361 12.70 42.07 26.65
N HIS D 362 13.52 42.63 27.54
CA HIS D 362 14.78 41.95 27.99
C HIS D 362 14.51 41.24 29.32
N VAL D 363 15.51 41.20 30.20
CA VAL D 363 15.36 40.52 31.52
C VAL D 363 14.81 41.53 32.54
N TRP D 364 14.73 42.81 32.14
CA TRP D 364 14.21 43.88 33.05
C TRP D 364 12.69 43.72 33.22
N HIS D 365 12.01 43.15 32.22
CA HIS D 365 10.54 42.96 32.28
C HIS D 365 10.19 41.60 32.88
N MET D 366 11.21 40.77 33.14
CA MET D 366 11.00 39.41 33.72
C MET D 366 10.13 39.53 34.97
N PRO D 367 10.47 40.41 35.95
CA PRO D 367 9.66 40.56 37.17
C PRO D 367 8.21 40.89 36.82
N ALA D 368 8.01 41.82 35.89
CA ALA D 368 6.64 42.23 35.46
C ALA D 368 5.98 41.06 34.72
N LEU D 369 6.74 40.36 33.86
CA LEU D 369 6.22 39.22 33.06
C LEU D 369 5.49 38.24 34.00
N VAL D 370 6.22 37.68 34.98
CA VAL D 370 5.61 36.72 35.95
C VAL D 370 4.37 37.39 36.55
N GLU D 371 4.42 38.71 36.72
CA GLU D 371 3.30 39.46 37.25
C GLU D 371 2.07 39.34 36.38
N ILE D 372 2.22 39.19 35.06
CA ILE D 372 1.08 39.20 34.16
C ILE D 372 0.61 37.80 33.80
N PHE D 373 1.48 36.98 33.22
CA PHE D 373 1.01 35.68 32.74
C PHE D 373 0.97 34.61 33.82
N GLY D 374 1.26 34.95 35.07
CA GLY D 374 1.19 33.98 36.15
C GLY D 374 2.23 32.90 36.05
N ASP D 375 1.79 31.69 35.71
CA ASP D 375 2.71 30.56 35.63
C ASP D 375 2.54 29.81 34.32
N ASP D 376 1.33 29.85 33.75
CA ASP D 376 1.01 29.04 32.59
C ASP D 376 1.28 29.79 31.30
N SER D 377 2.56 29.88 30.93
CA SER D 377 2.96 30.55 29.71
C SER D 377 4.40 30.19 29.34
N VAL D 378 4.84 30.66 28.17
CA VAL D 378 6.23 30.54 27.74
C VAL D 378 6.69 31.96 27.47
N LEU D 379 7.95 32.26 27.75
CA LEU D 379 8.46 33.60 27.59
C LEU D 379 9.61 33.59 26.59
N GLN D 380 9.64 34.58 25.70
CA GLN D 380 10.63 34.66 24.64
C GLN D 380 11.62 35.78 24.87
N PHE D 381 12.73 35.71 24.15
CA PHE D 381 13.77 36.72 24.17
C PHE D 381 14.43 36.79 22.80
N GLY D 382 15.28 37.80 22.62
CA GLY D 382 16.13 37.90 21.45
C GLY D 382 15.56 38.68 20.28
N GLY D 383 14.51 39.47 20.50
CA GLY D 383 13.89 40.18 19.40
C GLY D 383 14.71 41.32 18.81
N GLY D 384 14.84 42.42 19.56
CA GLY D 384 15.54 43.60 19.10
C GLY D 384 17.02 43.57 19.44
N THR D 385 17.54 44.74 19.79
CA THR D 385 18.96 44.90 20.13
C THR D 385 19.14 44.45 21.58
N LEU D 386 19.34 43.15 21.77
CA LEU D 386 19.65 42.61 23.08
C LEU D 386 20.73 41.54 22.95
N GLY D 387 21.66 41.78 22.03
CA GLY D 387 22.82 40.93 21.90
C GLY D 387 23.69 41.07 23.13
N HIS D 388 23.81 39.96 23.86
CA HIS D 388 24.58 39.94 25.09
C HIS D 388 26.06 40.13 24.76
N PRO D 389 26.70 41.21 25.24
CA PRO D 389 28.10 41.44 24.90
C PRO D 389 29.08 40.45 25.50
N TRP D 390 28.63 39.60 26.42
CA TRP D 390 29.40 38.44 26.80
C TRP D 390 29.14 37.25 25.89
N GLY D 391 27.92 36.77 25.82
CA GLY D 391 27.61 35.65 24.96
C GLY D 391 26.18 35.17 25.10
N ASN D 392 25.79 34.34 24.13
CA ASN D 392 24.42 33.85 24.08
C ASN D 392 24.15 32.83 25.18
N ALA D 393 25.07 31.89 25.39
CA ALA D 393 24.91 30.94 26.50
C ALA D 393 25.05 31.61 27.89
N PRO D 394 25.97 32.57 28.12
CA PRO D 394 25.84 33.38 29.36
C PRO D 394 24.53 34.13 29.48
N GLY D 395 23.97 34.60 28.35
CA GLY D 395 22.69 35.26 28.37
C GLY D 395 21.56 34.32 28.77
N ALA D 396 21.60 33.12 28.20
CA ALA D 396 20.58 32.08 28.49
C ALA D 396 20.55 31.83 30.00
N THR D 397 21.70 31.48 30.58
CA THR D 397 21.81 31.22 32.03
C THR D 397 21.21 32.39 32.80
N ALA D 398 21.64 33.63 32.49
CA ALA D 398 21.13 34.83 33.15
C ALA D 398 19.59 34.83 33.08
N ASN D 399 19.04 34.64 31.87
CA ASN D 399 17.57 34.61 31.66
C ASN D 399 16.94 33.64 32.65
N ARG D 400 17.31 32.36 32.57
CA ARG D 400 16.77 31.31 33.47
C ARG D 400 16.90 31.77 34.92
N VAL D 401 18.10 32.19 35.31
CA VAL D 401 18.36 32.67 36.71
C VAL D 401 17.31 33.72 37.07
N ALA D 402 17.14 34.74 36.21
CA ALA D 402 16.17 35.83 36.45
C ALA D 402 14.78 35.25 36.72
N LEU D 403 14.19 34.59 35.72
CA LEU D 403 12.82 34.00 35.85
C LEU D 403 12.77 33.14 37.11
N GLU D 404 13.73 32.23 37.30
CA GLU D 404 13.76 31.34 38.49
C GLU D 404 13.64 32.20 39.75
N ALA D 405 14.59 33.11 39.96
CA ALA D 405 14.56 34.00 41.14
C ALA D 405 13.22 34.75 41.16
N CYS D 406 12.85 35.34 40.03
CA CYS D 406 11.56 36.08 39.91
C CYS D 406 10.41 35.21 40.42
N VAL D 407 10.31 33.98 39.89
CA VAL D 407 9.23 33.03 40.31
C VAL D 407 9.28 32.90 41.83
N GLN D 408 10.46 32.61 42.39
CA GLN D 408 10.62 32.48 43.86
C GLN D 408 10.07 33.74 44.53
N ALA D 409 10.51 34.92 44.07
CA ALA D 409 10.06 36.21 44.63
C ALA D 409 8.52 36.27 44.64
N ARG D 410 7.89 35.92 43.51
CA ARG D 410 6.41 35.93 43.43
C ARG D 410 5.86 34.94 44.46
N ASN D 411 6.47 33.76 44.55
CA ASN D 411 6.04 32.71 45.52
C ASN D 411 6.23 33.23 46.94
N GLU D 412 7.33 33.95 47.19
CA GLU D 412 7.61 34.52 48.53
C GLU D 412 6.39 35.34 48.99
N GLY D 413 5.91 36.25 48.14
CA GLY D 413 4.76 37.05 48.49
C GLY D 413 5.04 38.55 48.47
N ARG D 414 6.30 38.91 48.23
CA ARG D 414 6.67 40.30 47.99
C ARG D 414 5.93 40.72 46.73
N ASP D 415 5.24 41.85 46.73
CA ASP D 415 4.39 42.24 45.61
C ASP D 415 5.27 42.65 44.44
N LEU D 416 5.55 41.67 43.58
CA LEU D 416 6.73 41.67 42.72
C LEU D 416 6.64 42.70 41.59
N TYR D 417 5.48 43.27 41.32
CA TYR D 417 5.38 44.44 40.47
C TYR D 417 6.07 45.65 41.08
N ARG D 418 6.18 45.71 42.41
CA ARG D 418 6.83 46.82 43.08
C ARG D 418 8.32 46.61 43.32
N GLU D 419 8.74 45.42 43.75
CA GLU D 419 10.13 45.22 44.16
C GLU D 419 10.95 44.37 43.21
N GLY D 420 10.47 44.07 42.00
CA GLY D 420 11.14 43.14 41.12
C GLY D 420 12.51 43.56 40.64
N GLY D 421 12.74 44.86 40.57
CA GLY D 421 14.06 45.34 40.22
C GLY D 421 15.08 45.03 41.30
N ASP D 422 14.70 45.25 42.56
CA ASP D 422 15.59 44.95 43.68
C ASP D 422 15.77 43.44 43.82
N ILE D 423 14.75 42.67 43.45
CA ILE D 423 14.85 41.20 43.43
C ILE D 423 15.97 40.76 42.50
N LEU D 424 16.00 41.31 41.29
CA LEU D 424 17.05 40.99 40.34
C LEU D 424 18.40 41.49 40.81
N ARG D 425 18.41 42.62 41.53
CA ARG D 425 19.66 43.15 42.06
C ARG D 425 20.26 42.22 43.11
N GLU D 426 19.43 41.64 43.98
CA GLU D 426 20.02 40.69 44.92
C GLU D 426 20.27 39.35 44.24
N ALA D 427 19.61 39.11 43.11
CA ALA D 427 19.83 37.86 42.40
C ALA D 427 21.15 37.85 41.66
N GLY D 428 21.58 39.00 41.13
CA GLY D 428 22.83 39.04 40.39
C GLY D 428 24.08 39.12 41.23
N LYS D 429 23.97 38.95 42.54
CA LYS D 429 25.12 39.19 43.42
C LYS D 429 26.16 38.09 43.32
N TRP D 430 25.78 36.94 42.78
CA TRP D 430 26.75 35.85 42.57
C TRP D 430 26.88 35.48 41.10
N SER D 431 25.84 35.73 40.32
CA SER D 431 25.92 35.46 38.89
C SER D 431 26.42 36.69 38.14
N PRO D 432 27.61 36.62 37.53
CA PRO D 432 28.13 37.80 36.83
C PRO D 432 27.40 38.09 35.54
N GLU D 433 26.80 37.06 34.95
CA GLU D 433 26.05 37.24 33.71
C GLU D 433 24.79 38.05 33.98
N LEU D 434 24.13 37.76 35.09
CA LEU D 434 22.96 38.54 35.49
C LEU D 434 23.37 39.93 35.92
N ALA D 435 24.59 40.08 36.43
CA ALA D 435 25.10 41.42 36.75
C ALA D 435 25.31 42.23 35.48
N ALA D 436 25.77 41.58 34.41
CA ALA D 436 25.88 42.25 33.12
C ALA D 436 24.50 42.61 32.58
N ALA D 437 23.53 41.74 32.83
CA ALA D 437 22.14 42.01 32.47
C ALA D 437 21.58 43.19 33.25
N LEU D 438 22.03 43.35 34.49
CA LEU D 438 21.67 44.52 35.28
C LEU D 438 22.31 45.75 34.68
N ASP D 439 23.55 45.59 34.20
CA ASP D 439 24.31 46.69 33.63
C ASP D 439 23.74 47.19 32.32
N LEU D 440 23.15 46.31 31.52
CA LEU D 440 22.87 46.69 30.13
C LEU D 440 21.54 47.45 29.99
N TRP D 441 20.62 47.30 30.95
CA TRP D 441 19.35 48.03 30.89
C TRP D 441 18.94 48.46 32.29
N LYS D 442 17.66 48.82 32.40
CA LYS D 442 17.10 49.45 33.60
C LYS D 442 15.59 49.36 33.58
N GLU D 443 14.95 49.70 34.71
CA GLU D 443 13.53 49.41 34.92
C GLU D 443 12.72 50.60 35.45
N ILE D 444 13.21 51.84 35.30
CA ILE D 444 12.60 52.95 36.02
C ILE D 444 11.56 53.64 35.14
N LYS D 445 10.95 52.88 34.24
CA LYS D 445 9.70 53.23 33.56
C LYS D 445 8.65 53.78 34.51
N PHE D 446 8.33 53.02 35.55
CA PHE D 446 7.32 53.42 36.55
C PHE D 446 7.51 52.55 37.79
N GLU D 447 6.80 52.86 38.86
CA GLU D 447 6.65 51.95 39.98
C GLU D 447 5.96 50.67 39.51
N LEU E 1 20.71 51.98 10.08
CA LEU E 1 19.56 52.28 9.24
C LEU E 1 19.90 53.29 8.16
N THR E 2 20.64 52.86 7.14
CA THR E 2 20.90 53.68 5.94
C THR E 2 20.56 52.81 4.74
N TYR E 3 19.30 52.86 4.32
CA TYR E 3 18.84 52.15 3.14
C TYR E 3 17.87 53.00 2.34
N TYR E 4 17.94 54.32 2.53
CA TYR E 4 16.84 55.28 2.30
C TYR E 4 16.48 55.27 0.82
N THR E 5 17.34 55.81 -0.06
CA THR E 5 17.16 55.75 -1.51
C THR E 5 18.52 55.62 -2.19
N PRO E 6 19.26 54.51 -1.97
CA PRO E 6 20.59 54.52 -2.63
C PRO E 6 20.59 54.02 -4.08
N ASP E 7 19.48 54.27 -4.76
CA ASP E 7 19.26 54.28 -6.21
C ASP E 7 19.47 52.94 -6.91
N TYR E 8 20.32 52.08 -6.37
CA TYR E 8 20.38 50.62 -6.44
C TYR E 8 20.52 49.99 -7.84
N THR E 9 20.19 50.75 -8.90
CA THR E 9 19.98 50.25 -10.27
C THR E 9 19.17 48.96 -10.22
N PRO E 10 17.85 49.04 -10.03
CA PRO E 10 17.04 47.85 -9.73
C PRO E 10 17.04 46.82 -10.86
N LYS E 11 17.22 45.57 -10.47
CA LYS E 11 17.73 44.56 -11.38
C LYS E 11 16.68 43.59 -11.89
N ASP E 12 17.16 42.58 -12.62
CA ASP E 12 16.34 41.60 -13.31
C ASP E 12 15.48 40.75 -12.40
N THR E 13 16.03 40.21 -11.31
CA THR E 13 15.24 39.27 -10.53
C THR E 13 14.51 39.95 -9.39
N ASP E 14 15.23 40.35 -8.34
CA ASP E 14 15.02 41.58 -7.57
C ASP E 14 13.73 41.69 -6.75
N LEU E 15 12.71 40.86 -7.05
CA LEU E 15 11.37 40.85 -6.45
C LEU E 15 10.81 42.22 -6.09
N LEU E 16 10.70 43.11 -7.07
CA LEU E 16 10.43 44.51 -6.79
C LEU E 16 8.99 44.76 -6.35
N ALA E 17 8.71 44.68 -5.06
CA ALA E 17 7.35 44.90 -4.56
C ALA E 17 7.16 46.35 -4.13
N ALA E 18 5.90 46.80 -4.07
CA ALA E 18 5.65 48.19 -3.68
C ALA E 18 4.74 48.27 -2.46
N PHE E 19 4.55 49.48 -1.94
CA PHE E 19 3.73 49.68 -0.74
C PHE E 19 3.06 51.04 -0.73
N ARG E 20 1.79 51.09 -0.32
CA ARG E 20 1.10 52.34 -0.01
C ARG E 20 1.32 52.61 1.46
N PHE E 21 2.00 53.71 1.75
CA PHE E 21 2.66 53.91 3.03
C PHE E 21 2.13 55.16 3.70
N SER E 22 1.80 55.07 5.00
CA SER E 22 1.31 56.22 5.74
C SER E 22 1.88 56.22 7.15
N PRO E 23 2.78 57.14 7.48
CA PRO E 23 3.36 57.18 8.81
C PRO E 23 2.40 57.77 9.83
N GLN E 24 2.78 57.61 11.09
CA GLN E 24 2.24 58.40 12.19
C GLN E 24 3.10 59.64 12.24
N PRO E 25 2.56 60.82 12.59
CA PRO E 25 3.40 62.03 12.65
C PRO E 25 4.48 61.98 13.72
N GLY E 26 5.55 62.71 13.48
CA GLY E 26 6.74 62.63 14.31
C GLY E 26 7.69 61.58 13.79
N VAL E 27 7.48 61.17 12.54
CA VAL E 27 8.33 60.17 11.90
C VAL E 27 8.88 60.74 10.61
N PRO E 28 10.19 60.80 10.43
CA PRO E 28 10.75 61.16 9.11
C PRO E 28 10.53 60.01 8.13
N ALA E 29 10.25 60.37 6.88
CA ALA E 29 9.78 59.43 5.87
C ALA E 29 10.78 58.36 5.43
N PRO E 30 12.04 58.66 5.03
CA PRO E 30 12.85 57.55 4.50
C PRO E 30 13.39 56.62 5.57
N GLU E 31 13.46 57.08 6.83
CA GLU E 31 13.83 56.19 7.92
C GLU E 31 12.79 55.11 8.12
N ALA E 32 11.53 55.46 7.89
CA ALA E 32 10.47 54.47 7.98
C ALA E 32 10.48 53.55 6.77
N GLY E 33 10.94 54.06 5.62
CA GLY E 33 11.14 53.20 4.47
C GLY E 33 12.23 52.17 4.69
N ALA E 34 13.35 52.59 5.27
CA ALA E 34 14.40 51.65 5.61
C ALA E 34 13.99 50.76 6.77
N ALA E 35 13.03 51.22 7.59
CA ALA E 35 12.46 50.36 8.61
C ALA E 35 11.65 49.23 7.97
N ILE E 36 10.91 49.53 6.90
CA ILE E 36 10.24 48.48 6.14
C ILE E 36 11.26 47.52 5.54
N ALA E 37 12.35 48.08 5.02
CA ALA E 37 13.38 47.27 4.38
C ALA E 37 14.10 46.37 5.38
N ALA E 38 14.26 46.85 6.62
CA ALA E 38 14.90 46.04 7.64
C ALA E 38 13.95 45.00 8.21
N GLU E 39 12.69 45.38 8.41
CA GLU E 39 11.70 44.46 8.94
C GLU E 39 11.37 43.36 7.95
N SER E 40 11.56 43.60 6.65
CA SER E 40 11.36 42.56 5.66
C SER E 40 12.37 41.44 5.79
N SER E 41 13.59 41.73 6.22
CA SER E 41 14.62 40.72 6.36
C SER E 41 15.73 41.20 7.29
N THR E 42 16.10 40.36 8.26
CA THR E 42 17.19 40.58 9.22
C THR E 42 17.01 41.88 10.00
N GLY E 43 16.01 41.89 10.90
CA GLY E 43 15.45 43.10 11.48
C GLY E 43 16.43 44.04 12.17
N THR E 44 16.37 45.31 11.74
CA THR E 44 17.19 46.44 12.28
C THR E 44 18.62 45.99 12.56
N TRP E 45 19.19 45.14 11.71
CA TRP E 45 20.58 44.66 11.87
C TRP E 45 20.81 44.16 13.31
N THR E 46 20.09 43.11 13.70
CA THR E 46 20.16 42.52 15.06
C THR E 46 21.63 42.35 15.49
N THR E 47 22.02 43.04 16.57
CA THR E 47 23.42 42.99 17.09
C THR E 47 23.83 41.54 17.33
N VAL E 48 25.03 41.17 16.88
CA VAL E 48 25.57 39.78 17.04
C VAL E 48 27.07 39.86 17.36
N TRP E 49 27.70 38.71 17.63
CA TRP E 49 29.15 38.66 17.96
C TRP E 49 29.96 38.44 16.68
N THR E 50 29.29 38.01 15.60
CA THR E 50 29.98 37.75 14.29
C THR E 50 29.86 38.99 13.39
N ASP E 51 29.35 40.10 13.94
CA ASP E 51 29.19 41.35 13.16
C ASP E 51 30.54 42.06 13.07
N LEU E 52 31.46 41.74 13.99
CA LEU E 52 32.81 42.37 14.01
C LEU E 52 33.81 41.42 13.31
N LEU E 53 33.29 40.36 12.68
CA LEU E 53 34.16 39.38 11.98
C LEU E 53 33.65 39.17 10.54
N THR E 54 32.34 39.27 10.34
CA THR E 54 31.76 39.09 9.01
C THR E 54 30.64 40.10 8.77
N ASP E 55 30.61 40.69 7.57
CA ASP E 55 29.58 41.66 7.24
C ASP E 55 28.41 40.97 6.54
N MET E 56 27.22 41.06 7.14
CA MET E 56 25.99 40.45 6.62
C MET E 56 25.39 41.39 5.57
N ASP E 57 25.79 41.19 4.32
CA ASP E 57 25.49 42.14 3.27
C ASP E 57 25.15 41.44 1.96
N ARG E 58 24.67 40.21 2.04
CA ARG E 58 24.31 39.52 0.80
C ARG E 58 22.80 39.37 0.65
N TYR E 59 22.07 39.51 1.75
CA TYR E 59 20.65 39.21 1.76
C TYR E 59 19.83 40.38 2.27
N ASP E 60 20.34 41.60 2.19
CA ASP E 60 19.63 42.75 2.70
C ASP E 60 18.46 43.10 1.79
N GLY E 61 17.25 43.02 2.32
CA GLY E 61 16.12 43.62 1.65
C GLY E 61 16.26 45.13 1.64
N LYS E 62 16.24 45.70 0.44
CA LYS E 62 16.83 47.03 0.26
C LYS E 62 15.85 47.96 -0.44
N CYS E 63 15.35 48.95 0.29
CA CYS E 63 14.49 49.98 -0.28
C CYS E 63 15.31 50.90 -1.16
N TYR E 64 14.68 51.52 -2.16
CA TYR E 64 15.41 52.44 -3.01
C TYR E 64 14.65 53.67 -3.46
N HIS E 65 13.41 53.87 -3.02
CA HIS E 65 12.61 54.91 -3.65
C HIS E 65 11.63 55.52 -2.65
N ILE E 66 11.21 56.74 -2.96
CA ILE E 66 10.17 57.46 -2.22
C ILE E 66 9.45 58.40 -3.19
N GLU E 67 8.12 58.40 -3.16
CA GLU E 67 7.37 59.27 -4.04
C GLU E 67 5.99 59.51 -3.45
N PRO E 68 5.65 60.77 -3.17
CA PRO E 68 4.36 61.09 -2.54
C PRO E 68 3.17 60.89 -3.45
N VAL E 69 2.05 60.52 -2.83
CA VAL E 69 0.85 60.19 -3.59
C VAL E 69 0.24 61.47 -4.14
N GLN E 70 -0.11 61.45 -5.42
CA GLN E 70 -0.74 62.59 -6.09
C GLN E 70 -2.16 62.71 -5.56
N GLY E 71 -2.38 63.71 -4.71
CA GLY E 71 -3.71 63.98 -4.19
C GLY E 71 -4.02 63.23 -2.91
N GLU E 72 -3.15 63.35 -1.91
CA GLU E 72 -3.32 62.64 -0.65
C GLU E 72 -2.50 63.34 0.41
N GLU E 73 -3.01 63.37 1.63
CA GLU E 73 -2.26 63.89 2.77
C GLU E 73 -1.54 62.75 3.44
N ASN E 74 -0.22 62.90 3.59
CA ASN E 74 0.64 62.07 4.44
C ASN E 74 0.64 60.60 3.99
N SER E 75 1.07 60.40 2.75
CA SER E 75 1.15 59.06 2.18
C SER E 75 2.11 59.06 1.02
N TYR E 76 2.86 57.97 0.87
CA TYR E 76 3.75 57.84 -0.28
C TYR E 76 3.94 56.38 -0.67
N PHE E 77 4.50 56.18 -1.86
CA PHE E 77 4.73 54.85 -2.41
C PHE E 77 6.21 54.50 -2.25
N ALA E 78 6.49 53.44 -1.50
CA ALA E 78 7.85 52.95 -1.31
C ALA E 78 8.06 51.70 -2.14
N PHE E 79 9.17 51.66 -2.86
CA PHE E 79 9.54 50.52 -3.70
C PHE E 79 10.61 49.66 -3.03
N ILE E 80 10.22 48.46 -2.60
CA ILE E 80 11.12 47.57 -1.87
C ILE E 80 11.82 46.65 -2.87
N ALA E 81 12.91 46.02 -2.46
CA ALA E 81 13.64 45.09 -3.31
C ALA E 81 14.25 43.98 -2.46
N ASP E 82 13.97 42.75 -2.83
CA ASP E 82 14.46 41.55 -2.16
C ASP E 82 15.08 40.62 -3.18
N PRO E 83 16.39 40.30 -3.05
CA PRO E 83 17.17 39.88 -4.23
C PRO E 83 16.78 38.57 -4.90
N LEU E 84 17.09 37.40 -4.34
CA LEU E 84 16.43 36.19 -4.81
C LEU E 84 16.17 35.20 -3.70
N ASP E 85 17.14 35.03 -2.81
CA ASP E 85 17.29 33.76 -2.09
C ASP E 85 16.42 33.70 -0.84
N LEU E 86 15.45 34.59 -0.72
CA LEU E 86 14.62 34.58 0.46
C LEU E 86 13.36 33.77 0.24
N PHE E 87 13.29 33.00 -0.84
CA PHE E 87 12.03 32.39 -1.26
C PHE E 87 12.24 30.96 -1.71
N GLU E 88 11.29 30.10 -1.37
CA GLU E 88 11.34 28.70 -1.75
C GLU E 88 10.69 28.50 -3.10
N GLU E 89 11.21 27.57 -3.89
CA GLU E 89 10.49 27.16 -5.09
C GLU E 89 9.25 26.38 -4.69
N GLY E 90 8.17 26.59 -5.43
CA GLY E 90 6.93 25.88 -5.17
C GLY E 90 5.94 26.57 -4.28
N SER E 91 6.36 27.54 -3.47
CA SER E 91 5.50 28.08 -2.41
C SER E 91 5.06 29.49 -2.75
N VAL E 92 3.77 29.75 -2.56
CA VAL E 92 3.28 31.11 -2.45
C VAL E 92 3.21 31.48 -0.97
N THR E 93 3.08 30.47 -0.12
CA THR E 93 3.02 30.66 1.32
C THR E 93 4.31 31.26 1.84
N ASN E 94 5.44 30.81 1.31
CA ASN E 94 6.72 31.37 1.73
C ASN E 94 6.88 32.79 1.21
N ILE E 95 6.30 33.09 0.04
CA ILE E 95 6.32 34.44 -0.51
C ILE E 95 5.60 35.40 0.43
N LEU E 96 4.38 35.04 0.84
CA LEU E 96 3.62 35.90 1.73
C LEU E 96 4.25 35.95 3.12
N THR E 97 4.86 34.84 3.55
CA THR E 97 5.44 34.81 4.88
C THR E 97 6.67 35.70 4.95
N SER E 98 7.46 35.73 3.88
CA SER E 98 8.67 36.53 3.88
C SER E 98 8.35 38.01 3.72
N ILE E 99 7.42 38.33 2.82
CA ILE E 99 7.16 39.73 2.52
C ILE E 99 6.33 40.37 3.61
N VAL E 100 5.10 39.91 3.80
CA VAL E 100 4.27 40.50 4.83
C VAL E 100 3.88 39.43 5.83
N GLY E 101 4.69 39.28 6.88
CA GLY E 101 4.28 38.44 7.97
C GLY E 101 4.26 39.20 9.28
N ASN E 102 5.14 40.19 9.39
CA ASN E 102 5.22 40.97 10.61
C ASN E 102 5.42 42.44 10.34
N VAL E 103 5.60 42.79 9.06
CA VAL E 103 5.97 44.14 8.64
C VAL E 103 4.85 45.11 8.97
N PHE E 104 3.61 44.68 8.76
CA PHE E 104 2.47 45.52 9.09
C PHE E 104 2.36 45.68 10.60
N GLY E 105 1.80 46.81 11.01
CA GLY E 105 1.48 47.10 12.40
C GLY E 105 2.66 47.09 13.34
N PHE E 106 3.78 47.70 12.93
CA PHE E 106 4.98 47.68 13.76
C PHE E 106 5.08 48.95 14.61
N LYS E 107 3.94 49.60 14.80
CA LYS E 107 3.69 50.57 15.86
C LYS E 107 4.54 51.82 15.71
N ALA E 108 4.92 52.11 14.47
CA ALA E 108 5.61 53.35 14.19
C ALA E 108 4.80 54.17 13.20
N ILE E 109 4.26 53.50 12.18
CA ILE E 109 3.48 54.15 11.15
C ILE E 109 1.99 54.03 11.47
N ARG E 110 1.18 54.83 10.78
CA ARG E 110 -0.26 54.72 10.95
C ARG E 110 -0.80 53.52 10.18
N SER E 111 -0.48 53.42 8.89
CA SER E 111 -1.06 52.37 8.07
C SER E 111 -0.20 51.99 6.88
N LEU E 112 -0.43 50.80 6.35
CA LEU E 112 0.39 50.25 5.28
C LEU E 112 -0.42 49.26 4.47
N ARG E 113 -0.28 49.32 3.16
CA ARG E 113 -1.07 48.51 2.24
C ARG E 113 -0.17 47.97 1.14
N LEU E 114 0.01 46.65 1.13
CA LEU E 114 0.80 45.97 0.08
C LEU E 114 0.04 46.13 -1.23
N GLU E 115 0.58 46.93 -2.11
CA GLU E 115 -0.19 47.35 -3.27
C GLU E 115 0.16 46.51 -4.48
N ASP E 116 1.43 46.22 -4.69
CA ASP E 116 1.84 45.53 -5.91
C ASP E 116 3.04 44.64 -5.71
N ILE E 117 3.31 43.77 -6.69
CA ILE E 117 4.46 42.83 -6.59
C ILE E 117 4.89 42.38 -7.99
N ARG E 118 6.16 42.59 -8.32
CA ARG E 118 6.72 42.18 -9.65
C ARG E 118 7.47 40.86 -9.47
N PHE E 119 6.93 39.78 -10.03
CA PHE E 119 7.60 38.45 -9.93
C PHE E 119 8.66 38.33 -11.02
N PRO E 120 9.86 37.79 -10.72
CA PRO E 120 10.92 37.64 -11.72
C PRO E 120 10.66 36.43 -12.63
N VAL E 121 11.41 36.34 -13.73
CA VAL E 121 11.24 35.22 -14.71
C VAL E 121 12.05 34.00 -14.26
N ALA E 122 12.91 34.17 -13.24
CA ALA E 122 13.74 33.06 -12.73
C ALA E 122 13.12 32.49 -11.44
N LEU E 123 11.85 32.82 -11.17
CA LEU E 123 11.17 32.32 -9.95
C LEU E 123 9.72 31.96 -10.29
N VAL E 124 9.17 32.55 -11.35
CA VAL E 124 7.77 32.27 -11.77
C VAL E 124 7.76 31.07 -12.72
N LYS E 125 8.93 30.61 -13.13
CA LYS E 125 9.05 29.44 -14.05
C LYS E 125 9.18 28.16 -13.23
N THR E 126 9.52 28.29 -11.93
CA THR E 126 9.67 27.13 -11.08
C THR E 126 8.39 26.72 -10.39
N PHE E 127 7.31 27.47 -10.56
CA PHE E 127 6.04 27.08 -9.98
C PHE E 127 5.29 26.15 -10.92
N GLN E 128 4.18 25.62 -10.41
CA GLN E 128 3.35 24.71 -11.17
C GLN E 128 2.63 25.36 -12.32
N GLY E 129 2.17 26.59 -12.15
CA GLY E 129 1.30 27.20 -13.11
C GLY E 129 -0.12 26.69 -12.95
N PRO E 130 -1.02 27.13 -13.82
CA PRO E 130 -2.39 26.63 -13.77
C PRO E 130 -2.43 25.21 -14.30
N PRO E 131 -3.45 24.44 -13.91
CA PRO E 131 -3.58 23.08 -14.44
C PRO E 131 -3.86 23.05 -15.93
N HIS E 132 -4.61 24.00 -16.43
CA HIS E 132 -4.88 24.07 -17.86
C HIS E 132 -4.89 25.53 -18.29
N GLY E 133 -4.54 25.77 -19.54
CA GLY E 133 -4.60 27.11 -20.06
C GLY E 133 -6.00 27.49 -20.47
N ILE E 134 -6.16 28.76 -20.80
CA ILE E 134 -7.38 29.27 -21.44
C ILE E 134 -7.57 28.53 -22.74
N GLN E 135 -6.47 28.40 -23.50
CA GLN E 135 -6.42 27.57 -24.69
C GLN E 135 -6.88 26.15 -24.39
N VAL E 136 -6.25 25.51 -23.42
CA VAL E 136 -6.49 24.09 -23.11
C VAL E 136 -7.89 23.89 -22.56
N GLU E 137 -8.40 24.86 -21.80
CA GLU E 137 -9.76 24.76 -21.29
C GLU E 137 -10.78 24.87 -22.40
N ARG E 138 -10.55 25.77 -23.36
CA ARG E 138 -11.40 25.80 -24.55
C ARG E 138 -11.27 24.53 -25.35
N ASP E 139 -10.08 23.92 -25.36
CA ASP E 139 -9.87 22.67 -26.06
C ASP E 139 -10.69 21.55 -25.43
N LEU E 140 -10.77 21.53 -24.11
CA LEU E 140 -11.53 20.49 -23.43
C LEU E 140 -13.02 20.78 -23.46
N LEU E 141 -13.41 22.02 -23.76
CA LEU E 141 -14.83 22.34 -23.66
C LEU E 141 -15.49 22.69 -24.99
N ASN E 142 -14.71 22.92 -26.05
CA ASN E 142 -15.20 23.23 -27.41
C ASN E 142 -16.09 24.48 -27.41
N LYS E 143 -15.62 25.52 -26.74
CA LYS E 143 -16.35 26.79 -26.63
C LYS E 143 -15.41 27.86 -27.19
N TYR E 144 -15.63 28.28 -28.42
CA TYR E 144 -14.57 28.86 -29.23
C TYR E 144 -14.83 30.31 -29.65
N GLY E 145 -16.06 30.77 -29.48
CA GLY E 145 -16.36 32.11 -29.98
C GLY E 145 -17.00 33.02 -28.97
N ARG E 146 -17.49 32.47 -27.87
CA ARG E 146 -18.31 33.23 -26.95
C ARG E 146 -17.78 33.06 -25.53
N PRO E 147 -18.09 33.98 -24.63
CA PRO E 147 -17.83 33.73 -23.22
C PRO E 147 -18.76 32.63 -22.69
N MET E 148 -18.33 31.99 -21.61
CA MET E 148 -19.08 30.88 -21.06
C MET E 148 -20.19 31.37 -20.13
N LEU E 149 -21.22 30.54 -19.97
CA LEU E 149 -22.42 30.90 -19.24
C LEU E 149 -22.50 30.19 -17.90
N GLY E 150 -23.13 30.85 -16.93
CA GLY E 150 -23.27 30.29 -15.60
C GLY E 150 -24.34 30.93 -14.74
N CYS E 151 -25.02 30.14 -13.92
CA CYS E 151 -25.90 30.69 -12.91
C CYS E 151 -25.73 29.93 -11.60
N THR E 152 -26.13 30.59 -10.50
CA THR E 152 -26.07 30.02 -9.17
C THR E 152 -27.43 29.43 -8.84
N ILE E 153 -27.43 28.21 -8.31
CA ILE E 153 -28.67 27.54 -8.00
C ILE E 153 -29.31 28.18 -6.77
N LYS E 154 -30.56 28.61 -6.92
CA LYS E 154 -31.25 29.27 -5.83
C LYS E 154 -32.43 28.41 -5.39
N PRO E 155 -32.71 28.35 -4.09
CA PRO E 155 -32.06 29.03 -2.96
C PRO E 155 -30.76 28.40 -2.50
N LYS E 156 -30.23 28.92 -1.41
CA LYS E 156 -28.96 28.44 -0.88
C LYS E 156 -29.11 27.10 -0.17
N LEU E 157 -30.05 27.02 0.77
CA LEU E 157 -30.16 25.85 1.62
C LEU E 157 -31.55 25.25 1.57
N GLY E 158 -31.76 24.15 2.32
CA GLY E 158 -33.05 23.49 2.43
C GLY E 158 -33.54 22.89 1.12
N LEU E 159 -32.59 22.54 0.27
CA LEU E 159 -32.86 22.28 -1.13
C LEU E 159 -32.08 21.04 -1.53
N SER E 160 -32.38 19.90 -0.92
CA SER E 160 -31.55 18.71 -0.67
C SER E 160 -31.31 17.91 -1.96
N ALA E 161 -30.89 16.64 -1.83
CA ALA E 161 -30.27 15.83 -2.88
C ALA E 161 -31.01 15.78 -4.21
N LYS E 162 -32.25 15.24 -4.26
CA LYS E 162 -32.99 15.26 -5.53
C LYS E 162 -33.36 16.64 -5.97
N ASN E 163 -33.69 17.47 -4.98
CA ASN E 163 -34.01 18.88 -5.19
C ASN E 163 -32.89 19.61 -5.91
N TYR E 164 -31.68 19.54 -5.35
CA TYR E 164 -30.56 20.34 -5.86
C TYR E 164 -30.10 19.83 -7.21
N GLY E 165 -29.90 18.53 -7.34
CA GLY E 165 -29.38 17.96 -8.57
C GLY E 165 -30.33 18.10 -9.74
N ARG E 166 -31.62 17.85 -9.46
CA ARG E 166 -32.69 17.95 -10.47
C ARG E 166 -32.97 19.44 -10.73
N ALA E 167 -32.71 20.27 -9.73
CA ALA E 167 -32.91 21.74 -9.89
C ALA E 167 -31.87 22.26 -10.88
N VAL E 168 -30.66 21.70 -10.81
CA VAL E 168 -29.55 22.10 -11.72
C VAL E 168 -29.83 21.50 -13.11
N TYR E 169 -30.47 20.33 -13.13
CA TYR E 169 -30.80 19.65 -14.41
C TYR E 169 -31.54 20.63 -15.33
N GLU E 170 -32.68 21.17 -14.86
CA GLU E 170 -33.46 22.15 -15.65
C GLU E 170 -32.54 23.29 -16.09
N CYS E 171 -31.87 23.93 -15.12
CA CYS E 171 -30.95 25.05 -15.42
C CYS E 171 -29.94 24.62 -16.51
N LEU E 172 -29.29 23.48 -16.30
CA LEU E 172 -28.29 22.98 -17.28
C LEU E 172 -28.98 22.64 -18.61
N ARG E 173 -30.20 22.10 -18.55
CA ARG E 173 -30.96 21.74 -19.79
C ARG E 173 -31.32 23.01 -20.55
N GLY E 174 -31.62 24.10 -19.82
CA GLY E 174 -31.96 25.39 -20.42
C GLY E 174 -31.00 25.76 -21.53
N GLY E 175 -29.69 25.72 -21.25
CA GLY E 175 -28.68 26.05 -22.27
C GLY E 175 -27.44 26.69 -21.69
N LEU E 176 -27.28 26.67 -20.35
CA LEU E 176 -26.10 27.29 -19.78
C LEU E 176 -24.86 26.43 -20.01
N ASP E 177 -23.70 27.00 -19.69
CA ASP E 177 -22.46 26.25 -19.76
C ASP E 177 -22.10 25.64 -18.42
N PHE E 178 -22.31 26.36 -17.32
CA PHE E 178 -21.95 25.87 -16.00
C PHE E 178 -22.98 26.28 -14.97
N THR E 179 -22.91 25.61 -13.81
CA THR E 179 -23.81 25.85 -12.65
C THR E 179 -23.08 25.43 -11.38
N LYS E 180 -22.50 26.39 -10.66
CA LYS E 180 -21.74 26.10 -9.41
C LYS E 180 -22.58 26.52 -8.19
N ASP E 181 -22.43 25.80 -7.08
CA ASP E 181 -23.18 26.10 -5.83
C ASP E 181 -22.42 27.19 -5.05
N ASP E 182 -23.06 27.76 -4.03
CA ASP E 182 -22.41 28.84 -3.22
C ASP E 182 -21.45 28.21 -2.21
N GLU E 183 -20.54 29.02 -1.65
CA GLU E 183 -19.53 28.57 -0.67
C GLU E 183 -20.20 27.72 0.42
N ASN E 184 -21.11 28.33 1.19
CA ASN E 184 -21.82 27.61 2.28
C ASN E 184 -22.67 26.48 1.69
N ILE E 185 -22.09 25.30 1.51
CA ILE E 185 -22.81 24.13 0.95
C ILE E 185 -22.04 22.86 1.31
N ASN E 186 -20.82 23.01 1.81
CA ASN E 186 -19.99 21.88 2.20
C ASN E 186 -20.82 20.90 3.03
N SER E 187 -20.16 19.90 3.60
CA SER E 187 -20.87 18.74 4.13
C SER E 187 -21.63 19.06 5.40
N GLN E 188 -22.81 19.63 5.23
CA GLN E 188 -23.62 20.11 6.34
C GLN E 188 -24.74 19.11 6.56
N PRO E 189 -25.14 18.87 7.81
CA PRO E 189 -25.92 17.66 8.11
C PRO E 189 -27.35 17.65 7.60
N PHE E 190 -27.80 18.71 6.94
CA PHE E 190 -29.06 18.61 6.21
C PHE E 190 -28.83 18.13 4.80
N GLN E 191 -27.59 18.18 4.33
CA GLN E 191 -27.29 17.87 2.92
C GLN E 191 -25.88 17.29 2.86
N ARG E 192 -25.78 15.97 2.91
CA ARG E 192 -24.48 15.32 3.00
C ARG E 192 -23.76 15.43 1.67
N TRP E 193 -22.43 15.53 1.67
CA TRP E 193 -21.69 15.83 0.46
C TRP E 193 -21.71 14.71 -0.57
N ARG E 194 -22.00 13.48 -0.15
CA ARG E 194 -22.10 12.30 -0.99
C ARG E 194 -23.14 12.46 -2.10
N ASP E 195 -24.40 12.60 -1.70
CA ASP E 195 -25.48 12.40 -2.65
C ASP E 195 -25.64 13.61 -3.55
N ARG E 196 -25.18 14.78 -3.08
CA ARG E 196 -25.18 15.96 -3.94
C ARG E 196 -24.24 15.75 -5.11
N PHE E 197 -23.06 15.20 -4.83
CA PHE E 197 -22.12 14.86 -5.89
C PHE E 197 -22.71 13.83 -6.83
N LEU E 198 -23.37 12.81 -6.28
CA LEU E 198 -23.93 11.75 -7.13
C LEU E 198 -25.02 12.28 -8.04
N PHE E 199 -25.93 13.09 -7.51
CA PHE E 199 -27.06 13.56 -8.31
C PHE E 199 -26.65 14.63 -9.29
N VAL E 200 -25.74 15.53 -8.89
CA VAL E 200 -25.25 16.55 -9.81
C VAL E 200 -24.46 15.90 -10.94
N ALA E 201 -23.74 14.82 -10.61
CA ALA E 201 -22.99 14.07 -11.61
C ALA E 201 -23.92 13.41 -12.63
N ASP E 202 -24.98 12.78 -12.14
CA ASP E 202 -25.93 12.12 -13.02
C ASP E 202 -26.69 13.13 -13.88
N ALA E 203 -26.95 14.31 -13.30
CA ALA E 203 -27.60 15.39 -14.05
C ALA E 203 -26.72 15.89 -15.18
N ILE E 204 -25.43 16.06 -14.91
CA ILE E 204 -24.47 16.45 -15.94
C ILE E 204 -24.44 15.41 -17.06
N HIS E 205 -24.43 14.14 -16.69
CA HIS E 205 -24.27 13.08 -17.68
C HIS E 205 -25.49 12.97 -18.59
N LYS E 206 -26.68 13.05 -18.00
CA LYS E 206 -27.90 13.00 -18.80
C LYS E 206 -28.08 14.27 -19.64
N SER E 207 -27.60 15.40 -19.12
CA SER E 207 -27.71 16.63 -19.88
C SER E 207 -26.74 16.65 -21.06
N GLN E 208 -25.56 16.04 -20.91
CA GLN E 208 -24.68 15.85 -22.04
C GLN E 208 -25.31 14.90 -23.05
N ALA E 209 -26.04 13.89 -22.56
CA ALA E 209 -26.71 12.96 -23.47
C ALA E 209 -27.78 13.64 -24.29
N GLU E 210 -28.52 14.58 -23.70
CA GLU E 210 -29.54 15.26 -24.48
C GLU E 210 -29.03 16.38 -25.37
N THR E 211 -28.23 17.30 -24.83
CA THR E 211 -27.95 18.53 -25.57
C THR E 211 -26.81 18.39 -26.57
N GLY E 212 -25.89 17.47 -26.36
CA GLY E 212 -24.78 17.31 -27.28
C GLY E 212 -23.67 18.32 -27.11
N GLU E 213 -23.75 19.16 -26.09
CA GLU E 213 -22.67 20.08 -25.75
C GLU E 213 -21.98 19.55 -24.51
N ILE E 214 -20.67 19.79 -24.41
CA ILE E 214 -19.95 19.42 -23.19
C ILE E 214 -20.40 20.34 -22.07
N LYS E 215 -20.82 19.73 -20.95
CA LYS E 215 -21.39 20.47 -19.84
C LYS E 215 -20.60 20.19 -18.57
N GLY E 216 -20.84 20.98 -17.54
CA GLY E 216 -20.15 20.81 -16.25
C GLY E 216 -20.50 21.89 -15.25
N HIS E 217 -20.83 21.49 -14.01
CA HIS E 217 -21.18 22.47 -12.94
C HIS E 217 -20.18 22.37 -11.78
N TYR E 218 -19.76 23.52 -11.25
CA TYR E 218 -18.78 23.58 -10.13
C TYR E 218 -19.24 22.70 -8.96
N LEU E 219 -18.31 21.94 -8.39
CA LEU E 219 -18.61 21.06 -7.23
C LEU E 219 -17.68 21.45 -6.07
N ASN E 220 -18.16 22.31 -5.15
CA ASN E 220 -17.35 22.78 -4.00
C ASN E 220 -16.72 21.58 -3.29
N VAL E 221 -15.40 21.64 -3.04
CA VAL E 221 -14.68 20.53 -2.35
C VAL E 221 -13.99 21.08 -1.11
N THR E 222 -14.34 22.30 -0.69
CA THR E 222 -13.76 22.91 0.49
C THR E 222 -13.90 21.99 1.68
N ALA E 223 -12.77 21.54 2.20
CA ALA E 223 -12.76 20.41 3.12
C ALA E 223 -12.07 20.83 4.40
N PRO E 224 -12.44 20.22 5.52
CA PRO E 224 -11.64 20.40 6.74
C PRO E 224 -10.23 19.87 6.63
N THR E 225 -10.08 18.55 6.43
CA THR E 225 -8.73 17.94 6.36
C THR E 225 -8.30 17.72 4.90
N CYS E 226 -7.01 17.89 4.62
CA CYS E 226 -6.47 17.68 3.25
C CYS E 226 -6.91 16.30 2.76
N GLU E 227 -6.65 15.26 3.57
CA GLU E 227 -7.06 13.87 3.22
C GLU E 227 -8.55 13.87 2.86
N GLU E 228 -9.39 14.44 3.73
CA GLU E 228 -10.86 14.51 3.46
C GLU E 228 -11.08 15.29 2.16
N MET E 229 -10.44 16.46 2.05
CA MET E 229 -10.59 17.31 0.83
C MET E 229 -10.28 16.46 -0.41
N MET E 230 -9.09 15.87 -0.47
CA MET E 230 -8.71 15.02 -1.62
C MET E 230 -9.73 13.88 -1.78
N LYS E 231 -10.10 13.23 -0.67
CA LYS E 231 -11.07 12.11 -0.71
C LYS E 231 -12.33 12.53 -1.46
N ARG E 232 -12.97 13.63 -1.02
CA ARG E 232 -14.22 14.11 -1.68
C ARG E 232 -13.92 14.56 -3.10
N ALA E 233 -12.75 15.15 -3.33
CA ALA E 233 -12.36 15.62 -4.69
C ALA E 233 -12.12 14.40 -5.59
N GLU E 234 -11.61 13.32 -5.01
CA GLU E 234 -11.32 12.05 -5.76
C GLU E 234 -12.62 11.53 -6.38
N PHE E 235 -13.71 11.57 -5.61
CA PHE E 235 -15.04 11.09 -6.09
C PHE E 235 -15.35 11.74 -7.45
N ALA E 236 -15.24 13.08 -7.51
CA ALA E 236 -15.51 13.83 -8.76
C ALA E 236 -14.70 13.24 -9.92
N LYS E 237 -13.40 13.02 -9.71
CA LYS E 237 -12.51 12.46 -10.76
C LYS E 237 -13.05 11.10 -11.23
N GLU E 238 -13.49 10.25 -10.29
CA GLU E 238 -14.04 8.91 -10.63
C GLU E 238 -15.37 9.07 -11.37
N LEU E 239 -16.13 10.11 -11.04
CA LEU E 239 -17.45 10.36 -11.69
C LEU E 239 -17.24 11.19 -12.95
N GLY E 240 -15.99 11.35 -13.39
CA GLY E 240 -15.68 12.12 -14.58
C GLY E 240 -16.31 13.48 -14.61
N MET E 241 -16.11 14.27 -13.56
CA MET E 241 -16.59 15.63 -13.65
C MET E 241 -15.48 16.53 -14.15
N PRO E 242 -15.77 17.44 -15.07
CA PRO E 242 -14.68 18.16 -15.74
C PRO E 242 -14.05 19.24 -14.90
N ILE E 243 -14.69 19.68 -13.81
CA ILE E 243 -14.20 20.84 -13.08
C ILE E 243 -14.68 20.77 -11.64
N ILE E 244 -13.85 21.27 -10.73
CA ILE E 244 -14.19 21.40 -9.33
C ILE E 244 -13.89 22.83 -8.87
N MET E 245 -14.68 23.31 -7.92
CA MET E 245 -14.49 24.66 -7.41
C MET E 245 -14.01 24.58 -5.97
N HIS E 246 -13.15 25.52 -5.60
CA HIS E 246 -12.48 25.46 -4.31
C HIS E 246 -12.00 26.87 -3.94
N ASP E 247 -12.52 27.38 -2.84
CA ASP E 247 -12.13 28.69 -2.38
C ASP E 247 -10.71 28.69 -1.84
N PHE E 248 -9.99 29.79 -2.06
CA PHE E 248 -8.55 29.79 -1.87
C PHE E 248 -8.13 30.37 -0.53
N LEU E 249 -8.78 31.43 -0.07
CA LEU E 249 -8.20 32.28 0.96
C LEU E 249 -8.55 31.81 2.36
N THR E 250 -9.69 31.15 2.52
CA THR E 250 -10.03 30.56 3.81
C THR E 250 -9.50 29.14 3.91
N ALA E 251 -9.31 28.46 2.79
CA ALA E 251 -8.83 27.09 2.82
C ALA E 251 -7.31 27.07 2.94
N GLY E 252 -6.68 28.11 2.38
CA GLY E 252 -5.21 28.27 2.50
C GLY E 252 -4.46 27.82 1.25
N PHE E 253 -3.41 28.55 0.90
CA PHE E 253 -2.57 28.22 -0.29
C PHE E 253 -1.92 26.84 -0.09
N THR E 254 -1.49 26.54 1.15
CA THR E 254 -0.86 25.23 1.47
C THR E 254 -1.78 24.11 0.98
N ALA E 255 -3.07 24.16 1.33
CA ALA E 255 -4.04 23.12 0.89
C ALA E 255 -4.47 23.41 -0.55
N ASN E 256 -4.30 24.65 -1.00
CA ASN E 256 -4.69 25.04 -2.39
C ASN E 256 -3.68 24.48 -3.39
N THR E 257 -2.41 24.89 -3.25
CA THR E 257 -1.32 24.41 -4.16
C THR E 257 -1.35 22.88 -4.21
N THR E 258 -1.37 22.22 -3.06
CA THR E 258 -1.42 20.74 -2.99
C THR E 258 -2.57 20.22 -3.87
N LEU E 259 -3.76 20.77 -3.68
CA LEU E 259 -4.95 20.37 -4.50
C LEU E 259 -4.71 20.78 -5.96
N ALA E 260 -4.09 21.94 -6.18
CA ALA E 260 -3.79 22.43 -7.54
C ALA E 260 -2.85 21.46 -8.25
N LYS E 261 -1.87 20.91 -7.51
CA LYS E 261 -0.90 19.93 -8.08
C LYS E 261 -1.65 18.65 -8.46
N TRP E 262 -2.66 18.27 -7.67
CA TRP E 262 -3.48 17.07 -7.94
C TRP E 262 -4.50 17.37 -9.04
N CYS E 263 -4.79 18.66 -9.27
CA CYS E 263 -5.75 19.07 -10.31
C CYS E 263 -5.14 18.84 -11.70
N ARG E 264 -3.85 19.14 -11.85
CA ARG E 264 -3.13 18.97 -13.15
C ARG E 264 -2.54 17.56 -13.21
N ASP E 265 -2.65 16.80 -12.12
CA ASP E 265 -2.12 15.41 -12.07
C ASP E 265 -3.23 14.44 -12.51
N ASN E 266 -4.42 14.96 -12.76
CA ASN E 266 -5.56 14.11 -13.19
C ASN E 266 -6.23 14.73 -14.42
N GLY E 267 -5.86 15.97 -14.75
CA GLY E 267 -6.43 16.64 -15.90
C GLY E 267 -7.82 17.16 -15.73
N VAL E 268 -8.12 17.73 -14.58
CA VAL E 268 -9.44 18.28 -14.30
C VAL E 268 -9.30 19.79 -14.19
N LEU E 269 -10.30 20.52 -14.69
CA LEU E 269 -10.32 22.01 -14.62
C LEU E 269 -10.11 22.43 -13.17
N LEU E 270 -10.43 23.69 -12.84
CA LEU E 270 -10.27 24.20 -11.45
C LEU E 270 -11.07 25.50 -11.27
N HIS E 271 -11.94 25.55 -10.25
CA HIS E 271 -12.77 26.75 -9.99
C HIS E 271 -12.44 27.34 -8.62
N ILE E 272 -11.77 28.50 -8.59
CA ILE E 272 -11.37 29.17 -7.33
C ILE E 272 -12.32 30.34 -7.06
N HIS E 273 -13.20 30.19 -6.07
CA HIS E 273 -14.17 31.24 -5.70
C HIS E 273 -13.56 32.14 -4.62
N ARG E 274 -13.23 33.38 -4.97
CA ARG E 274 -12.61 34.32 -4.00
C ARG E 274 -13.58 34.58 -2.84
N ALA E 275 -13.51 33.75 -1.80
CA ALA E 275 -14.39 33.89 -0.61
C ALA E 275 -13.61 34.62 0.49
N MET E 276 -14.22 35.64 1.10
CA MET E 276 -13.53 36.42 2.17
C MET E 276 -12.39 37.24 1.55
N HIS E 277 -12.69 38.01 0.51
CA HIS E 277 -11.68 38.86 -0.16
C HIS E 277 -12.04 40.34 0.04
N ALA E 278 -13.03 40.61 0.88
CA ALA E 278 -13.47 42.00 1.15
C ALA E 278 -12.93 42.46 2.51
N VAL E 279 -12.60 41.51 3.39
CA VAL E 279 -12.07 41.84 4.74
C VAL E 279 -10.55 41.71 4.73
N ILE E 280 -9.90 42.13 3.63
CA ILE E 280 -8.41 42.06 3.51
C ILE E 280 -7.97 42.95 2.34
N ASP E 281 -8.92 43.41 1.53
CA ASP E 281 -8.61 44.25 0.38
C ASP E 281 -9.52 45.47 0.22
N ARG E 282 -10.35 45.78 1.20
CA ARG E 282 -11.36 46.80 0.93
C ARG E 282 -10.84 48.20 1.23
N GLN E 283 -10.26 48.41 2.41
CA GLN E 283 -9.86 49.74 2.85
C GLN E 283 -8.66 50.22 2.04
N ARG E 284 -8.62 51.52 1.76
CA ARG E 284 -7.66 52.06 0.81
C ARG E 284 -6.38 52.52 1.47
N ASN E 285 -6.15 52.09 2.71
CA ASN E 285 -4.96 52.50 3.42
C ASN E 285 -4.28 51.34 4.15
N HIS E 286 -4.93 50.18 4.21
CA HIS E 286 -4.42 49.11 5.06
C HIS E 286 -4.90 47.77 4.51
N GLY E 287 -3.96 46.88 4.21
CA GLY E 287 -4.29 45.54 3.77
C GLY E 287 -3.31 45.10 2.70
N ILE E 288 -3.80 44.20 1.85
CA ILE E 288 -3.15 43.91 0.58
C ILE E 288 -4.20 44.12 -0.49
N HIS E 289 -3.75 44.33 -1.72
CA HIS E 289 -4.68 44.57 -2.86
C HIS E 289 -5.09 43.24 -3.49
N PHE E 290 -6.26 43.20 -4.15
CA PHE E 290 -6.75 41.98 -4.82
C PHE E 290 -5.81 41.63 -5.98
N ARG E 291 -5.31 42.67 -6.67
CA ARG E 291 -4.37 42.49 -7.81
C ARG E 291 -3.23 41.58 -7.36
N VAL E 292 -2.57 41.93 -6.25
CA VAL E 292 -1.44 41.10 -5.72
C VAL E 292 -1.98 39.67 -5.52
N LEU E 293 -3.08 39.54 -4.79
CA LEU E 293 -3.70 38.21 -4.53
C LEU E 293 -3.91 37.48 -5.87
N ALA E 294 -4.53 38.17 -6.84
CA ALA E 294 -4.80 37.58 -8.17
C ALA E 294 -3.50 36.97 -8.73
N LYS E 295 -2.41 37.75 -8.73
CA LYS E 295 -1.10 37.27 -9.24
C LYS E 295 -0.76 35.95 -8.54
N CYS E 296 -0.84 35.92 -7.20
CA CYS E 296 -0.53 34.70 -6.42
C CYS E 296 -1.41 33.55 -6.92
N LEU E 297 -2.71 33.79 -7.10
CA LEU E 297 -3.65 32.74 -7.59
C LEU E 297 -3.14 32.19 -8.93
N ARG E 298 -2.72 33.07 -9.85
CA ARG E 298 -2.19 32.63 -11.16
C ARG E 298 -0.97 31.73 -10.93
N LEU E 299 -0.09 32.14 -10.01
CA LEU E 299 1.12 31.33 -9.69
C LEU E 299 0.67 29.96 -9.16
N SER E 300 -0.34 29.95 -8.29
CA SER E 300 -0.86 28.67 -7.73
C SER E 300 -1.19 27.72 -8.89
N GLY E 301 -2.11 28.12 -9.76
CA GLY E 301 -2.49 27.30 -10.94
C GLY E 301 -3.97 27.01 -11.01
N GLY E 302 -4.81 28.05 -10.90
CA GLY E 302 -6.24 27.87 -10.97
C GLY E 302 -6.68 28.19 -12.38
N ASP E 303 -7.79 27.58 -12.81
CA ASP E 303 -8.33 27.82 -14.18
C ASP E 303 -9.19 29.09 -14.15
N HIS E 304 -10.25 29.08 -13.34
CA HIS E 304 -11.16 30.26 -13.22
C HIS E 304 -10.97 30.91 -11.85
N LEU E 305 -11.40 32.17 -11.71
CA LEU E 305 -11.27 32.91 -10.42
C LEU E 305 -12.18 34.13 -10.46
N HIS E 306 -13.18 34.16 -9.56
CA HIS E 306 -14.15 35.29 -9.47
C HIS E 306 -13.39 36.62 -9.45
N SER E 307 -13.75 37.56 -10.34
CA SER E 307 -13.05 38.86 -10.39
C SER E 307 -14.04 40.03 -10.31
N GLY E 308 -15.32 39.73 -10.05
CA GLY E 308 -16.30 40.81 -9.95
C GLY E 308 -16.42 41.59 -11.23
N THR E 309 -17.27 42.61 -11.21
CA THR E 309 -17.67 43.27 -12.44
C THR E 309 -17.61 44.77 -12.25
N VAL E 310 -17.85 45.48 -13.35
CA VAL E 310 -18.01 46.93 -13.34
C VAL E 310 -19.37 47.26 -13.92
N VAL E 311 -20.24 47.83 -13.10
CA VAL E 311 -21.58 48.14 -13.58
C VAL E 311 -21.86 49.64 -13.54
N GLY E 312 -21.69 50.26 -12.38
CA GLY E 312 -21.89 51.69 -12.24
C GLY E 312 -20.82 52.26 -11.36
N LYS E 313 -19.63 51.66 -11.41
CA LYS E 313 -18.56 51.98 -10.49
C LYS E 313 -17.84 53.26 -10.90
N LEU E 314 -16.85 53.65 -10.11
CA LEU E 314 -16.07 54.84 -10.40
C LEU E 314 -15.10 54.52 -11.53
N GLU E 315 -14.70 55.57 -12.26
CA GLU E 315 -13.93 55.42 -13.48
C GLU E 315 -12.55 54.81 -13.23
N GLY E 316 -11.84 55.34 -12.24
CA GLY E 316 -10.52 54.82 -11.92
C GLY E 316 -10.57 53.43 -11.34
N ASP E 317 -11.64 53.15 -10.58
CA ASP E 317 -11.86 51.82 -9.98
C ASP E 317 -12.12 50.82 -11.11
N LYS E 318 -13.00 51.19 -12.04
CA LYS E 318 -13.32 50.32 -13.20
C LYS E 318 -12.01 50.01 -13.92
N ALA E 319 -11.24 51.05 -14.27
CA ALA E 319 -9.95 50.87 -14.96
C ALA E 319 -9.03 49.99 -14.11
N SER E 320 -8.97 50.27 -12.80
CA SER E 320 -8.14 49.48 -11.87
C SER E 320 -8.45 47.98 -12.05
N THR E 321 -9.73 47.63 -11.95
CA THR E 321 -10.16 46.21 -12.13
C THR E 321 -9.70 45.72 -13.51
N LEU E 322 -9.94 46.53 -14.55
CA LEU E 322 -9.52 46.18 -15.93
C LEU E 322 -8.00 45.96 -15.95
N GLY E 323 -7.25 46.87 -15.30
CA GLY E 323 -5.78 46.76 -15.25
C GLY E 323 -5.35 45.39 -14.72
N PHE E 324 -5.96 44.94 -13.63
CA PHE E 324 -5.62 43.62 -13.03
C PHE E 324 -6.30 42.50 -13.83
N VAL E 325 -7.38 42.83 -14.55
CA VAL E 325 -8.11 41.82 -15.35
C VAL E 325 -7.15 41.25 -16.41
N ASP E 326 -6.37 42.13 -17.05
CA ASP E 326 -5.40 41.69 -18.10
C ASP E 326 -4.16 41.11 -17.44
N LEU E 327 -3.92 41.45 -16.17
CA LEU E 327 -2.73 40.94 -15.44
C LEU E 327 -2.84 39.41 -15.28
N MET E 328 -3.75 38.78 -16.02
CA MET E 328 -3.91 37.34 -15.94
C MET E 328 -4.42 36.71 -17.24
N ARG E 329 -4.37 37.45 -18.35
CA ARG E 329 -4.56 36.83 -19.65
C ARG E 329 -3.33 37.09 -20.51
N GLU E 330 -2.83 38.32 -20.46
CA GLU E 330 -1.59 38.67 -21.15
C GLU E 330 -0.39 38.07 -20.43
N ASP E 331 0.67 37.76 -21.18
CA ASP E 331 1.89 37.27 -20.56
C ASP E 331 3.06 38.25 -20.70
N HIS E 332 2.79 39.48 -21.14
CA HIS E 332 3.80 40.53 -21.08
C HIS E 332 3.13 41.88 -20.92
N ILE E 333 3.22 42.44 -19.71
CA ILE E 333 2.33 43.51 -19.28
C ILE E 333 3.18 44.71 -18.90
N GLU E 334 2.81 45.89 -19.39
CA GLU E 334 3.53 47.12 -19.05
C GLU E 334 3.04 47.68 -17.72
N ALA E 335 3.47 48.90 -17.37
CA ALA E 335 3.23 49.43 -16.03
C ALA E 335 2.43 50.73 -16.11
N ASP E 336 1.20 50.70 -15.58
CA ASP E 336 0.36 51.88 -15.49
C ASP E 336 -0.06 52.07 -14.04
N ARG E 337 0.23 53.25 -13.50
CA ARG E 337 -0.21 53.55 -12.14
C ARG E 337 -1.72 53.71 -12.07
N SER E 338 -2.34 54.31 -13.09
CA SER E 338 -3.76 54.59 -13.03
C SER E 338 -4.58 53.31 -13.19
N ARG E 339 -3.97 52.33 -13.85
CA ARG E 339 -4.62 51.01 -14.10
C ARG E 339 -4.28 50.06 -12.95
N GLY E 340 -2.99 49.88 -12.66
CA GLY E 340 -2.55 48.99 -11.56
C GLY E 340 -1.15 48.47 -11.78
N VAL E 341 -0.82 48.08 -13.01
CA VAL E 341 0.55 47.56 -13.34
C VAL E 341 1.59 48.58 -12.86
N PHE E 342 2.10 48.41 -11.64
CA PHE E 342 3.11 49.34 -11.07
C PHE E 342 4.47 49.09 -11.72
N PHE E 343 4.77 47.84 -12.05
CA PHE E 343 6.06 47.48 -12.70
C PHE E 343 5.82 46.43 -13.78
N THR E 344 6.45 46.63 -14.95
CA THR E 344 6.29 45.68 -16.09
C THR E 344 6.63 44.26 -15.61
N GLN E 345 5.78 43.29 -15.95
CA GLN E 345 5.98 41.90 -15.53
C GLN E 345 5.86 40.94 -16.71
N ASP E 346 6.84 40.04 -16.80
CA ASP E 346 6.76 38.95 -17.75
C ASP E 346 6.17 37.72 -17.07
N TRP E 347 5.63 36.80 -17.86
CA TRP E 347 5.11 35.55 -17.31
C TRP E 347 5.73 34.31 -17.92
N ALA E 348 6.49 34.44 -19.01
CA ALA E 348 7.27 33.35 -19.62
C ALA E 348 6.40 32.16 -19.99
N SER E 349 5.34 32.44 -20.75
CA SER E 349 4.36 31.47 -21.24
C SER E 349 3.67 30.72 -20.11
N MET E 350 3.28 31.46 -19.10
CA MET E 350 2.26 30.83 -18.28
C MET E 350 0.87 31.11 -18.83
N PRO E 351 0.14 30.08 -19.16
CA PRO E 351 -1.18 30.28 -19.77
C PRO E 351 -2.22 30.71 -18.76
N GLY E 352 -2.35 32.03 -18.58
CA GLY E 352 -3.07 32.65 -17.48
C GLY E 352 -4.54 32.29 -17.30
N VAL E 353 -5.13 32.81 -16.23
CA VAL E 353 -6.40 32.31 -15.71
C VAL E 353 -7.55 33.09 -16.35
N LEU E 354 -8.63 32.38 -16.66
CA LEU E 354 -9.88 33.04 -17.05
C LEU E 354 -10.47 33.82 -15.88
N PRO E 355 -10.85 35.07 -16.07
CA PRO E 355 -11.68 35.74 -15.07
C PRO E 355 -13.14 35.37 -15.28
N VAL E 356 -13.93 35.62 -14.23
CA VAL E 356 -15.38 35.45 -14.27
C VAL E 356 -16.01 36.44 -13.31
N ALA E 357 -17.01 37.17 -13.77
CA ALA E 357 -17.65 38.23 -13.01
C ALA E 357 -18.97 37.72 -12.45
N SER E 358 -19.25 38.06 -11.20
CA SER E 358 -20.51 37.66 -10.57
C SER E 358 -20.98 38.80 -9.68
N GLY E 359 -21.97 39.54 -10.14
CA GLY E 359 -22.61 40.57 -9.35
C GLY E 359 -24.10 40.52 -9.61
N GLY E 360 -24.81 41.56 -9.18
CA GLY E 360 -26.23 41.61 -9.42
C GLY E 360 -26.54 42.06 -10.82
N ILE E 361 -26.33 41.18 -11.80
CA ILE E 361 -26.42 41.55 -13.21
C ILE E 361 -27.52 40.74 -13.88
N HIS E 362 -28.39 41.44 -14.58
CA HIS E 362 -29.39 40.83 -15.44
C HIS E 362 -28.95 41.00 -16.90
N VAL E 363 -29.84 40.65 -17.83
CA VAL E 363 -29.45 40.51 -19.23
C VAL E 363 -29.18 41.86 -19.87
N TRP E 364 -29.71 42.94 -19.31
CA TRP E 364 -29.46 44.25 -19.86
C TRP E 364 -28.04 44.71 -19.55
N HIS E 365 -27.40 44.10 -18.56
CA HIS E 365 -25.99 44.30 -18.31
C HIS E 365 -25.12 43.53 -19.29
N MET E 366 -25.69 42.53 -19.97
CA MET E 366 -24.95 41.72 -20.94
C MET E 366 -24.32 42.51 -22.09
N PRO E 367 -24.98 43.51 -22.70
CA PRO E 367 -24.22 44.32 -23.69
C PRO E 367 -23.10 45.16 -23.10
N ALA E 368 -23.05 45.33 -21.78
CA ALA E 368 -21.85 45.92 -21.21
C ALA E 368 -20.77 44.86 -21.07
N LEU E 369 -21.16 43.65 -20.70
CA LEU E 369 -20.23 42.58 -20.35
C LEU E 369 -19.32 42.19 -21.50
N VAL E 370 -19.90 41.95 -22.67
CA VAL E 370 -19.10 41.59 -23.82
C VAL E 370 -18.38 42.83 -24.34
N GLU E 371 -18.87 44.01 -23.96
CA GLU E 371 -18.12 45.23 -24.18
C GLU E 371 -16.87 45.28 -23.32
N ILE E 372 -16.88 44.69 -22.12
CA ILE E 372 -15.76 44.83 -21.20
C ILE E 372 -14.82 43.65 -21.26
N PHE E 373 -15.31 42.43 -21.01
CA PHE E 373 -14.39 41.30 -20.92
C PHE E 373 -14.04 40.70 -22.27
N GLY E 374 -14.50 41.28 -23.37
CA GLY E 374 -14.16 40.78 -24.68
C GLY E 374 -14.75 39.42 -24.98
N ASP E 375 -13.90 38.40 -25.01
CA ASP E 375 -14.36 37.06 -25.33
C ASP E 375 -13.86 36.06 -24.29
N ASP E 376 -12.72 36.33 -23.67
CA ASP E 376 -12.06 35.37 -22.81
C ASP E 376 -12.50 35.56 -21.36
N SER E 377 -13.70 35.08 -21.06
CA SER E 377 -14.24 35.15 -19.71
C SER E 377 -15.44 34.22 -19.54
N VAL E 378 -15.94 34.13 -18.32
CA VAL E 378 -17.18 33.40 -18.01
C VAL E 378 -18.08 34.43 -17.34
N LEU E 379 -19.38 34.34 -17.59
CA LEU E 379 -20.33 35.30 -17.04
C LEU E 379 -21.34 34.58 -16.17
N GLN E 380 -21.65 35.17 -15.01
CA GLN E 380 -22.54 34.58 -14.04
C GLN E 380 -23.87 35.29 -13.97
N PHE E 381 -24.84 34.62 -13.35
CA PHE E 381 -26.17 35.16 -13.12
C PHE E 381 -26.72 34.58 -11.83
N GLY E 382 -27.86 35.12 -11.41
CA GLY E 382 -28.62 34.55 -10.30
C GLY E 382 -28.30 35.10 -8.93
N GLY E 383 -27.60 36.22 -8.84
CA GLY E 383 -27.20 36.74 -7.54
C GLY E 383 -28.32 37.28 -6.68
N GLY E 384 -28.87 38.43 -7.06
CA GLY E 384 -29.92 39.09 -6.31
C GLY E 384 -31.31 38.66 -6.70
N THR E 385 -32.23 39.63 -6.71
CA THR E 385 -33.62 39.36 -7.06
C THR E 385 -33.73 39.35 -8.59
N LEU E 386 -33.47 38.18 -9.17
CA LEU E 386 -33.66 37.99 -10.61
C LEU E 386 -34.28 36.63 -10.86
N GLY E 387 -35.18 36.22 -9.96
CA GLY E 387 -35.97 35.04 -10.16
C GLY E 387 -36.90 35.22 -11.33
N HIS E 388 -36.67 34.43 -12.37
CA HIS E 388 -37.46 34.52 -13.58
C HIS E 388 -38.89 34.06 -13.30
N PRO E 389 -39.89 34.94 -13.46
CA PRO E 389 -41.27 34.56 -13.13
C PRO E 389 -41.86 33.52 -14.07
N TRP E 390 -41.20 33.20 -15.17
CA TRP E 390 -41.54 32.02 -15.93
C TRP E 390 -40.84 30.79 -15.41
N GLY E 391 -39.51 30.76 -15.43
CA GLY E 391 -38.79 29.61 -14.94
C GLY E 391 -37.29 29.72 -15.14
N ASN E 392 -36.57 28.84 -14.45
CA ASN E 392 -35.13 28.86 -14.48
C ASN E 392 -34.58 28.38 -15.81
N ALA E 393 -35.15 27.29 -16.34
CA ALA E 393 -34.74 26.73 -17.64
C ALA E 393 -34.97 27.80 -18.71
N PRO E 394 -36.22 28.33 -18.85
CA PRO E 394 -36.51 29.36 -19.85
C PRO E 394 -35.54 30.54 -19.65
N GLY E 395 -35.43 31.02 -18.41
CA GLY E 395 -34.51 32.13 -18.08
C GLY E 395 -33.11 31.85 -18.61
N ALA E 396 -32.55 30.70 -18.25
CA ALA E 396 -31.20 30.32 -18.73
C ALA E 396 -31.18 30.40 -20.26
N THR E 397 -32.16 29.76 -20.91
CA THR E 397 -32.26 29.77 -22.39
C THR E 397 -32.20 31.23 -22.88
N ALA E 398 -33.04 32.10 -22.31
CA ALA E 398 -33.06 33.53 -22.69
C ALA E 398 -31.64 34.10 -22.60
N ASN E 399 -30.97 33.89 -21.47
CA ASN E 399 -29.58 34.38 -21.26
C ASN E 399 -28.71 33.95 -22.45
N ARG E 400 -28.65 32.64 -22.72
CA ARG E 400 -27.84 32.11 -23.85
C ARG E 400 -28.21 32.86 -25.14
N VAL E 401 -29.51 32.94 -25.43
CA VAL E 401 -30.00 33.65 -26.65
C VAL E 401 -29.37 35.05 -26.70
N ALA E 402 -29.48 35.81 -25.60
CA ALA E 402 -28.93 37.18 -25.52
C ALA E 402 -27.44 37.18 -25.92
N LEU E 403 -26.61 36.51 -25.13
CA LEU E 403 -25.14 36.46 -25.41
C LEU E 403 -24.90 36.00 -26.86
N GLU E 404 -25.50 34.87 -27.25
CA GLU E 404 -25.33 34.34 -28.62
C GLU E 404 -25.65 35.44 -29.63
N ALA E 405 -26.83 36.07 -29.50
CA ALA E 405 -27.24 37.15 -30.41
C ALA E 405 -26.26 38.33 -30.27
N CYS E 406 -25.86 38.63 -29.04
CA CYS E 406 -24.91 39.74 -28.75
C CYS E 406 -23.58 39.45 -29.47
N VAL E 407 -22.84 38.45 -28.99
CA VAL E 407 -21.53 38.07 -29.61
C VAL E 407 -21.58 38.42 -31.10
N GLN E 408 -22.75 38.24 -31.71
CA GLN E 408 -22.92 38.56 -33.15
C GLN E 408 -22.73 40.07 -33.35
N ALA E 409 -23.26 40.88 -32.41
CA ALA E 409 -23.14 42.35 -32.47
C ALA E 409 -21.65 42.74 -32.46
N ARG E 410 -20.85 42.08 -31.62
CA ARG E 410 -19.40 42.39 -31.54
C ARG E 410 -18.77 42.10 -32.91
N ASN E 411 -19.10 40.97 -33.51
CA ASN E 411 -18.57 40.59 -34.84
C ASN E 411 -19.19 41.50 -35.91
N GLU E 412 -20.45 41.92 -35.68
CA GLU E 412 -21.16 42.81 -36.62
C GLU E 412 -20.36 44.11 -36.77
N GLY E 413 -20.09 44.78 -35.64
CA GLY E 413 -19.33 46.01 -35.68
C GLY E 413 -20.10 47.21 -35.22
N ARG E 414 -21.39 47.03 -34.94
CA ARG E 414 -22.21 48.07 -34.30
C ARG E 414 -21.59 48.31 -32.94
N ASP E 415 -21.33 49.55 -32.56
CA ASP E 415 -20.61 49.86 -31.33
C ASP E 415 -21.50 49.55 -30.14
N LEU E 416 -21.37 48.32 -29.63
CA LEU E 416 -22.42 47.65 -28.87
C LEU E 416 -22.63 48.24 -27.49
N TYR E 417 -21.72 49.08 -27.00
CA TYR E 417 -21.98 49.89 -25.83
C TYR E 417 -23.10 50.91 -26.07
N ARG E 418 -23.30 51.32 -27.32
CA ARG E 418 -24.35 52.29 -27.65
C ARG E 418 -25.67 51.64 -28.02
N GLU E 419 -25.68 50.58 -28.82
CA GLU E 419 -26.93 50.04 -29.34
C GLU E 419 -27.35 48.71 -28.74
N GLY E 420 -26.72 48.25 -27.67
CA GLY E 420 -26.97 46.92 -27.14
C GLY E 420 -28.37 46.67 -26.63
N GLY E 421 -29.03 47.72 -26.17
CA GLY E 421 -30.42 47.58 -25.77
C GLY E 421 -31.32 47.28 -26.94
N ASP E 422 -31.13 47.98 -28.06
CA ASP E 422 -31.91 47.75 -29.26
C ASP E 422 -31.58 46.40 -29.87
N ILE E 423 -30.31 45.94 -29.69
CA ILE E 423 -29.90 44.61 -30.12
C ILE E 423 -30.74 43.55 -29.44
N LEU E 424 -30.88 43.66 -28.13
CA LEU E 424 -31.69 42.71 -27.38
C LEU E 424 -33.16 42.84 -27.73
N ARG E 425 -33.61 44.05 -28.08
CA ARG E 425 -34.99 44.24 -28.49
C ARG E 425 -35.29 43.53 -29.79
N GLU E 426 -34.37 43.56 -30.76
CA GLU E 426 -34.65 42.80 -31.97
C GLU E 426 -34.38 41.33 -31.75
N ALA E 427 -33.60 40.99 -30.71
CA ALA E 427 -33.33 39.60 -30.43
C ALA E 427 -34.53 38.90 -29.80
N GLY E 428 -35.29 39.61 -28.97
CA GLY E 428 -36.42 38.97 -28.32
C GLY E 428 -37.67 38.88 -29.15
N LYS E 429 -37.60 39.16 -30.46
CA LYS E 429 -38.80 39.24 -31.28
C LYS E 429 -39.39 37.86 -31.56
N TRP E 430 -38.60 36.81 -31.38
CA TRP E 430 -39.11 35.45 -31.59
C TRP E 430 -39.02 34.63 -30.30
N SER E 431 -38.09 34.98 -29.42
CA SER E 431 -37.98 34.27 -28.15
C SER E 431 -38.83 34.96 -27.09
N PRO E 432 -39.89 34.30 -26.60
CA PRO E 432 -40.74 34.95 -25.59
C PRO E 432 -40.08 35.07 -24.23
N GLU E 433 -39.12 34.19 -23.95
CA GLU E 433 -38.40 34.23 -22.69
C GLU E 433 -37.54 35.47 -22.62
N LEU E 434 -36.87 35.79 -23.74
CA LEU E 434 -36.07 36.99 -23.82
C LEU E 434 -36.96 38.22 -23.82
N ALA E 435 -38.19 38.09 -24.33
CA ALA E 435 -39.15 39.18 -24.25
C ALA E 435 -39.56 39.46 -22.81
N ALA E 436 -39.69 38.39 -22.02
CA ALA E 436 -39.96 38.55 -20.59
C ALA E 436 -38.77 39.18 -19.89
N ALA E 437 -37.56 38.84 -20.34
CA ALA E 437 -36.34 39.44 -19.84
C ALA E 437 -36.28 40.93 -20.19
N LEU E 438 -36.82 41.29 -21.35
CA LEU E 438 -36.94 42.69 -21.73
C LEU E 438 -37.94 43.38 -20.80
N ASP E 439 -39.02 42.66 -20.47
CA ASP E 439 -40.08 43.19 -19.63
C ASP E 439 -39.63 43.44 -18.19
N LEU E 440 -38.72 42.63 -17.67
CA LEU E 440 -38.52 42.64 -16.23
C LEU E 440 -37.53 43.72 -15.80
N TRP E 441 -36.67 44.21 -16.71
CA TRP E 441 -35.74 45.27 -16.36
C TRP E 441 -35.58 46.23 -17.54
N LYS E 442 -34.52 47.03 -17.46
CA LYS E 442 -34.29 48.15 -18.38
C LYS E 442 -32.83 48.59 -18.31
N GLU E 443 -32.42 49.45 -19.24
CA GLU E 443 -31.01 49.76 -19.46
C GLU E 443 -30.71 51.25 -19.56
N ILE E 444 -31.58 52.13 -19.06
CA ILE E 444 -31.44 53.56 -19.38
C ILE E 444 -30.65 54.26 -18.28
N LYS E 445 -29.77 53.53 -17.62
CA LYS E 445 -28.69 54.07 -16.79
C LYS E 445 -27.95 55.22 -17.48
N PHE E 446 -27.44 54.97 -18.69
CA PHE E 446 -26.70 55.99 -19.45
C PHE E 446 -26.65 55.52 -20.90
N GLU E 447 -26.16 56.37 -21.80
CA GLU E 447 -25.76 55.96 -23.14
C GLU E 447 -24.65 54.91 -23.04
N LEU F 1 -22.18 8.00 51.67
CA LEU F 1 -23.39 7.74 50.88
C LEU F 1 -24.48 8.74 51.18
N THR F 2 -24.33 9.98 50.71
CA THR F 2 -25.39 10.99 50.78
C THR F 2 -25.54 11.54 49.36
N TYR F 3 -26.41 10.92 48.57
CA TYR F 3 -26.71 11.40 47.23
C TYR F 3 -28.19 11.22 46.94
N TYR F 4 -29.01 11.16 47.99
CA TYR F 4 -30.34 10.53 48.01
C TYR F 4 -31.26 11.29 47.05
N THR F 5 -31.66 12.52 47.38
CA THR F 5 -32.45 13.38 46.48
C THR F 5 -32.03 14.82 46.71
N PRO F 6 -30.78 15.22 46.39
CA PRO F 6 -30.47 16.63 46.69
C PRO F 6 -30.85 17.62 45.60
N ASP F 7 -31.91 17.28 44.86
CA ASP F 7 -32.75 18.11 44.00
C ASP F 7 -32.05 18.72 42.79
N TYR F 8 -30.74 18.95 42.89
CA TYR F 8 -29.71 19.04 41.86
C TYR F 8 -29.90 20.10 40.77
N THR F 9 -31.14 20.59 40.56
CA THR F 9 -31.57 21.37 39.40
C THR F 9 -31.02 20.73 38.13
N PRO F 10 -31.61 19.64 37.65
CA PRO F 10 -31.00 18.84 36.58
C PRO F 10 -30.84 19.59 35.27
N LYS F 11 -29.66 19.44 34.68
CA LYS F 11 -29.16 20.43 33.74
C LYS F 11 -29.23 20.00 32.29
N ASP F 12 -28.65 20.83 31.44
CA ASP F 12 -28.68 20.71 29.98
C ASP F 12 -28.03 19.44 29.45
N THR F 13 -26.83 19.10 29.92
CA THR F 13 -26.15 17.97 29.29
C THR F 13 -26.41 16.67 30.02
N ASP F 14 -25.82 16.48 31.19
CA ASP F 14 -26.40 15.82 32.35
C ASP F 14 -26.69 14.31 32.24
N LEU F 15 -26.75 13.77 31.01
CA LEU F 15 -27.09 12.37 30.68
C LEU F 15 -28.16 11.73 31.55
N LEU F 16 -29.33 12.32 31.61
CA LEU F 16 -30.33 11.97 32.60
C LEU F 16 -30.98 10.62 32.30
N ALA F 17 -30.41 9.52 32.80
CA ALA F 17 -30.97 8.19 32.55
C ALA F 17 -31.89 7.77 33.70
N ALA F 18 -32.79 6.83 33.44
CA ALA F 18 -33.71 6.39 34.49
C ALA F 18 -33.59 4.90 34.75
N PHE F 19 -34.29 4.40 35.78
CA PHE F 19 -34.22 3.00 36.16
C PHE F 19 -35.51 2.50 36.79
N ARG F 20 -35.95 1.31 36.42
CA ARG F 20 -37.03 0.61 37.13
C ARG F 20 -36.37 -0.23 38.20
N PHE F 21 -36.68 0.07 39.46
CA PHE F 21 -35.85 -0.33 40.57
C PHE F 21 -36.67 -1.16 41.55
N SER F 22 -36.11 -2.28 42.00
CA SER F 22 -36.80 -3.14 42.98
C SER F 22 -35.81 -3.69 43.99
N PRO F 23 -35.86 -3.23 45.24
CA PRO F 23 -34.93 -3.73 46.25
C PRO F 23 -35.31 -5.13 46.74
N GLN F 24 -34.37 -5.71 47.47
CA GLN F 24 -34.65 -6.85 48.33
C GLN F 24 -35.09 -6.23 49.65
N PRO F 25 -36.02 -6.86 50.39
CA PRO F 25 -36.45 -6.27 51.67
C PRO F 25 -35.35 -6.22 52.72
N GLY F 26 -35.47 -5.26 53.64
CA GLY F 26 -34.42 -4.98 54.58
C GLY F 26 -33.47 -3.93 54.03
N VAL F 27 -33.91 -3.23 52.99
CA VAL F 27 -33.10 -2.19 52.37
C VAL F 27 -33.89 -0.90 52.35
N PRO F 28 -33.41 0.18 52.94
CA PRO F 28 -34.06 1.50 52.76
C PRO F 28 -33.84 2.00 51.34
N ALA F 29 -34.85 2.65 50.81
CA ALA F 29 -34.93 2.98 49.38
C ALA F 29 -33.91 4.01 48.88
N PRO F 30 -33.71 5.19 49.49
CA PRO F 30 -32.79 6.15 48.83
C PRO F 30 -31.32 5.80 49.01
N GLU F 31 -30.98 4.99 50.03
CA GLU F 31 -29.60 4.51 50.16
C GLU F 31 -29.24 3.59 49.00
N ALA F 32 -30.21 2.83 48.52
CA ALA F 32 -29.98 1.99 47.36
C ALA F 32 -29.93 2.82 46.09
N GLY F 33 -30.65 3.94 46.06
CA GLY F 33 -30.52 4.87 44.95
C GLY F 33 -29.15 5.50 44.86
N ALA F 34 -28.62 5.93 46.01
CA ALA F 34 -27.26 6.46 46.03
C ALA F 34 -26.23 5.35 45.82
N ALA F 35 -26.61 4.10 46.12
CA ALA F 35 -25.76 2.97 45.77
C ALA F 35 -25.66 2.81 44.26
N ILE F 36 -26.77 3.00 43.55
CA ILE F 36 -26.74 3.02 42.09
C ILE F 36 -25.86 4.16 41.60
N ALA F 37 -26.00 5.32 42.24
CA ALA F 37 -25.24 6.50 41.84
C ALA F 37 -23.75 6.34 42.09
N ALA F 38 -23.39 5.60 43.14
CA ALA F 38 -21.98 5.37 43.43
C ALA F 38 -21.42 4.28 42.54
N GLU F 39 -22.20 3.22 42.31
CA GLU F 39 -21.75 2.12 41.46
C GLU F 39 -21.62 2.55 40.00
N SER F 40 -22.36 3.59 39.59
CA SER F 40 -22.21 4.10 38.24
C SER F 40 -20.85 4.74 38.01
N SER F 41 -20.25 5.34 39.04
CA SER F 41 -18.95 5.98 38.90
C SER F 41 -18.30 6.15 40.26
N THR F 42 -17.02 5.76 40.36
CA THR F 42 -16.17 5.90 41.55
C THR F 42 -16.79 5.25 42.78
N GLY F 43 -16.84 3.90 42.78
CA GLY F 43 -17.68 3.11 43.66
C GLY F 43 -17.53 3.36 45.16
N THR F 44 -18.68 3.68 45.77
CA THR F 44 -18.95 3.72 47.22
C THR F 44 -17.99 4.59 48.02
N TRP F 45 -17.46 5.65 47.38
CA TRP F 45 -16.45 6.55 47.94
C TRP F 45 -15.25 5.75 48.40
N THR F 46 -14.52 5.17 47.44
CA THR F 46 -13.37 4.34 47.76
C THR F 46 -12.26 5.16 48.40
N THR F 47 -11.88 4.78 49.62
CA THR F 47 -10.93 5.55 50.40
C THR F 47 -9.52 5.44 49.83
N VAL F 48 -8.91 6.60 49.57
CA VAL F 48 -7.57 6.69 49.03
C VAL F 48 -6.78 7.50 50.06
N TRP F 49 -5.47 7.68 49.85
CA TRP F 49 -4.66 8.48 50.76
C TRP F 49 -4.74 9.96 50.48
N THR F 50 -5.41 10.37 49.39
CA THR F 50 -5.48 11.75 48.97
C THR F 50 -6.86 12.36 49.24
N ASP F 51 -7.79 11.57 49.77
CA ASP F 51 -9.13 12.04 50.11
C ASP F 51 -9.12 13.11 51.19
N LEU F 52 -8.13 13.09 52.08
CA LEU F 52 -7.89 14.17 53.02
C LEU F 52 -7.31 15.40 52.35
N LEU F 53 -6.61 15.24 51.23
CA LEU F 53 -5.97 16.35 50.54
C LEU F 53 -6.91 16.98 49.52
N THR F 54 -7.34 16.15 48.55
CA THR F 54 -8.24 16.65 47.47
C THR F 54 -9.60 15.96 47.57
N ASP F 55 -10.68 16.73 47.43
CA ASP F 55 -12.07 16.19 47.48
C ASP F 55 -12.59 16.10 46.04
N MET F 56 -11.82 15.47 45.15
CA MET F 56 -12.18 15.32 43.71
C MET F 56 -13.62 14.82 43.59
N ASP F 57 -14.48 15.64 42.96
CA ASP F 57 -15.91 15.28 42.76
C ASP F 57 -16.50 16.25 41.73
N ARG F 58 -15.75 16.53 40.65
CA ARG F 58 -16.20 17.45 39.58
C ARG F 58 -16.99 16.68 38.52
N TYR F 59 -17.05 15.34 38.65
CA TYR F 59 -17.78 14.51 37.67
C TYR F 59 -18.06 13.13 38.27
N ASP F 60 -19.30 12.90 38.71
CA ASP F 60 -19.73 11.60 39.30
C ASP F 60 -21.27 11.60 39.39
N GLY F 61 -21.90 10.50 38.93
CA GLY F 61 -23.37 10.38 38.96
C GLY F 61 -23.93 10.74 40.33
N LYS F 62 -24.90 11.66 40.37
CA LYS F 62 -25.49 12.10 41.66
C LYS F 62 -27.02 11.98 41.60
N CYS F 63 -27.55 10.76 41.81
CA CYS F 63 -28.99 10.53 41.81
C CYS F 63 -29.70 11.73 42.39
N TYR F 64 -30.95 11.96 41.98
CA TYR F 64 -31.67 13.10 42.54
C TYR F 64 -33.16 12.85 42.80
N HIS F 65 -33.68 11.66 42.57
CA HIS F 65 -35.13 11.52 42.58
C HIS F 65 -35.54 10.13 43.06
N ILE F 66 -36.77 10.04 43.54
CA ILE F 66 -37.41 8.78 43.92
C ILE F 66 -38.91 8.93 43.73
N GLU F 67 -39.54 7.95 43.11
CA GLU F 67 -40.98 8.00 42.87
C GLU F 67 -41.52 6.60 42.70
N PRO F 68 -42.45 6.18 43.56
CA PRO F 68 -42.98 4.81 43.50
C PRO F 68 -43.87 4.56 42.29
N VAL F 69 -43.84 3.31 41.82
CA VAL F 69 -44.57 2.95 40.61
C VAL F 69 -46.05 2.90 40.92
N GLN F 70 -46.86 3.53 40.06
CA GLN F 70 -48.30 3.53 40.21
C GLN F 70 -48.82 2.13 39.88
N GLY F 71 -49.21 1.39 40.92
CA GLY F 71 -49.78 0.08 40.74
C GLY F 71 -48.75 -1.03 40.73
N GLU F 72 -47.91 -1.08 41.77
CA GLU F 72 -46.85 -2.07 41.85
C GLU F 72 -46.42 -2.19 43.31
N GLU F 73 -46.07 -3.41 43.71
CA GLU F 73 -45.51 -3.63 45.04
C GLU F 73 -43.99 -3.57 44.95
N ASN F 74 -43.39 -2.70 45.76
CA ASN F 74 -41.91 -2.52 45.80
C ASN F 74 -41.36 -2.38 44.38
N SER F 75 -41.60 -1.21 43.75
CA SER F 75 -41.12 -0.93 42.37
C SER F 75 -41.23 0.57 42.08
N TYR F 76 -40.09 1.28 42.08
CA TYR F 76 -40.10 2.74 41.80
C TYR F 76 -38.90 3.10 40.89
N PHE F 77 -39.15 3.99 39.92
CA PHE F 77 -38.10 4.42 38.97
C PHE F 77 -37.26 5.54 39.61
N ALA F 78 -35.93 5.45 39.47
CA ALA F 78 -35.00 6.45 40.04
C ALA F 78 -34.27 7.18 38.91
N PHE F 79 -34.38 8.52 38.88
CA PHE F 79 -33.71 9.34 37.84
C PHE F 79 -32.28 9.68 38.28
N ILE F 80 -31.28 9.13 37.57
CA ILE F 80 -29.85 9.38 37.91
C ILE F 80 -29.33 10.56 37.09
N ALA F 81 -28.03 10.82 37.13
CA ALA F 81 -27.44 11.93 36.38
C ALA F 81 -25.93 11.78 36.35
N ASP F 82 -25.36 11.82 35.16
CA ASP F 82 -23.93 11.71 34.91
C ASP F 82 -23.47 12.85 34.02
N PRO F 83 -22.55 13.70 34.51
CA PRO F 83 -22.46 15.07 33.97
C PRO F 83 -22.06 15.24 32.51
N LEU F 84 -20.79 15.06 32.14
CA LEU F 84 -20.48 14.89 30.72
C LEU F 84 -19.34 13.93 30.49
N ASP F 85 -18.30 14.03 31.30
CA ASP F 85 -16.97 13.63 30.88
C ASP F 85 -16.70 12.14 31.06
N LEU F 86 -17.75 11.38 31.29
CA LEU F 86 -17.54 9.96 31.50
C LEU F 86 -17.68 9.17 30.20
N PHE F 87 -17.72 9.86 29.07
CA PHE F 87 -18.09 9.22 27.82
C PHE F 87 -17.21 9.67 26.67
N GLU F 88 -16.88 8.72 25.80
CA GLU F 88 -16.04 9.02 24.64
C GLU F 88 -16.90 9.46 23.47
N GLU F 89 -16.38 10.37 22.65
CA GLU F 89 -17.04 10.66 21.39
C GLU F 89 -16.88 9.47 20.46
N GLY F 90 -17.92 9.19 19.69
CA GLY F 90 -17.89 8.11 18.72
C GLY F 90 -18.42 6.77 19.20
N SER F 91 -18.50 6.54 20.51
CA SER F 91 -18.76 5.20 21.03
C SER F 91 -20.15 5.12 21.63
N VAL F 92 -20.87 4.06 21.28
CA VAL F 92 -22.02 3.63 22.05
C VAL F 92 -21.58 2.57 23.06
N THR F 93 -20.48 1.89 22.73
CA THR F 93 -19.92 0.86 23.60
C THR F 93 -19.46 1.45 24.92
N ASN F 94 -18.85 2.64 24.87
CA ASN F 94 -18.43 3.30 26.10
C ASN F 94 -19.64 3.77 26.90
N ILE F 95 -20.72 4.15 26.21
CA ILE F 95 -21.96 4.56 26.87
C ILE F 95 -22.51 3.40 27.70
N LEU F 96 -22.63 2.24 27.06
CA LEU F 96 -23.17 1.08 27.77
C LEU F 96 -22.20 0.59 28.84
N THR F 97 -20.90 0.74 28.59
CA THR F 97 -19.92 0.24 29.54
C THR F 97 -19.92 1.09 30.80
N SER F 98 -20.11 2.39 30.64
CA SER F 98 -20.10 3.29 31.78
C SER F 98 -21.39 3.18 32.58
N ILE F 99 -22.53 3.12 31.88
CA ILE F 99 -23.80 3.16 32.57
C ILE F 99 -24.11 1.81 33.20
N VAL F 100 -24.27 0.78 32.38
CA VAL F 100 -24.59 -0.53 32.94
C VAL F 100 -23.50 -1.50 32.53
N GLY F 101 -22.48 -1.64 33.36
CA GLY F 101 -21.52 -2.69 33.14
C GLY F 101 -21.41 -3.58 34.36
N ASN F 102 -21.64 -3.01 35.54
CA ASN F 102 -21.54 -3.78 36.77
C ASN F 102 -22.64 -3.43 37.75
N VAL F 103 -23.44 -2.42 37.41
CA VAL F 103 -24.44 -1.85 38.31
C VAL F 103 -25.51 -2.89 38.61
N PHE F 104 -25.90 -3.65 37.60
CA PHE F 104 -26.88 -4.70 37.81
C PHE F 104 -26.29 -5.80 38.67
N GLY F 105 -27.17 -6.48 39.40
CA GLY F 105 -26.83 -7.66 40.17
C GLY F 105 -25.78 -7.44 41.24
N PHE F 106 -25.88 -6.35 42.00
CA PHE F 106 -24.87 -6.03 43.00
C PHE F 106 -25.29 -6.53 44.38
N LYS F 107 -26.21 -7.49 44.38
CA LYS F 107 -26.49 -8.39 45.51
C LYS F 107 -27.05 -7.64 46.71
N ALA F 108 -27.70 -6.52 46.43
CA ALA F 108 -28.40 -5.81 47.49
C ALA F 108 -29.88 -5.72 47.16
N ILE F 109 -30.16 -5.42 45.89
CA ILE F 109 -31.53 -5.29 45.41
C ILE F 109 -32.01 -6.58 44.79
N ARG F 110 -33.31 -6.69 44.58
CA ARG F 110 -33.85 -7.86 43.89
C ARG F 110 -33.64 -7.74 42.40
N SER F 111 -34.07 -6.62 41.80
CA SER F 111 -34.01 -6.51 40.36
C SER F 111 -33.93 -5.06 39.88
N LEU F 112 -33.45 -4.88 38.65
CA LEU F 112 -33.20 -3.55 38.11
C LEU F 112 -33.29 -3.61 36.59
N ARG F 113 -33.93 -2.59 36.01
CA ARG F 113 -34.20 -2.55 34.59
C ARG F 113 -33.94 -1.15 34.06
N LEU F 114 -32.90 -1.03 33.22
CA LEU F 114 -32.57 0.25 32.58
C LEU F 114 -33.70 0.60 31.63
N GLU F 115 -34.47 1.61 31.98
CA GLU F 115 -35.72 1.84 31.30
C GLU F 115 -35.57 2.92 30.23
N ASP F 116 -34.86 3.98 30.54
CA ASP F 116 -34.79 5.11 29.63
C ASP F 116 -33.45 5.84 29.68
N ILE F 117 -33.24 6.72 28.70
CA ILE F 117 -31.97 7.42 28.54
C ILE F 117 -32.23 8.78 27.89
N ARG F 118 -31.58 9.82 28.39
CA ARG F 118 -31.65 11.13 27.78
C ARG F 118 -30.28 11.39 27.18
N PHE F 119 -30.24 11.65 25.91
CA PHE F 119 -28.99 12.02 25.30
C PHE F 119 -28.96 13.52 25.03
N PRO F 120 -27.89 14.19 25.44
CA PRO F 120 -27.82 15.65 25.30
C PRO F 120 -27.47 16.04 23.88
N VAL F 121 -27.75 17.30 23.55
CA VAL F 121 -27.46 17.85 22.19
C VAL F 121 -25.98 18.21 22.09
N ALA F 122 -25.20 17.83 23.11
CA ALA F 122 -23.74 18.12 23.13
C ALA F 122 -22.96 16.82 22.97
N LEU F 123 -23.66 15.68 22.88
CA LEU F 123 -23.00 14.37 22.73
C LEU F 123 -23.67 13.58 21.61
N VAL F 124 -24.80 14.09 21.10
CA VAL F 124 -25.55 13.41 20.00
C VAL F 124 -25.20 14.07 18.67
N LYS F 125 -24.44 15.18 18.72
CA LYS F 125 -24.05 15.90 17.48
C LYS F 125 -22.56 15.62 17.20
N THR F 126 -21.95 14.70 17.97
CA THR F 126 -20.53 14.36 17.78
C THR F 126 -20.42 12.93 17.23
N PHE F 127 -21.54 12.22 17.14
CA PHE F 127 -21.53 10.84 16.61
C PHE F 127 -21.70 10.86 15.09
N GLN F 128 -21.68 9.69 14.47
CA GLN F 128 -21.81 9.58 13.02
C GLN F 128 -23.20 9.86 12.52
N GLY F 129 -24.22 9.41 13.25
CA GLY F 129 -25.57 9.44 12.75
C GLY F 129 -25.80 8.30 11.78
N PRO F 130 -26.99 8.23 11.21
CA PRO F 130 -27.27 7.21 10.22
C PRO F 130 -26.55 7.51 8.93
N PRO F 131 -26.29 6.49 8.11
CA PRO F 131 -25.65 6.74 6.82
C PRO F 131 -26.51 7.56 5.87
N HIS F 132 -27.82 7.37 5.91
CA HIS F 132 -28.71 8.15 5.08
C HIS F 132 -29.98 8.45 5.86
N GLY F 133 -30.61 9.57 5.54
CA GLY F 133 -31.86 9.90 6.18
C GLY F 133 -33.02 9.15 5.55
N ILE F 134 -34.18 9.27 6.19
CA ILE F 134 -35.45 8.83 5.61
C ILE F 134 -35.67 9.58 4.31
N GLN F 135 -35.43 10.89 4.37
CA GLN F 135 -35.41 11.74 3.17
C GLN F 135 -34.47 11.18 2.12
N VAL F 136 -33.21 10.97 2.49
CA VAL F 136 -32.16 10.57 1.54
C VAL F 136 -32.41 9.16 1.02
N GLU F 137 -32.98 8.29 1.85
CA GLU F 137 -33.29 6.95 1.39
C GLU F 137 -34.44 6.97 0.38
N ARG F 138 -35.45 7.80 0.62
CA ARG F 138 -36.49 7.98 -0.39
C ARG F 138 -35.92 8.61 -1.65
N ASP F 139 -34.91 9.48 -1.50
CA ASP F 139 -34.26 10.10 -2.64
C ASP F 139 -33.55 9.07 -3.50
N LEU F 140 -32.90 8.11 -2.84
CA LEU F 140 -32.18 7.08 -3.59
C LEU F 140 -33.13 6.01 -4.11
N LEU F 141 -34.36 5.95 -3.60
CA LEU F 141 -35.21 4.85 -4.01
C LEU F 141 -36.46 5.27 -4.78
N ASN F 142 -36.78 6.58 -4.80
CA ASN F 142 -37.93 7.14 -5.53
C ASN F 142 -39.26 6.51 -5.09
N LYS F 143 -39.44 6.40 -3.79
CA LYS F 143 -40.64 5.82 -3.20
C LYS F 143 -41.22 6.89 -2.28
N TYR F 144 -42.25 7.58 -2.75
CA TYR F 144 -42.57 8.92 -2.25
C TYR F 144 -43.94 9.02 -1.60
N GLY F 145 -44.78 8.01 -1.76
CA GLY F 145 -46.12 8.15 -1.25
C GLY F 145 -46.58 7.00 -0.38
N ARG F 146 -45.87 5.90 -0.43
CA ARG F 146 -46.35 4.67 0.19
C ARG F 146 -45.26 4.09 1.08
N PRO F 147 -45.61 3.25 2.04
CA PRO F 147 -44.59 2.47 2.73
C PRO F 147 -43.99 1.43 1.80
N MET F 148 -42.78 0.98 2.13
CA MET F 148 -42.06 0.05 1.28
C MET F 148 -42.48 -1.38 1.58
N LEU F 149 -42.30 -2.25 0.58
CA LEU F 149 -42.78 -3.63 0.64
C LEU F 149 -41.64 -4.62 0.79
N GLY F 150 -41.92 -5.72 1.49
CA GLY F 150 -40.92 -6.75 1.71
C GLY F 150 -41.46 -8.10 2.10
N CYS F 151 -40.80 -9.16 1.64
CA CYS F 151 -41.11 -10.50 2.14
C CYS F 151 -39.82 -11.28 2.39
N THR F 152 -39.93 -12.31 3.24
CA THR F 152 -38.76 -13.16 3.56
C THR F 152 -38.78 -14.41 2.69
N ILE F 153 -37.63 -14.79 2.11
CA ILE F 153 -37.54 -15.98 1.24
C ILE F 153 -37.80 -17.24 2.08
N LYS F 154 -38.70 -18.11 1.62
CA LYS F 154 -39.04 -19.35 2.36
C LYS F 154 -38.78 -20.57 1.45
N PRO F 155 -38.08 -21.62 1.94
CA PRO F 155 -37.61 -21.67 3.33
C PRO F 155 -36.26 -20.95 3.48
N LYS F 156 -35.76 -20.87 4.72
CA LYS F 156 -34.47 -20.19 5.01
C LYS F 156 -33.33 -20.89 4.25
N LEU F 157 -32.99 -22.11 4.68
CA LEU F 157 -31.90 -22.90 4.03
C LEU F 157 -32.50 -23.82 2.97
N GLY F 158 -31.65 -24.45 2.16
CA GLY F 158 -32.11 -25.39 1.11
C GLY F 158 -31.99 -24.79 -0.29
N LEU F 159 -32.91 -23.89 -0.64
CA LEU F 159 -32.92 -23.25 -1.98
C LEU F 159 -31.52 -22.70 -2.31
N SER F 160 -30.51 -23.57 -2.26
CA SER F 160 -29.09 -23.21 -2.56
C SER F 160 -29.03 -21.96 -3.44
N ALA F 161 -27.82 -21.63 -3.92
CA ALA F 161 -27.56 -20.44 -4.77
C ALA F 161 -28.62 -20.29 -5.86
N LYS F 162 -28.65 -21.21 -6.83
CA LYS F 162 -29.63 -21.15 -7.96
C LYS F 162 -31.04 -20.98 -7.39
N ASN F 163 -31.44 -21.88 -6.48
CA ASN F 163 -32.80 -21.81 -5.85
C ASN F 163 -33.01 -20.39 -5.30
N TYR F 164 -32.15 -19.97 -4.37
CA TYR F 164 -32.24 -18.63 -3.73
C TYR F 164 -32.44 -17.55 -4.80
N GLY F 165 -31.45 -17.39 -5.69
CA GLY F 165 -31.53 -16.38 -6.77
C GLY F 165 -32.84 -16.47 -7.52
N ARG F 166 -33.09 -17.63 -8.16
CA ARG F 166 -34.33 -17.85 -8.95
C ARG F 166 -35.56 -17.44 -8.12
N ALA F 167 -35.65 -17.96 -6.88
CA ALA F 167 -36.79 -17.62 -6.01
C ALA F 167 -36.85 -16.10 -5.80
N VAL F 168 -35.69 -15.49 -5.53
CA VAL F 168 -35.62 -14.01 -5.33
C VAL F 168 -36.13 -13.29 -6.58
N TYR F 169 -35.72 -13.77 -7.76
CA TYR F 169 -36.15 -13.16 -9.05
C TYR F 169 -37.68 -13.04 -9.07
N GLU F 170 -38.39 -14.17 -8.98
CA GLU F 170 -39.88 -14.17 -8.99
C GLU F 170 -40.40 -13.19 -7.95
N CYS F 171 -39.97 -13.34 -6.69
CA CYS F 171 -40.42 -12.46 -5.59
C CYS F 171 -40.18 -11.00 -5.96
N LEU F 172 -38.98 -10.67 -6.45
CA LEU F 172 -38.63 -9.27 -6.82
C LEU F 172 -39.41 -8.85 -8.07
N ARG F 173 -39.60 -9.76 -9.03
CA ARG F 173 -40.33 -9.45 -10.28
C ARG F 173 -41.82 -9.22 -9.96
N GLY F 174 -42.34 -9.93 -8.95
CA GLY F 174 -43.75 -9.80 -8.53
C GLY F 174 -44.16 -8.35 -8.39
N GLY F 175 -43.38 -7.56 -7.64
CA GLY F 175 -43.68 -6.13 -7.47
C GLY F 175 -43.23 -5.59 -6.12
N LEU F 176 -42.67 -6.45 -5.26
CA LEU F 176 -42.25 -5.97 -3.95
C LEU F 176 -41.15 -4.92 -4.08
N ASP F 177 -40.84 -4.30 -2.95
CA ASP F 177 -39.73 -3.35 -2.92
C ASP F 177 -38.44 -4.01 -2.45
N PHE F 178 -38.52 -4.91 -1.47
CA PHE F 178 -37.32 -5.55 -0.95
C PHE F 178 -37.59 -7.02 -0.62
N THR F 179 -36.49 -7.74 -0.45
CA THR F 179 -36.50 -9.19 -0.12
C THR F 179 -35.13 -9.57 0.46
N LYS F 180 -35.00 -9.54 1.79
CA LYS F 180 -33.72 -9.87 2.46
C LYS F 180 -33.81 -11.28 3.06
N ASP F 181 -32.66 -11.90 3.33
CA ASP F 181 -32.62 -13.27 3.92
C ASP F 181 -32.68 -13.16 5.45
N ASP F 182 -32.78 -14.30 6.14
CA ASP F 182 -32.86 -14.30 7.63
C ASP F 182 -31.45 -14.24 8.23
N GLU F 183 -31.36 -14.12 9.55
CA GLU F 183 -30.06 -14.02 10.27
C GLU F 183 -29.28 -15.33 10.20
N ASN F 184 -29.98 -16.47 10.07
CA ASN F 184 -29.31 -17.79 10.04
C ASN F 184 -29.01 -18.21 8.60
N ILE F 185 -28.37 -17.33 7.81
CA ILE F 185 -28.00 -17.64 6.39
C ILE F 185 -26.61 -17.05 6.14
N ASN F 186 -25.58 -17.65 6.73
CA ASN F 186 -24.18 -17.18 6.54
C ASN F 186 -23.40 -18.23 5.73
N SER F 187 -22.14 -17.93 5.43
CA SER F 187 -21.26 -18.84 4.64
C SER F 187 -21.34 -20.27 5.20
N GLN F 188 -22.57 -20.77 5.45
CA GLN F 188 -22.74 -22.11 5.98
C GLN F 188 -22.46 -23.09 4.86
N PRO F 189 -21.84 -24.23 5.15
CA PRO F 189 -21.20 -25.03 4.09
C PRO F 189 -22.15 -25.72 3.12
N PHE F 190 -23.46 -25.59 3.29
CA PHE F 190 -24.37 -26.02 2.24
C PHE F 190 -24.63 -24.88 1.27
N GLN F 191 -24.30 -23.65 1.65
CA GLN F 191 -24.63 -22.48 0.85
C GLN F 191 -23.57 -21.41 1.09
N ARG F 192 -22.53 -21.44 0.24
CA ARG F 192 -21.39 -20.49 0.35
C ARG F 192 -21.90 -19.09 0.69
N TRP F 193 -21.00 -18.11 0.70
CA TRP F 193 -21.37 -16.70 1.02
C TRP F 193 -21.08 -15.79 -0.17
N ARG F 194 -20.17 -16.21 -1.05
CA ARG F 194 -19.80 -15.41 -2.25
C ARG F 194 -20.75 -15.76 -3.40
N ASP F 195 -20.87 -17.05 -3.70
CA ASP F 195 -21.75 -17.53 -4.81
C ASP F 195 -23.14 -16.92 -4.66
N ARG F 196 -23.74 -17.04 -3.48
CA ARG F 196 -25.11 -16.50 -3.22
C ARG F 196 -25.17 -15.03 -3.64
N PHE F 197 -24.21 -14.22 -3.17
CA PHE F 197 -24.19 -12.77 -3.51
C PHE F 197 -24.27 -12.59 -5.03
N LEU F 198 -23.40 -13.29 -5.77
CA LEU F 198 -23.36 -13.20 -7.25
C LEU F 198 -24.77 -13.40 -7.81
N PHE F 199 -25.36 -14.58 -7.58
CA PHE F 199 -26.72 -14.90 -8.08
C PHE F 199 -27.70 -13.80 -7.64
N VAL F 200 -27.76 -13.52 -6.34
CA VAL F 200 -28.68 -12.49 -5.78
C VAL F 200 -28.48 -11.18 -6.55
N ALA F 201 -27.23 -10.70 -6.63
CA ALA F 201 -26.91 -9.44 -7.33
C ALA F 201 -27.52 -9.45 -8.74
N ASP F 202 -27.18 -10.47 -9.54
CA ASP F 202 -27.71 -10.58 -10.92
C ASP F 202 -29.24 -10.53 -10.91
N ALA F 203 -29.87 -11.30 -10.02
CA ALA F 203 -31.34 -11.35 -9.91
C ALA F 203 -31.91 -9.92 -9.83
N ILE F 204 -31.50 -9.17 -8.81
CA ILE F 204 -31.99 -7.77 -8.61
C ILE F 204 -31.80 -6.99 -9.91
N HIS F 205 -30.59 -7.04 -10.47
CA HIS F 205 -30.24 -6.31 -11.72
C HIS F 205 -31.31 -6.53 -12.79
N LYS F 206 -31.47 -7.78 -13.25
CA LYS F 206 -32.42 -8.11 -14.30
C LYS F 206 -33.83 -7.66 -13.94
N SER F 207 -34.14 -7.65 -12.64
CA SER F 207 -35.47 -7.19 -12.23
C SER F 207 -35.61 -5.68 -12.38
N GLN F 208 -34.52 -4.94 -12.15
CA GLN F 208 -34.52 -3.51 -12.46
C GLN F 208 -34.66 -3.29 -13.95
N ALA F 209 -34.05 -4.17 -14.76
CA ALA F 209 -34.16 -4.05 -16.20
C ALA F 209 -35.59 -4.27 -16.69
N GLU F 210 -36.32 -5.19 -16.07
CA GLU F 210 -37.69 -5.40 -16.50
C GLU F 210 -38.68 -4.41 -15.93
N THR F 211 -38.69 -4.18 -14.63
CA THR F 211 -39.80 -3.46 -14.02
C THR F 211 -39.67 -1.95 -14.09
N GLY F 212 -38.45 -1.43 -14.18
CA GLY F 212 -38.27 0.00 -14.24
C GLY F 212 -38.37 0.71 -12.91
N GLU F 213 -38.48 -0.03 -11.81
CA GLU F 213 -38.45 0.52 -10.48
C GLU F 213 -37.10 0.18 -9.86
N ILE F 214 -36.59 1.07 -9.01
CA ILE F 214 -35.37 0.75 -8.29
C ILE F 214 -35.67 -0.34 -7.26
N LYS F 215 -34.90 -1.41 -7.29
CA LYS F 215 -35.14 -2.58 -6.47
C LYS F 215 -33.90 -2.87 -5.63
N GLY F 216 -34.08 -3.71 -4.62
CA GLY F 216 -32.98 -4.09 -3.76
C GLY F 216 -33.28 -5.28 -2.88
N HIS F 217 -32.24 -5.98 -2.45
CA HIS F 217 -32.35 -7.10 -1.52
C HIS F 217 -31.50 -6.81 -0.29
N TYR F 218 -31.98 -7.24 0.87
CA TYR F 218 -31.22 -7.03 2.09
C TYR F 218 -30.18 -8.14 2.19
N LEU F 219 -28.94 -7.85 1.84
CA LEU F 219 -27.88 -8.83 1.89
C LEU F 219 -27.32 -8.90 3.31
N ASN F 220 -27.12 -10.13 3.79
CA ASN F 220 -26.63 -10.36 5.15
C ASN F 220 -25.10 -10.37 5.11
N VAL F 221 -24.49 -9.53 5.94
CA VAL F 221 -23.03 -9.54 6.08
C VAL F 221 -22.60 -9.76 7.51
N THR F 222 -23.36 -10.52 8.30
CA THR F 222 -22.93 -10.89 9.63
C THR F 222 -21.73 -11.81 9.54
N ALA F 223 -20.60 -11.35 10.06
CA ALA F 223 -19.32 -11.99 9.75
C ALA F 223 -18.64 -12.36 11.05
N PRO F 224 -17.81 -13.40 11.04
CA PRO F 224 -16.95 -13.65 12.20
C PRO F 224 -15.94 -12.55 12.45
N THR F 225 -15.08 -12.24 11.48
CA THR F 225 -14.04 -11.25 11.70
C THR F 225 -14.48 -9.95 11.05
N CYS F 226 -13.88 -8.85 11.50
CA CYS F 226 -14.23 -7.57 10.90
C CYS F 226 -13.66 -7.45 9.49
N GLU F 227 -12.57 -8.16 9.22
CA GLU F 227 -12.01 -8.15 7.88
C GLU F 227 -12.90 -8.91 6.90
N GLU F 228 -13.53 -9.99 7.39
CA GLU F 228 -14.54 -10.67 6.60
C GLU F 228 -15.73 -9.76 6.32
N MET F 229 -16.10 -8.96 7.31
CA MET F 229 -17.22 -8.04 7.16
C MET F 229 -16.93 -6.97 6.13
N MET F 230 -15.77 -6.33 6.28
CA MET F 230 -15.31 -5.26 5.36
C MET F 230 -14.72 -5.91 4.10
N LYS F 231 -15.01 -7.21 3.91
CA LYS F 231 -14.52 -7.97 2.74
C LYS F 231 -15.73 -8.52 1.98
N ARG F 232 -16.58 -9.30 2.67
CA ARG F 232 -17.79 -9.87 2.03
C ARG F 232 -18.73 -8.72 1.67
N ALA F 233 -18.82 -7.71 2.55
CA ALA F 233 -19.68 -6.52 2.30
C ALA F 233 -19.01 -5.64 1.25
N GLU F 234 -17.67 -5.68 1.19
CA GLU F 234 -16.90 -4.88 0.20
C GLU F 234 -17.26 -5.36 -1.22
N PHE F 235 -17.41 -6.67 -1.39
CA PHE F 235 -17.76 -7.27 -2.71
C PHE F 235 -19.11 -6.68 -3.17
N ALA F 236 -20.08 -6.59 -2.26
CA ALA F 236 -21.42 -6.04 -2.59
C ALA F 236 -21.27 -4.69 -3.29
N LYS F 237 -20.48 -3.78 -2.70
CA LYS F 237 -20.27 -2.43 -3.29
C LYS F 237 -19.82 -2.58 -4.75
N GLU F 238 -18.82 -3.42 -5.01
CA GLU F 238 -18.31 -3.64 -6.38
C GLU F 238 -19.47 -4.09 -7.28
N LEU F 239 -20.27 -5.06 -6.81
CA LEU F 239 -21.42 -5.56 -7.60
C LEU F 239 -22.43 -4.42 -7.80
N GLY F 240 -22.64 -3.61 -6.76
CA GLY F 240 -23.57 -2.46 -6.85
C GLY F 240 -24.93 -2.77 -6.24
N MET F 241 -24.97 -3.09 -4.94
CA MET F 241 -26.23 -3.37 -4.28
C MET F 241 -26.58 -2.20 -3.37
N PRO F 242 -27.83 -1.76 -3.37
CA PRO F 242 -28.17 -0.51 -2.69
C PRO F 242 -28.21 -0.61 -1.18
N ILE F 243 -28.27 -1.82 -0.61
CA ILE F 243 -28.51 -1.95 0.82
C ILE F 243 -27.96 -3.28 1.30
N ILE F 244 -27.45 -3.30 2.53
CA ILE F 244 -27.00 -4.51 3.20
C ILE F 244 -27.65 -4.58 4.57
N MET F 245 -27.85 -5.82 5.04
CA MET F 245 -28.42 -6.10 6.38
C MET F 245 -27.28 -6.45 7.33
N HIS F 246 -27.45 -6.21 8.64
CA HIS F 246 -26.37 -6.52 9.61
C HIS F 246 -26.95 -6.60 11.03
N ASP F 247 -26.51 -7.60 11.80
CA ASP F 247 -26.97 -7.77 13.20
C ASP F 247 -26.19 -6.79 14.09
N PHE F 248 -26.73 -6.46 15.27
CA PHE F 248 -26.05 -5.51 16.18
C PHE F 248 -26.11 -6.00 17.63
N LEU F 249 -27.06 -6.89 17.93
CA LEU F 249 -27.20 -7.41 19.32
C LEU F 249 -26.27 -8.61 19.52
N THR F 250 -25.82 -9.22 18.43
CA THR F 250 -24.91 -10.35 18.52
C THR F 250 -23.58 -10.07 17.84
N ALA F 251 -23.58 -9.15 16.87
CA ALA F 251 -22.34 -8.85 16.17
C ALA F 251 -21.54 -7.82 16.95
N GLY F 252 -22.23 -6.89 17.59
CA GLY F 252 -21.57 -5.95 18.48
C GLY F 252 -21.42 -4.54 17.94
N PHE F 253 -21.41 -3.58 18.86
CA PHE F 253 -21.49 -2.18 18.49
C PHE F 253 -20.23 -1.68 17.84
N THR F 254 -19.08 -2.30 18.13
CA THR F 254 -17.87 -1.86 17.47
C THR F 254 -17.90 -2.21 15.99
N ALA F 255 -18.32 -3.43 15.67
CA ALA F 255 -18.51 -3.83 14.29
C ALA F 255 -19.60 -3.01 13.63
N ASN F 256 -20.65 -2.68 14.38
CA ASN F 256 -21.77 -1.96 13.78
C ASN F 256 -21.43 -0.51 13.51
N THR F 257 -20.73 0.16 14.42
CA THR F 257 -20.32 1.53 14.19
C THR F 257 -19.30 1.61 13.06
N THR F 258 -18.40 0.63 12.98
CA THR F 258 -17.44 0.58 11.88
C THR F 258 -18.16 0.38 10.54
N LEU F 259 -19.16 -0.51 10.52
CA LEU F 259 -19.88 -0.78 9.29
C LEU F 259 -20.73 0.42 8.88
N ALA F 260 -21.25 1.16 9.86
CA ALA F 260 -22.04 2.35 9.55
C ALA F 260 -21.16 3.45 8.99
N LYS F 261 -19.96 3.60 9.54
CA LYS F 261 -19.03 4.59 9.00
C LYS F 261 -18.59 4.18 7.60
N TRP F 262 -18.50 2.88 7.34
CA TRP F 262 -18.24 2.40 5.99
C TRP F 262 -19.37 2.74 5.04
N CYS F 263 -20.62 2.57 5.50
CA CYS F 263 -21.78 2.85 4.65
C CYS F 263 -21.90 4.34 4.35
N ARG F 264 -21.47 5.18 5.29
CA ARG F 264 -21.33 6.60 4.96
C ARG F 264 -20.23 6.80 3.92
N ASP F 265 -19.16 6.03 4.01
CA ASP F 265 -18.02 6.24 3.13
C ASP F 265 -18.32 5.82 1.70
N ASN F 266 -19.25 4.89 1.49
CA ASN F 266 -19.53 4.47 0.13
C ASN F 266 -20.98 4.69 -0.29
N GLY F 267 -21.82 5.23 0.57
CA GLY F 267 -23.16 5.61 0.16
C GLY F 267 -24.13 4.47 -0.06
N VAL F 268 -24.10 3.47 0.80
CA VAL F 268 -24.98 2.32 0.70
C VAL F 268 -25.94 2.37 1.87
N LEU F 269 -27.20 2.02 1.63
CA LEU F 269 -28.23 1.98 2.71
C LEU F 269 -27.67 1.17 3.89
N LEU F 270 -28.54 0.71 4.80
CA LEU F 270 -28.10 -0.08 5.97
C LEU F 270 -29.28 -0.82 6.59
N HIS F 271 -29.20 -2.15 6.68
CA HIS F 271 -30.27 -2.98 7.29
C HIS F 271 -29.74 -3.57 8.61
N ILE F 272 -30.46 -3.31 9.72
CA ILE F 272 -30.01 -3.81 11.05
C ILE F 272 -30.99 -4.87 11.54
N HIS F 273 -30.96 -6.05 10.92
CA HIS F 273 -31.86 -7.18 11.32
C HIS F 273 -31.76 -7.40 12.83
N ARG F 274 -32.63 -6.76 13.61
CA ARG F 274 -32.62 -6.92 15.09
C ARG F 274 -32.65 -8.41 15.43
N ALA F 275 -31.55 -8.94 15.97
CA ALA F 275 -31.45 -10.36 16.34
C ALA F 275 -31.09 -10.49 17.82
N MET F 276 -31.58 -11.53 18.49
CA MET F 276 -31.31 -11.77 19.93
C MET F 276 -31.60 -10.48 20.71
N HIS F 277 -32.79 -9.90 20.52
CA HIS F 277 -33.20 -8.66 21.22
C HIS F 277 -34.22 -9.00 22.30
N ALA F 278 -34.50 -10.28 22.49
CA ALA F 278 -35.47 -10.73 23.51
C ALA F 278 -34.73 -11.12 24.80
N VAL F 279 -33.58 -11.77 24.67
CA VAL F 279 -32.81 -12.20 25.82
C VAL F 279 -32.83 -11.12 26.88
N ILE F 280 -32.87 -9.87 26.42
CA ILE F 280 -32.90 -8.67 27.30
C ILE F 280 -34.08 -7.77 26.88
N ASP F 281 -34.73 -8.11 25.77
CA ASP F 281 -35.88 -7.34 25.24
C ASP F 281 -37.17 -8.13 25.51
N ARG F 282 -37.47 -8.43 26.77
CA ARG F 282 -38.69 -9.20 27.13
C ARG F 282 -39.02 -9.03 28.61
N GLN F 283 -38.12 -9.46 29.49
CA GLN F 283 -38.33 -9.38 30.96
C GLN F 283 -38.76 -7.96 31.35
N ARG F 284 -39.83 -7.84 32.14
CA ARG F 284 -40.35 -6.52 32.58
C ARG F 284 -40.06 -6.31 34.06
N ASN F 285 -38.83 -6.59 34.50
CA ASN F 285 -38.46 -6.41 35.92
C ASN F 285 -36.93 -6.36 36.06
N HIS F 286 -36.20 -6.74 34.99
CA HIS F 286 -34.72 -6.74 35.03
C HIS F 286 -34.17 -6.78 33.59
N GLY F 287 -33.35 -5.79 33.22
CA GLY F 287 -32.77 -5.73 31.87
C GLY F 287 -32.90 -4.35 31.25
N ILE F 288 -32.42 -4.21 30.01
CA ILE F 288 -32.49 -2.89 29.29
C ILE F 288 -33.66 -2.95 28.31
N HIS F 289 -34.50 -1.90 28.32
CA HIS F 289 -35.68 -1.82 27.41
C HIS F 289 -35.20 -1.63 25.97
N PHE F 290 -35.98 -2.10 24.99
CA PHE F 290 -35.62 -1.96 23.56
C PHE F 290 -35.49 -0.48 23.19
N ARG F 291 -36.39 0.36 23.70
CA ARG F 291 -36.37 1.83 23.44
C ARG F 291 -34.95 2.37 23.66
N VAL F 292 -34.36 2.10 24.84
CA VAL F 292 -32.98 2.58 25.13
C VAL F 292 -32.06 2.07 24.01
N LEU F 293 -32.09 0.76 23.75
CA LEU F 293 -31.24 0.15 22.69
C LEU F 293 -31.50 0.88 21.37
N ALA F 294 -32.78 1.05 21.01
CA ALA F 294 -33.16 1.75 19.76
C ALA F 294 -32.43 3.09 19.67
N LYS F 295 -32.52 3.90 20.74
CA LYS F 295 -31.84 5.22 20.77
C LYS F 295 -30.36 5.03 20.40
N CYS F 296 -29.68 4.10 21.08
CA CYS F 296 -28.25 3.83 20.78
C CYS F 296 -28.10 3.54 19.28
N LEU F 297 -28.92 2.63 18.75
CA LEU F 297 -28.88 2.27 17.31
C LEU F 297 -28.92 3.57 16.49
N ARG F 298 -29.73 4.54 16.92
CA ARG F 298 -29.83 5.84 16.21
C ARG F 298 -28.45 6.50 16.22
N LEU F 299 -27.78 6.47 17.38
CA LEU F 299 -26.41 7.05 17.51
C LEU F 299 -25.46 6.26 16.61
N SER F 300 -25.44 4.93 16.76
CA SER F 300 -24.58 4.11 15.93
C SER F 300 -25.39 3.70 14.72
N GLY F 301 -25.22 4.45 13.64
CA GLY F 301 -26.31 4.68 12.71
C GLY F 301 -26.75 3.46 11.92
N GLY F 302 -28.02 3.48 11.55
CA GLY F 302 -28.61 2.49 10.70
C GLY F 302 -29.77 3.13 9.97
N ASP F 303 -30.08 2.66 8.77
CA ASP F 303 -31.15 3.29 8.01
C ASP F 303 -32.48 2.58 8.18
N HIS F 304 -32.46 1.29 8.52
CA HIS F 304 -33.66 0.54 8.86
C HIS F 304 -33.50 -0.08 10.24
N LEU F 305 -34.62 -0.53 10.81
CA LEU F 305 -34.64 -1.15 12.12
C LEU F 305 -35.94 -1.93 12.28
N HIS F 306 -35.83 -3.25 12.42
CA HIS F 306 -36.96 -4.07 12.83
C HIS F 306 -37.47 -3.59 14.17
N SER F 307 -38.79 -3.45 14.31
CA SER F 307 -39.37 -2.93 15.52
C SER F 307 -40.60 -3.72 15.93
N GLY F 308 -41.03 -4.64 15.09
CA GLY F 308 -42.21 -5.41 15.41
C GLY F 308 -43.48 -4.60 15.23
N THR F 309 -44.61 -5.23 15.55
CA THR F 309 -45.89 -4.68 15.16
C THR F 309 -46.84 -4.75 16.34
N VAL F 310 -48.02 -4.17 16.14
CA VAL F 310 -49.12 -4.27 17.08
C VAL F 310 -50.32 -4.87 16.35
N VAL F 311 -50.73 -6.07 16.76
CA VAL F 311 -51.84 -6.71 16.07
C VAL F 311 -53.03 -6.91 17.02
N GLY F 312 -52.81 -7.58 18.13
CA GLY F 312 -53.85 -7.81 19.11
C GLY F 312 -53.30 -7.62 20.50
N LYS F 313 -52.33 -6.73 20.62
CA LYS F 313 -51.57 -6.57 21.84
C LYS F 313 -52.33 -5.75 22.87
N LEU F 314 -51.75 -5.57 24.05
CA LEU F 314 -52.35 -4.79 25.10
C LEU F 314 -52.24 -3.31 24.76
N GLU F 315 -53.16 -2.51 25.29
CA GLU F 315 -53.30 -1.10 24.92
C GLU F 315 -52.07 -0.28 25.29
N GLY F 316 -51.60 -0.44 26.53
CA GLY F 316 -50.43 0.31 26.98
C GLY F 316 -49.17 -0.15 26.28
N ASP F 317 -49.11 -1.45 25.97
CA ASP F 317 -47.94 -2.04 25.27
C ASP F 317 -47.90 -1.49 23.84
N LYS F 318 -49.03 -1.55 23.13
CA LYS F 318 -49.11 -1.01 21.75
C LYS F 318 -48.63 0.44 21.77
N ALA F 319 -49.22 1.25 22.66
CA ALA F 319 -48.84 2.67 22.80
C ALA F 319 -47.34 2.77 23.11
N SER F 320 -46.86 1.95 24.04
CA SER F 320 -45.42 1.95 24.41
C SER F 320 -44.57 1.83 23.15
N THR F 321 -44.85 0.82 22.31
CA THR F 321 -44.10 0.62 21.05
C THR F 321 -44.26 1.86 20.17
N LEU F 322 -45.48 2.40 20.08
CA LEU F 322 -45.74 3.61 19.28
C LEU F 322 -44.91 4.77 19.84
N GLY F 323 -44.85 4.89 21.17
CA GLY F 323 -44.08 5.95 21.84
C GLY F 323 -42.61 5.90 21.46
N PHE F 324 -42.04 4.69 21.37
CA PHE F 324 -40.61 4.53 21.00
C PHE F 324 -40.47 4.54 19.47
N VAL F 325 -41.61 4.41 18.76
CA VAL F 325 -41.61 4.40 17.27
C VAL F 325 -41.39 5.83 16.75
N ASP F 326 -41.72 6.85 17.55
CA ASP F 326 -41.55 8.26 17.15
C ASP F 326 -40.25 8.81 17.75
N LEU F 327 -39.35 7.92 18.19
CA LEU F 327 -38.05 8.34 18.78
C LEU F 327 -36.96 8.21 17.72
N MET F 328 -37.28 8.54 16.47
CA MET F 328 -36.29 8.46 15.35
C MET F 328 -36.84 9.20 14.13
N ARG F 329 -38.13 8.99 13.82
CA ARG F 329 -38.77 9.66 12.65
C ARG F 329 -38.67 11.17 12.81
N GLU F 330 -38.97 11.70 14.01
CA GLU F 330 -38.91 13.16 14.27
C GLU F 330 -37.57 13.48 14.95
N ASP F 331 -37.51 14.57 15.73
CA ASP F 331 -36.24 14.95 16.41
C ASP F 331 -36.51 15.89 17.58
N HIS F 332 -37.71 15.83 18.18
CA HIS F 332 -38.04 16.70 19.34
C HIS F 332 -39.25 16.14 20.09
N ILE F 333 -39.03 15.12 20.93
CA ILE F 333 -40.14 14.51 21.72
C ILE F 333 -40.11 15.10 23.14
N GLU F 334 -41.30 15.28 23.74
CA GLU F 334 -41.40 15.86 25.12
C GLU F 334 -41.12 14.75 26.14
N ALA F 335 -42.17 14.17 26.73
CA ALA F 335 -42.00 13.08 27.69
C ALA F 335 -43.35 12.57 28.16
N ASP F 336 -43.66 11.32 27.84
CA ASP F 336 -44.86 10.65 28.29
C ASP F 336 -44.48 9.36 28.99
N ARG F 337 -44.90 9.21 30.25
CA ARG F 337 -44.65 7.96 30.96
C ARG F 337 -45.46 6.81 30.37
N SER F 338 -46.69 7.07 29.96
CA SER F 338 -47.55 5.99 29.49
C SER F 338 -47.12 5.50 28.12
N ARG F 339 -46.45 6.35 27.35
CA ARG F 339 -45.82 5.84 26.14
C ARG F 339 -44.41 5.36 26.46
N GLY F 340 -43.92 5.66 27.66
CA GLY F 340 -42.64 5.10 28.04
C GLY F 340 -41.48 6.02 27.73
N VAL F 341 -41.77 7.24 27.29
CA VAL F 341 -40.73 8.21 27.04
C VAL F 341 -40.60 9.10 28.27
N PHE F 342 -39.56 8.87 29.08
CA PHE F 342 -39.49 9.60 30.34
C PHE F 342 -38.84 10.95 30.19
N PHE F 343 -38.27 11.24 29.03
CA PHE F 343 -37.44 12.43 28.89
C PHE F 343 -37.78 13.19 27.62
N THR F 344 -37.63 14.51 27.69
CA THR F 344 -37.78 15.37 26.53
C THR F 344 -36.43 15.49 25.81
N GLN F 345 -36.33 14.82 24.67
CA GLN F 345 -35.04 14.67 24.02
C GLN F 345 -34.99 15.37 22.67
N ASP F 346 -33.93 16.15 22.46
CA ASP F 346 -33.66 16.73 21.15
C ASP F 346 -32.72 15.82 20.38
N TRP F 347 -32.72 15.96 19.05
CA TRP F 347 -31.82 15.19 18.22
C TRP F 347 -30.92 16.04 17.32
N ALA F 348 -31.18 17.35 17.30
CA ALA F 348 -30.35 18.31 16.52
C ALA F 348 -30.32 17.93 15.03
N SER F 349 -31.48 17.90 14.38
CA SER F 349 -31.60 17.58 12.93
C SER F 349 -30.78 16.34 12.57
N MET F 350 -31.16 15.18 13.11
CA MET F 350 -30.45 13.91 12.79
C MET F 350 -31.41 13.00 12.03
N PRO F 351 -31.06 12.51 10.82
CA PRO F 351 -31.95 11.65 10.04
C PRO F 351 -32.45 10.45 10.86
N GLY F 352 -33.73 10.48 11.25
CA GLY F 352 -34.34 9.38 12.04
C GLY F 352 -34.38 8.09 11.24
N VAL F 353 -34.26 6.95 11.92
CA VAL F 353 -34.26 5.67 11.22
C VAL F 353 -35.70 5.26 10.88
N LEU F 354 -35.87 4.68 9.69
CA LEU F 354 -37.14 4.04 9.35
C LEU F 354 -37.38 2.83 10.23
N PRO F 355 -38.57 2.69 10.81
CA PRO F 355 -38.94 1.40 11.40
C PRO F 355 -39.48 0.47 10.34
N VAL F 356 -39.52 -0.81 10.68
CA VAL F 356 -40.12 -1.84 9.84
C VAL F 356 -40.65 -2.95 10.74
N ALA F 357 -41.89 -3.35 10.51
CA ALA F 357 -42.57 -4.33 11.35
C ALA F 357 -42.56 -5.68 10.65
N SER F 358 -42.32 -6.75 11.41
CA SER F 358 -42.32 -8.09 10.86
C SER F 358 -42.91 -9.04 11.89
N GLY F 359 -44.14 -9.44 11.68
CA GLY F 359 -44.80 -10.43 12.51
C GLY F 359 -45.61 -11.33 11.62
N GLY F 360 -46.48 -12.14 12.23
CA GLY F 360 -47.32 -13.01 11.45
C GLY F 360 -48.50 -12.27 10.88
N ILE F 361 -48.28 -11.45 9.85
CA ILE F 361 -49.28 -10.56 9.33
C ILE F 361 -49.57 -10.90 7.87
N HIS F 362 -50.85 -11.05 7.57
CA HIS F 362 -51.35 -11.19 6.21
C HIS F 362 -51.97 -9.89 5.78
N VAL F 363 -52.64 -9.90 4.61
CA VAL F 363 -53.04 -8.66 3.96
C VAL F 363 -54.20 -8.01 4.69
N TRP F 364 -54.94 -8.82 5.45
CA TRP F 364 -56.11 -8.34 6.24
C TRP F 364 -55.66 -7.25 7.21
N HIS F 365 -54.37 -7.27 7.59
CA HIS F 365 -53.82 -6.27 8.54
C HIS F 365 -53.23 -5.09 7.76
N MET F 366 -53.08 -5.24 6.43
CA MET F 366 -52.51 -4.17 5.58
C MET F 366 -53.26 -2.85 5.83
N PRO F 367 -54.60 -2.82 5.76
CA PRO F 367 -55.37 -1.59 5.99
C PRO F 367 -55.01 -0.90 7.31
N ALA F 368 -54.85 -1.67 8.39
CA ALA F 368 -54.51 -1.10 9.72
C ALA F 368 -53.02 -0.75 9.74
N LEU F 369 -52.18 -1.62 9.20
CA LEU F 369 -50.71 -1.42 9.17
C LEU F 369 -50.37 -0.01 8.64
N VAL F 370 -50.96 0.35 7.48
CA VAL F 370 -50.70 1.68 6.86
C VAL F 370 -51.34 2.79 7.70
N GLU F 371 -52.44 2.48 8.40
CA GLU F 371 -53.15 3.47 9.25
C GLU F 371 -52.35 3.69 10.54
N ILE F 372 -51.53 2.71 10.94
CA ILE F 372 -50.73 2.82 12.19
C ILE F 372 -49.42 3.55 11.90
N PHE F 373 -48.48 2.89 11.21
CA PHE F 373 -47.19 3.49 10.91
C PHE F 373 -47.26 4.67 9.95
N GLY F 374 -48.46 5.08 9.54
CA GLY F 374 -48.60 6.23 8.67
C GLY F 374 -48.06 5.99 7.28
N ASP F 375 -46.93 6.61 6.96
CA ASP F 375 -46.36 6.48 5.63
C ASP F 375 -44.88 6.13 5.72
N ASP F 376 -44.22 6.54 6.79
CA ASP F 376 -42.77 6.42 6.89
C ASP F 376 -42.39 5.12 7.57
N SER F 377 -42.47 4.02 6.82
CA SER F 377 -42.10 2.70 7.32
C SER F 377 -41.93 1.70 6.18
N VAL F 378 -41.49 0.50 6.50
CA VAL F 378 -41.41 -0.61 5.58
C VAL F 378 -42.25 -1.72 6.19
N LEU F 379 -42.94 -2.50 5.37
CA LEU F 379 -43.80 -3.55 5.88
C LEU F 379 -43.34 -4.90 5.35
N GLN F 380 -43.33 -5.90 6.22
CA GLN F 380 -42.84 -7.24 5.89
C GLN F 380 -43.97 -8.25 5.78
N PHE F 381 -43.64 -9.38 5.16
CA PHE F 381 -44.56 -10.50 5.03
C PHE F 381 -43.76 -11.79 5.03
N GLY F 382 -44.48 -12.91 5.08
CA GLY F 382 -43.87 -14.22 4.90
C GLY F 382 -43.42 -14.92 6.15
N GLY F 383 -43.84 -14.47 7.33
CA GLY F 383 -43.36 -15.05 8.57
C GLY F 383 -43.86 -16.45 8.85
N GLY F 384 -45.15 -16.59 9.19
CA GLY F 384 -45.73 -17.85 9.55
C GLY F 384 -46.31 -18.60 8.36
N THR F 385 -47.43 -19.26 8.59
CA THR F 385 -48.11 -20.04 7.55
C THR F 385 -48.91 -19.07 6.68
N LEU F 386 -48.25 -18.50 5.68
CA LEU F 386 -48.94 -17.66 4.70
C LEU F 386 -48.38 -17.95 3.32
N GLY F 387 -48.06 -19.23 3.09
CA GLY F 387 -47.52 -19.67 1.79
C GLY F 387 -48.54 -19.50 0.68
N HIS F 388 -48.41 -18.42 -0.10
CA HIS F 388 -49.34 -18.14 -1.22
C HIS F 388 -49.45 -19.39 -2.11
N PRO F 389 -50.61 -20.06 -2.20
CA PRO F 389 -50.77 -21.27 -3.01
C PRO F 389 -50.83 -20.99 -4.52
N TRP F 390 -51.04 -19.74 -4.91
CA TRP F 390 -51.10 -19.36 -6.35
C TRP F 390 -49.76 -18.79 -6.81
N GLY F 391 -48.67 -19.19 -6.16
CA GLY F 391 -47.32 -18.71 -6.51
C GLY F 391 -46.92 -17.49 -5.71
N ASN F 392 -45.65 -17.42 -5.30
CA ASN F 392 -45.13 -16.28 -4.50
C ASN F 392 -45.38 -14.97 -5.26
N ALA F 393 -44.91 -14.90 -6.51
CA ALA F 393 -45.06 -13.69 -7.32
C ALA F 393 -46.53 -13.24 -7.45
N PRO F 394 -47.54 -14.13 -7.61
CA PRO F 394 -48.92 -13.66 -7.41
C PRO F 394 -49.19 -13.08 -6.04
N GLY F 395 -48.57 -13.62 -5.00
CA GLY F 395 -48.70 -13.07 -3.66
C GLY F 395 -48.13 -11.68 -3.55
N ALA F 396 -46.97 -11.47 -4.18
CA ALA F 396 -46.34 -10.16 -4.19
C ALA F 396 -47.17 -9.16 -4.96
N THR F 397 -47.77 -9.62 -6.07
CA THR F 397 -48.62 -8.74 -6.86
C THR F 397 -49.87 -8.35 -6.07
N ALA F 398 -50.45 -9.32 -5.36
CA ALA F 398 -51.62 -9.05 -4.53
C ALA F 398 -51.29 -8.09 -3.40
N ASN F 399 -50.09 -8.24 -2.83
CA ASN F 399 -49.57 -7.33 -1.81
C ASN F 399 -49.44 -5.91 -2.34
N ARG F 400 -48.90 -5.77 -3.55
CA ARG F 400 -48.69 -4.45 -4.13
C ARG F 400 -50.02 -3.76 -4.40
N VAL F 401 -50.97 -4.53 -4.93
CA VAL F 401 -52.32 -4.02 -5.17
C VAL F 401 -52.98 -3.61 -3.87
N ALA F 402 -52.77 -4.41 -2.82
CA ALA F 402 -53.35 -4.17 -1.51
C ALA F 402 -52.83 -2.88 -0.90
N LEU F 403 -51.51 -2.67 -0.95
CA LEU F 403 -50.94 -1.47 -0.36
C LEU F 403 -51.29 -0.22 -1.17
N GLU F 404 -51.35 -0.35 -2.50
CA GLU F 404 -51.73 0.79 -3.32
C GLU F 404 -53.16 1.23 -3.04
N ALA F 405 -54.06 0.24 -2.94
CA ALA F 405 -55.45 0.54 -2.65
C ALA F 405 -55.61 1.09 -1.23
N CYS F 406 -54.83 0.57 -0.28
CA CYS F 406 -54.91 1.06 1.09
C CYS F 406 -54.40 2.49 1.23
N VAL F 407 -53.31 2.83 0.56
CA VAL F 407 -52.77 4.19 0.63
C VAL F 407 -53.74 5.16 -0.04
N GLN F 408 -54.30 4.75 -1.17
CA GLN F 408 -55.24 5.62 -1.85
C GLN F 408 -56.55 5.77 -1.08
N ALA F 409 -56.96 4.75 -0.34
CA ALA F 409 -58.22 4.83 0.40
C ALA F 409 -58.02 5.54 1.73
N ARG F 410 -56.78 5.57 2.23
CA ARG F 410 -56.48 6.45 3.34
C ARG F 410 -56.47 7.89 2.86
N ASN F 411 -56.05 8.10 1.61
CA ASN F 411 -56.11 9.43 1.02
C ASN F 411 -57.55 9.84 0.74
N GLU F 412 -58.43 8.86 0.53
CA GLU F 412 -59.87 9.09 0.41
C GLU F 412 -60.49 9.68 1.68
N GLY F 413 -59.86 9.45 2.83
CA GLY F 413 -60.38 10.04 4.04
C GLY F 413 -61.39 9.16 4.75
N ARG F 414 -61.68 8.00 4.16
CA ARG F 414 -62.60 7.03 4.80
C ARG F 414 -61.80 6.28 5.87
N ASP F 415 -62.38 6.11 7.06
CA ASP F 415 -61.67 5.41 8.18
C ASP F 415 -61.12 4.07 7.68
N LEU F 416 -59.79 3.97 7.57
CA LEU F 416 -59.13 2.73 7.10
C LEU F 416 -59.05 1.71 8.24
N TYR F 417 -59.20 2.17 9.48
CA TYR F 417 -59.17 1.26 10.66
C TYR F 417 -60.56 0.70 10.91
N ARG F 418 -61.57 1.27 10.24
CA ARG F 418 -62.98 0.81 10.39
C ARG F 418 -63.48 0.25 9.06
N GLU F 419 -63.44 1.05 8.00
CA GLU F 419 -63.90 0.61 6.65
C GLU F 419 -62.71 0.17 5.81
N GLY F 420 -62.03 -0.89 6.24
CA GLY F 420 -60.85 -1.42 5.51
C GLY F 420 -61.16 -2.73 4.81
N GLY F 421 -61.92 -3.61 5.49
CA GLY F 421 -62.29 -4.91 4.90
C GLY F 421 -62.87 -4.77 3.50
N ASP F 422 -63.83 -3.86 3.33
CA ASP F 422 -64.47 -3.64 2.01
C ASP F 422 -63.44 -3.10 1.02
N ILE F 423 -62.56 -2.20 1.46
CA ILE F 423 -61.52 -1.60 0.58
C ILE F 423 -60.74 -2.74 -0.09
N LEU F 424 -60.11 -3.61 0.69
CA LEU F 424 -59.33 -4.76 0.15
C LEU F 424 -60.26 -5.69 -0.63
N ARG F 425 -61.47 -5.92 -0.12
CA ARG F 425 -62.46 -6.81 -0.79
C ARG F 425 -62.77 -6.24 -2.17
N GLU F 426 -62.96 -4.91 -2.26
CA GLU F 426 -63.28 -4.23 -3.54
C GLU F 426 -61.99 -3.97 -4.34
N ALA F 427 -60.83 -4.12 -3.68
CA ALA F 427 -59.52 -3.91 -4.35
C ALA F 427 -59.28 -5.05 -5.34
N GLY F 428 -59.78 -6.25 -5.03
CA GLY F 428 -59.60 -7.42 -5.92
C GLY F 428 -60.73 -7.56 -6.93
N LYS F 429 -61.65 -6.58 -6.95
CA LYS F 429 -62.80 -6.62 -7.90
C LYS F 429 -62.27 -6.84 -9.32
N TRP F 430 -60.96 -7.06 -9.45
CA TRP F 430 -60.34 -7.31 -10.75
C TRP F 430 -59.06 -8.12 -10.61
N SER F 431 -58.42 -8.04 -9.45
CA SER F 431 -57.22 -8.84 -9.23
C SER F 431 -57.58 -10.18 -8.59
N PRO F 432 -57.38 -11.29 -9.31
CA PRO F 432 -57.75 -12.60 -8.74
C PRO F 432 -56.83 -13.04 -7.62
N GLU F 433 -55.58 -12.55 -7.63
CA GLU F 433 -54.63 -12.89 -6.58
C GLU F 433 -55.07 -12.29 -5.26
N LEU F 434 -55.53 -11.04 -5.31
CA LEU F 434 -56.06 -10.40 -4.12
C LEU F 434 -57.37 -11.03 -3.68
N ALA F 435 -58.12 -11.58 -4.64
CA ALA F 435 -59.33 -12.31 -4.31
C ALA F 435 -58.99 -13.60 -3.55
N ALA F 436 -57.89 -14.25 -3.94
CA ALA F 436 -57.41 -15.41 -3.20
C ALA F 436 -56.93 -15.02 -1.82
N ALA F 437 -56.34 -13.83 -1.72
CA ALA F 437 -55.93 -13.28 -0.44
C ALA F 437 -57.13 -12.98 0.44
N LEU F 438 -58.25 -12.58 -0.18
CA LEU F 438 -59.50 -12.40 0.54
C LEU F 438 -60.00 -13.74 1.03
N ASP F 439 -59.84 -14.76 0.18
CA ASP F 439 -60.31 -16.10 0.49
C ASP F 439 -59.54 -16.76 1.62
N LEU F 440 -58.25 -16.46 1.77
CA LEU F 440 -57.44 -17.29 2.65
C LEU F 440 -57.52 -16.86 4.10
N TRP F 441 -57.91 -15.62 4.38
CA TRP F 441 -58.04 -15.16 5.76
C TRP F 441 -59.24 -14.22 5.89
N LYS F 442 -59.27 -13.49 7.00
CA LYS F 442 -60.42 -12.69 7.41
C LYS F 442 -59.99 -11.66 8.46
N GLU F 443 -60.89 -10.72 8.77
CA GLU F 443 -60.54 -9.54 9.55
C GLU F 443 -61.50 -9.23 10.69
N ILE F 444 -62.30 -10.20 11.15
CA ILE F 444 -63.42 -9.87 12.04
C ILE F 444 -62.98 -10.04 13.50
N LYS F 445 -61.69 -9.85 13.76
CA LYS F 445 -61.14 -9.62 15.09
C LYS F 445 -61.95 -8.60 15.89
N PHE F 446 -62.14 -7.40 15.33
CA PHE F 446 -62.90 -6.34 15.99
C PHE F 446 -63.27 -5.31 14.92
N GLU F 447 -64.09 -4.33 15.29
CA GLU F 447 -64.28 -3.12 14.49
C GLU F 447 -62.95 -2.39 14.34
N LEU G 1 10.23 -51.35 21.73
CA LEU G 1 9.45 -51.70 20.55
C LEU G 1 8.36 -52.71 20.87
N THR G 2 7.31 -52.27 21.57
CA THR G 2 6.11 -53.09 21.80
C THR G 2 4.92 -52.24 21.39
N TYR G 3 4.55 -52.33 20.11
CA TYR G 3 3.37 -51.65 19.59
C TYR G 3 2.63 -52.53 18.60
N TYR G 4 2.83 -53.85 18.72
CA TYR G 4 2.65 -54.83 17.65
C TYR G 4 1.17 -54.85 17.23
N THR G 5 0.27 -55.36 18.07
CA THR G 5 -1.17 -55.33 17.83
C THR G 5 -1.89 -55.17 19.16
N PRO G 6 -1.73 -54.04 19.87
CA PRO G 6 -2.44 -54.02 21.18
C PRO G 6 -3.89 -53.54 21.11
N ASP G 7 -4.54 -53.90 20.01
CA ASP G 7 -5.96 -53.52 19.77
C ASP G 7 -6.06 -52.00 19.68
N TYR G 8 -6.24 -51.34 20.84
CA TYR G 8 -6.34 -49.86 21.04
C TYR G 8 -7.69 -49.26 20.63
N THR G 9 -8.20 -49.60 19.43
CA THR G 9 -9.48 -49.13 18.82
C THR G 9 -9.32 -47.68 18.31
N PRO G 10 -9.30 -47.46 16.97
CA PRO G 10 -9.12 -46.13 16.38
C PRO G 10 -9.97 -45.03 17.05
N LYS G 11 -9.33 -43.94 17.43
CA LYS G 11 -10.01 -42.79 18.11
C LYS G 11 -10.98 -42.12 17.13
N ASP G 12 -12.09 -41.59 17.65
CA ASP G 12 -13.10 -40.89 16.80
C ASP G 12 -12.38 -39.84 15.95
N THR G 13 -11.05 -39.92 15.88
CA THR G 13 -10.24 -38.99 15.10
C THR G 13 -9.07 -39.69 14.43
N ASP G 14 -8.05 -40.06 15.21
CA ASP G 14 -7.26 -41.28 15.06
C ASP G 14 -6.39 -41.41 13.81
N LEU G 15 -6.66 -40.63 12.75
CA LEU G 15 -5.99 -40.64 11.44
C LEU G 15 -5.60 -42.03 10.93
N LEU G 16 -6.57 -42.92 10.81
CA LEU G 16 -6.29 -44.34 10.60
C LEU G 16 -5.78 -44.61 9.18
N ALA G 17 -4.46 -44.50 8.97
CA ALA G 17 -3.87 -44.72 7.63
C ALA G 17 -3.30 -46.14 7.54
N ALA G 18 -3.55 -46.82 6.42
CA ALA G 18 -3.04 -48.21 6.22
C ALA G 18 -1.67 -48.16 5.53
N PHE G 19 -1.12 -49.34 5.19
CA PHE G 19 0.20 -49.43 4.52
C PHE G 19 0.32 -50.79 3.83
N ARG G 20 1.23 -50.89 2.85
CA ARG G 20 1.45 -52.16 2.11
C ARG G 20 2.77 -52.78 2.57
N PHE G 21 2.73 -53.63 3.59
CA PHE G 21 3.95 -54.26 4.15
C PHE G 21 4.56 -55.23 3.12
N SER G 22 5.89 -55.35 3.14
CA SER G 22 6.67 -56.24 2.25
C SER G 22 8.10 -56.28 2.78
N PRO G 23 8.38 -57.04 3.86
CA PRO G 23 9.70 -57.05 4.50
C PRO G 23 10.76 -57.67 3.59
N GLN G 24 12.00 -57.48 4.01
CA GLN G 24 13.12 -58.26 3.53
C GLN G 24 13.15 -59.49 4.44
N PRO G 25 13.53 -60.67 3.95
CA PRO G 25 13.56 -61.86 4.82
C PRO G 25 14.59 -61.77 5.93
N GLY G 26 14.32 -62.48 7.02
CA GLY G 26 15.10 -62.35 8.23
C GLY G 26 14.53 -61.28 9.13
N VAL G 27 13.29 -60.89 8.86
CA VAL G 27 12.61 -59.87 9.66
C VAL G 27 11.30 -60.43 10.18
N PRO G 28 11.07 -60.47 11.48
CA PRO G 28 9.74 -60.83 11.99
C PRO G 28 8.75 -59.69 11.71
N ALA G 29 7.53 -60.06 11.39
CA ALA G 29 6.53 -59.16 10.85
C ALA G 29 6.03 -58.06 11.80
N PRO G 30 5.59 -58.32 13.04
CA PRO G 30 5.02 -57.21 13.82
C PRO G 30 6.06 -56.25 14.37
N GLU G 31 7.32 -56.69 14.50
CA GLU G 31 8.38 -55.78 14.89
C GLU G 31 8.62 -54.73 13.82
N ALA G 32 8.45 -55.12 12.57
CA ALA G 32 8.57 -54.16 11.48
C ALA G 32 7.35 -53.25 11.43
N GLY G 33 6.18 -53.76 11.85
CA GLY G 33 5.02 -52.90 11.97
C GLY G 33 5.19 -51.83 13.05
N ALA G 34 5.73 -52.23 14.20
CA ALA G 34 6.01 -51.24 15.24
C ALA G 34 7.19 -50.35 14.85
N ALA G 35 8.04 -50.84 13.94
CA ALA G 35 9.08 -49.98 13.38
C ALA G 35 8.47 -48.88 12.52
N ILE G 36 7.43 -49.21 11.74
CA ILE G 36 6.69 -48.19 11.01
C ILE G 36 6.05 -47.21 11.98
N ALA G 37 5.48 -47.75 13.07
CA ALA G 37 4.80 -46.91 14.06
C ALA G 37 5.76 -45.99 14.78
N ALA G 38 6.99 -46.44 15.00
CA ALA G 38 7.98 -45.61 15.67
C ALA G 38 8.58 -44.59 14.71
N GLU G 39 8.84 -45.00 13.47
CA GLU G 39 9.40 -44.11 12.46
C GLU G 39 8.40 -43.03 12.06
N SER G 40 7.11 -43.28 12.23
CA SER G 40 6.11 -42.25 11.94
C SER G 40 6.20 -41.09 12.93
N SER G 41 6.59 -41.35 14.18
CA SER G 41 6.68 -40.30 15.18
C SER G 41 7.57 -40.75 16.33
N THR G 42 8.51 -39.89 16.73
CA THR G 42 9.42 -40.08 17.87
C THR G 42 10.22 -41.37 17.74
N GLY G 43 11.16 -41.40 16.77
CA GLY G 43 11.76 -42.63 16.27
C GLY G 43 12.44 -43.53 17.31
N THR G 44 11.98 -44.79 17.30
CA THR G 44 12.55 -45.96 17.95
C THR G 44 12.81 -45.81 19.44
N TRP G 45 11.98 -44.99 20.11
CA TRP G 45 12.10 -44.63 21.52
C TRP G 45 13.50 -44.06 21.78
N THR G 46 13.75 -42.88 21.22
CA THR G 46 15.06 -42.25 21.36
C THR G 46 15.34 -41.88 22.80
N THR G 47 16.42 -42.42 23.36
CA THR G 47 16.73 -42.26 24.77
C THR G 47 17.18 -40.84 25.09
N VAL G 48 16.52 -40.22 26.05
CA VAL G 48 16.83 -38.87 26.48
C VAL G 48 17.15 -38.98 27.97
N TRP G 49 17.55 -37.87 28.61
CA TRP G 49 17.83 -37.90 30.04
C TRP G 49 16.58 -37.77 30.90
N THR G 50 15.43 -37.52 30.30
CA THR G 50 14.19 -37.26 31.02
C THR G 50 13.23 -38.46 30.92
N ASP G 51 13.63 -39.51 30.19
CA ASP G 51 12.82 -40.73 30.05
C ASP G 51 12.62 -41.45 31.36
N LEU G 52 13.56 -41.33 32.30
CA LEU G 52 13.38 -41.79 33.66
C LEU G 52 12.45 -40.89 34.47
N LEU G 53 12.32 -39.62 34.10
CA LEU G 53 11.48 -38.68 34.83
C LEU G 53 10.07 -38.67 34.27
N THR G 54 9.93 -38.34 32.99
CA THR G 54 8.63 -38.18 32.36
C THR G 54 8.44 -39.22 31.25
N ASP G 55 7.25 -39.82 31.20
CA ASP G 55 6.97 -40.83 30.18
C ASP G 55 6.31 -40.18 28.96
N MET G 56 6.96 -40.30 27.80
CA MET G 56 6.48 -39.72 26.55
C MET G 56 5.47 -40.68 25.92
N ASP G 57 4.20 -40.48 26.26
CA ASP G 57 3.17 -41.46 25.95
C ASP G 57 1.86 -40.77 25.54
N ARG G 58 1.94 -39.56 25.04
CA ARG G 58 0.72 -38.89 24.61
C ARG G 58 0.64 -38.78 23.10
N TYR G 59 1.76 -38.93 22.41
CA TYR G 59 1.83 -38.68 20.98
C TYR G 59 2.39 -39.86 20.21
N ASP G 60 2.28 -41.06 20.76
CA ASP G 60 2.84 -42.24 20.10
C ASP G 60 1.97 -42.63 18.91
N GLY G 61 2.55 -42.56 17.72
CA GLY G 61 1.93 -43.21 16.58
C GLY G 61 1.93 -44.71 16.75
N LYS G 62 0.74 -45.30 16.71
CA LYS G 62 0.55 -46.61 17.32
C LYS G 62 -0.12 -47.58 16.34
N CYS G 63 0.64 -48.58 15.91
CA CYS G 63 0.12 -49.62 15.05
C CYS G 63 -0.79 -50.53 15.86
N TYR G 64 -1.76 -51.17 15.20
CA TYR G 64 -2.63 -52.08 15.94
C TYR G 64 -3.03 -53.35 15.19
N HIS G 65 -2.55 -53.57 13.97
CA HIS G 65 -3.14 -54.65 13.18
C HIS G 65 -2.10 -55.27 12.25
N ILE G 66 -2.37 -56.51 11.86
CA ILE G 66 -1.60 -57.24 10.87
C ILE G 66 -2.53 -58.21 10.15
N GLU G 67 -2.44 -58.25 8.82
CA GLU G 67 -3.30 -59.14 8.05
C GLU G 67 -2.64 -59.42 6.70
N PRO G 68 -2.34 -60.69 6.41
CA PRO G 68 -1.65 -61.04 5.16
C PRO G 68 -2.53 -60.88 3.93
N VAL G 69 -1.86 -60.54 2.82
CA VAL G 69 -2.58 -60.25 1.57
C VAL G 69 -3.10 -61.54 0.99
N GLN G 70 -4.36 -61.54 0.59
CA GLN G 70 -4.98 -62.71 -0.04
C GLN G 70 -4.40 -62.87 -1.43
N GLY G 71 -3.53 -63.86 -1.59
CA GLY G 71 -2.96 -64.16 -2.89
C GLY G 71 -1.68 -63.41 -3.17
N GLU G 72 -0.72 -63.49 -2.26
CA GLU G 72 0.54 -62.78 -2.40
C GLU G 72 1.58 -63.45 -1.51
N GLU G 73 2.82 -63.48 -1.99
CA GLU G 73 3.93 -63.97 -1.17
C GLU G 73 4.56 -62.80 -0.46
N ASN G 74 4.67 -62.91 0.87
CA ASN G 74 5.48 -62.05 1.74
C ASN G 74 5.01 -60.59 1.68
N SER G 75 3.75 -60.39 2.06
CA SER G 75 3.17 -59.05 2.08
C SER G 75 1.96 -59.03 3.00
N TYR G 76 1.79 -57.92 3.71
CA TYR G 76 0.59 -57.79 4.53
C TYR G 76 0.19 -56.32 4.68
N PHE G 77 -1.02 -56.11 5.19
CA PHE G 77 -1.59 -54.79 5.36
C PHE G 77 -1.49 -54.39 6.83
N ALA G 78 -0.76 -53.32 7.10
CA ALA G 78 -0.63 -52.80 8.45
C ALA G 78 -1.48 -51.54 8.60
N PHE G 79 -2.24 -51.48 9.69
CA PHE G 79 -3.10 -50.34 9.99
C PHE G 79 -2.49 -49.44 11.06
N ILE G 80 -2.04 -48.25 10.65
CA ILE G 80 -1.37 -47.33 11.56
C ILE G 80 -2.40 -46.40 12.19
N ALA G 81 -2.04 -45.74 13.27
CA ALA G 81 -2.93 -44.79 13.95
C ALA G 81 -2.11 -43.66 14.56
N ASP G 82 -2.47 -42.44 14.23
CA ASP G 82 -1.83 -41.22 14.71
C ASP G 82 -2.88 -40.28 15.27
N PRO G 83 -2.80 -39.94 16.57
CA PRO G 83 -4.01 -39.49 17.29
C PRO G 83 -4.68 -38.21 16.84
N LEU G 84 -4.15 -37.02 17.13
CA LEU G 84 -4.60 -35.83 16.43
C LEU G 84 -3.49 -34.84 16.18
N ASP G 85 -2.64 -34.64 17.17
CA ASP G 85 -1.93 -33.37 17.32
C ASP G 85 -0.65 -33.30 16.51
N LEU G 86 -0.49 -34.23 15.57
CA LEU G 86 0.73 -34.22 14.78
C LEU G 86 0.55 -33.45 13.49
N PHE G 87 -0.53 -32.69 13.36
CA PHE G 87 -0.90 -32.13 12.07
C PHE G 87 -1.37 -30.69 12.22
N GLU G 88 -1.01 -29.86 11.26
CA GLU G 88 -1.40 -28.46 11.26
C GLU G 88 -2.73 -28.29 10.54
N GLU G 89 -3.54 -27.36 11.01
CA GLU G 89 -4.71 -26.96 10.23
C GLU G 89 -4.27 -26.23 8.98
N GLY G 90 -4.98 -26.47 7.88
CA GLY G 90 -4.68 -25.79 6.64
C GLY G 90 -3.74 -26.50 5.69
N SER G 91 -2.94 -27.45 6.17
CA SER G 91 -1.84 -28.00 5.37
C SER G 91 -2.15 -29.43 4.96
N VAL G 92 -1.91 -29.72 3.69
CA VAL G 92 -1.76 -31.10 3.23
C VAL G 92 -0.28 -31.46 3.24
N THR G 93 0.57 -30.44 3.11
CA THR G 93 2.01 -30.62 3.12
C THR G 93 2.49 -31.18 4.45
N ASN G 94 1.91 -30.70 5.54
CA ASN G 94 2.27 -31.23 6.85
C ASN G 94 1.77 -32.64 7.03
N ILE G 95 0.62 -32.97 6.40
CA ILE G 95 0.08 -34.33 6.44
C ILE G 95 1.06 -35.29 5.79
N LEU G 96 1.51 -34.96 4.58
CA LEU G 96 2.44 -35.83 3.89
C LEU G 96 3.80 -35.85 4.56
N THR G 97 4.20 -34.73 5.16
CA THR G 97 5.51 -34.66 5.79
C THR G 97 5.54 -35.52 7.04
N SER G 98 4.44 -35.54 7.78
CA SER G 98 4.39 -36.31 9.02
C SER G 98 4.26 -37.79 8.74
N ILE G 99 3.40 -38.16 7.78
CA ILE G 99 3.11 -39.56 7.55
C ILE G 99 4.25 -40.22 6.78
N VAL G 100 4.48 -39.78 5.56
CA VAL G 100 5.55 -40.39 4.77
C VAL G 100 6.56 -39.33 4.40
N GLY G 101 7.56 -39.14 5.23
CA GLY G 101 8.66 -38.30 4.84
C GLY G 101 9.98 -39.05 4.91
N ASN G 102 10.06 -40.01 5.81
CA ASN G 102 11.29 -40.78 5.96
C ASN G 102 11.01 -42.25 6.20
N VAL G 103 9.74 -42.61 6.34
CA VAL G 103 9.32 -43.95 6.73
C VAL G 103 9.69 -44.95 5.64
N PHE G 104 9.53 -44.54 4.39
CA PHE G 104 9.92 -45.42 3.29
C PHE G 104 11.43 -45.56 3.25
N GLY G 105 11.87 -46.71 2.72
CA GLY G 105 13.27 -46.99 2.47
C GLY G 105 14.16 -46.94 3.69
N PHE G 106 13.72 -47.52 4.80
CA PHE G 106 14.49 -47.47 6.04
C PHE G 106 15.35 -48.72 6.21
N LYS G 107 15.59 -49.40 5.09
CA LYS G 107 16.67 -50.37 4.91
C LYS G 107 16.49 -51.60 5.80
N ALA G 108 15.24 -51.89 6.13
CA ALA G 108 14.95 -53.12 6.84
C ALA G 108 14.01 -53.96 6.01
N ILE G 109 13.01 -53.32 5.42
CA ILE G 109 12.01 -53.99 4.61
C ILE G 109 12.37 -53.92 3.14
N ARG G 110 11.73 -54.74 2.32
CA ARG G 110 11.95 -54.66 0.89
C ARG G 110 11.19 -53.49 0.28
N SER G 111 9.89 -53.40 0.56
CA SER G 111 9.08 -52.37 -0.09
C SER G 111 7.86 -51.98 0.71
N LEU G 112 7.33 -50.79 0.43
CA LEU G 112 6.22 -50.24 1.19
C LEU G 112 5.45 -49.27 0.32
N ARG G 113 4.12 -49.35 0.42
CA ARG G 113 3.23 -48.57 -0.43
C ARG G 113 2.10 -48.01 0.40
N LEU G 114 2.06 -46.69 0.56
CA LEU G 114 0.99 -46.00 1.27
C LEU G 114 -0.29 -46.18 0.48
N GLU G 115 -1.20 -46.99 1.00
CA GLU G 115 -2.32 -47.44 0.20
C GLU G 115 -3.56 -46.59 0.47
N ASP G 116 -3.81 -46.27 1.73
CA ASP G 116 -5.05 -45.59 2.07
C ASP G 116 -4.91 -44.66 3.26
N ILE G 117 -5.93 -43.83 3.47
CA ILE G 117 -5.91 -42.80 4.50
C ILE G 117 -7.33 -42.54 4.97
N ARG G 118 -7.50 -42.41 6.28
CA ARG G 118 -8.78 -42.02 6.85
C ARG G 118 -8.62 -40.61 7.38
N PHE G 119 -9.44 -39.72 6.91
CA PHE G 119 -9.42 -38.38 7.45
C PHE G 119 -10.61 -38.17 8.39
N PRO G 120 -10.36 -37.66 9.58
CA PRO G 120 -11.43 -37.51 10.58
C PRO G 120 -12.27 -36.29 10.28
N VAL G 121 -13.43 -36.22 10.92
CA VAL G 121 -14.38 -35.13 10.71
C VAL G 121 -13.81 -33.86 11.33
N ALA G 122 -12.96 -34.01 12.33
CA ALA G 122 -12.38 -32.88 13.04
C ALA G 122 -11.09 -32.39 12.41
N LEU G 123 -10.74 -32.88 11.23
CA LEU G 123 -9.61 -32.32 10.52
C LEU G 123 -10.09 -31.91 9.12
N VAL G 124 -11.11 -32.59 8.64
CA VAL G 124 -11.73 -32.27 7.37
C VAL G 124 -12.34 -30.86 7.40
N LYS G 125 -12.99 -30.52 8.50
CA LYS G 125 -13.70 -29.24 8.60
C LYS G 125 -12.77 -28.05 8.63
N THR G 126 -11.51 -28.20 9.02
CA THR G 126 -10.67 -27.02 9.18
C THR G 126 -9.93 -26.64 7.91
N PHE G 127 -10.06 -27.42 6.84
CA PHE G 127 -9.42 -27.06 5.58
C PHE G 127 -10.34 -26.16 4.77
N GLN G 128 -9.80 -25.66 3.68
CA GLN G 128 -10.52 -24.77 2.79
C GLN G 128 -11.65 -25.46 2.05
N GLY G 129 -11.44 -26.69 1.63
CA GLY G 129 -12.38 -27.34 0.74
C GLY G 129 -12.16 -26.87 -0.68
N PRO G 130 -12.98 -27.34 -1.60
CA PRO G 130 -12.89 -26.88 -2.99
C PRO G 130 -13.42 -25.46 -3.10
N PRO G 131 -13.00 -24.73 -4.11
CA PRO G 131 -13.54 -23.38 -4.31
C PRO G 131 -15.02 -23.36 -4.64
N HIS G 132 -15.48 -24.34 -5.39
CA HIS G 132 -16.90 -24.42 -5.71
C HIS G 132 -17.31 -25.88 -5.70
N GLY G 133 -18.58 -26.12 -5.38
CA GLY G 133 -19.08 -27.47 -5.43
C GLY G 133 -19.43 -27.90 -6.83
N ILE G 134 -19.75 -29.18 -6.98
CA ILE G 134 -20.33 -29.72 -8.19
C ILE G 134 -21.64 -29.00 -8.46
N GLN G 135 -22.44 -28.85 -7.39
CA GLN G 135 -23.64 -28.03 -7.42
C GLN G 135 -23.33 -26.62 -7.91
N VAL G 136 -22.39 -25.95 -7.25
CA VAL G 136 -22.09 -24.54 -7.52
C VAL G 136 -21.48 -24.38 -8.91
N GLU G 137 -20.69 -25.36 -9.35
CA GLU G 137 -20.12 -25.29 -10.70
C GLU G 137 -21.21 -25.42 -11.76
N ARG G 138 -22.16 -26.33 -11.54
CA ARG G 138 -23.30 -26.41 -12.44
C ARG G 138 -24.13 -25.13 -12.38
N ASP G 139 -24.18 -24.49 -11.21
CA ASP G 139 -24.91 -23.23 -11.05
C ASP G 139 -24.26 -22.14 -11.88
N LEU G 140 -22.93 -22.11 -11.91
CA LEU G 140 -22.24 -21.08 -12.66
C LEU G 140 -22.20 -21.42 -14.15
N LEU G 141 -22.48 -22.67 -14.51
CA LEU G 141 -22.32 -23.02 -15.91
C LEU G 141 -23.61 -23.40 -16.62
N ASN G 142 -24.71 -23.62 -15.87
CA ASN G 142 -26.03 -23.96 -16.41
C ASN G 142 -26.00 -25.23 -17.27
N LYS G 143 -25.33 -26.26 -16.75
CA LYS G 143 -25.20 -27.54 -17.43
C LYS G 143 -25.77 -28.60 -16.49
N TYR G 144 -27.00 -29.03 -16.74
CA TYR G 144 -27.84 -29.59 -15.70
C TYR G 144 -28.24 -31.04 -15.94
N GLY G 145 -28.01 -31.54 -17.14
CA GLY G 145 -28.49 -32.88 -17.43
C GLY G 145 -27.44 -33.81 -18.00
N ARG G 146 -26.34 -33.26 -18.46
CA ARG G 146 -25.37 -34.03 -19.22
C ARG G 146 -23.99 -33.84 -18.64
N PRO G 147 -23.06 -34.75 -18.90
CA PRO G 147 -21.66 -34.48 -18.58
C PRO G 147 -21.11 -33.42 -19.52
N MET G 148 -20.06 -32.76 -19.08
CA MET G 148 -19.48 -31.65 -19.83
C MET G 148 -18.51 -32.17 -20.88
N LEU G 149 -18.30 -31.36 -21.92
CA LEU G 149 -17.53 -31.75 -23.10
C LEU G 149 -16.20 -31.03 -23.15
N GLY G 150 -15.19 -31.70 -23.71
CA GLY G 150 -13.87 -31.13 -23.82
C GLY G 150 -12.96 -31.79 -24.83
N CYS G 151 -12.13 -31.01 -25.50
CA CYS G 151 -11.06 -31.57 -26.33
C CYS G 151 -9.77 -30.81 -26.12
N THR G 152 -8.66 -31.46 -26.46
CA THR G 152 -7.34 -30.88 -26.37
C THR G 152 -6.96 -30.33 -27.73
N ILE G 153 -6.43 -29.10 -27.74
CA ILE G 153 -6.08 -28.47 -29.00
C ILE G 153 -4.83 -29.11 -29.56
N LYS G 154 -4.92 -29.57 -30.80
CA LYS G 154 -3.80 -30.24 -31.43
C LYS G 154 -3.32 -29.42 -32.62
N PRO G 155 -2.00 -29.35 -32.85
CA PRO G 155 -0.90 -30.01 -32.13
C PRO G 155 -0.50 -29.32 -30.84
N LYS G 156 0.58 -29.83 -30.24
CA LYS G 156 1.05 -29.31 -28.98
C LYS G 156 1.75 -27.96 -29.14
N LEU G 157 2.72 -27.89 -30.04
CA LEU G 157 3.57 -26.72 -30.14
C LEU G 157 3.57 -26.16 -31.56
N GLY G 158 4.32 -25.07 -31.77
CA GLY G 158 4.47 -24.44 -33.07
C GLY G 158 3.18 -23.87 -33.62
N LEU G 159 2.30 -23.50 -32.72
CA LEU G 159 0.90 -23.26 -33.05
C LEU G 159 0.46 -22.01 -32.32
N SER G 160 1.09 -20.87 -32.64
CA SER G 160 1.28 -19.65 -31.83
C SER G 160 -0.02 -18.85 -31.65
N ALA G 161 0.08 -17.58 -31.27
CA ALA G 161 -0.99 -16.76 -30.71
C ALA G 161 -2.29 -16.74 -31.51
N LYS G 162 -2.31 -16.23 -32.76
CA LYS G 162 -3.55 -16.28 -33.55
C LYS G 162 -3.94 -17.68 -33.90
N ASN G 163 -2.94 -18.51 -34.16
CA ASN G 163 -3.14 -19.93 -34.46
C ASN G 163 -3.90 -20.63 -33.35
N TYR G 164 -3.38 -20.53 -32.12
CA TYR G 164 -3.93 -21.30 -31.00
C TYR G 164 -5.31 -20.80 -30.61
N GLY G 165 -5.44 -19.48 -30.44
CA GLY G 165 -6.70 -18.92 -29.99
C GLY G 165 -7.83 -19.09 -30.98
N ARG G 166 -7.54 -18.93 -32.26
CA ARG G 166 -8.62 -19.09 -33.23
C ARG G 166 -8.89 -20.56 -33.52
N ALA G 167 -7.92 -21.43 -33.29
CA ALA G 167 -8.24 -22.86 -33.30
C ALA G 167 -9.12 -23.21 -32.11
N VAL G 168 -8.90 -22.54 -30.96
CA VAL G 168 -9.77 -22.71 -29.81
C VAL G 168 -11.17 -22.23 -30.14
N TYR G 169 -11.28 -21.10 -30.86
CA TYR G 169 -12.59 -20.59 -31.25
C TYR G 169 -13.31 -21.56 -32.17
N GLU G 170 -12.58 -22.12 -33.14
CA GLU G 170 -13.15 -23.09 -34.11
C GLU G 170 -13.47 -24.39 -33.38
N CYS G 171 -12.71 -24.70 -32.33
CA CYS G 171 -12.93 -25.94 -31.53
C CYS G 171 -13.72 -25.61 -30.27
N LEU G 172 -14.71 -24.70 -30.40
CA LEU G 172 -15.55 -24.28 -29.25
C LEU G 172 -16.92 -23.85 -29.78
N ARG G 173 -16.95 -23.33 -31.02
CA ARG G 173 -18.21 -22.86 -31.65
C ARG G 173 -19.11 -24.08 -31.94
N GLY G 174 -18.50 -25.22 -32.27
CA GLY G 174 -19.25 -26.44 -32.58
C GLY G 174 -20.28 -26.75 -31.51
N GLY G 175 -19.82 -26.98 -30.27
CA GLY G 175 -20.73 -27.29 -29.15
C GLY G 175 -19.97 -27.77 -27.93
N LEU G 176 -18.63 -27.81 -28.03
CA LEU G 176 -17.77 -28.28 -26.91
C LEU G 176 -17.94 -27.34 -25.71
N ASP G 177 -17.96 -27.89 -24.49
CA ASP G 177 -18.09 -27.10 -23.28
C ASP G 177 -16.76 -26.48 -22.87
N PHE G 178 -15.65 -27.20 -23.04
CA PHE G 178 -14.36 -26.68 -22.63
C PHE G 178 -13.27 -27.11 -23.62
N THR G 179 -12.15 -26.40 -23.54
CA THR G 179 -10.91 -26.80 -24.20
C THR G 179 -9.79 -26.53 -23.21
N LYS G 180 -8.74 -27.33 -23.26
CA LYS G 180 -7.65 -27.15 -22.31
C LYS G 180 -6.34 -26.95 -23.04
N ASP G 181 -5.39 -26.27 -22.39
CA ASP G 181 -4.06 -26.05 -23.01
C ASP G 181 -3.17 -27.25 -22.69
N ASP G 182 -2.06 -27.40 -23.41
CA ASP G 182 -1.14 -28.55 -23.18
C ASP G 182 -0.41 -28.37 -21.84
N GLU G 183 0.00 -29.48 -21.22
CA GLU G 183 0.69 -29.46 -19.91
C GLU G 183 2.04 -28.74 -20.02
N ASN G 184 2.72 -28.88 -21.16
CA ASN G 184 4.06 -28.25 -21.34
C ASN G 184 3.93 -26.89 -22.05
N ILE G 185 2.90 -26.10 -21.71
CA ILE G 185 2.73 -24.76 -22.32
C ILE G 185 3.15 -23.70 -21.30
N ASN G 186 4.34 -23.85 -20.72
CA ASN G 186 4.87 -22.87 -19.75
C ASN G 186 5.50 -21.73 -20.54
N SER G 187 5.11 -20.48 -20.25
CA SER G 187 5.65 -19.34 -20.98
C SER G 187 6.95 -19.67 -21.67
N GLN G 188 6.84 -20.27 -22.84
CA GLN G 188 7.99 -20.76 -23.59
C GLN G 188 8.23 -19.80 -24.73
N PRO G 189 9.51 -19.56 -25.08
CA PRO G 189 9.83 -18.36 -25.89
C PRO G 189 9.38 -18.40 -27.34
N PHE G 190 8.74 -19.47 -27.79
CA PHE G 190 8.07 -19.42 -29.07
C PHE G 190 6.63 -18.95 -28.91
N GLN G 191 6.11 -18.97 -27.68
CA GLN G 191 4.70 -18.66 -27.45
C GLN G 191 4.58 -18.04 -26.07
N ARG G 192 4.60 -16.71 -26.01
CA ARG G 192 4.66 -16.03 -24.72
C ARG G 192 3.28 -16.13 -24.05
N TRP G 193 3.25 -16.19 -22.72
CA TRP G 193 2.00 -16.48 -22.01
C TRP G 193 0.97 -15.38 -22.11
N ARG G 194 1.39 -14.15 -22.41
CA ARG G 194 0.54 -12.98 -22.58
C ARG G 194 -0.52 -13.19 -23.65
N ASP G 195 -0.08 -13.36 -24.89
CA ASP G 195 -0.99 -13.19 -26.01
C ASP G 195 -1.87 -14.41 -26.17
N ARG G 196 -1.41 -15.56 -25.67
CA ARG G 196 -2.26 -16.75 -25.67
C ARG G 196 -3.46 -16.53 -24.78
N PHE G 197 -3.23 -15.94 -23.60
CA PHE G 197 -4.33 -15.60 -22.72
C PHE G 197 -5.26 -14.58 -23.37
N LEU G 198 -4.69 -13.58 -24.03
CA LEU G 198 -5.52 -12.54 -24.66
C LEU G 198 -6.40 -13.11 -25.77
N PHE G 199 -5.82 -13.94 -26.63
CA PHE G 199 -6.56 -14.45 -27.78
C PHE G 199 -7.56 -15.52 -27.39
N VAL G 200 -7.19 -16.39 -26.44
CA VAL G 200 -8.11 -17.40 -25.94
C VAL G 200 -9.28 -16.73 -25.23
N ALA G 201 -8.99 -15.63 -24.52
CA ALA G 201 -10.02 -14.87 -23.83
C ALA G 201 -11.01 -14.25 -24.82
N ASP G 202 -10.47 -13.64 -25.88
CA ASP G 202 -11.33 -13.02 -26.88
C ASP G 202 -12.15 -14.06 -27.64
N ALA G 203 -11.55 -15.23 -27.85
CA ALA G 203 -12.26 -16.34 -28.50
C ALA G 203 -13.42 -16.82 -27.66
N ILE G 204 -13.21 -16.97 -26.34
CA ILE G 204 -14.28 -17.33 -25.42
C ILE G 204 -15.40 -16.31 -25.45
N HIS G 205 -15.03 -15.03 -25.47
CA HIS G 205 -16.04 -13.97 -25.37
C HIS G 205 -16.90 -13.91 -26.64
N LYS G 206 -16.27 -14.02 -27.81
CA LYS G 206 -17.02 -14.00 -29.05
C LYS G 206 -17.83 -15.28 -29.22
N SER G 207 -17.34 -16.40 -28.69
CA SER G 207 -18.08 -17.65 -28.80
C SER G 207 -19.30 -17.64 -27.88
N GLN G 208 -19.19 -17.00 -26.72
CA GLN G 208 -20.37 -16.79 -25.88
C GLN G 208 -21.35 -15.87 -26.57
N ALA G 209 -20.85 -14.88 -27.31
CA ALA G 209 -21.73 -13.97 -28.05
C ALA G 209 -22.50 -14.69 -29.13
N GLU G 210 -21.88 -15.65 -29.81
CA GLU G 210 -22.61 -16.36 -30.85
C GLU G 210 -23.51 -17.48 -30.33
N THR G 211 -23.00 -18.37 -29.49
CA THR G 211 -23.74 -19.59 -29.21
C THR G 211 -24.78 -19.44 -28.12
N GLY G 212 -24.62 -18.48 -27.21
CA GLY G 212 -25.58 -18.31 -26.14
C GLY G 212 -25.45 -19.28 -25.00
N GLU G 213 -24.41 -20.11 -25.01
CA GLU G 213 -24.11 -21.00 -23.90
C GLU G 213 -22.90 -20.44 -23.16
N ILE G 214 -22.85 -20.64 -21.85
CA ILE G 214 -21.67 -20.24 -21.11
C ILE G 214 -20.52 -21.16 -21.48
N LYS G 215 -19.40 -20.57 -21.87
CA LYS G 215 -18.26 -21.31 -22.38
C LYS G 215 -17.02 -20.98 -21.55
N GLY G 216 -15.99 -21.80 -21.70
CA GLY G 216 -14.75 -21.58 -20.98
C GLY G 216 -13.60 -22.40 -21.50
N HIS G 217 -12.38 -21.92 -21.25
CA HIS G 217 -11.15 -22.64 -21.68
C HIS G 217 -10.09 -22.55 -20.57
N TYR G 218 -9.39 -23.66 -20.31
CA TYR G 218 -8.35 -23.71 -19.24
C TYR G 218 -7.19 -22.77 -19.59
N LEU G 219 -6.59 -22.17 -18.56
CA LEU G 219 -5.43 -21.27 -18.71
C LEU G 219 -4.30 -21.78 -17.82
N ASN G 220 -3.50 -22.73 -18.33
CA ASN G 220 -2.39 -23.35 -17.57
C ASN G 220 -1.53 -22.28 -16.89
N VAL G 221 -1.83 -21.98 -15.62
CA VAL G 221 -1.07 -21.01 -14.85
C VAL G 221 0.04 -21.67 -14.04
N THR G 222 0.61 -22.76 -14.54
CA THR G 222 1.78 -23.36 -13.90
C THR G 222 2.96 -22.41 -14.01
N ALA G 223 3.44 -21.94 -12.87
CA ALA G 223 4.34 -20.79 -12.86
C ALA G 223 5.60 -21.18 -12.11
N PRO G 224 6.74 -20.57 -12.45
CA PRO G 224 7.92 -20.72 -11.60
C PRO G 224 7.75 -20.14 -10.21
N THR G 225 7.55 -18.84 -10.11
CA THR G 225 7.45 -18.20 -8.76
C THR G 225 5.99 -17.97 -8.36
N CYS G 226 5.70 -18.10 -7.06
CA CYS G 226 4.32 -17.88 -6.55
C CYS G 226 3.85 -16.50 -7.01
N GLU G 227 4.66 -15.47 -6.76
CA GLU G 227 4.33 -14.09 -7.17
C GLU G 227 3.98 -14.10 -8.66
N GLU G 228 4.85 -14.67 -9.50
CA GLU G 228 4.59 -14.75 -10.96
C GLU G 228 3.30 -15.53 -11.18
N MET G 229 3.18 -16.71 -10.55
CA MET G 229 1.97 -17.56 -10.68
C MET G 229 0.73 -16.72 -10.39
N MET G 230 0.65 -16.15 -9.19
CA MET G 230 -0.52 -15.30 -8.81
C MET G 230 -0.69 -14.20 -9.86
N LYS G 231 0.40 -13.49 -10.20
CA LYS G 231 0.35 -12.39 -11.19
C LYS G 231 -0.32 -12.88 -12.49
N ARG G 232 0.17 -14.00 -13.05
CA ARG G 232 -0.39 -14.54 -14.31
C ARG G 232 -1.85 -14.97 -14.10
N ALA G 233 -2.16 -15.52 -12.92
CA ALA G 233 -3.55 -15.95 -12.63
C ALA G 233 -4.43 -14.73 -12.36
N GLU G 234 -3.82 -13.64 -11.90
CA GLU G 234 -4.53 -12.37 -11.60
C GLU G 234 -5.04 -11.75 -12.90
N PHE G 235 -4.29 -11.93 -13.99
CA PHE G 235 -4.68 -11.39 -15.32
C PHE G 235 -5.87 -12.17 -15.86
N ALA G 236 -5.96 -13.46 -15.51
CA ALA G 236 -7.07 -14.34 -15.97
C ALA G 236 -8.39 -13.88 -15.34
N LYS G 237 -8.33 -13.36 -14.10
CA LYS G 237 -9.56 -12.90 -13.41
C LYS G 237 -9.92 -11.48 -13.88
N GLU G 238 -8.97 -10.78 -14.51
CA GLU G 238 -9.21 -9.41 -15.02
C GLU G 238 -9.85 -9.50 -16.42
N LEU G 239 -9.80 -10.68 -17.03
CA LEU G 239 -10.40 -10.90 -18.38
C LEU G 239 -11.67 -11.73 -18.23
N GLY G 240 -12.10 -11.98 -16.98
CA GLY G 240 -13.29 -12.74 -16.71
C GLY G 240 -13.29 -14.14 -17.30
N MET G 241 -12.23 -14.90 -17.04
CA MET G 241 -12.30 -16.28 -17.48
C MET G 241 -12.83 -17.15 -16.37
N PRO G 242 -13.74 -18.07 -16.66
CA PRO G 242 -14.44 -18.77 -15.58
C PRO G 242 -13.61 -19.83 -14.88
N ILE G 243 -12.50 -20.27 -15.47
CA ILE G 243 -11.79 -21.41 -14.92
C ILE G 243 -10.32 -21.34 -15.34
N ILE G 244 -9.44 -21.81 -14.46
CA ILE G 244 -8.02 -21.93 -14.75
C ILE G 244 -7.58 -23.35 -14.40
N MET G 245 -6.59 -23.85 -15.14
CA MET G 245 -6.07 -25.19 -14.89
C MET G 245 -4.65 -25.08 -14.35
N HIS G 246 -4.31 -26.00 -13.45
CA HIS G 246 -3.05 -25.91 -12.73
C HIS G 246 -2.68 -27.28 -12.20
N ASP G 247 -1.57 -27.81 -12.66
CA ASP G 247 -1.11 -29.11 -12.22
C ASP G 247 -0.62 -29.05 -10.77
N PHE G 248 -0.86 -30.13 -10.03
CA PHE G 248 -0.72 -30.10 -8.58
C PHE G 248 0.60 -30.66 -8.10
N LEU G 249 1.09 -31.73 -8.70
CA LEU G 249 2.10 -32.55 -8.06
C LEU G 249 3.51 -32.09 -8.38
N THR G 250 3.71 -31.45 -9.52
CA THR G 250 5.00 -30.86 -9.82
C THR G 250 5.08 -29.42 -9.33
N ALA G 251 3.94 -28.76 -9.21
CA ALA G 251 3.95 -27.36 -8.75
C ALA G 251 4.01 -27.31 -7.24
N GLY G 252 3.34 -28.25 -6.58
CA GLY G 252 3.45 -28.36 -5.15
C GLY G 252 2.24 -27.88 -4.36
N PHE G 253 2.04 -28.50 -3.21
CA PHE G 253 0.80 -28.30 -2.46
C PHE G 253 0.71 -26.93 -1.83
N THR G 254 1.85 -26.29 -1.56
CA THR G 254 1.79 -24.94 -1.01
C THR G 254 1.26 -23.97 -2.04
N ALA G 255 1.77 -24.06 -3.27
CA ALA G 255 1.26 -23.27 -4.37
C ALA G 255 -0.19 -23.61 -4.66
N ASN G 256 -0.54 -24.90 -4.55
CA ASN G 256 -1.90 -25.29 -4.90
C ASN G 256 -2.92 -24.85 -3.86
N THR G 257 -2.58 -24.97 -2.57
CA THR G 257 -3.47 -24.50 -1.52
C THR G 257 -3.63 -22.99 -1.58
N THR G 258 -2.54 -22.28 -1.88
CA THR G 258 -2.61 -20.83 -2.03
C THR G 258 -3.49 -20.44 -3.21
N LEU G 259 -3.35 -21.16 -4.31
CA LEU G 259 -4.14 -20.85 -5.50
C LEU G 259 -5.61 -21.19 -5.28
N ALA G 260 -5.88 -22.24 -4.49
CA ALA G 260 -7.27 -22.60 -4.22
C ALA G 260 -7.92 -21.58 -3.31
N LYS G 261 -7.16 -21.07 -2.33
CA LYS G 261 -7.70 -20.01 -1.48
C LYS G 261 -7.92 -18.74 -2.29
N TRP G 262 -7.08 -18.51 -3.28
CA TRP G 262 -7.31 -17.40 -4.20
C TRP G 262 -8.59 -17.59 -5.01
N CYS G 263 -8.82 -18.81 -5.49
CA CYS G 263 -10.01 -19.08 -6.29
C CYS G 263 -11.28 -18.96 -5.47
N ARG G 264 -11.20 -19.28 -4.18
CA ARG G 264 -12.31 -18.94 -3.30
C ARG G 264 -12.46 -17.44 -3.16
N ASP G 265 -11.34 -16.72 -3.13
CA ASP G 265 -11.40 -15.27 -2.90
C ASP G 265 -11.99 -14.51 -4.08
N ASN G 266 -11.87 -15.07 -5.29
CA ASN G 266 -12.41 -14.35 -6.45
C ASN G 266 -13.47 -15.12 -7.21
N GLY G 267 -13.82 -16.33 -6.78
CA GLY G 267 -14.95 -17.02 -7.38
C GLY G 267 -14.71 -17.59 -8.76
N VAL G 268 -13.55 -18.16 -9.00
CA VAL G 268 -13.20 -18.74 -10.29
C VAL G 268 -13.08 -20.24 -10.10
N LEU G 269 -13.60 -21.01 -11.05
CA LEU G 269 -13.51 -22.46 -11.00
C LEU G 269 -12.07 -22.92 -11.20
N LEU G 270 -11.75 -24.15 -10.77
CA LEU G 270 -10.37 -24.65 -10.83
C LEU G 270 -10.26 -25.94 -11.68
N HIS G 271 -9.07 -26.19 -12.22
CA HIS G 271 -8.78 -27.39 -13.06
C HIS G 271 -7.36 -27.88 -12.72
N ILE G 272 -7.26 -29.06 -12.11
CA ILE G 272 -5.93 -29.62 -11.69
C ILE G 272 -5.50 -30.70 -12.70
N HIS G 273 -4.24 -30.63 -13.15
CA HIS G 273 -3.68 -31.63 -14.10
C HIS G 273 -2.80 -32.62 -13.31
N ARG G 274 -3.18 -33.89 -13.28
CA ARG G 274 -2.43 -34.92 -12.51
C ARG G 274 -1.06 -35.21 -13.15
N ALA G 275 -0.36 -34.18 -13.65
CA ALA G 275 0.94 -34.42 -14.23
C ALA G 275 1.86 -35.06 -13.20
N MET G 276 2.82 -35.85 -13.70
CA MET G 276 3.91 -36.46 -12.95
C MET G 276 3.35 -37.45 -11.93
N HIS G 277 2.15 -37.97 -12.22
CA HIS G 277 1.47 -38.93 -11.30
C HIS G 277 1.74 -40.36 -11.78
N ALA G 278 2.65 -40.52 -12.73
CA ALA G 278 3.00 -41.86 -13.27
C ALA G 278 4.33 -42.33 -12.68
N VAL G 279 4.95 -41.50 -11.85
CA VAL G 279 6.27 -41.85 -11.22
C VAL G 279 6.18 -41.58 -9.72
N ILE G 280 5.22 -42.20 -9.04
CA ILE G 280 5.04 -42.01 -7.56
C ILE G 280 4.14 -43.12 -7.02
N ASP G 281 3.39 -43.79 -7.90
CA ASP G 281 2.48 -44.88 -7.47
C ASP G 281 2.13 -45.76 -8.68
N ARG G 282 3.11 -46.04 -9.54
CA ARG G 282 2.86 -46.88 -10.74
C ARG G 282 3.06 -48.36 -10.37
N GLN G 283 4.05 -48.65 -9.51
CA GLN G 283 4.34 -50.04 -9.08
C GLN G 283 3.28 -50.48 -8.05
N ARG G 284 3.08 -51.79 -7.92
CA ARG G 284 2.09 -52.31 -6.98
C ARG G 284 2.71 -52.72 -5.65
N ASN G 285 3.93 -52.27 -5.39
CA ASN G 285 4.60 -52.65 -4.16
C ASN G 285 5.29 -51.47 -3.48
N HIS G 286 5.36 -50.33 -4.17
CA HIS G 286 6.19 -49.23 -3.65
C HIS G 286 5.65 -47.91 -4.19
N GLY G 287 5.30 -47.01 -3.28
CA GLY G 287 4.87 -45.68 -3.67
C GLY G 287 3.75 -45.21 -2.76
N ILE G 288 2.91 -44.33 -3.29
CA ILE G 288 1.61 -44.05 -2.70
C ILE G 288 0.59 -44.29 -3.80
N HIS G 289 -0.66 -44.44 -3.40
CA HIS G 289 -1.72 -44.71 -4.38
C HIS G 289 -2.28 -43.37 -4.79
N PHE G 290 -2.83 -43.33 -6.00
CA PHE G 290 -3.40 -42.10 -6.53
C PHE G 290 -4.67 -41.71 -5.78
N ARG G 291 -5.28 -42.71 -5.13
CA ARG G 291 -6.43 -42.51 -4.25
C ARG G 291 -6.09 -41.59 -3.08
N VAL G 292 -4.92 -41.74 -2.48
CA VAL G 292 -4.53 -40.88 -1.37
C VAL G 292 -4.31 -39.45 -1.87
N LEU G 293 -3.69 -39.32 -3.05
CA LEU G 293 -3.58 -38.01 -3.68
C LEU G 293 -4.95 -37.45 -4.02
N ALA G 294 -5.91 -38.32 -4.35
CA ALA G 294 -7.25 -37.85 -4.69
C ALA G 294 -7.96 -37.27 -3.49
N LYS G 295 -7.84 -37.93 -2.33
CA LYS G 295 -8.46 -37.39 -1.13
C LYS G 295 -7.75 -36.12 -0.66
N CYS G 296 -6.41 -36.12 -0.71
CA CYS G 296 -5.64 -34.95 -0.32
C CYS G 296 -5.89 -33.78 -1.25
N LEU G 297 -6.24 -34.06 -2.50
CA LEU G 297 -6.46 -33.00 -3.47
C LEU G 297 -7.91 -32.57 -3.46
N ARG G 298 -8.81 -33.40 -2.93
CA ARG G 298 -10.12 -32.90 -2.56
C ARG G 298 -10.00 -31.94 -1.38
N LEU G 299 -9.06 -32.19 -0.48
CA LEU G 299 -8.90 -31.27 0.65
C LEU G 299 -8.26 -29.96 0.24
N SER G 300 -7.04 -30.00 -0.27
CA SER G 300 -6.46 -28.79 -0.86
C SER G 300 -7.19 -28.57 -2.18
N GLY G 301 -8.20 -27.70 -2.14
CA GLY G 301 -9.36 -27.87 -2.99
C GLY G 301 -9.10 -27.66 -4.46
N GLY G 302 -9.92 -28.35 -5.26
CA GLY G 302 -9.93 -28.20 -6.69
C GLY G 302 -11.32 -28.54 -7.18
N ASP G 303 -11.75 -27.96 -8.29
CA ASP G 303 -13.10 -28.22 -8.76
C ASP G 303 -13.15 -29.31 -9.82
N HIS G 304 -12.05 -29.53 -10.53
CA HIS G 304 -11.92 -30.65 -11.45
C HIS G 304 -10.69 -31.47 -11.09
N LEU G 305 -10.61 -32.68 -11.65
CA LEU G 305 -9.50 -33.59 -11.41
C LEU G 305 -9.49 -34.66 -12.50
N HIS G 306 -8.42 -34.68 -13.30
CA HIS G 306 -8.17 -35.79 -14.22
C HIS G 306 -8.07 -37.08 -13.43
N SER G 307 -8.73 -38.13 -13.88
CA SER G 307 -8.76 -39.39 -13.16
C SER G 307 -8.57 -40.56 -14.10
N GLY G 308 -8.57 -40.30 -15.39
CA GLY G 308 -8.41 -41.40 -16.34
C GLY G 308 -9.68 -42.21 -16.48
N THR G 309 -9.62 -43.24 -17.31
CA THR G 309 -10.83 -43.92 -17.74
C THR G 309 -10.63 -45.42 -17.63
N VAL G 310 -11.71 -46.14 -17.89
CA VAL G 310 -11.67 -47.59 -18.01
C VAL G 310 -12.20 -47.97 -19.38
N VAL G 311 -11.34 -48.57 -20.21
CA VAL G 311 -11.77 -48.91 -21.56
C VAL G 311 -11.71 -50.42 -21.78
N GLY G 312 -10.54 -51.02 -21.56
CA GLY G 312 -10.39 -52.45 -21.70
C GLY G 312 -9.54 -52.99 -20.58
N LYS G 313 -9.62 -52.31 -19.43
CA LYS G 313 -8.82 -52.70 -18.23
C LYS G 313 -9.40 -53.99 -17.63
N LEU G 314 -8.70 -54.55 -16.64
CA LEU G 314 -9.15 -55.80 -15.97
C LEU G 314 -10.28 -55.48 -15.00
N GLU G 315 -11.08 -56.49 -14.64
CA GLU G 315 -12.21 -56.31 -13.70
C GLU G 315 -11.72 -55.59 -12.44
N GLY G 316 -10.79 -56.21 -11.70
CA GLY G 316 -10.25 -55.61 -10.48
C GLY G 316 -9.76 -54.19 -10.72
N ASP G 317 -8.84 -54.02 -11.68
CA ASP G 317 -8.29 -52.68 -12.02
C ASP G 317 -9.45 -51.70 -12.26
N LYS G 318 -10.40 -52.08 -13.12
CA LYS G 318 -11.57 -51.21 -13.40
C LYS G 318 -12.25 -50.85 -12.08
N ALA G 319 -12.54 -51.86 -11.24
CA ALA G 319 -13.20 -51.64 -9.94
C ALA G 319 -12.36 -50.67 -9.09
N SER G 320 -11.04 -50.87 -9.06
CA SER G 320 -10.12 -50.00 -8.27
C SER G 320 -10.40 -48.53 -8.60
N THR G 321 -10.30 -48.16 -9.88
CA THR G 321 -10.56 -46.76 -10.30
C THR G 321 -11.96 -46.34 -9.81
N LEU G 322 -12.97 -47.19 -10.06
CA LEU G 322 -14.36 -46.90 -9.61
C LEU G 322 -14.35 -46.67 -8.10
N GLY G 323 -13.69 -47.56 -7.35
CA GLY G 323 -13.61 -47.44 -5.88
C GLY G 323 -13.10 -46.07 -5.45
N PHE G 324 -12.04 -45.58 -6.11
CA PHE G 324 -11.45 -44.25 -5.77
C PHE G 324 -12.24 -43.14 -6.47
N VAL G 325 -13.07 -43.51 -7.44
CA VAL G 325 -13.88 -42.51 -8.20
C VAL G 325 -15.01 -41.98 -7.31
N ASP G 326 -15.46 -42.77 -6.34
CA ASP G 326 -16.56 -42.36 -5.42
C ASP G 326 -15.96 -41.81 -4.12
N LEU G 327 -14.67 -41.45 -4.13
CA LEU G 327 -13.99 -40.90 -2.93
C LEU G 327 -13.92 -39.38 -3.06
N MET G 328 -14.99 -38.76 -3.58
CA MET G 328 -15.04 -37.28 -3.75
C MET G 328 -16.50 -36.86 -3.92
N ARG G 329 -17.21 -37.47 -4.87
CA ARG G 329 -18.64 -37.14 -5.13
C ARG G 329 -19.44 -37.39 -3.84
N GLU G 330 -19.46 -38.64 -3.36
CA GLU G 330 -20.20 -38.96 -2.14
C GLU G 330 -19.53 -38.32 -0.93
N ASP G 331 -20.32 -37.98 0.08
CA ASP G 331 -19.76 -37.46 1.33
C ASP G 331 -19.92 -38.41 2.50
N HIS G 332 -20.36 -39.64 2.25
CA HIS G 332 -20.32 -40.68 3.29
C HIS G 332 -20.12 -42.05 2.66
N ILE G 333 -18.91 -42.59 2.82
CA ILE G 333 -18.44 -43.68 1.98
C ILE G 333 -18.09 -44.85 2.88
N GLU G 334 -18.56 -46.05 2.52
CA GLU G 334 -18.23 -47.24 3.29
C GLU G 334 -16.88 -47.81 2.86
N ALA G 335 -16.53 -49.01 3.35
CA ALA G 335 -15.18 -49.53 3.17
C ALA G 335 -15.23 -50.86 2.41
N ASP G 336 -14.65 -50.86 1.20
CA ASP G 336 -14.51 -52.06 0.39
C ASP G 336 -13.05 -52.25 0.04
N ARG G 337 -12.50 -53.42 0.39
CA ARG G 337 -11.13 -53.71 0.00
C ARG G 337 -11.00 -53.92 -1.49
N SER G 338 -12.00 -54.54 -2.13
CA SER G 338 -11.87 -54.85 -3.55
C SER G 338 -12.01 -53.61 -4.40
N ARG G 339 -12.69 -52.58 -3.88
CA ARG G 339 -12.65 -51.30 -4.57
C ARG G 339 -11.47 -50.49 -4.06
N GLY G 340 -10.85 -50.96 -2.97
CA GLY G 340 -9.69 -50.26 -2.39
C GLY G 340 -10.05 -49.51 -1.12
N VAL G 341 -11.25 -48.92 -1.07
CA VAL G 341 -11.70 -48.17 0.13
C VAL G 341 -11.55 -49.08 1.35
N PHE G 342 -10.42 -48.96 2.06
CA PHE G 342 -10.13 -49.80 3.25
C PHE G 342 -11.07 -49.43 4.40
N PHE G 343 -11.47 -48.15 4.48
CA PHE G 343 -12.37 -47.70 5.57
C PHE G 343 -13.17 -46.47 5.11
N THR G 344 -14.48 -46.63 4.93
CA THR G 344 -15.35 -45.50 4.49
C THR G 344 -15.18 -44.33 5.47
N GLN G 345 -14.96 -43.12 4.95
CA GLN G 345 -14.77 -41.93 5.82
C GLN G 345 -15.80 -40.85 5.49
N ASP G 346 -16.18 -40.06 6.49
CA ASP G 346 -17.13 -38.97 6.34
C ASP G 346 -16.42 -37.76 5.74
N TRP G 347 -17.21 -36.85 5.16
CA TRP G 347 -16.65 -35.62 4.62
C TRP G 347 -17.30 -34.37 5.17
N ALA G 348 -18.42 -34.49 5.89
CA ALA G 348 -19.06 -33.39 6.62
C ALA G 348 -19.41 -32.22 5.69
N SER G 349 -20.12 -32.54 4.62
CA SER G 349 -20.58 -31.59 3.60
C SER G 349 -19.42 -30.85 2.93
N MET G 350 -18.39 -31.60 2.60
CA MET G 350 -17.54 -30.99 1.59
C MET G 350 -18.04 -31.32 0.20
N PRO G 351 -18.35 -30.31 -0.58
CA PRO G 351 -18.90 -30.54 -1.91
C PRO G 351 -17.85 -31.00 -2.91
N GLY G 352 -17.65 -32.32 -2.99
CA GLY G 352 -16.52 -32.95 -3.65
C GLY G 352 -16.28 -32.63 -5.11
N VAL G 353 -15.19 -33.16 -5.65
CA VAL G 353 -14.64 -32.68 -6.91
C VAL G 353 -15.21 -33.49 -8.06
N LEU G 354 -15.49 -32.83 -9.18
CA LEU G 354 -15.83 -33.52 -10.42
C LEU G 354 -14.62 -34.31 -10.94
N PRO G 355 -14.78 -35.57 -11.30
CA PRO G 355 -13.75 -36.25 -12.07
C PRO G 355 -13.90 -35.93 -13.55
N VAL G 356 -12.83 -36.19 -14.29
CA VAL G 356 -12.81 -36.06 -15.73
C VAL G 356 -11.81 -37.06 -16.30
N ALA G 357 -12.24 -37.82 -17.30
CA ALA G 357 -11.44 -38.89 -17.87
C ALA G 357 -10.83 -38.41 -19.18
N SER G 358 -9.57 -38.75 -19.42
CA SER G 358 -8.89 -38.39 -20.66
C SER G 358 -7.97 -39.52 -21.06
N GLY G 359 -8.39 -40.28 -22.05
CA GLY G 359 -7.57 -41.33 -22.64
C GLY G 359 -7.77 -41.33 -24.13
N GLY G 360 -7.29 -42.37 -24.79
CA GLY G 360 -7.48 -42.47 -26.21
C GLY G 360 -8.87 -42.94 -26.56
N ILE G 361 -9.86 -42.07 -26.42
CA ILE G 361 -11.26 -42.45 -26.55
C ILE G 361 -11.89 -41.68 -27.70
N HIS G 362 -12.56 -42.40 -28.58
CA HIS G 362 -13.39 -41.84 -29.62
C HIS G 362 -14.85 -42.00 -29.23
N VAL G 363 -15.75 -41.69 -30.18
CA VAL G 363 -17.17 -41.55 -29.85
C VAL G 363 -17.81 -42.90 -29.56
N TRP G 364 -17.20 -43.95 -30.10
CA TRP G 364 -17.69 -45.35 -29.95
C TRP G 364 -17.70 -45.71 -28.45
N HIS G 365 -16.85 -45.04 -27.67
CA HIS G 365 -16.77 -45.30 -26.20
C HIS G 365 -17.74 -44.37 -25.46
N MET G 366 -18.25 -43.35 -26.17
CA MET G 366 -19.20 -42.37 -25.57
C MET G 366 -20.33 -43.12 -24.85
N PRO G 367 -21.04 -44.06 -25.51
CA PRO G 367 -22.14 -44.79 -24.87
C PRO G 367 -21.68 -45.43 -23.55
N ALA G 368 -20.52 -46.10 -23.57
CA ALA G 368 -19.98 -46.75 -22.36
C ALA G 368 -19.50 -45.67 -21.38
N LEU G 369 -19.00 -44.55 -21.90
CA LEU G 369 -18.49 -43.44 -21.06
C LEU G 369 -19.62 -42.86 -20.20
N VAL G 370 -20.84 -42.78 -20.75
CA VAL G 370 -22.01 -42.25 -19.99
C VAL G 370 -22.72 -43.39 -19.27
N GLU G 371 -22.00 -44.06 -18.35
CA GLU G 371 -22.54 -45.20 -17.56
C GLU G 371 -21.56 -45.49 -16.42
N ILE G 372 -20.28 -45.24 -16.65
CA ILE G 372 -19.21 -45.47 -15.63
C ILE G 372 -19.01 -44.17 -14.84
N PHE G 373 -19.15 -43.03 -15.52
CA PHE G 373 -18.97 -41.70 -14.86
C PHE G 373 -20.35 -41.06 -14.65
N GLY G 374 -21.41 -41.84 -14.87
CA GLY G 374 -22.80 -41.37 -14.69
C GLY G 374 -23.05 -40.02 -15.36
N ASP G 375 -23.57 -39.06 -14.60
CA ASP G 375 -23.88 -37.74 -15.11
C ASP G 375 -22.87 -36.71 -14.60
N ASP G 376 -22.31 -36.95 -13.42
CA ASP G 376 -21.47 -35.97 -12.76
C ASP G 376 -20.01 -36.15 -13.14
N SER G 377 -19.65 -35.70 -14.33
CA SER G 377 -18.28 -35.79 -14.83
C SER G 377 -18.08 -34.89 -16.04
N VAL G 378 -16.84 -34.78 -16.50
CA VAL G 378 -16.49 -34.10 -17.73
C VAL G 378 -15.79 -35.13 -18.59
N LEU G 379 -15.98 -35.09 -19.90
CA LEU G 379 -15.39 -36.06 -20.79
C LEU G 379 -14.48 -35.37 -21.79
N GLN G 380 -13.31 -35.96 -22.03
CA GLN G 380 -12.30 -35.38 -22.91
C GLN G 380 -12.17 -36.14 -24.22
N PHE G 381 -11.52 -35.48 -25.18
CA PHE G 381 -11.23 -36.06 -26.49
C PHE G 381 -9.93 -35.49 -27.00
N GLY G 382 -9.46 -36.05 -28.10
CA GLY G 382 -8.33 -35.49 -28.83
C GLY G 382 -6.97 -36.01 -28.44
N GLY G 383 -6.89 -37.12 -27.71
CA GLY G 383 -5.61 -37.61 -27.24
C GLY G 383 -4.70 -38.18 -28.32
N GLY G 384 -5.04 -39.35 -28.85
CA GLY G 384 -4.24 -40.03 -29.84
C GLY G 384 -4.60 -39.64 -31.26
N THR G 385 -4.55 -40.62 -32.15
CA THR G 385 -4.86 -40.41 -33.57
C THR G 385 -6.37 -40.41 -33.74
N LEU G 386 -6.98 -39.24 -33.53
CA LEU G 386 -8.41 -39.07 -33.79
C LEU G 386 -8.64 -37.73 -34.45
N GLY G 387 -7.69 -37.33 -35.31
CA GLY G 387 -7.79 -36.06 -36.04
C GLY G 387 -8.90 -36.09 -37.06
N HIS G 388 -10.06 -35.51 -36.71
CA HIS G 388 -11.22 -35.47 -37.64
C HIS G 388 -10.79 -34.92 -38.99
N PRO G 389 -10.79 -35.72 -40.07
CA PRO G 389 -10.37 -35.27 -41.40
C PRO G 389 -11.35 -34.26 -42.03
N TRP G 390 -12.61 -34.29 -41.60
CA TRP G 390 -13.64 -33.37 -42.14
C TRP G 390 -13.52 -31.99 -41.48
N GLY G 391 -12.82 -31.91 -40.34
CA GLY G 391 -12.63 -30.64 -39.63
C GLY G 391 -12.87 -30.79 -38.14
N ASN G 392 -12.17 -29.99 -37.33
CA ASN G 392 -12.30 -30.05 -35.84
C ASN G 392 -13.75 -29.70 -35.45
N ALA G 393 -14.19 -28.48 -35.76
CA ALA G 393 -15.54 -28.05 -35.43
C ALA G 393 -16.64 -29.02 -35.89
N PRO G 394 -16.55 -29.66 -37.08
CA PRO G 394 -17.46 -30.80 -37.31
C PRO G 394 -17.30 -31.94 -36.32
N GLY G 395 -16.08 -32.19 -35.84
CA GLY G 395 -15.85 -33.19 -34.83
C GLY G 395 -16.51 -32.85 -33.52
N ALA G 396 -16.42 -31.57 -33.15
CA ALA G 396 -17.06 -31.09 -31.92
C ALA G 396 -18.56 -31.17 -32.03
N THR G 397 -19.10 -30.86 -33.22
CA THR G 397 -20.53 -30.94 -33.42
C THR G 397 -21.01 -32.39 -33.34
N ALA G 398 -20.23 -33.31 -33.93
CA ALA G 398 -20.57 -34.72 -33.88
C ALA G 398 -20.50 -35.25 -32.45
N ASN G 399 -19.53 -34.75 -31.67
CA ASN G 399 -19.41 -35.07 -30.26
C ASN G 399 -20.63 -34.61 -29.46
N ARG G 400 -21.08 -33.39 -29.74
CA ARG G 400 -22.23 -32.84 -29.02
C ARG G 400 -23.49 -33.63 -29.32
N VAL G 401 -23.66 -33.96 -30.60
CA VAL G 401 -24.80 -34.79 -31.02
C VAL G 401 -24.74 -36.15 -30.36
N ALA G 402 -23.54 -36.72 -30.28
CA ALA G 402 -23.33 -38.03 -29.70
C ALA G 402 -23.67 -38.06 -28.22
N LEU G 403 -23.21 -37.07 -27.48
CA LEU G 403 -23.50 -37.05 -26.04
C LEU G 403 -24.96 -36.74 -25.76
N GLU G 404 -25.58 -35.89 -26.57
CA GLU G 404 -27.00 -35.59 -26.37
C GLU G 404 -27.85 -36.83 -26.62
N ALA G 405 -27.53 -37.57 -27.70
CA ALA G 405 -28.27 -38.79 -28.00
C ALA G 405 -28.00 -39.86 -26.97
N CYS G 406 -26.78 -39.94 -26.44
CA CYS G 406 -26.46 -40.93 -25.43
C CYS G 406 -27.16 -40.65 -24.10
N VAL G 407 -27.22 -39.39 -23.68
CA VAL G 407 -27.89 -39.03 -22.44
C VAL G 407 -29.39 -39.29 -22.56
N GLN G 408 -29.95 -38.94 -23.72
CA GLN G 408 -31.37 -39.16 -23.92
C GLN G 408 -31.71 -40.64 -24.04
N ALA G 409 -30.79 -41.45 -24.59
CA ALA G 409 -31.07 -42.87 -24.73
C ALA G 409 -30.81 -43.62 -23.44
N ARG G 410 -29.98 -43.06 -22.56
CA ARG G 410 -29.89 -43.60 -21.21
C ARG G 410 -31.16 -43.26 -20.45
N ASN G 411 -31.74 -42.10 -20.76
CA ASN G 411 -33.02 -41.73 -20.16
C ASN G 411 -34.16 -42.60 -20.72
N GLU G 412 -33.98 -43.11 -21.94
CA GLU G 412 -34.90 -44.07 -22.53
C GLU G 412 -34.95 -45.39 -21.76
N GLY G 413 -33.90 -45.72 -21.02
CA GLY G 413 -33.95 -46.92 -20.21
C GLY G 413 -33.46 -48.15 -20.94
N ARG G 414 -33.07 -47.96 -22.20
CA ARG G 414 -32.48 -49.07 -23.00
C ARG G 414 -31.00 -49.19 -22.59
N ASP G 415 -30.53 -50.42 -22.34
CA ASP G 415 -29.13 -50.66 -21.90
C ASP G 415 -28.17 -49.93 -22.86
N LEU G 416 -27.43 -48.93 -22.34
CA LEU G 416 -26.48 -48.14 -23.15
C LEU G 416 -25.13 -48.87 -23.22
N TYR G 417 -24.95 -49.91 -22.42
CA TYR G 417 -23.69 -50.69 -22.43
C TYR G 417 -23.86 -51.94 -23.31
N ARG G 418 -24.98 -52.01 -24.03
CA ARG G 418 -25.27 -53.17 -24.92
C ARG G 418 -25.57 -52.67 -26.33
N GLU G 419 -26.58 -51.79 -26.47
CA GLU G 419 -26.97 -51.25 -27.80
C GLU G 419 -26.34 -49.86 -28.01
N GLY G 420 -25.14 -49.66 -27.48
CA GLY G 420 -24.45 -48.36 -27.60
C GLY G 420 -24.26 -47.95 -29.05
N GLY G 421 -23.41 -48.70 -29.78
CA GLY G 421 -23.10 -48.42 -31.20
C GLY G 421 -24.36 -48.15 -32.02
N ASP G 422 -25.36 -49.05 -31.91
CA ASP G 422 -26.62 -48.90 -32.67
C ASP G 422 -27.19 -47.49 -32.45
N ILE G 423 -27.30 -47.06 -31.19
CA ILE G 423 -27.86 -45.71 -30.85
C ILE G 423 -27.14 -44.64 -31.68
N LEU G 424 -25.82 -44.50 -31.49
CA LEU G 424 -25.02 -43.48 -32.24
C LEU G 424 -25.23 -43.68 -33.74
N ARG G 425 -25.11 -44.92 -34.23
CA ARG G 425 -25.26 -45.24 -35.67
C ARG G 425 -26.58 -44.63 -36.18
N GLU G 426 -27.70 -44.96 -35.51
CA GLU G 426 -29.03 -44.45 -35.91
C GLU G 426 -29.08 -42.93 -35.70
N ALA G 427 -28.43 -42.44 -34.64
CA ALA G 427 -28.42 -40.99 -34.33
C ALA G 427 -27.82 -40.20 -35.50
N GLY G 428 -26.73 -40.71 -36.07
CA GLY G 428 -26.04 -40.02 -37.18
C GLY G 428 -26.80 -40.13 -38.50
N LYS G 429 -28.08 -40.52 -38.45
CA LYS G 429 -28.85 -40.65 -39.69
C LYS G 429 -29.12 -39.30 -40.32
N TRP G 430 -28.98 -38.22 -39.56
CA TRP G 430 -29.17 -36.87 -40.12
C TRP G 430 -27.90 -36.04 -40.00
N SER G 431 -27.06 -36.36 -39.02
CA SER G 431 -25.80 -35.63 -38.89
C SER G 431 -24.70 -36.33 -39.67
N PRO G 432 -24.17 -35.70 -40.73
CA PRO G 432 -23.13 -36.37 -41.52
C PRO G 432 -21.79 -36.45 -40.80
N GLU G 433 -21.55 -35.54 -39.87
CA GLU G 433 -20.32 -35.55 -39.10
C GLU G 433 -20.29 -36.77 -38.20
N LEU G 434 -21.42 -37.08 -37.57
CA LEU G 434 -21.51 -38.26 -36.74
C LEU G 434 -21.47 -39.52 -37.60
N ALA G 435 -21.93 -39.41 -38.85
CA ALA G 435 -21.81 -40.54 -39.77
C ALA G 435 -20.36 -40.81 -40.12
N ALA G 436 -19.56 -39.74 -40.25
CA ALA G 436 -18.12 -39.90 -40.44
C ALA G 436 -17.46 -40.49 -39.21
N ALA G 437 -17.97 -40.11 -38.04
CA ALA G 437 -17.52 -40.68 -36.78
C ALA G 437 -17.85 -42.16 -36.69
N LEU G 438 -18.99 -42.56 -37.27
CA LEU G 438 -19.35 -43.97 -37.37
C LEU G 438 -18.39 -44.66 -38.31
N ASP G 439 -17.99 -43.95 -39.37
CA ASP G 439 -17.05 -44.46 -40.39
C ASP G 439 -15.61 -44.10 -40.00
N LEU G 440 -15.25 -44.27 -38.72
CA LEU G 440 -13.89 -43.95 -38.25
C LEU G 440 -13.41 -45.04 -37.28
N TRP G 441 -14.16 -45.28 -36.21
CA TRP G 441 -13.79 -46.31 -35.20
C TRP G 441 -15.00 -47.23 -34.93
N LYS G 442 -14.74 -48.44 -34.42
CA LYS G 442 -15.81 -49.40 -34.11
C LYS G 442 -15.70 -49.84 -32.65
N GLU G 443 -16.83 -50.10 -32.00
CA GLU G 443 -16.86 -50.52 -30.58
C GLU G 443 -17.39 -51.96 -30.49
N ILE G 444 -16.76 -52.88 -31.23
CA ILE G 444 -17.18 -54.32 -31.24
C ILE G 444 -16.26 -55.11 -30.31
N LYS G 445 -15.52 -54.40 -29.45
CA LYS G 445 -14.58 -55.05 -28.49
C LYS G 445 -15.31 -56.16 -27.73
N PHE G 446 -16.59 -55.95 -27.41
CA PHE G 446 -17.38 -56.94 -26.68
C PHE G 446 -18.83 -56.49 -26.70
N GLU G 447 -19.74 -57.34 -26.21
CA GLU G 447 -21.10 -56.92 -25.88
C GLU G 447 -21.06 -55.85 -24.79
N LEU H 1 52.80 -7.25 -19.81
CA LEU H 1 52.04 -6.94 -21.06
C LEU H 1 52.44 -7.96 -22.14
N THR H 2 52.04 -9.21 -21.97
CA THR H 2 52.35 -10.28 -22.96
C THR H 2 51.06 -10.98 -23.38
N TYR H 3 50.09 -10.20 -23.88
CA TYR H 3 48.79 -10.75 -24.35
C TYR H 3 48.55 -10.30 -25.79
N TYR H 4 49.50 -10.58 -26.68
CA TYR H 4 49.40 -10.17 -28.10
C TYR H 4 48.51 -11.17 -28.87
N THR H 5 49.14 -12.07 -29.64
CA THR H 5 48.38 -13.07 -30.44
C THR H 5 48.72 -14.49 -29.95
N PRO H 6 48.20 -14.94 -28.79
CA PRO H 6 48.49 -16.28 -28.27
C PRO H 6 47.48 -17.34 -28.73
N ASP H 7 46.83 -17.12 -29.88
CA ASP H 7 45.82 -18.08 -30.42
C ASP H 7 44.80 -18.39 -29.32
N TYR H 8 45.05 -19.47 -28.58
CA TYR H 8 44.25 -19.95 -27.40
C TYR H 8 42.90 -20.60 -27.77
N THR H 9 42.60 -20.74 -29.07
CA THR H 9 41.33 -21.37 -29.56
C THR H 9 40.11 -20.62 -29.01
N PRO H 10 39.69 -19.50 -29.61
CA PRO H 10 38.58 -18.71 -29.07
C PRO H 10 37.27 -19.50 -28.96
N LYS H 11 36.63 -19.34 -27.81
CA LYS H 11 35.69 -20.34 -27.33
C LYS H 11 34.23 -19.95 -27.48
N ASP H 12 33.36 -20.80 -26.92
CA ASP H 12 31.92 -20.71 -27.03
C ASP H 12 31.32 -19.45 -26.43
N THR H 13 31.72 -19.07 -25.21
CA THR H 13 31.03 -17.96 -24.57
C THR H 13 31.75 -16.63 -24.82
N ASP H 14 32.88 -16.42 -24.19
CA ASP H 14 34.06 -15.73 -24.72
C ASP H 14 33.92 -14.23 -25.03
N LEU H 15 32.69 -13.71 -25.16
CA LEU H 15 32.34 -12.33 -25.53
C LEU H 15 33.25 -11.69 -26.56
N LEU H 16 33.37 -12.31 -27.73
CA LEU H 16 34.40 -11.93 -28.69
C LEU H 16 34.10 -10.60 -29.36
N ALA H 17 34.54 -9.48 -28.79
CA ALA H 17 34.29 -8.17 -29.38
C ALA H 17 35.48 -7.73 -30.24
N ALA H 18 35.23 -6.81 -31.18
CA ALA H 18 36.32 -6.36 -32.04
C ALA H 18 36.54 -4.85 -31.95
N PHE H 19 37.59 -4.34 -32.59
CA PHE H 19 37.93 -2.92 -32.52
C PHE H 19 38.61 -2.44 -33.80
N ARG H 20 38.23 -1.25 -34.27
CA ARG H 20 38.97 -0.55 -35.32
C ARG H 20 39.99 0.32 -34.63
N PHE H 21 41.27 0.05 -34.87
CA PHE H 21 42.34 0.48 -34.00
C PHE H 21 43.32 1.33 -34.78
N SER H 22 43.73 2.46 -34.22
CA SER H 22 44.71 3.34 -34.87
C SER H 22 45.66 3.92 -33.84
N PRO H 23 46.92 3.51 -33.83
CA PRO H 23 47.88 4.04 -32.86
C PRO H 23 48.35 5.43 -33.24
N GLN H 24 49.02 6.06 -32.28
CA GLN H 24 49.86 7.21 -32.52
C GLN H 24 51.22 6.62 -32.89
N PRO H 25 52.00 7.25 -33.80
CA PRO H 25 53.31 6.69 -34.15
C PRO H 25 54.31 6.67 -33.00
N GLY H 26 55.25 5.74 -33.07
CA GLY H 26 56.14 5.49 -31.97
C GLY H 26 55.57 4.45 -31.03
N VAL H 27 54.57 3.72 -31.50
CA VAL H 27 53.93 2.67 -30.72
C VAL H 27 53.98 1.36 -31.50
N PRO H 28 54.58 0.30 -30.95
CA PRO H 28 54.46 -1.02 -31.61
C PRO H 28 53.05 -1.55 -31.43
N ALA H 29 52.57 -2.23 -32.48
CA ALA H 29 51.17 -2.60 -32.61
C ALA H 29 50.64 -3.62 -31.59
N PRO H 30 51.27 -4.79 -31.35
CA PRO H 30 50.59 -5.74 -30.45
C PRO H 30 50.68 -5.37 -28.98
N GLU H 31 51.66 -4.54 -28.60
CA GLU H 31 51.72 -4.03 -27.23
C GLU H 31 50.52 -3.14 -26.94
N ALA H 32 50.08 -2.40 -27.95
CA ALA H 32 48.88 -1.59 -27.77
C ALA H 32 47.63 -2.45 -27.78
N GLY H 33 47.66 -3.59 -28.48
CA GLY H 33 46.57 -4.53 -28.39
C GLY H 33 46.44 -5.15 -27.01
N ALA H 34 47.56 -5.55 -26.42
CA ALA H 34 47.53 -6.04 -25.05
C ALA H 34 47.25 -4.93 -24.06
N ALA H 35 47.53 -3.68 -24.44
CA ALA H 35 47.12 -2.55 -23.63
C ALA H 35 45.61 -2.42 -23.60
N ILE H 36 44.96 -2.66 -24.74
CA ILE H 36 43.49 -2.71 -24.78
C ILE H 36 42.99 -3.84 -23.91
N ALA H 37 43.66 -5.00 -23.99
CA ALA H 37 43.25 -6.17 -23.25
C ALA H 37 43.42 -5.98 -21.74
N ALA H 38 44.44 -5.21 -21.34
CA ALA H 38 44.66 -4.96 -19.92
C ALA H 38 43.72 -3.88 -19.42
N GLU H 39 43.49 -2.83 -20.22
CA GLU H 39 42.61 -1.76 -19.83
C GLU H 39 41.15 -2.21 -19.77
N SER H 40 40.81 -3.27 -20.50
CA SER H 40 39.45 -3.82 -20.42
C SER H 40 39.17 -4.45 -19.06
N SER H 41 40.19 -5.00 -18.40
CA SER H 41 40.01 -5.64 -17.10
C SER H 41 41.34 -5.77 -16.39
N THR H 42 41.37 -5.36 -15.11
CA THR H 42 42.52 -5.46 -14.21
C THR H 42 43.75 -4.78 -14.77
N GLY H 43 43.72 -3.43 -14.84
CA GLY H 43 44.63 -2.64 -15.65
C GLY H 43 46.12 -2.85 -15.42
N THR H 44 46.80 -3.16 -16.54
CA THR H 44 48.25 -3.17 -16.74
C THR H 44 49.03 -4.00 -15.73
N TRP H 45 48.40 -5.08 -15.22
CA TRP H 45 48.92 -5.95 -14.17
C TRP H 45 49.30 -5.12 -12.96
N THR H 46 48.30 -4.56 -12.29
CA THR H 46 48.54 -3.70 -11.13
C THR H 46 49.15 -4.49 -9.99
N THR H 47 50.34 -4.07 -9.55
CA THR H 47 51.10 -4.80 -8.55
C THR H 47 50.45 -4.70 -7.18
N VAL H 48 50.24 -5.88 -6.56
CA VAL H 48 49.62 -5.99 -5.21
C VAL H 48 50.54 -6.84 -4.32
N TRP H 49 50.15 -7.07 -3.06
CA TRP H 49 50.98 -7.86 -2.11
C TRP H 49 50.64 -9.35 -2.23
N THR H 50 49.58 -9.68 -2.96
CA THR H 50 49.15 -11.10 -3.14
C THR H 50 49.69 -11.66 -4.46
N ASP H 51 50.30 -10.80 -5.29
CA ASP H 51 50.85 -11.25 -6.60
C ASP H 51 51.78 -12.45 -6.38
N LEU H 52 52.81 -12.27 -5.56
CA LEU H 52 53.76 -13.33 -5.28
C LEU H 52 53.10 -14.57 -4.71
N LEU H 53 51.95 -14.42 -4.05
CA LEU H 53 51.25 -15.55 -3.43
C LEU H 53 50.29 -16.20 -4.42
N THR H 54 49.33 -15.43 -4.90
CA THR H 54 48.27 -15.94 -5.77
C THR H 54 48.36 -15.33 -7.16
N ASP H 55 48.20 -16.15 -8.20
CA ASP H 55 48.26 -15.65 -9.56
C ASP H 55 46.85 -15.31 -10.06
N MET H 56 46.65 -14.04 -10.43
CA MET H 56 45.36 -13.53 -10.91
C MET H 56 45.25 -13.84 -12.40
N ASP H 57 44.68 -15.01 -12.71
CA ASP H 57 44.74 -15.55 -14.07
C ASP H 57 43.41 -16.22 -14.45
N ARG H 58 42.33 -15.82 -13.81
CA ARG H 58 41.05 -16.44 -14.17
C ARG H 58 40.15 -15.47 -14.92
N TYR H 59 40.43 -14.18 -14.83
CA TYR H 59 39.55 -13.15 -15.35
C TYR H 59 40.26 -12.20 -16.31
N ASP H 60 41.35 -12.68 -16.92
CA ASP H 60 42.14 -11.85 -17.87
C ASP H 60 41.41 -11.77 -19.20
N GLY H 61 41.37 -10.58 -19.81
CA GLY H 61 40.72 -10.39 -21.12
C GLY H 61 41.75 -10.41 -22.23
N LYS H 62 42.36 -11.58 -22.48
CA LYS H 62 43.41 -11.74 -23.52
C LYS H 62 42.80 -11.64 -24.91
N CYS H 63 43.50 -10.99 -25.83
CA CYS H 63 43.05 -10.84 -27.24
C CYS H 63 43.62 -12.00 -28.08
N TYR H 64 43.41 -11.97 -29.41
CA TYR H 64 43.93 -13.06 -30.27
C TYR H 64 43.97 -12.63 -31.74
N HIS H 65 44.27 -11.36 -32.02
CA HIS H 65 44.33 -10.90 -33.44
C HIS H 65 45.18 -9.64 -33.61
N ILE H 66 45.53 -9.34 -34.86
CA ILE H 66 46.34 -8.16 -35.30
C ILE H 66 46.34 -8.21 -36.83
N GLU H 67 45.24 -7.78 -37.45
CA GLU H 67 45.07 -7.86 -38.89
C GLU H 67 44.89 -6.47 -39.46
N PRO H 68 45.79 -6.04 -40.35
CA PRO H 68 45.71 -4.68 -40.90
C PRO H 68 44.55 -4.47 -41.86
N VAL H 69 44.05 -3.23 -41.86
CA VAL H 69 42.87 -2.91 -42.65
C VAL H 69 43.24 -2.88 -44.13
N GLN H 70 42.44 -3.53 -44.96
CA GLN H 70 42.65 -3.55 -46.40
C GLN H 70 42.32 -2.16 -46.94
N GLY H 71 43.36 -1.41 -47.30
CA GLY H 71 43.17 -0.11 -47.89
C GLY H 71 43.10 1.01 -46.88
N GLU H 72 44.08 1.10 -46.00
CA GLU H 72 44.09 2.10 -44.94
C GLU H 72 45.52 2.27 -44.45
N GLU H 73 45.88 3.50 -44.10
CA GLU H 73 47.18 3.76 -43.49
C GLU H 73 47.01 3.72 -41.97
N ASN H 74 47.83 2.89 -41.31
CA ASN H 74 47.82 2.73 -39.84
C ASN H 74 46.40 2.43 -39.36
N SER H 75 45.89 1.23 -39.64
CA SER H 75 44.53 0.81 -39.23
C SER H 75 44.38 -0.70 -39.36
N TYR H 76 44.28 -1.42 -38.24
CA TYR H 76 44.11 -2.89 -38.26
C TYR H 76 43.19 -3.33 -37.12
N PHE H 77 42.15 -4.10 -37.45
CA PHE H 77 41.16 -4.59 -36.46
C PHE H 77 41.82 -5.60 -35.53
N ALA H 78 41.48 -5.54 -34.23
CA ALA H 78 42.04 -6.46 -33.22
C ALA H 78 40.90 -7.17 -32.50
N PHE H 79 40.91 -8.51 -32.51
CA PHE H 79 39.84 -9.32 -31.85
C PHE H 79 40.23 -9.58 -30.39
N ILE H 80 39.42 -9.08 -29.45
CA ILE H 80 39.69 -9.27 -27.99
C ILE H 80 38.89 -10.47 -27.50
N ALA H 81 38.79 -10.65 -26.19
CA ALA H 81 38.04 -11.76 -25.61
C ALA H 81 37.94 -11.60 -24.10
N ASP H 82 36.71 -11.65 -23.60
CA ASP H 82 36.40 -11.52 -22.18
C ASP H 82 35.51 -12.68 -21.75
N PRO H 83 35.97 -13.52 -20.80
CA PRO H 83 35.46 -14.90 -20.72
C PRO H 83 33.99 -15.09 -20.38
N LEU H 84 33.56 -14.91 -19.13
CA LEU H 84 32.13 -14.78 -18.89
C LEU H 84 31.81 -13.79 -17.77
N ASP H 85 32.59 -13.86 -16.70
CA ASP H 85 32.08 -13.46 -15.39
C ASP H 85 32.22 -11.97 -15.14
N LEU H 86 32.48 -11.20 -16.19
CA LEU H 86 32.64 -9.77 -16.00
C LEU H 86 31.33 -9.03 -16.21
N PHE H 87 30.22 -9.73 -16.28
CA PHE H 87 28.98 -9.13 -16.74
C PHE H 87 27.80 -9.60 -15.89
N GLU H 88 26.88 -8.68 -15.62
CA GLU H 88 25.70 -8.98 -14.83
C GLU H 88 24.58 -9.47 -15.74
N GLU H 89 23.77 -10.39 -15.24
CA GLU H 89 22.53 -10.72 -15.95
C GLU H 89 21.57 -9.55 -15.87
N GLY H 90 20.85 -9.30 -16.95
CA GLY H 90 19.86 -8.24 -16.97
C GLY H 90 20.33 -6.91 -17.49
N SER H 91 21.63 -6.64 -17.51
CA SER H 91 22.13 -5.30 -17.78
C SER H 91 22.79 -5.22 -19.14
N VAL H 92 22.45 -4.17 -19.89
CA VAL H 92 23.27 -3.74 -21.00
C VAL H 92 24.23 -2.66 -20.53
N THR H 93 23.84 -1.97 -19.46
CA THR H 93 24.65 -0.91 -18.88
C THR H 93 25.96 -1.46 -18.35
N ASN H 94 25.91 -2.64 -17.73
CA ASN H 94 27.13 -3.27 -17.24
C ASN H 94 28.00 -3.74 -18.39
N ILE H 95 27.37 -4.14 -19.50
CA ILE H 95 28.11 -4.55 -20.70
C ILE H 95 28.92 -3.39 -21.23
N LEU H 96 28.27 -2.24 -21.40
CA LEU H 96 28.98 -1.07 -21.92
C LEU H 96 29.98 -0.53 -20.91
N THR H 97 29.68 -0.67 -19.62
CA THR H 97 30.57 -0.14 -18.60
C THR H 97 31.85 -0.96 -18.53
N SER H 98 31.72 -2.27 -18.71
CA SER H 98 32.89 -3.14 -18.64
C SER H 98 33.74 -3.03 -19.89
N ILE H 99 33.10 -3.00 -21.05
CA ILE H 99 33.85 -3.04 -22.30
C ILE H 99 34.46 -1.68 -22.60
N VAL H 100 33.62 -0.67 -22.81
CA VAL H 100 34.16 0.65 -23.12
C VAL H 100 33.67 1.63 -22.06
N GLY H 101 34.46 1.79 -21.01
CA GLY H 101 34.17 2.85 -20.08
C GLY H 101 35.36 3.78 -19.92
N ASN H 102 36.55 3.23 -20.08
CA ASN H 102 37.76 4.03 -19.93
C ASN H 102 38.80 3.69 -20.98
N VAL H 103 38.53 2.66 -21.78
CA VAL H 103 39.49 2.10 -22.73
C VAL H 103 39.82 3.13 -23.80
N PHE H 104 38.81 3.86 -24.25
CA PHE H 104 39.04 4.91 -25.24
C PHE H 104 39.85 6.03 -24.62
N GLY H 105 40.60 6.73 -25.48
CA GLY H 105 41.33 7.92 -25.12
C GLY H 105 42.35 7.74 -24.01
N PHE H 106 43.12 6.67 -24.06
CA PHE H 106 44.09 6.39 -23.00
C PHE H 106 45.48 6.91 -23.36
N LYS H 107 45.50 7.86 -24.30
CA LYS H 107 46.62 8.78 -24.54
C LYS H 107 47.87 8.06 -25.03
N ALA H 108 47.65 6.93 -25.67
CA ALA H 108 48.75 6.24 -26.31
C ALA H 108 48.49 6.11 -27.80
N ILE H 109 47.25 5.78 -28.14
CA ILE H 109 46.84 5.61 -29.52
C ILE H 109 46.21 6.88 -30.05
N ARG H 110 46.06 6.97 -31.37
CA ARG H 110 45.38 8.12 -31.96
C ARG H 110 43.87 7.97 -31.82
N SER H 111 43.34 6.83 -32.26
CA SER H 111 41.88 6.67 -32.26
C SER H 111 41.44 5.22 -32.18
N LEU H 112 40.19 5.01 -31.76
CA LEU H 112 39.67 3.68 -31.52
C LEU H 112 38.16 3.70 -31.68
N ARG H 113 37.64 2.67 -32.33
CA ARG H 113 36.23 2.59 -32.66
C ARG H 113 35.72 1.17 -32.41
N LEU H 114 34.84 1.04 -31.42
CA LEU H 114 34.20 -0.25 -31.10
C LEU H 114 33.32 -0.63 -32.27
N GLU H 115 33.74 -1.65 -33.00
CA GLU H 115 33.12 -1.91 -34.29
C GLU H 115 32.08 -3.01 -34.16
N ASP H 116 32.38 -4.06 -33.42
CA ASP H 116 31.48 -5.21 -33.37
C ASP H 116 31.49 -5.92 -32.03
N ILE H 117 30.52 -6.81 -31.85
CA ILE H 117 30.32 -7.52 -30.58
C ILE H 117 29.71 -8.89 -30.86
N ARG H 118 30.21 -9.90 -30.17
CA ARG H 118 29.63 -11.24 -30.24
C ARG H 118 28.96 -11.48 -28.89
N PHE H 119 27.71 -11.79 -28.92
CA PHE H 119 27.05 -12.15 -27.69
C PHE H 119 26.81 -13.65 -27.65
N PRO H 120 27.18 -14.30 -26.55
CA PRO H 120 27.09 -15.76 -26.47
C PRO H 120 25.65 -16.18 -26.18
N VAL H 121 25.39 -17.46 -26.37
CA VAL H 121 24.05 -18.03 -26.18
C VAL H 121 23.73 -18.04 -24.69
N ALA H 122 24.76 -18.11 -23.85
CA ALA H 122 24.59 -18.18 -22.42
C ALA H 122 24.53 -16.82 -21.76
N LEU H 123 24.43 -15.75 -22.55
CA LEU H 123 24.20 -14.44 -21.97
C LEU H 123 22.97 -13.84 -22.63
N VAL H 124 22.72 -14.25 -23.86
CA VAL H 124 21.53 -13.84 -24.60
C VAL H 124 20.27 -14.32 -23.90
N LYS H 125 20.28 -15.55 -23.42
CA LYS H 125 19.09 -16.14 -22.82
C LYS H 125 18.68 -15.51 -21.50
N THR H 126 19.59 -14.85 -20.79
CA THR H 126 19.22 -14.35 -19.47
C THR H 126 18.65 -12.95 -19.50
N PHE H 127 18.59 -12.31 -20.65
CA PHE H 127 17.99 -10.99 -20.75
C PHE H 127 16.49 -11.12 -20.99
N GLN H 128 15.81 -9.98 -20.94
CA GLN H 128 14.39 -9.91 -21.13
C GLN H 128 13.96 -10.22 -22.56
N GLY H 129 14.73 -9.77 -23.53
CA GLY H 129 14.29 -9.83 -24.91
C GLY H 129 13.31 -8.71 -25.20
N PRO H 130 12.79 -8.68 -26.42
CA PRO H 130 11.80 -7.68 -26.77
C PRO H 130 10.47 -8.01 -26.10
N PRO H 131 9.62 -7.01 -25.90
CA PRO H 131 8.30 -7.28 -25.32
C PRO H 131 7.41 -8.13 -26.20
N HIS H 132 7.52 -7.96 -27.51
CA HIS H 132 6.75 -8.77 -28.43
C HIS H 132 7.59 -9.07 -29.65
N GLY H 133 7.33 -10.20 -30.28
CA GLY H 133 8.04 -10.52 -31.50
C GLY H 133 7.45 -9.82 -32.69
N ILE H 134 8.14 -9.94 -33.82
CA ILE H 134 7.62 -9.53 -35.12
C ILE H 134 6.35 -10.32 -35.39
N GLN H 135 6.42 -11.62 -35.13
CA GLN H 135 5.25 -12.49 -35.17
C GLN H 135 4.14 -11.95 -34.28
N VAL H 136 4.45 -11.72 -33.00
CA VAL H 136 3.45 -11.32 -32.01
C VAL H 136 2.90 -9.93 -32.31
N GLU H 137 3.73 -9.05 -32.83
CA GLU H 137 3.26 -7.72 -33.21
C GLU H 137 2.30 -7.78 -34.38
N ARG H 138 2.61 -8.62 -35.38
CA ARG H 138 1.66 -8.85 -36.46
C ARG H 138 0.39 -9.50 -35.94
N ASP H 139 0.51 -10.34 -34.92
CA ASP H 139 -0.65 -10.99 -34.31
C ASP H 139 -1.56 -9.97 -33.66
N LEU H 140 -0.95 -8.97 -33.00
CA LEU H 140 -1.75 -7.96 -32.33
C LEU H 140 -2.26 -6.91 -33.31
N LEU H 141 -1.69 -6.85 -34.51
CA LEU H 141 -2.10 -5.78 -35.40
C LEU H 141 -2.79 -6.25 -36.68
N ASN H 142 -2.77 -7.55 -36.98
CA ASN H 142 -3.43 -8.15 -38.16
C ASN H 142 -2.94 -7.52 -39.47
N LYS H 143 -1.62 -7.39 -39.59
CA LYS H 143 -1.00 -6.80 -40.78
C LYS H 143 -0.03 -7.87 -41.30
N TYR H 144 -0.43 -8.58 -42.34
CA TYR H 144 0.12 -9.91 -42.60
C TYR H 144 0.83 -10.02 -43.95
N GLY H 145 0.68 -9.02 -44.81
CA GLY H 145 1.27 -9.16 -46.12
C GLY H 145 2.13 -7.99 -46.56
N ARG H 146 2.01 -6.89 -45.86
CA ARG H 146 2.63 -5.66 -46.33
C ARG H 146 3.45 -5.04 -45.20
N PRO H 147 4.41 -4.17 -45.53
CA PRO H 147 5.03 -3.37 -44.48
C PRO H 147 4.05 -2.34 -43.95
N MET H 148 4.30 -1.88 -42.73
CA MET H 148 3.41 -0.95 -42.07
C MET H 148 3.69 0.49 -42.49
N LEU H 149 2.67 1.33 -42.37
CA LEU H 149 2.70 2.70 -42.86
C LEU H 149 2.79 3.71 -41.73
N GLY H 150 3.46 4.83 -42.00
CA GLY H 150 3.61 5.87 -41.01
C GLY H 150 3.99 7.24 -41.54
N CYS H 151 3.48 8.29 -40.92
CA CYS H 151 3.96 9.63 -41.23
C CYS H 151 4.13 10.43 -39.95
N THR H 152 4.95 11.48 -40.04
CA THR H 152 5.20 12.38 -38.93
C THR H 152 4.28 13.58 -39.06
N ILE H 153 3.65 13.95 -37.95
CA ILE H 153 2.72 15.07 -37.98
C ILE H 153 3.47 16.38 -38.11
N LYS H 154 3.12 17.16 -39.12
CA LYS H 154 3.81 18.42 -39.35
C LYS H 154 2.83 19.57 -39.16
N PRO H 155 3.29 20.69 -38.58
CA PRO H 155 4.64 21.01 -38.14
C PRO H 155 5.02 20.41 -36.78
N LYS H 156 6.18 20.81 -36.30
CA LYS H 156 6.70 20.27 -35.04
C LYS H 156 5.98 20.88 -33.84
N LEU H 157 5.93 22.21 -33.78
CA LEU H 157 5.43 22.90 -32.59
C LEU H 157 4.30 23.85 -32.94
N GLY H 158 3.77 24.53 -31.92
CA GLY H 158 2.71 25.52 -32.07
C GLY H 158 1.42 24.96 -32.60
N LEU H 159 1.19 23.68 -32.30
CA LEU H 159 0.19 22.89 -33.00
C LEU H 159 -0.54 22.05 -31.95
N SER H 160 -1.21 22.71 -31.03
CA SER H 160 -1.57 22.30 -29.64
C SER H 160 -2.66 21.22 -29.65
N ALA H 161 -3.34 21.07 -28.51
CA ALA H 161 -4.42 20.06 -28.32
C ALA H 161 -5.12 19.77 -29.65
N LYS H 162 -6.28 20.39 -29.87
CA LYS H 162 -7.10 20.19 -31.10
C LYS H 162 -6.23 20.25 -32.35
N ASN H 163 -5.42 21.31 -32.49
CA ASN H 163 -4.53 21.48 -33.67
C ASN H 163 -3.72 20.20 -33.91
N TYR H 164 -3.07 19.69 -32.85
CA TYR H 164 -2.25 18.46 -32.96
C TYR H 164 -3.15 17.22 -33.05
N GLY H 165 -4.28 17.24 -32.32
CA GLY H 165 -5.23 16.10 -32.32
C GLY H 165 -5.93 15.95 -33.65
N ARG H 166 -6.71 16.95 -34.06
CA ARG H 166 -7.47 16.91 -35.33
C ARG H 166 -6.54 16.52 -36.49
N ALA H 167 -5.38 17.17 -36.60
CA ALA H 167 -4.41 16.86 -37.67
C ALA H 167 -4.12 15.36 -37.69
N VAL H 168 -3.80 14.79 -36.52
CA VAL H 168 -3.49 13.32 -36.43
C VAL H 168 -4.68 12.52 -37.00
N TYR H 169 -5.90 12.87 -36.59
CA TYR H 169 -7.12 12.15 -37.07
C TYR H 169 -7.11 12.05 -38.60
N GLU H 170 -7.04 13.21 -39.27
CA GLU H 170 -7.02 13.23 -40.76
C GLU H 170 -5.90 12.31 -41.27
N CYS H 171 -4.65 12.62 -40.91
CA CYS H 171 -3.47 11.83 -41.34
C CYS H 171 -3.71 10.33 -41.12
N LEU H 172 -4.14 9.96 -39.91
CA LEU H 172 -4.37 8.53 -39.57
C LEU H 172 -5.51 7.97 -40.44
N ARG H 173 -6.70 8.60 -40.38
CA ARG H 173 -7.88 8.13 -41.15
C ARG H 173 -7.51 7.91 -42.62
N GLY H 174 -6.81 8.86 -43.22
CA GLY H 174 -6.43 8.76 -44.63
C GLY H 174 -6.01 7.35 -45.04
N GLY H 175 -5.53 6.55 -44.10
CA GLY H 175 -5.29 5.16 -44.38
C GLY H 175 -3.98 4.60 -43.86
N LEU H 176 -3.25 5.38 -43.09
CA LEU H 176 -1.96 4.94 -42.58
C LEU H 176 -2.11 3.90 -41.48
N ASP H 177 -0.98 3.31 -41.11
CA ASP H 177 -0.98 2.38 -39.99
C ASP H 177 -0.59 3.07 -38.68
N PHE H 178 0.37 3.98 -38.73
CA PHE H 178 0.82 4.66 -37.53
C PHE H 178 1.13 6.13 -37.79
N THR H 179 1.19 6.89 -36.71
CA THR H 179 1.73 8.24 -36.70
C THR H 179 2.56 8.39 -35.46
N LYS H 180 3.63 9.19 -35.55
CA LYS H 180 4.54 9.42 -34.39
C LYS H 180 4.60 10.91 -34.08
N ASP H 181 4.56 11.27 -32.81
CA ASP H 181 4.59 12.70 -32.38
C ASP H 181 6.04 13.20 -32.48
N ASP H 182 6.22 14.52 -32.55
CA ASP H 182 7.58 15.14 -32.65
C ASP H 182 8.46 14.61 -31.51
N GLU H 183 9.69 14.19 -31.86
CA GLU H 183 10.67 13.63 -30.89
C GLU H 183 10.75 14.49 -29.62
N ASN H 184 10.94 15.80 -29.78
CA ASN H 184 11.03 16.72 -28.62
C ASN H 184 9.65 17.31 -28.31
N ILE H 185 8.60 16.48 -28.30
CA ILE H 185 7.26 16.96 -28.00
C ILE H 185 6.92 16.39 -26.63
N ASN H 186 7.91 16.40 -25.74
CA ASN H 186 7.67 16.09 -24.34
C ASN H 186 6.96 17.27 -23.67
N SER H 187 6.80 17.20 -22.35
CA SER H 187 5.87 18.07 -21.66
C SER H 187 6.37 19.51 -21.62
N GLN H 188 6.13 20.24 -22.69
CA GLN H 188 6.64 21.58 -22.87
C GLN H 188 5.48 22.53 -22.66
N PRO H 189 5.72 23.70 -22.04
CA PRO H 189 4.62 24.48 -21.47
C PRO H 189 3.67 25.14 -22.46
N PHE H 190 3.91 24.99 -23.76
CA PHE H 190 2.90 25.37 -24.73
C PHE H 190 1.95 24.21 -25.02
N GLN H 191 2.36 23.00 -24.65
CA GLN H 191 1.61 21.80 -25.01
C GLN H 191 1.82 20.76 -23.92
N ARG H 192 0.91 20.71 -22.95
CA ARG H 192 1.10 19.87 -21.78
C ARG H 192 0.87 18.41 -22.17
N TRP H 193 1.59 17.48 -21.55
CA TRP H 193 1.57 16.09 -21.99
C TRP H 193 0.25 15.39 -21.78
N ARG H 194 -0.59 15.89 -20.89
CA ARG H 194 -1.91 15.38 -20.57
C ARG H 194 -2.82 15.33 -21.78
N ASP H 195 -3.14 16.50 -22.33
CA ASP H 195 -4.26 16.60 -23.24
C ASP H 195 -3.88 16.08 -24.62
N ARG H 196 -2.58 16.08 -24.93
CA ARG H 196 -2.13 15.48 -26.18
C ARG H 196 -2.40 13.99 -26.16
N PHE H 197 -2.10 13.35 -25.03
CA PHE H 197 -2.41 11.94 -24.87
C PHE H 197 -3.91 11.69 -24.95
N LEU H 198 -4.71 12.55 -24.31
CA LEU H 198 -6.16 12.35 -24.32
C LEU H 198 -6.75 12.48 -25.73
N PHE H 199 -6.32 13.49 -26.48
CA PHE H 199 -6.90 13.74 -27.79
C PHE H 199 -6.40 12.76 -28.82
N VAL H 200 -5.11 12.40 -28.75
CA VAL H 200 -4.58 11.38 -29.66
C VAL H 200 -5.23 10.04 -29.40
N ALA H 201 -5.41 9.73 -28.11
CA ALA H 201 -6.06 8.46 -27.71
C ALA H 201 -7.47 8.44 -28.31
N ASP H 202 -8.24 9.51 -28.06
CA ASP H 202 -9.62 9.63 -28.59
C ASP H 202 -9.55 9.61 -30.12
N ALA H 203 -8.61 10.37 -30.69
CA ALA H 203 -8.43 10.43 -32.16
C ALA H 203 -8.30 9.00 -32.71
N ILE H 204 -7.31 8.25 -32.21
CA ILE H 204 -7.09 6.84 -32.65
C ILE H 204 -8.39 6.06 -32.44
N HIS H 205 -8.98 6.18 -31.25
CA HIS H 205 -10.25 5.47 -30.90
C HIS H 205 -11.29 5.72 -32.00
N LYS H 206 -11.61 6.98 -32.27
CA LYS H 206 -12.62 7.33 -33.31
C LYS H 206 -12.19 6.72 -34.64
N SER H 207 -10.92 6.87 -35.02
CA SER H 207 -10.40 6.32 -36.29
C SER H 207 -10.78 4.84 -36.43
N GLN H 208 -10.39 4.01 -35.45
CA GLN H 208 -10.68 2.56 -35.47
C GLN H 208 -12.17 2.34 -35.69
N ALA H 209 -13.01 3.04 -34.91
CA ALA H 209 -14.48 2.92 -35.00
C ALA H 209 -14.94 3.04 -36.46
N GLU H 210 -14.32 3.95 -37.23
CA GLU H 210 -14.69 4.13 -38.62
C GLU H 210 -14.05 3.13 -39.58
N THR H 211 -12.73 2.94 -39.52
CA THR H 211 -12.08 2.22 -40.59
C THR H 211 -12.11 0.71 -40.42
N GLY H 212 -12.25 0.20 -39.21
CA GLY H 212 -12.28 -1.23 -39.01
C GLY H 212 -10.93 -1.90 -39.03
N GLU H 213 -9.85 -1.14 -39.11
CA GLU H 213 -8.51 -1.66 -39.01
C GLU H 213 -7.96 -1.28 -37.65
N ILE H 214 -7.10 -2.15 -37.08
CA ILE H 214 -6.45 -1.79 -35.82
C ILE H 214 -5.45 -0.68 -36.10
N LYS H 215 -5.54 0.39 -35.33
CA LYS H 215 -4.73 1.58 -35.55
C LYS H 215 -3.96 1.91 -34.29
N GLY H 216 -2.96 2.78 -34.43
CA GLY H 216 -2.17 3.19 -33.30
C GLY H 216 -1.30 4.40 -33.57
N HIS H 217 -0.93 5.13 -32.52
CA HIS H 217 -0.02 6.27 -32.60
C HIS H 217 1.16 6.02 -31.69
N TYR H 218 2.34 6.47 -32.12
CA TYR H 218 3.52 6.31 -31.30
C TYR H 218 3.55 7.43 -30.28
N LEU H 219 3.15 7.13 -29.05
CA LEU H 219 3.13 8.14 -28.00
C LEU H 219 4.51 8.25 -27.37
N ASN H 220 4.95 9.50 -27.17
CA ASN H 220 6.28 9.76 -26.61
C ASN H 220 6.17 9.80 -25.10
N VAL H 221 6.98 8.98 -24.42
CA VAL H 221 7.06 9.01 -22.97
C VAL H 221 8.46 9.27 -22.47
N THR H 222 9.26 10.04 -23.21
CA THR H 222 10.57 10.46 -22.71
C THR H 222 10.40 11.39 -21.53
N ALA H 223 10.87 10.95 -20.38
CA ALA H 223 10.48 11.60 -19.13
C ALA H 223 11.73 12.02 -18.39
N PRO H 224 11.66 13.07 -17.58
CA PRO H 224 12.77 13.36 -16.66
C PRO H 224 12.99 12.27 -15.63
N THR H 225 12.01 11.96 -14.81
CA THR H 225 12.20 10.98 -13.75
C THR H 225 11.59 9.67 -14.20
N CYS H 226 12.04 8.58 -13.57
CA CYS H 226 11.49 7.27 -13.92
C CYS H 226 10.07 7.14 -13.42
N GLU H 227 9.71 7.86 -12.35
CA GLU H 227 8.35 7.81 -11.86
C GLU H 227 7.41 8.55 -12.80
N GLU H 228 7.89 9.61 -13.42
CA GLU H 228 7.13 10.27 -14.48
C GLU H 228 6.94 9.35 -15.67
N MET H 229 7.97 8.55 -15.98
CA MET H 229 7.89 7.62 -17.09
C MET H 229 6.87 6.53 -16.84
N MET H 230 6.91 5.94 -15.64
CA MET H 230 5.96 4.92 -15.28
C MET H 230 4.54 5.48 -15.19
N LYS H 231 4.41 6.74 -14.76
CA LYS H 231 3.09 7.34 -14.69
C LYS H 231 2.49 7.57 -16.07
N ARG H 232 3.29 8.07 -17.01
CA ARG H 232 2.78 8.29 -18.36
C ARG H 232 2.52 6.98 -19.08
N ALA H 233 3.35 5.96 -18.80
CA ALA H 233 3.10 4.64 -19.36
C ALA H 233 1.83 4.02 -18.79
N GLU H 234 1.58 4.19 -17.49
CA GLU H 234 0.38 3.64 -16.89
C GLU H 234 -0.87 4.36 -17.38
N PHE H 235 -0.75 5.64 -17.70
CA PHE H 235 -1.88 6.28 -18.36
C PHE H 235 -2.03 5.82 -19.80
N ALA H 236 -0.94 5.49 -20.48
CA ALA H 236 -1.02 4.94 -21.82
C ALA H 236 -1.68 3.57 -21.85
N LYS H 237 -1.51 2.78 -20.79
CA LYS H 237 -2.20 1.50 -20.69
C LYS H 237 -3.63 1.66 -20.19
N GLU H 238 -3.90 2.72 -19.44
CA GLU H 238 -5.24 2.96 -18.91
C GLU H 238 -6.27 3.21 -20.00
N LEU H 239 -5.88 3.90 -21.06
CA LEU H 239 -6.82 4.21 -22.14
C LEU H 239 -6.67 3.21 -23.29
N GLY H 240 -5.71 2.31 -23.20
CA GLY H 240 -5.59 1.25 -24.18
C GLY H 240 -4.89 1.67 -25.46
N MET H 241 -3.71 2.27 -25.33
CA MET H 241 -2.99 2.54 -26.56
C MET H 241 -2.04 1.40 -26.85
N PRO H 242 -1.97 0.95 -28.10
CA PRO H 242 -1.23 -0.30 -28.38
C PRO H 242 0.27 -0.15 -28.35
N ILE H 243 0.81 1.06 -28.40
CA ILE H 243 2.25 1.22 -28.58
C ILE H 243 2.66 2.58 -28.03
N ILE H 244 3.87 2.63 -27.45
CA ILE H 244 4.49 3.87 -27.00
C ILE H 244 5.89 3.96 -27.59
N MET H 245 6.34 5.19 -27.83
CA MET H 245 7.66 5.42 -28.38
C MET H 245 8.52 6.08 -27.34
N HIS H 246 9.81 5.73 -27.34
CA HIS H 246 10.72 6.16 -26.28
C HIS H 246 12.15 6.07 -26.79
N ASP H 247 12.81 7.22 -26.84
CA ASP H 247 14.19 7.26 -27.29
C ASP H 247 15.12 6.63 -26.27
N PHE H 248 16.17 5.96 -26.76
CA PHE H 248 16.94 5.07 -25.93
C PHE H 248 18.22 5.71 -25.40
N LEU H 249 18.91 6.50 -26.23
CA LEU H 249 20.30 6.80 -25.97
C LEU H 249 20.47 8.04 -25.10
N THR H 250 19.53 8.96 -25.16
CA THR H 250 19.56 10.11 -24.27
C THR H 250 18.82 9.82 -22.98
N ALA H 251 17.86 8.89 -23.00
CA ALA H 251 17.11 8.58 -21.79
C ALA H 251 17.88 7.58 -20.93
N GLY H 252 18.57 6.66 -21.58
CA GLY H 252 19.45 5.75 -20.87
C GLY H 252 18.94 4.33 -20.72
N PHE H 253 19.89 3.40 -20.65
CA PHE H 253 19.55 1.99 -20.74
C PHE H 253 18.85 1.48 -19.50
N THR H 254 19.06 2.12 -18.36
CA THR H 254 18.36 1.69 -17.15
C THR H 254 16.88 1.99 -17.27
N ALA H 255 16.56 3.21 -17.71
CA ALA H 255 15.18 3.57 -17.98
C ALA H 255 14.59 2.72 -19.09
N ASN H 256 15.40 2.39 -20.10
CA ASN H 256 14.87 1.65 -21.23
C ASN H 256 14.60 0.19 -20.88
N THR H 257 15.51 -0.44 -20.13
CA THR H 257 15.29 -1.82 -19.70
C THR H 257 14.11 -1.90 -18.76
N THR H 258 13.97 -0.91 -17.86
CA THR H 258 12.82 -0.87 -16.97
C THR H 258 11.52 -0.73 -17.74
N LEU H 259 11.52 0.15 -18.76
CA LEU H 259 10.31 0.37 -19.54
C LEU H 259 9.98 -0.84 -20.39
N ALA H 260 11.01 -1.57 -20.85
CA ALA H 260 10.76 -2.77 -21.64
C ALA H 260 10.18 -3.88 -20.78
N LYS H 261 10.67 -3.99 -19.54
CA LYS H 261 10.11 -4.97 -18.63
C LYS H 261 8.69 -4.61 -18.26
N TRP H 262 8.40 -3.31 -18.20
CA TRP H 262 7.02 -2.86 -18.01
C TRP H 262 6.13 -3.24 -19.19
N CYS H 263 6.66 -3.07 -20.41
CA CYS H 263 5.86 -3.38 -21.60
C CYS H 263 5.61 -4.89 -21.72
N ARG H 264 6.55 -5.69 -21.23
CA ARG H 264 6.24 -7.12 -21.09
C ARG H 264 5.16 -7.33 -20.04
N ASP H 265 5.18 -6.55 -18.97
CA ASP H 265 4.25 -6.77 -17.87
C ASP H 265 2.82 -6.39 -18.24
N ASN H 266 2.64 -5.47 -19.19
CA ASN H 266 1.28 -5.09 -19.56
C ASN H 266 0.93 -5.34 -21.02
N GLY H 267 1.85 -5.87 -21.81
CA GLY H 267 1.51 -6.27 -23.16
C GLY H 267 1.31 -5.16 -24.15
N VAL H 268 2.15 -4.13 -24.09
CA VAL H 268 2.05 -3.00 -25.00
C VAL H 268 3.28 -3.02 -25.90
N LEU H 269 3.10 -2.75 -27.18
CA LEU H 269 4.21 -2.70 -28.13
C LEU H 269 5.11 -1.51 -27.84
N LEU H 270 6.33 -1.51 -28.38
CA LEU H 270 7.34 -0.56 -27.91
C LEU H 270 8.15 -0.05 -29.08
N HIS H 271 8.17 1.26 -29.26
CA HIS H 271 8.92 1.93 -30.31
C HIS H 271 10.11 2.66 -29.71
N ILE H 272 11.22 2.67 -30.43
CA ILE H 272 12.45 3.32 -30.00
C ILE H 272 12.91 4.27 -31.09
N HIS H 273 13.06 5.55 -30.73
CA HIS H 273 13.50 6.59 -31.70
C HIS H 273 15.00 6.85 -31.53
N ARG H 274 15.83 6.33 -32.42
CA ARG H 274 17.30 6.53 -32.33
C ARG H 274 17.59 8.03 -32.31
N ALA H 275 17.70 8.61 -31.11
CA ALA H 275 17.99 10.05 -30.95
C ALA H 275 19.47 10.24 -30.64
N MET H 276 20.10 11.25 -31.25
CA MET H 276 21.54 11.54 -31.04
C MET H 276 22.35 10.24 -31.23
N HIS H 277 22.14 9.56 -32.36
CA HIS H 277 22.85 8.29 -32.66
C HIS H 277 24.00 8.57 -33.64
N ALA H 278 24.20 9.84 -34.00
CA ALA H 278 25.27 10.23 -34.94
C ALA H 278 26.41 10.89 -34.15
N VAL H 279 26.10 11.36 -32.93
CA VAL H 279 27.11 12.04 -32.07
C VAL H 279 28.10 10.99 -31.54
N ILE H 280 27.86 9.70 -31.85
CA ILE H 280 28.74 8.64 -31.41
C ILE H 280 29.21 7.79 -32.58
N ASP H 281 28.39 7.69 -33.62
CA ASP H 281 28.61 6.65 -34.63
C ASP H 281 28.99 7.18 -36.01
N ARG H 282 29.29 8.45 -36.15
CA ARG H 282 29.42 8.98 -37.50
C ARG H 282 30.84 8.81 -38.03
N GLN H 283 31.85 9.24 -37.26
CA GLN H 283 33.22 9.25 -37.73
C GLN H 283 33.76 7.84 -37.85
N ARG H 284 34.59 7.61 -38.87
CA ARG H 284 34.98 6.26 -39.24
C ARG H 284 36.25 5.80 -38.54
N ASN H 285 36.64 6.51 -37.49
CA ASN H 285 37.87 6.17 -36.78
C ASN H 285 37.69 6.20 -35.26
N HIS H 286 36.57 6.71 -34.78
CA HIS H 286 36.44 6.95 -33.34
C HIS H 286 34.95 6.91 -32.96
N GLY H 287 34.61 6.03 -32.03
CA GLY H 287 33.26 5.96 -31.51
C GLY H 287 32.87 4.51 -31.26
N ILE H 288 31.57 4.26 -31.34
CA ILE H 288 31.05 2.91 -31.48
C ILE H 288 30.18 2.91 -32.71
N HIS H 289 29.90 1.72 -33.23
CA HIS H 289 29.10 1.62 -34.45
C HIS H 289 27.66 1.49 -34.00
N PHE H 290 26.74 1.90 -34.88
CA PHE H 290 25.32 1.83 -34.57
C PHE H 290 24.84 0.39 -34.53
N ARG H 291 25.59 -0.49 -35.19
CA ARG H 291 25.37 -1.93 -35.16
C ARG H 291 25.47 -2.50 -33.75
N VAL H 292 26.44 -2.04 -32.97
CA VAL H 292 26.58 -2.53 -31.60
C VAL H 292 25.41 -2.04 -30.76
N LEU H 293 24.99 -0.78 -30.96
CA LEU H 293 23.78 -0.29 -30.33
C LEU H 293 22.56 -1.06 -30.78
N ALA H 294 22.56 -1.52 -32.03
CA ALA H 294 21.41 -2.28 -32.54
C ALA H 294 21.29 -3.63 -31.86
N LYS H 295 22.41 -4.32 -31.67
CA LYS H 295 22.36 -5.60 -30.97
C LYS H 295 22.02 -5.41 -29.49
N CYS H 296 22.63 -4.40 -28.87
CA CYS H 296 22.36 -4.11 -27.45
C CYS H 296 20.92 -3.67 -27.24
N LEU H 297 20.31 -3.08 -28.27
CA LEU H 297 18.96 -2.59 -28.13
C LEU H 297 17.96 -3.65 -28.54
N ARG H 298 18.41 -4.67 -29.27
CA ARG H 298 17.62 -5.87 -29.38
C ARG H 298 17.59 -6.61 -28.05
N LEU H 299 18.69 -6.53 -27.29
CA LEU H 299 18.71 -7.20 -25.99
C LEU H 299 17.85 -6.46 -24.97
N SER H 300 18.19 -5.22 -24.65
CA SER H 300 17.29 -4.41 -23.84
C SER H 300 16.11 -4.04 -24.72
N GLY H 301 15.03 -4.81 -24.59
CA GLY H 301 14.17 -5.09 -25.72
C GLY H 301 13.37 -3.89 -26.20
N GLY H 302 13.07 -3.93 -27.50
CA GLY H 302 12.22 -2.97 -28.14
C GLY H 302 11.56 -3.64 -29.32
N ASP H 303 10.37 -3.21 -29.71
CA ASP H 303 9.67 -3.87 -30.80
C ASP H 303 9.89 -3.17 -32.13
N HIS H 304 10.20 -1.89 -32.11
CA HIS H 304 10.58 -1.15 -33.31
C HIS H 304 11.93 -0.49 -33.09
N LEU H 305 12.54 -0.04 -34.18
CA LEU H 305 13.84 0.62 -34.16
C LEU H 305 14.04 1.38 -35.45
N HIS H 306 14.15 2.71 -35.36
CA HIS H 306 14.59 3.52 -36.49
C HIS H 306 15.97 3.08 -36.92
N SER H 307 16.17 2.91 -38.22
CA SER H 307 17.43 2.42 -38.74
C SER H 307 17.87 3.20 -39.96
N GLY H 308 17.03 4.10 -40.44
CA GLY H 308 17.39 4.86 -41.63
C GLY H 308 17.29 4.03 -42.89
N THR H 309 17.64 4.65 -44.01
CA THR H 309 17.33 4.07 -45.30
C THR H 309 18.55 4.16 -46.19
N VAL H 310 18.42 3.55 -47.37
CA VAL H 310 19.42 3.67 -48.42
C VAL H 310 18.72 4.23 -49.66
N VAL H 311 19.13 5.43 -50.07
CA VAL H 311 18.48 6.04 -51.23
C VAL H 311 19.47 6.25 -52.37
N GLY H 312 20.57 6.95 -52.11
CA GLY H 312 21.58 7.18 -53.11
C GLY H 312 22.95 7.04 -52.49
N LYS H 313 23.04 6.16 -51.50
CA LYS H 313 24.24 6.05 -50.68
C LYS H 313 25.32 5.25 -51.39
N LEU H 314 26.46 5.10 -50.74
CA LEU H 314 27.57 4.33 -51.28
C LEU H 314 27.25 2.85 -51.15
N GLU H 315 27.85 2.05 -52.04
CA GLU H 315 27.52 0.64 -52.19
C GLU H 315 27.85 -0.16 -50.92
N GLY H 316 29.07 0.03 -50.40
CA GLY H 316 29.46 -0.68 -49.20
C GLY H 316 28.70 -0.23 -47.97
N ASP H 317 28.35 1.06 -47.95
CA ASP H 317 27.57 1.65 -46.83
C ASP H 317 26.17 1.04 -46.87
N LYS H 318 25.55 1.03 -48.06
CA LYS H 318 24.20 0.43 -48.23
C LYS H 318 24.26 -1.02 -47.72
N ALA H 319 25.22 -1.80 -48.24
CA ALA H 319 25.40 -3.21 -47.83
C ALA H 319 25.64 -3.26 -46.32
N SER H 320 26.51 -2.37 -45.81
CA SER H 320 26.81 -2.32 -44.36
C SER H 320 25.49 -2.22 -43.58
N THR H 321 24.68 -1.20 -43.90
CA THR H 321 23.36 -1.02 -43.24
C THR H 321 22.55 -2.31 -43.37
N LEU H 322 22.47 -2.85 -44.60
CA LEU H 322 21.74 -4.12 -44.84
C LEU H 322 22.29 -5.21 -43.92
N GLY H 323 23.63 -5.34 -43.88
CA GLY H 323 24.30 -6.33 -43.00
C GLY H 323 23.76 -6.28 -41.58
N PHE H 324 23.72 -5.07 -41.00
CA PHE H 324 23.21 -4.89 -39.61
C PHE H 324 21.68 -5.01 -39.62
N VAL H 325 21.05 -4.71 -40.76
CA VAL H 325 19.56 -4.78 -40.88
C VAL H 325 19.13 -6.24 -40.84
N ASP H 326 19.97 -7.15 -41.36
CA ASP H 326 19.66 -8.61 -41.37
C ASP H 326 20.28 -9.27 -40.14
N LEU H 327 20.90 -8.47 -39.27
CA LEU H 327 21.54 -8.99 -38.03
C LEU H 327 20.60 -8.75 -36.84
N MET H 328 19.28 -8.89 -37.07
CA MET H 328 18.29 -8.69 -35.99
C MET H 328 17.04 -9.54 -36.28
N ARG H 329 16.56 -9.52 -37.53
CA ARG H 329 15.37 -10.29 -37.88
C ARG H 329 15.73 -11.78 -37.87
N GLU H 330 16.90 -12.11 -38.42
CA GLU H 330 17.41 -13.47 -38.38
C GLU H 330 17.90 -13.81 -36.97
N ASP H 331 17.80 -15.09 -36.61
CA ASP H 331 18.34 -15.53 -35.32
C ASP H 331 19.54 -16.45 -35.45
N HIS H 332 20.11 -16.58 -36.66
CA HIS H 332 21.38 -17.25 -36.82
C HIS H 332 22.14 -16.66 -38.01
N ILE H 333 23.17 -15.88 -37.72
CA ILE H 333 23.73 -14.95 -38.68
C ILE H 333 25.21 -15.29 -38.86
N GLU H 334 25.66 -15.38 -40.12
CA GLU H 334 27.06 -15.65 -40.39
C GLU H 334 27.89 -14.37 -40.33
N ALA H 335 29.15 -14.44 -40.76
CA ALA H 335 30.08 -13.33 -40.55
C ALA H 335 30.61 -12.82 -41.89
N ASP H 336 30.26 -11.58 -42.23
CA ASP H 336 30.77 -10.91 -43.42
C ASP H 336 31.41 -9.60 -43.03
N ARG H 337 32.68 -9.43 -43.39
CA ARG H 337 33.35 -8.16 -43.12
C ARG H 337 32.78 -7.04 -43.97
N SER H 338 32.42 -7.32 -45.22
CA SER H 338 31.98 -6.26 -46.12
C SER H 338 30.58 -5.80 -45.76
N ARG H 339 29.79 -6.66 -45.11
CA ARG H 339 28.54 -6.18 -44.54
C ARG H 339 28.78 -5.67 -43.14
N GLY H 340 29.96 -5.93 -42.58
CA GLY H 340 30.28 -5.36 -41.29
C GLY H 340 29.93 -6.26 -40.15
N VAL H 341 29.54 -7.49 -40.44
CA VAL H 341 29.27 -8.46 -39.39
C VAL H 341 30.50 -9.30 -39.18
N PHE H 342 31.26 -9.05 -38.11
CA PHE H 342 32.53 -9.74 -37.97
C PHE H 342 32.37 -11.09 -37.31
N PHE H 343 31.20 -11.40 -36.79
CA PHE H 343 31.05 -12.58 -35.96
C PHE H 343 29.82 -13.37 -36.33
N THR H 344 29.92 -14.69 -36.17
CA THR H 344 28.78 -15.58 -36.36
C THR H 344 28.00 -15.71 -35.05
N GLN H 345 26.84 -15.06 -35.02
CA GLN H 345 26.12 -14.91 -33.75
C GLN H 345 24.80 -15.65 -33.76
N ASP H 346 24.55 -16.41 -32.70
CA ASP H 346 23.25 -17.01 -32.48
C ASP H 346 22.41 -16.11 -31.60
N TRP H 347 21.09 -16.29 -31.66
CA TRP H 347 20.19 -15.52 -30.80
C TRP H 347 19.28 -16.38 -29.95
N ALA H 348 19.21 -17.69 -30.21
CA ALA H 348 18.49 -18.67 -29.39
C ALA H 348 17.02 -18.31 -29.22
N SER H 349 16.35 -18.08 -30.35
CA SER H 349 14.93 -17.74 -30.44
C SER H 349 14.61 -16.44 -29.70
N MET H 350 15.45 -15.46 -29.89
CA MET H 350 14.90 -14.16 -29.56
C MET H 350 14.18 -13.57 -30.75
N PRO H 351 12.91 -13.27 -30.61
CA PRO H 351 12.13 -12.77 -31.74
C PRO H 351 12.44 -11.32 -32.05
N GLY H 352 13.44 -11.10 -32.92
CA GLY H 352 14.08 -9.81 -33.14
C GLY H 352 13.21 -8.64 -33.56
N VAL H 353 13.83 -7.47 -33.66
CA VAL H 353 13.09 -6.21 -33.72
C VAL H 353 12.81 -5.84 -35.17
N LEU H 354 11.62 -5.28 -35.41
CA LEU H 354 11.32 -4.67 -36.70
C LEU H 354 12.19 -3.44 -36.93
N PRO H 355 12.82 -3.30 -38.08
CA PRO H 355 13.39 -2.01 -38.45
C PRO H 355 12.33 -1.12 -39.06
N VAL H 356 12.64 0.18 -39.09
CA VAL H 356 11.82 1.18 -39.75
C VAL H 356 12.71 2.30 -40.24
N ALA H 357 12.54 2.68 -41.50
CA ALA H 357 13.37 3.67 -42.15
C ALA H 357 12.65 5.00 -42.20
N SER H 358 13.37 6.08 -41.93
CA SER H 358 12.78 7.42 -41.98
C SER H 358 13.82 8.38 -42.54
N GLY H 359 13.66 8.76 -43.79
CA GLY H 359 14.49 9.77 -44.42
C GLY H 359 13.63 10.64 -45.28
N GLY H 360 14.26 11.44 -46.14
CA GLY H 360 13.50 12.29 -47.02
C GLY H 360 13.01 11.52 -48.22
N ILE H 361 11.98 10.68 -48.03
CA ILE H 361 11.53 9.76 -49.05
C ILE H 361 10.09 10.06 -49.42
N HIS H 362 9.84 10.19 -50.70
CA HIS H 362 8.50 10.29 -51.27
C HIS H 362 8.13 8.96 -51.90
N VAL H 363 6.99 8.94 -52.61
CA VAL H 363 6.39 7.68 -53.04
C VAL H 363 7.20 7.02 -54.14
N TRP H 364 7.97 7.85 -54.86
CA TRP H 364 8.82 7.38 -55.99
C TRP H 364 9.78 6.29 -55.51
N HIS H 365 10.19 6.36 -54.24
CA HIS H 365 11.14 5.36 -53.66
C HIS H 365 10.36 4.19 -53.07
N MET H 366 9.02 4.26 -53.08
CA MET H 366 8.16 3.17 -52.53
C MET H 366 8.58 1.83 -53.16
N PRO H 367 8.68 1.71 -54.50
CA PRO H 367 9.08 0.45 -55.15
C PRO H 367 10.47 0.00 -54.67
N ALA H 368 11.40 0.94 -54.51
CA ALA H 368 12.77 0.61 -54.05
C ALA H 368 12.75 0.24 -52.57
N LEU H 369 11.98 1.00 -51.77
CA LEU H 369 11.87 0.77 -50.30
C LEU H 369 11.56 -0.72 -50.05
N VAL H 370 10.42 -1.20 -50.56
CA VAL H 370 10.02 -2.63 -50.36
C VAL H 370 11.11 -3.54 -50.94
N GLU H 371 11.61 -3.20 -52.13
CA GLU H 371 12.67 -4.01 -52.80
C GLU H 371 13.84 -4.24 -51.82
N ILE H 372 14.07 -3.30 -50.89
CA ILE H 372 15.14 -3.46 -49.92
C ILE H 372 14.69 -4.17 -48.66
N PHE H 373 13.69 -3.63 -47.96
CA PHE H 373 13.34 -4.22 -46.67
C PHE H 373 12.42 -5.42 -46.78
N GLY H 374 12.08 -5.86 -47.99
CA GLY H 374 11.23 -7.03 -48.15
C GLY H 374 9.82 -6.81 -47.69
N ASP H 375 9.46 -7.43 -46.56
CA ASP H 375 8.11 -7.33 -46.06
C ASP H 375 8.11 -6.95 -44.57
N ASP H 376 9.16 -7.33 -43.85
CA ASP H 376 9.19 -7.19 -42.41
C ASP H 376 9.82 -5.86 -42.02
N SER H 377 9.05 -4.79 -42.15
CA SER H 377 9.49 -3.45 -41.78
C SER H 377 8.33 -2.48 -41.68
N VAL H 378 8.60 -1.26 -41.23
CA VAL H 378 7.65 -0.17 -41.22
C VAL H 378 8.28 0.94 -42.04
N LEU H 379 7.46 1.69 -42.78
CA LEU H 379 7.99 2.74 -43.64
C LEU H 379 7.41 4.09 -43.22
N GLN H 380 8.25 5.11 -43.18
CA GLN H 380 7.86 6.44 -42.72
C GLN H 380 7.79 7.43 -43.87
N PHE H 381 7.13 8.56 -43.59
CA PHE H 381 7.00 9.66 -44.53
C PHE H 381 6.94 10.97 -43.75
N GLY H 382 7.00 12.07 -44.49
CA GLY H 382 6.77 13.38 -43.91
C GLY H 382 7.98 14.12 -43.41
N GLY H 383 9.18 13.69 -43.77
CA GLY H 383 10.38 14.31 -43.24
C GLY H 383 10.66 15.71 -43.74
N GLY H 384 11.05 15.84 -45.01
CA GLY H 384 11.41 17.10 -45.60
C GLY H 384 10.23 17.81 -46.24
N THR H 385 10.50 18.46 -47.36
CA THR H 385 9.47 19.20 -48.09
C THR H 385 8.67 18.20 -48.93
N LEU H 386 7.65 17.61 -48.31
CA LEU H 386 6.73 16.74 -49.03
C LEU H 386 5.31 17.01 -48.55
N GLY H 387 5.03 18.28 -48.27
CA GLY H 387 3.68 18.71 -47.97
C GLY H 387 2.80 18.54 -49.19
N HIS H 388 1.81 17.65 -49.07
CA HIS H 388 0.86 17.37 -50.17
C HIS H 388 -0.15 18.51 -50.27
N PRO H 389 -0.12 19.35 -51.35
CA PRO H 389 -1.05 20.47 -51.49
C PRO H 389 -2.50 20.01 -51.34
N TRP H 390 -2.87 18.90 -52.00
CA TRP H 390 -4.25 18.36 -51.93
C TRP H 390 -4.66 18.18 -50.46
N GLY H 391 -3.80 17.54 -49.66
CA GLY H 391 -4.11 17.33 -48.23
C GLY H 391 -3.35 16.16 -47.63
N ASN H 392 -3.24 16.14 -46.30
CA ASN H 392 -2.54 15.09 -45.58
C ASN H 392 -3.28 13.76 -45.66
N ALA H 393 -4.60 13.76 -45.49
CA ALA H 393 -5.37 12.54 -45.68
C ALA H 393 -5.44 12.06 -47.13
N PRO H 394 -5.55 12.94 -48.16
CA PRO H 394 -5.28 12.45 -49.53
C PRO H 394 -3.89 11.90 -49.73
N GLY H 395 -2.88 12.47 -49.05
CA GLY H 395 -1.53 11.96 -49.12
C GLY H 395 -1.41 10.57 -48.53
N ALA H 396 -2.09 10.37 -47.39
CA ALA H 396 -2.10 9.07 -46.74
C ALA H 396 -2.81 8.04 -47.59
N THR H 397 -3.89 8.46 -48.25
CA THR H 397 -4.62 7.55 -49.13
C THR H 397 -3.77 7.17 -50.34
N ALA H 398 -3.05 8.14 -50.89
CA ALA H 398 -2.16 7.87 -52.02
C ALA H 398 -1.02 6.95 -51.61
N ASN H 399 -0.52 7.13 -50.40
CA ASN H 399 0.50 6.25 -49.82
C ASN H 399 0.01 4.82 -49.70
N ARG H 400 -1.22 4.65 -49.21
CA ARG H 400 -1.80 3.33 -49.00
C ARG H 400 -1.98 2.62 -50.33
N VAL H 401 -2.48 3.37 -51.32
CA VAL H 401 -2.65 2.83 -52.67
C VAL H 401 -1.30 2.43 -53.26
N ALA H 402 -0.29 3.27 -53.02
CA ALA H 402 1.05 3.04 -53.54
C ALA H 402 1.68 1.77 -52.97
N LEU H 403 1.57 1.60 -51.65
CA LEU H 403 2.15 0.41 -51.04
C LEU H 403 1.39 -0.85 -51.40
N GLU H 404 0.06 -0.77 -51.53
CA GLU H 404 -0.71 -1.94 -51.92
C GLU H 404 -0.35 -2.37 -53.33
N ALA H 405 -0.24 -1.41 -54.25
CA ALA H 405 0.13 -1.72 -55.62
C ALA H 405 1.57 -2.23 -55.71
N CYS H 406 2.47 -1.68 -54.88
CA CYS H 406 3.85 -2.13 -54.90
C CYS H 406 4.00 -3.55 -54.36
N VAL H 407 3.29 -3.90 -53.28
CA VAL H 407 3.36 -5.25 -52.72
C VAL H 407 2.77 -6.24 -53.71
N GLN H 408 1.65 -5.87 -54.34
CA GLN H 408 1.04 -6.77 -55.29
C GLN H 408 1.88 -6.92 -56.56
N ALA H 409 2.61 -5.88 -56.95
CA ALA H 409 3.42 -5.96 -58.17
C ALA H 409 4.75 -6.65 -57.89
N ARG H 410 5.19 -6.65 -56.64
CA ARG H 410 6.31 -7.49 -56.27
C ARG H 410 5.86 -8.95 -56.27
N ASN H 411 4.60 -9.17 -55.91
CA ASN H 411 4.03 -10.51 -55.97
C ASN H 411 3.84 -10.96 -57.42
N GLU H 412 3.65 -9.99 -58.32
CA GLU H 412 3.61 -10.25 -59.76
C GLU H 412 4.92 -10.80 -60.30
N GLY H 413 6.02 -10.54 -59.62
CA GLY H 413 7.27 -11.11 -60.08
C GLY H 413 8.01 -10.24 -61.07
N ARG H 414 7.40 -9.11 -61.43
CA ARG H 414 8.05 -8.14 -62.34
C ARG H 414 9.06 -7.36 -61.52
N ASP H 415 10.25 -7.10 -62.08
CA ASP H 415 11.32 -6.36 -61.33
C ASP H 415 10.74 -5.07 -60.77
N LEU H 416 10.62 -5.00 -59.43
CA LEU H 416 10.06 -3.80 -58.74
C LEU H 416 11.14 -2.72 -58.63
N TYR H 417 12.41 -3.11 -58.79
CA TYR H 417 13.55 -2.16 -58.73
C TYR H 417 13.91 -1.73 -60.16
N ARG H 418 13.11 -2.17 -61.15
CA ARG H 418 13.35 -1.82 -62.57
C ARG H 418 12.09 -1.19 -63.18
N GLU H 419 10.93 -1.80 -62.93
CA GLU H 419 9.64 -1.29 -63.47
C GLU H 419 8.85 -0.58 -62.37
N GLY H 420 9.54 -0.15 -61.31
CA GLY H 420 8.89 0.55 -60.18
C GLY H 420 8.04 1.72 -60.63
N GLY H 421 8.69 2.75 -61.19
CA GLY H 421 8.00 3.97 -61.66
C GLY H 421 6.77 3.65 -62.49
N ASP H 422 6.93 2.83 -63.53
CA ASP H 422 5.79 2.45 -64.41
C ASP H 422 4.62 1.95 -63.56
N ILE H 423 4.89 1.00 -62.66
CA ILE H 423 3.84 0.41 -61.77
C ILE H 423 3.05 1.54 -61.09
N LEU H 424 3.73 2.34 -60.27
CA LEU H 424 3.07 3.47 -59.55
C LEU H 424 2.31 4.35 -60.55
N ARG H 425 3.02 4.84 -61.57
CA ARG H 425 2.41 5.72 -62.62
C ARG H 425 1.13 5.07 -63.15
N GLU H 426 1.25 3.83 -63.63
CA GLU H 426 0.07 3.09 -64.18
C GLU H 426 -1.02 3.00 -63.12
N ALA H 427 -0.65 2.68 -61.88
CA ALA H 427 -1.62 2.55 -60.77
C ALA H 427 -2.45 3.83 -60.63
N GLY H 428 -1.78 4.98 -60.50
CA GLY H 428 -2.47 6.24 -60.32
C GLY H 428 -3.55 6.54 -61.32
N LYS H 429 -3.94 5.57 -62.15
CA LYS H 429 -4.84 5.84 -63.26
C LYS H 429 -6.27 6.06 -62.78
N TRP H 430 -6.58 5.64 -61.56
CA TRP H 430 -7.92 5.87 -61.00
C TRP H 430 -7.85 6.71 -59.72
N SER H 431 -6.72 6.66 -59.03
CA SER H 431 -6.58 7.47 -57.82
C SER H 431 -5.97 8.83 -58.18
N PRO H 432 -6.71 9.92 -58.02
CA PRO H 432 -6.15 11.24 -58.39
C PRO H 432 -5.09 11.72 -57.42
N GLU H 433 -5.15 11.24 -56.18
CA GLU H 433 -4.16 11.62 -55.18
C GLU H 433 -2.80 11.05 -55.55
N LEU H 434 -2.80 9.79 -56.00
CA LEU H 434 -1.56 9.17 -56.45
C LEU H 434 -1.09 9.80 -57.75
N ALA H 435 -2.03 10.31 -58.56
CA ALA H 435 -1.64 11.04 -59.76
C ALA H 435 -0.94 12.35 -59.41
N ALA H 436 -1.40 13.00 -58.33
CA ALA H 436 -0.71 14.19 -57.83
C ALA H 436 0.66 13.84 -57.29
N ALA H 437 0.76 12.67 -56.67
CA ALA H 437 2.03 12.15 -56.18
C ALA H 437 2.98 11.85 -57.34
N LEU H 438 2.42 11.42 -58.48
CA LEU H 438 3.20 11.24 -59.69
C LEU H 438 3.68 12.59 -60.20
N ASP H 439 2.80 13.59 -60.09
CA ASP H 439 3.10 14.93 -60.57
C ASP H 439 4.18 15.63 -59.76
N LEU H 440 4.28 15.34 -58.45
CA LEU H 440 5.08 16.22 -57.61
C LEU H 440 6.56 15.82 -57.62
N TRP H 441 6.88 14.57 -57.97
CA TRP H 441 8.28 14.15 -58.04
C TRP H 441 8.49 13.20 -59.21
N LYS H 442 9.61 12.50 -59.18
CA LYS H 442 10.10 11.69 -60.30
C LYS H 442 11.15 10.70 -59.80
N GLU H 443 11.50 9.73 -60.66
CA GLU H 443 12.50 8.70 -60.26
C GLU H 443 13.34 8.30 -61.47
N ILE H 444 14.02 9.27 -62.09
CA ILE H 444 14.88 9.01 -63.28
C ILE H 444 16.35 8.98 -62.83
N LYS H 445 16.58 8.52 -61.59
CA LYS H 445 17.96 8.43 -61.02
C LYS H 445 18.78 7.41 -61.80
N PHE H 446 18.22 6.22 -62.04
CA PHE H 446 18.93 5.14 -62.78
C PHE H 446 17.92 4.13 -63.31
N GLU H 447 18.37 2.90 -63.56
CA GLU H 447 17.50 1.81 -64.07
C GLU H 447 16.89 1.03 -62.90
N GLU I 1 -28.98 22.46 -55.42
CA GLU I 1 -28.13 21.56 -54.65
C GLU I 1 -26.71 21.63 -55.15
N ARG I 2 -25.80 22.08 -54.27
CA ARG I 2 -24.37 22.12 -54.58
C ARG I 2 -23.62 21.64 -53.34
N GLN I 3 -23.38 20.33 -53.26
CA GLN I 3 -22.56 19.75 -52.21
C GLN I 3 -21.07 19.92 -52.48
N GLU I 4 -20.70 20.18 -53.73
CA GLU I 4 -19.32 20.42 -54.11
C GLU I 4 -18.81 21.76 -53.59
N LEU I 5 -19.73 22.65 -53.20
CA LEU I 5 -19.37 23.91 -52.56
C LEU I 5 -18.61 23.66 -51.25
N LEU I 6 -19.03 22.64 -50.50
CA LEU I 6 -18.27 22.20 -49.35
C LEU I 6 -17.04 21.41 -49.80
N GLY I 7 -17.11 20.83 -51.00
CA GLY I 7 -16.03 20.03 -51.55
C GLY I 7 -14.78 20.78 -51.93
N GLN I 8 -14.88 22.08 -52.22
CA GLN I 8 -13.64 22.82 -52.53
C GLN I 8 -12.80 23.05 -51.28
N LEU I 9 -13.43 22.95 -50.11
CA LEU I 9 -12.70 23.04 -48.84
C LEU I 9 -11.91 21.76 -48.62
N ARG I 10 -12.39 20.65 -49.21
CA ARG I 10 -11.59 19.44 -49.31
C ARG I 10 -10.52 19.59 -50.38
N ARG I 11 -10.81 20.34 -51.44
CA ARG I 11 -9.90 20.52 -52.56
C ARG I 11 -8.69 21.39 -52.22
N LYS I 12 -8.83 22.30 -51.25
CA LYS I 12 -7.79 23.24 -50.82
C LYS I 12 -7.35 24.11 -51.98
N GLU I 13 -8.33 24.78 -52.57
CA GLU I 13 -8.12 25.71 -53.67
C GLU I 13 -8.64 27.09 -53.26
N GLY I 14 -7.80 28.11 -53.45
CA GLY I 14 -8.25 29.48 -53.25
C GLY I 14 -7.59 30.18 -52.08
N ARG I 15 -8.15 31.29 -51.64
CA ARG I 15 -7.63 32.01 -50.50
C ARG I 15 -8.79 32.52 -49.65
N TRP I 16 -8.45 33.39 -48.69
CA TRP I 16 -9.27 33.60 -47.50
C TRP I 16 -10.52 34.43 -47.79
N LEU I 17 -10.63 34.98 -48.99
CA LEU I 17 -11.90 35.54 -49.44
C LEU I 17 -12.88 34.41 -49.70
N ALA I 18 -12.34 33.25 -50.09
CA ALA I 18 -13.16 32.11 -50.47
C ALA I 18 -13.09 30.93 -49.51
N TRP I 19 -12.16 30.89 -48.55
CA TRP I 19 -12.33 29.97 -47.44
C TRP I 19 -13.54 30.38 -46.62
N ALA I 20 -13.68 31.69 -46.37
CA ALA I 20 -14.64 32.17 -45.39
C ALA I 20 -16.05 32.24 -45.97
N ARG I 21 -16.17 32.56 -47.26
CA ARG I 21 -17.48 32.66 -47.91
C ARG I 21 -18.17 31.31 -47.96
N ALA I 22 -17.39 30.24 -48.12
CA ALA I 22 -17.91 28.89 -48.19
C ALA I 22 -17.87 28.16 -46.85
N CYS I 23 -18.04 28.89 -45.74
CA CYS I 23 -18.24 28.25 -44.45
C CYS I 23 -19.25 29.06 -43.63
N GLN I 24 -19.94 29.99 -44.28
CA GLN I 24 -20.88 30.86 -43.58
C GLN I 24 -22.32 30.69 -44.02
N THR I 25 -22.61 30.78 -45.33
CA THR I 25 -23.97 30.69 -45.80
C THR I 25 -24.54 29.27 -45.71
N LEU I 26 -23.66 28.27 -45.56
CA LEU I 26 -24.08 26.88 -45.39
C LEU I 26 -23.84 26.39 -43.97
N LEU I 27 -23.44 27.28 -43.06
CA LEU I 27 -23.45 26.93 -41.65
C LEU I 27 -24.87 26.80 -41.14
N LYS I 28 -25.81 27.53 -41.74
CA LYS I 28 -27.23 27.41 -41.43
C LYS I 28 -27.77 26.20 -42.20
N ASN I 29 -27.49 25.02 -41.64
CA ASN I 29 -27.90 23.74 -42.21
C ASN I 29 -27.83 22.73 -41.07
N GLY I 30 -28.29 21.50 -41.32
CA GLY I 30 -28.24 20.49 -40.28
C GLY I 30 -26.87 19.90 -39.98
N LEU I 31 -25.91 20.75 -39.60
CA LEU I 31 -24.57 20.26 -39.25
C LEU I 31 -23.95 21.27 -38.28
N ASN I 32 -23.49 20.76 -37.13
CA ASN I 32 -23.00 21.48 -35.96
C ASN I 32 -21.54 21.90 -36.18
N PRO I 33 -20.86 22.63 -35.24
CA PRO I 33 -19.41 22.85 -35.41
C PRO I 33 -18.58 21.59 -35.51
N GLN I 34 -18.93 20.55 -34.73
CA GLN I 34 -18.24 19.26 -34.83
C GLN I 34 -19.06 18.39 -35.77
N THR I 35 -19.20 18.88 -37.00
CA THR I 35 -19.62 18.09 -38.15
C THR I 35 -18.72 18.38 -39.34
N LEU I 36 -18.21 19.62 -39.40
CA LEU I 36 -17.37 20.04 -40.50
C LEU I 36 -15.95 19.53 -40.38
N PHE I 37 -15.48 19.20 -39.17
CA PHE I 37 -14.23 18.44 -39.11
C PHE I 37 -14.48 16.98 -39.38
N GLU I 38 -15.63 16.45 -38.96
CA GLU I 38 -15.97 15.04 -39.10
C GLU I 38 -16.40 14.73 -40.53
N ALA I 39 -15.48 15.04 -41.44
CA ALA I 39 -15.81 15.42 -42.80
C ALA I 39 -14.54 15.56 -43.63
N THR I 40 -14.70 16.25 -44.78
CA THR I 40 -13.61 16.88 -45.51
C THR I 40 -12.58 17.52 -44.57
N GLY I 41 -13.04 18.29 -43.59
CA GLY I 41 -12.37 18.38 -42.31
C GLY I 41 -11.68 19.65 -41.90
N PHE I 42 -12.40 20.49 -41.16
CA PHE I 42 -11.84 21.71 -40.58
C PHE I 42 -12.10 21.69 -39.08
N GLU I 43 -11.02 21.82 -38.32
CA GLU I 43 -11.08 21.96 -36.87
C GLU I 43 -11.90 23.19 -36.48
N PRO I 44 -12.67 23.12 -35.39
CA PRO I 44 -13.48 24.29 -34.99
C PRO I 44 -12.66 25.50 -34.55
N ILE I 45 -11.43 25.28 -34.05
CA ILE I 45 -10.45 26.35 -33.84
C ILE I 45 -10.25 27.15 -35.12
N GLN I 46 -10.02 26.46 -36.22
CA GLN I 46 -9.59 27.15 -37.43
C GLN I 46 -10.76 27.45 -38.37
N GLN I 47 -11.95 26.94 -38.08
CA GLN I 47 -13.12 27.36 -38.84
C GLN I 47 -13.85 28.48 -38.12
N ASN I 48 -13.55 28.68 -36.83
CA ASN I 48 -13.96 29.92 -36.21
C ASN I 48 -12.94 31.02 -36.49
N GLN I 49 -11.76 30.64 -36.96
CA GLN I 49 -10.72 31.59 -37.28
C GLN I 49 -11.10 32.37 -38.53
N ILE I 50 -11.87 31.74 -39.41
CA ILE I 50 -12.30 32.36 -40.67
C ILE I 50 -13.72 32.91 -40.58
N THR I 51 -14.31 32.96 -39.39
CA THR I 51 -15.67 33.46 -39.27
C THR I 51 -15.70 34.97 -39.15
N VAL I 52 -14.70 35.57 -38.50
CA VAL I 52 -14.70 37.00 -38.19
C VAL I 52 -14.49 37.86 -39.43
N ALA I 53 -14.17 37.23 -40.57
CA ALA I 53 -13.93 37.96 -41.81
C ALA I 53 -15.20 38.56 -42.37
N MET I 54 -16.37 38.10 -41.86
CA MET I 54 -17.69 38.19 -42.49
C MET I 54 -18.04 39.59 -42.99
N GLN I 55 -17.54 40.62 -42.32
CA GLN I 55 -17.82 41.97 -42.76
C GLN I 55 -16.56 42.70 -43.24
N VAL I 56 -15.38 42.20 -42.87
CA VAL I 56 -14.19 42.89 -43.32
C VAL I 56 -13.81 42.45 -44.71
N TYR I 57 -14.56 41.51 -45.31
CA TYR I 57 -14.52 41.38 -46.76
C TYR I 57 -15.78 42.01 -47.36
N ASP I 58 -16.39 42.91 -46.60
CA ASP I 58 -17.35 43.86 -47.15
C ASP I 58 -16.84 45.27 -46.85
N SER I 59 -16.16 45.40 -45.70
CA SER I 59 -15.48 46.62 -45.31
C SER I 59 -14.45 47.06 -46.34
N ILE I 60 -13.64 46.13 -46.85
CA ILE I 60 -12.60 46.48 -47.80
C ILE I 60 -13.18 46.88 -49.15
N LEU I 61 -14.39 46.42 -49.46
CA LEU I 61 -15.04 46.82 -50.69
C LEU I 61 -15.77 48.15 -50.56
N ARG I 62 -16.35 48.44 -49.38
CA ARG I 62 -17.11 49.67 -49.25
C ARG I 62 -16.19 50.86 -48.98
N GLN I 63 -15.22 50.69 -48.08
CA GLN I 63 -14.20 51.71 -47.90
C GLN I 63 -13.14 51.54 -48.97
N ASP I 64 -12.70 52.65 -49.55
CA ASP I 64 -11.75 52.62 -50.66
C ASP I 64 -10.37 52.15 -50.23
N PRO I 65 -9.86 51.06 -50.82
CA PRO I 65 -8.45 50.72 -50.65
C PRO I 65 -7.61 51.54 -51.61
N PRO I 66 -6.59 52.25 -51.11
CA PRO I 66 -5.81 53.14 -51.99
C PRO I 66 -4.79 52.40 -52.87
N ALA I 67 -5.30 51.45 -53.66
CA ALA I 67 -4.57 50.63 -54.64
C ALA I 67 -3.39 49.87 -54.04
N HIS I 68 -3.42 49.62 -52.73
CA HIS I 68 -2.28 49.10 -52.01
C HIS I 68 -2.67 48.05 -50.98
N VAL I 69 -3.95 47.99 -50.60
CA VAL I 69 -4.36 47.17 -49.48
C VAL I 69 -5.52 46.27 -49.93
N ARG I 70 -5.53 45.93 -51.21
CA ARG I 70 -6.43 44.90 -51.70
C ARG I 70 -5.67 43.80 -52.44
N GLU I 71 -4.40 44.02 -52.78
CA GLU I 71 -3.63 43.11 -53.61
C GLU I 71 -3.29 41.80 -52.91
N THR I 72 -2.58 41.89 -51.77
CA THR I 72 -2.12 40.73 -51.03
C THR I 72 -2.95 40.52 -49.76
N TYR I 73 -3.73 41.54 -49.37
CA TYR I 73 -4.49 41.53 -48.13
C TYR I 73 -5.72 40.62 -48.19
N GLN I 74 -6.04 40.07 -49.37
CA GLN I 74 -7.18 39.17 -49.50
C GLN I 74 -7.02 37.86 -48.76
N GLU I 75 -5.82 37.52 -48.30
CA GLU I 75 -5.64 36.34 -47.46
C GLU I 75 -5.00 36.67 -46.12
N TRP I 76 -4.01 37.57 -46.11
CA TRP I 76 -3.18 37.79 -44.93
C TRP I 76 -3.88 38.59 -43.83
N GLY I 77 -4.97 38.07 -43.31
CA GLY I 77 -5.62 38.69 -42.18
C GLY I 77 -6.16 37.67 -41.20
N SER I 78 -5.94 36.39 -41.51
CA SER I 78 -6.46 35.31 -40.67
C SER I 78 -5.74 35.27 -39.34
N ASP I 79 -4.47 35.67 -39.32
CA ASP I 79 -3.72 35.82 -38.08
C ASP I 79 -3.66 37.27 -37.62
N LEU I 80 -4.13 38.20 -38.46
CA LEU I 80 -3.82 39.61 -38.27
C LEU I 80 -4.96 40.40 -37.65
N LEU I 81 -6.14 40.41 -38.29
CA LEU I 81 -7.26 41.12 -37.70
C LEU I 81 -8.28 40.19 -37.09
N TYR I 82 -7.94 38.90 -36.95
CA TYR I 82 -8.77 37.98 -36.20
C TYR I 82 -8.96 38.42 -34.75
N GLU I 83 -7.89 38.48 -33.98
CA GLU I 83 -7.96 38.80 -32.56
C GLU I 83 -8.40 40.23 -32.30
N LEU I 84 -8.06 41.17 -33.17
CA LEU I 84 -8.46 42.55 -32.92
C LEU I 84 -9.88 42.77 -33.40
N ARG I 85 -10.72 43.27 -32.49
CA ARG I 85 -12.10 43.66 -32.77
C ARG I 85 -12.65 44.54 -31.64
N GLU I 86 -13.11 45.76 -31.97
CA GLU I 86 -13.82 46.58 -30.99
C GLU I 86 -15.00 47.38 -31.52
N LEU I 87 -15.07 47.64 -32.83
CA LEU I 87 -15.90 48.63 -33.49
C LEU I 87 -15.72 48.52 -35.01
N ASP I 88 -16.67 49.03 -35.80
CA ASP I 88 -16.80 48.48 -37.15
C ASP I 88 -15.74 48.98 -38.13
N GLN I 89 -15.87 50.22 -38.59
CA GLN I 89 -15.00 50.73 -39.65
C GLN I 89 -14.62 52.19 -39.50
N GLU I 90 -14.68 52.76 -38.30
CA GLU I 90 -13.96 54.00 -38.08
C GLU I 90 -12.56 53.76 -37.53
N GLN I 91 -12.26 52.52 -37.09
CA GLN I 91 -10.91 52.20 -36.64
C GLN I 91 -10.32 50.94 -37.26
N ARG I 92 -11.10 49.85 -37.40
CA ARG I 92 -10.49 48.55 -37.65
C ARG I 92 -9.93 48.44 -39.06
N SER I 93 -10.72 48.82 -40.06
CA SER I 93 -10.17 48.98 -41.39
C SER I 93 -9.27 50.20 -41.51
N LEU I 94 -9.45 51.18 -40.62
CA LEU I 94 -8.61 52.37 -40.64
C LEU I 94 -7.22 52.05 -40.13
N CYS I 95 -7.11 51.06 -39.25
CA CYS I 95 -5.81 50.69 -38.70
C CYS I 95 -5.00 49.79 -39.62
N ALA I 96 -5.63 48.77 -40.22
CA ALA I 96 -4.90 47.78 -41.00
C ALA I 96 -4.60 48.26 -42.42
N GLN I 97 -5.08 49.44 -42.80
CA GLN I 97 -4.79 49.94 -44.15
C GLN I 97 -3.37 50.46 -44.23
N LEU I 98 -2.77 50.80 -43.10
CA LEU I 98 -1.38 51.22 -43.08
C LEU I 98 -0.48 50.06 -42.67
N ALA I 99 -1.05 48.86 -42.51
CA ALA I 99 -0.31 47.76 -41.92
C ALA I 99 0.65 47.10 -42.92
N LEU I 100 0.73 47.63 -44.14
CA LEU I 100 1.56 47.05 -45.18
C LEU I 100 2.88 47.79 -45.34
N GLU I 101 3.17 48.69 -44.39
CA GLU I 101 4.54 49.12 -44.13
C GLU I 101 4.93 48.98 -42.67
N ARG I 102 4.06 48.45 -41.81
CA ARG I 102 4.47 48.09 -40.46
C ARG I 102 5.17 46.74 -40.44
N LYS I 103 4.58 45.74 -41.10
CA LYS I 103 5.28 44.58 -41.68
C LYS I 103 5.99 43.72 -40.61
N LEU I 104 5.19 43.14 -39.73
CA LEU I 104 5.75 42.36 -38.62
C LEU I 104 4.79 41.24 -38.26
N ASP I 105 5.08 40.55 -37.16
CA ASP I 105 4.32 39.39 -36.75
C ASP I 105 2.91 39.78 -36.33
N ALA I 106 1.95 38.92 -36.66
CA ALA I 106 0.55 39.26 -36.47
C ALA I 106 0.04 38.91 -35.07
N ASP I 107 0.87 38.37 -34.18
CA ASP I 107 0.43 38.18 -32.81
C ASP I 107 0.97 39.28 -31.90
N GLN I 108 2.17 39.78 -32.20
CA GLN I 108 2.75 40.95 -31.54
C GLN I 108 2.00 42.23 -31.89
N ILE I 109 1.31 42.27 -33.01
CA ILE I 109 0.78 43.50 -33.57
C ILE I 109 -0.53 43.90 -32.87
N ARG I 110 -1.05 43.06 -31.98
CA ARG I 110 -2.29 43.36 -31.27
C ARG I 110 -2.12 44.45 -30.22
N GLU I 111 -0.88 44.86 -29.94
CA GLU I 111 -0.64 45.89 -28.95
C GLU I 111 -1.13 47.25 -29.44
N VAL I 112 -1.20 47.45 -30.76
CA VAL I 112 -1.74 48.71 -31.27
C VAL I 112 -3.24 48.74 -31.06
N ALA I 113 -3.88 47.57 -31.13
CA ALA I 113 -5.32 47.49 -30.89
C ALA I 113 -5.63 47.55 -29.40
N LYS I 114 -4.65 47.16 -28.58
CA LYS I 114 -4.83 47.27 -27.14
C LYS I 114 -4.61 48.70 -26.67
N ALA I 115 -3.59 49.36 -27.22
CA ALA I 115 -3.38 50.78 -26.95
C ALA I 115 -4.52 51.61 -27.53
N THR I 116 -5.19 51.08 -28.56
CA THR I 116 -6.41 51.68 -29.02
C THR I 116 -7.51 51.57 -27.98
N LYS I 117 -7.86 50.32 -27.61
CA LYS I 117 -9.17 49.89 -27.11
C LYS I 117 -9.78 50.81 -26.06
N ASP I 118 -8.95 51.42 -25.22
CA ASP I 118 -9.40 52.34 -24.18
C ASP I 118 -9.42 53.76 -24.73
N PHE I 119 -10.29 53.95 -25.71
CA PHE I 119 -10.41 55.22 -26.40
C PHE I 119 -11.87 55.54 -26.62
N CYS I 120 -12.70 54.51 -26.64
CA CYS I 120 -14.00 54.62 -27.30
C CYS I 120 -15.12 54.98 -26.34
N ARG I 121 -15.43 54.09 -25.39
CA ARG I 121 -16.72 54.24 -24.75
C ARG I 121 -16.63 54.34 -23.24
N LEU I 122 -15.47 54.65 -22.71
CA LEU I 122 -15.46 55.08 -21.33
C LEU I 122 -15.98 56.52 -21.37
N PRO I 123 -16.88 56.90 -20.45
CA PRO I 123 -17.63 58.15 -20.63
C PRO I 123 -16.81 59.42 -20.45
N LYS I 124 -15.61 59.31 -19.89
CA LYS I 124 -14.78 60.50 -19.80
C LYS I 124 -13.37 60.30 -20.33
N GLN I 125 -13.20 60.36 -21.66
CA GLN I 125 -11.99 60.93 -22.26
C GLN I 125 -12.17 61.68 -23.60
N PRO I 126 -13.22 62.52 -23.83
CA PRO I 126 -13.33 63.10 -25.17
C PRO I 126 -12.74 64.50 -25.25
N GLU I 127 -11.96 64.88 -24.23
CA GLU I 127 -11.47 66.25 -24.04
C GLU I 127 -10.52 66.57 -25.19
N ASN I 128 -9.37 65.88 -25.32
CA ASN I 128 -8.53 65.98 -26.51
C ASN I 128 -7.82 64.65 -26.78
N PHE I 129 -8.45 63.81 -27.60
CA PHE I 129 -7.88 62.50 -27.90
C PHE I 129 -7.38 62.36 -29.33
N ASP I 130 -8.08 62.94 -30.32
CA ASP I 130 -7.73 62.88 -31.74
C ASP I 130 -7.62 61.45 -32.28
N ARG I 131 -8.77 60.78 -32.39
CA ARG I 131 -8.93 59.34 -32.57
C ARG I 131 -8.20 58.77 -33.78
N HIS I 132 -7.21 57.92 -33.52
CA HIS I 132 -6.27 57.33 -34.46
C HIS I 132 -5.50 56.26 -33.70
N PRO I 133 -5.31 55.06 -34.26
CA PRO I 133 -4.47 54.09 -33.55
C PRO I 133 -3.00 54.43 -33.62
N GLY I 134 -2.60 55.35 -34.50
CA GLY I 134 -1.29 55.96 -34.36
C GLY I 134 -1.21 56.88 -33.16
N ASP I 135 -2.28 57.61 -32.89
CA ASP I 135 -2.31 58.50 -31.73
C ASP I 135 -2.51 57.66 -30.47
N ALA I 136 -3.10 56.48 -30.62
CA ALA I 136 -3.32 55.59 -29.49
C ALA I 136 -2.02 54.93 -29.06
N VAL I 137 -1.20 54.53 -30.03
CA VAL I 137 0.18 54.17 -29.73
C VAL I 137 0.93 55.37 -29.18
N ALA I 138 0.61 56.57 -29.70
CA ALA I 138 1.26 57.78 -29.20
C ALA I 138 0.82 58.10 -27.78
N HIS I 139 -0.48 58.29 -27.54
CA HIS I 139 -0.97 58.60 -26.20
C HIS I 139 -0.75 57.48 -25.19
N GLN I 140 -0.42 56.26 -25.65
CA GLN I 140 0.17 55.28 -24.74
C GLN I 140 1.50 55.78 -24.18
N CYS I 141 2.31 56.47 -24.99
CA CYS I 141 3.63 56.91 -24.52
C CYS I 141 3.51 58.04 -23.50
N TRP I 142 2.56 58.96 -23.69
CA TRP I 142 2.36 60.03 -22.72
C TRP I 142 1.51 59.57 -21.55
N ARG I 143 0.94 58.37 -21.65
CA ARG I 143 0.38 57.72 -20.48
C ARG I 143 1.48 57.05 -19.67
N LEU I 144 2.39 56.35 -20.34
CA LEU I 144 3.33 55.45 -19.70
C LEU I 144 4.78 55.92 -19.74
N ALA I 145 5.04 57.20 -19.96
CA ALA I 145 6.41 57.65 -20.15
C ALA I 145 6.75 58.77 -19.17
N GLN I 146 5.77 59.61 -18.84
CA GLN I 146 5.88 60.46 -17.66
C GLN I 146 5.91 59.63 -16.39
N GLU I 147 5.28 58.45 -16.43
CA GLU I 147 5.32 57.52 -15.32
C GLU I 147 6.71 56.94 -15.09
N ARG I 148 7.47 56.69 -16.16
CA ARG I 148 8.81 56.13 -16.04
C ARG I 148 9.76 57.16 -15.43
N THR I 149 10.85 56.69 -14.83
CA THR I 149 11.81 57.61 -14.21
C THR I 149 13.21 57.45 -14.76
N ASP I 150 13.59 56.24 -15.17
CA ASP I 150 14.95 56.04 -15.67
C ASP I 150 15.03 56.33 -17.16
N LEU I 151 16.18 56.83 -17.61
CA LEU I 151 16.46 56.96 -19.03
C LEU I 151 16.71 55.61 -19.69
N THR I 152 16.99 54.57 -18.90
CA THR I 152 16.89 53.20 -19.39
C THR I 152 15.44 52.82 -19.63
N GLU I 153 14.56 53.18 -18.68
CA GLU I 153 13.12 52.96 -18.82
C GLU I 153 12.48 53.87 -19.85
N ARG I 154 13.17 54.92 -20.30
CA ARG I 154 12.78 55.71 -21.45
C ARG I 154 13.30 55.10 -22.75
N SER I 155 14.44 54.41 -22.68
CA SER I 155 15.05 53.78 -23.85
C SER I 155 14.30 52.52 -24.28
N ARG I 156 13.35 52.03 -23.48
CA ARG I 156 12.35 51.12 -24.02
C ARG I 156 11.49 51.80 -25.07
N LEU I 157 11.01 53.01 -24.79
CA LEU I 157 10.20 53.79 -25.72
C LEU I 157 11.08 54.63 -26.62
N ILE I 158 11.84 54.00 -27.51
CA ILE I 158 12.81 54.70 -28.34
C ILE I 158 12.34 54.64 -29.79
N ALA I 159 11.50 53.65 -30.10
CA ALA I 159 10.87 53.56 -31.40
C ALA I 159 9.36 53.71 -31.36
N ARG I 160 8.81 54.19 -30.24
CA ARG I 160 7.34 54.22 -30.15
C ARG I 160 6.78 55.63 -30.08
N GLY I 161 7.58 56.66 -29.85
CA GLY I 161 7.08 58.01 -29.76
C GLY I 161 7.56 58.90 -30.88
N LEU I 162 8.64 58.49 -31.55
CA LEU I 162 9.17 59.21 -32.70
C LEU I 162 8.39 58.85 -33.96
N GLN I 163 8.34 57.56 -34.27
CA GLN I 163 7.72 57.05 -35.48
C GLN I 163 6.22 57.27 -35.55
N PHE I 164 5.48 56.62 -34.65
CA PHE I 164 4.03 56.55 -34.79
C PHE I 164 3.32 57.47 -33.82
N ALA I 165 3.13 58.71 -34.22
CA ALA I 165 2.40 59.67 -33.40
C ALA I 165 1.51 60.58 -34.24
N GLN I 166 0.94 60.03 -35.31
CA GLN I 166 0.42 60.85 -36.41
C GLN I 166 -0.83 61.62 -36.03
N SER I 167 -0.63 62.70 -35.27
CA SER I 167 -1.70 63.59 -34.85
C SER I 167 -1.06 64.92 -34.45
N ALA I 168 -1.89 65.97 -34.37
CA ALA I 168 -1.37 67.29 -34.05
C ALA I 168 -1.16 67.45 -32.55
N GLY I 169 -2.09 66.91 -31.76
CA GLY I 169 -2.06 67.06 -30.30
C GLY I 169 -0.89 66.36 -29.62
N ALA I 170 -0.48 65.22 -30.16
CA ALA I 170 0.66 64.51 -29.59
C ALA I 170 1.98 65.08 -30.09
N ARG I 171 2.07 65.39 -31.39
CA ARG I 171 3.33 65.86 -31.94
C ARG I 171 3.55 67.35 -31.73
N ALA I 172 2.58 68.05 -31.17
CA ALA I 172 2.86 69.39 -30.65
C ALA I 172 3.47 69.28 -29.25
N LEU I 173 3.08 68.27 -28.49
CA LEU I 173 3.57 68.03 -27.14
C LEU I 173 4.66 66.95 -27.10
N ILE I 174 5.26 66.64 -28.24
CA ILE I 174 6.25 65.57 -28.31
C ILE I 174 7.58 65.95 -27.66
N GLU I 175 7.83 67.24 -27.47
CA GLU I 175 9.10 67.74 -26.92
C GLU I 175 9.07 67.82 -25.41
N ALA I 176 8.71 66.72 -24.75
CA ALA I 176 8.61 66.70 -23.29
C ALA I 176 9.61 65.77 -22.63
N LEU I 177 10.16 64.80 -23.36
CA LEU I 177 11.02 63.77 -22.78
C LEU I 177 12.30 63.62 -23.59
N LEU I 178 12.52 64.52 -24.54
CA LEU I 178 13.73 64.42 -25.35
C LEU I 178 14.93 65.05 -24.64
N LEU I 179 14.73 66.19 -23.99
CA LEU I 179 15.82 66.81 -23.23
C LEU I 179 16.04 66.08 -21.90
N GLU J 1 23.52 16.01 55.58
CA GLU J 1 22.78 16.97 56.44
C GLU J 1 21.48 16.32 56.90
N ARG J 2 21.00 15.31 56.16
CA ARG J 2 19.74 14.60 56.51
C ARG J 2 20.06 13.13 56.82
N GLN J 3 19.66 12.67 58.01
CA GLN J 3 19.90 11.26 58.43
C GLN J 3 18.73 10.39 57.96
N GLU J 4 17.75 10.18 58.83
CA GLU J 4 16.55 9.36 58.50
C GLU J 4 15.31 10.26 58.57
N LEU J 5 15.16 11.16 57.58
CA LEU J 5 14.03 12.09 57.55
C LEU J 5 12.97 11.72 56.52
N LEU J 6 13.28 10.79 55.61
CA LEU J 6 12.32 10.41 54.58
C LEU J 6 11.42 9.26 55.03
N GLY J 7 11.75 8.62 56.15
CA GLY J 7 10.95 7.50 56.62
C GLY J 7 9.57 7.91 57.08
N GLN J 8 9.46 9.12 57.65
CA GLN J 8 8.16 9.68 57.97
C GLN J 8 7.39 10.00 56.69
N LEU J 9 8.11 10.31 55.64
CA LEU J 9 7.53 10.56 54.32
C LEU J 9 7.28 9.22 53.67
N ARG J 10 8.04 8.20 54.09
CA ARG J 10 7.80 6.84 53.64
C ARG J 10 6.64 6.17 54.35
N ARG J 11 6.49 6.37 55.65
CA ARG J 11 5.38 5.81 56.40
C ARG J 11 4.13 6.68 56.34
N LYS J 12 4.24 7.87 55.75
CA LYS J 12 3.15 8.86 55.64
C LYS J 12 2.61 9.22 57.02
N GLU J 13 3.55 9.58 57.90
CA GLU J 13 3.25 10.03 59.26
C GLU J 13 3.30 11.55 59.27
N GLY J 14 2.36 12.18 59.94
CA GLY J 14 2.25 13.62 59.96
C GLY J 14 1.01 14.05 59.23
N ARG J 15 0.54 15.26 59.54
CA ARG J 15 -0.68 15.83 58.91
C ARG J 15 -0.34 16.36 57.50
N TRP J 16 -0.36 17.68 57.34
CA TRP J 16 -0.06 18.32 56.04
C TRP J 16 1.01 19.42 56.22
N LEU J 17 0.97 20.10 57.37
CA LEU J 17 1.94 21.19 57.68
C LEU J 17 3.32 20.58 57.96
N ALA J 18 3.35 19.34 58.46
CA ALA J 18 4.63 18.63 58.76
C ALA J 18 5.00 17.71 57.60
N TRP J 19 4.34 17.89 56.45
CA TRP J 19 4.60 17.07 55.23
C TRP J 19 5.60 17.78 54.33
N ALA J 20 5.30 19.04 53.98
CA ALA J 20 6.18 19.85 53.09
C ALA J 20 7.30 20.48 53.92
N ARG J 21 7.16 20.48 55.24
CA ARG J 21 8.19 21.07 56.15
C ARG J 21 9.56 20.45 55.83
N ALA J 22 9.60 19.11 55.75
CA ALA J 22 10.87 18.39 55.46
C ALA J 22 10.98 18.12 53.95
N CYS J 23 10.86 19.19 53.14
CA CYS J 23 10.97 19.05 51.66
C CYS J 23 11.91 20.13 51.12
N GLN J 24 11.79 21.37 51.63
CA GLN J 24 12.65 22.49 51.20
C GLN J 24 14.11 22.11 51.43
N THR J 25 14.42 21.56 52.61
CA THR J 25 15.80 21.13 52.96
C THR J 25 16.10 19.81 52.24
N LEU J 26 15.06 19.04 51.92
CA LEU J 26 15.22 17.74 51.21
C LEU J 26 15.46 18.02 49.72
N LEU J 27 15.04 19.19 49.24
CA LEU J 27 15.22 19.58 47.82
C LEU J 27 16.57 20.31 47.67
N LYS J 28 17.24 20.57 48.79
CA LYS J 28 18.56 21.26 48.77
C LYS J 28 19.68 20.21 48.89
N ASN J 29 19.35 19.02 49.37
CA ASN J 29 20.34 17.95 49.52
C ASN J 29 21.20 17.80 48.28
N GLY J 30 20.62 17.98 47.10
CA GLY J 30 21.32 17.67 45.87
C GLY J 30 20.52 16.67 45.06
N LEU J 31 19.20 16.62 45.32
CA LEU J 31 18.31 15.68 44.66
C LEU J 31 17.32 16.50 43.84
N ASN J 32 16.88 15.94 42.71
CA ASN J 32 16.11 16.63 41.68
C ASN J 32 14.63 16.28 41.86
N PRO J 33 13.67 16.91 41.11
CA PRO J 33 12.26 16.47 41.23
C PRO J 33 12.01 15.00 40.91
N GLN J 34 12.72 14.46 39.92
CA GLN J 34 12.67 13.05 39.58
C GLN J 34 13.86 12.40 40.28
N THR J 35 13.93 12.58 41.59
CA THR J 35 14.72 11.75 42.49
C THR J 35 13.88 11.31 43.68
N LEU J 36 13.03 12.22 44.15
CA LEU J 36 12.26 12.00 45.37
C LEU J 36 11.11 11.02 45.16
N PHE J 37 10.48 11.05 43.99
CA PHE J 37 9.41 10.10 43.69
C PHE J 37 9.99 8.72 43.41
N GLU J 38 11.24 8.67 42.97
CA GLU J 38 11.83 7.46 42.41
C GLU J 38 12.05 6.39 43.47
N ALA J 39 12.17 6.80 44.73
CA ALA J 39 12.26 5.81 45.79
C ALA J 39 11.06 5.87 46.75
N THR J 40 10.86 7.02 47.38
CA THR J 40 9.86 7.11 48.44
C THR J 40 8.48 7.26 47.84
N GLY J 41 8.30 8.28 47.01
CA GLY J 41 7.09 8.40 46.24
C GLY J 41 6.22 9.55 46.67
N PHE J 42 6.35 10.67 45.95
CA PHE J 42 5.41 11.78 46.05
C PHE J 42 5.15 12.28 44.65
N GLU J 43 3.89 12.19 44.29
CA GLU J 43 3.46 12.22 42.90
C GLU J 43 3.70 13.61 42.32
N PRO J 44 4.37 13.70 41.16
CA PRO J 44 5.03 14.97 40.76
C PRO J 44 4.09 16.10 40.39
N ILE J 45 2.78 15.84 40.32
CA ILE J 45 1.82 16.94 40.29
C ILE J 45 1.65 17.56 41.66
N GLN J 46 1.55 16.76 42.72
CA GLN J 46 1.34 17.36 44.04
C GLN J 46 2.58 17.40 44.92
N GLN J 47 3.77 17.13 44.40
CA GLN J 47 4.96 17.44 45.18
C GLN J 47 5.28 18.93 45.11
N ASN J 48 4.72 19.64 44.12
CA ASN J 48 4.80 21.08 44.09
C ASN J 48 3.60 21.72 44.80
N GLN J 49 2.52 20.95 44.96
CA GLN J 49 1.32 21.47 45.61
C GLN J 49 1.54 21.66 47.11
N ILE J 50 2.38 20.79 47.70
CA ILE J 50 2.78 20.96 49.09
C ILE J 50 3.85 22.03 49.24
N THR J 51 4.40 22.53 48.14
CA THR J 51 5.46 23.51 48.27
C THR J 51 4.91 24.92 48.49
N VAL J 52 4.05 25.42 47.62
CA VAL J 52 3.68 26.84 47.69
C VAL J 52 2.67 27.12 48.79
N ALA J 53 1.71 26.22 49.05
CA ALA J 53 0.68 26.53 50.03
C ALA J 53 1.24 26.55 51.44
N MET J 54 2.30 25.77 51.68
CA MET J 54 3.23 26.00 52.78
C MET J 54 3.65 27.46 52.89
N GLN J 55 4.18 27.99 51.81
CA GLN J 55 4.71 29.34 51.85
C GLN J 55 3.60 30.37 51.83
N VAL J 56 2.41 29.98 51.37
CA VAL J 56 1.23 30.82 51.56
C VAL J 56 0.87 30.89 53.05
N TYR J 57 1.04 29.78 53.79
CA TYR J 57 0.83 29.83 55.24
C TYR J 57 1.86 30.71 55.93
N ASP J 58 3.11 30.65 55.46
CA ASP J 58 4.13 31.53 56.02
C ASP J 58 3.89 32.98 55.62
N SER J 59 3.15 33.19 54.52
CA SER J 59 2.83 34.55 54.10
C SER J 59 1.59 35.08 54.80
N ILE J 60 0.72 34.19 55.30
CA ILE J 60 -0.48 34.69 55.97
C ILE J 60 -0.27 34.79 57.47
N LEU J 61 0.93 34.56 57.98
CA LEU J 61 1.22 34.85 59.39
C LEU J 61 1.59 36.34 59.48
N ARG J 62 0.62 37.18 59.17
CA ARG J 62 0.64 38.63 59.28
C ARG J 62 -0.30 38.96 60.43
N GLN J 63 -1.54 38.47 60.33
CA GLN J 63 -2.43 38.46 61.47
C GLN J 63 -2.42 37.08 62.11
N ASP J 64 -2.82 37.01 63.38
CA ASP J 64 -2.98 35.74 64.05
C ASP J 64 -4.37 35.17 63.75
N PRO J 65 -4.47 34.03 63.07
CA PRO J 65 -5.76 33.35 62.95
C PRO J 65 -6.22 32.83 64.30
N PRO J 66 -7.31 33.38 64.82
CA PRO J 66 -7.59 33.26 66.27
C PRO J 66 -8.12 31.91 66.70
N ALA J 67 -7.38 30.82 66.42
CA ALA J 67 -7.62 29.46 66.87
C ALA J 67 -8.98 28.89 66.49
N HIS J 68 -9.66 29.52 65.53
CA HIS J 68 -10.90 29.03 64.94
C HIS J 68 -10.73 28.84 63.44
N VAL J 69 -9.64 29.42 62.92
CA VAL J 69 -9.32 29.35 61.45
C VAL J 69 -7.95 28.70 61.27
N ARG J 70 -7.71 27.57 61.94
CA ARG J 70 -6.42 26.84 61.85
C ARG J 70 -6.59 25.43 62.44
N GLU J 71 -7.81 25.10 62.84
CA GLU J 71 -8.11 23.76 63.44
C GLU J 71 -8.03 22.69 62.35
N THR J 72 -8.94 22.73 61.37
CA THR J 72 -8.94 21.74 60.25
C THR J 72 -8.24 22.35 59.03
N TYR J 73 -7.53 23.46 59.23
CA TYR J 73 -6.81 24.15 58.13
C TYR J 73 -5.33 23.72 58.16
N GLN J 74 -5.08 22.42 58.30
CA GLN J 74 -3.69 21.89 58.35
C GLN J 74 -3.36 21.20 57.02
N GLU J 75 -3.80 19.95 56.86
CA GLU J 75 -3.53 19.17 55.61
C GLU J 75 -4.67 19.41 54.61
N TRP J 76 -5.70 20.16 55.02
CA TRP J 76 -6.85 20.46 54.13
C TRP J 76 -6.57 21.72 53.30
N GLY J 77 -7.50 22.10 52.43
CA GLY J 77 -7.33 23.28 51.56
C GLY J 77 -6.08 23.16 50.70
N SER J 78 -5.56 21.93 50.57
CA SER J 78 -4.36 21.69 49.76
C SER J 78 -4.45 22.42 48.43
N ASP J 79 -5.44 22.08 47.62
CA ASP J 79 -5.59 22.74 46.32
C ASP J 79 -6.20 24.13 46.49
N LEU J 80 -6.88 24.36 47.61
CA LEU J 80 -7.46 25.66 47.92
C LEU J 80 -6.36 26.70 48.09
N LEU J 81 -5.34 26.37 48.88
CA LEU J 81 -4.28 27.32 49.15
C LEU J 81 -3.19 27.21 48.09
N TYR J 82 -3.15 26.06 47.39
CA TYR J 82 -2.37 25.97 46.16
C TYR J 82 -2.91 26.88 45.09
N GLU J 83 -4.22 27.12 45.10
CA GLU J 83 -4.86 27.81 43.99
C GLU J 83 -4.60 29.30 44.03
N LEU J 84 -4.77 29.91 45.21
CA LEU J 84 -4.48 31.33 45.32
C LEU J 84 -2.96 31.54 45.30
N ARG J 85 -2.48 32.20 44.26
CA ARG J 85 -1.07 32.50 44.07
C ARG J 85 -0.85 33.90 43.52
N GLU J 86 -1.83 34.79 43.72
CA GLU J 86 -1.79 36.09 43.05
C GLU J 86 -1.89 37.28 43.99
N LEU J 87 -2.10 37.06 45.29
CA LEU J 87 -2.46 38.14 46.19
C LEU J 87 -1.26 38.54 47.05
N ASP J 88 -1.37 39.70 47.69
CA ASP J 88 -0.29 40.23 48.56
C ASP J 88 -0.32 39.49 49.90
N GLN J 89 -1.11 40.00 50.85
CA GLN J 89 -1.24 39.36 52.19
C GLN J 89 -2.38 40.05 52.95
N GLU J 90 -3.21 40.83 52.24
CA GLU J 90 -4.35 41.54 52.87
C GLU J 90 -5.64 40.75 52.57
N GLN J 91 -5.86 40.41 51.30
CA GLN J 91 -7.06 39.63 50.90
C GLN J 91 -6.92 38.19 51.41
N ARG J 92 -5.70 37.69 51.48
CA ARG J 92 -5.43 36.30 51.97
C ARG J 92 -6.13 36.12 53.32
N SER J 93 -5.83 36.97 54.30
CA SER J 93 -6.44 36.89 55.64
C SER J 93 -7.92 37.31 55.54
N LEU J 94 -8.34 37.75 54.35
CA LEU J 94 -9.71 38.19 54.14
C LEU J 94 -10.52 37.12 53.43
N CYS J 95 -9.84 36.16 52.80
CA CYS J 95 -10.48 35.03 52.13
C CYS J 95 -10.88 33.93 53.11
N ALA J 96 -10.28 33.91 54.30
CA ALA J 96 -10.48 32.81 55.22
C ALA J 96 -11.89 32.81 55.82
N GLN J 97 -12.45 34.01 56.06
CA GLN J 97 -13.80 34.09 56.60
C GLN J 97 -14.82 33.64 55.56
N LEU J 98 -14.53 33.87 54.28
CA LEU J 98 -15.33 33.29 53.22
C LEU J 98 -15.19 31.77 53.21
N ALA J 99 -13.96 31.30 53.44
CA ALA J 99 -13.64 29.85 53.47
C ALA J 99 -14.06 29.26 54.82
N LEU J 100 -15.18 29.71 55.35
CA LEU J 100 -15.70 29.21 56.66
C LEU J 100 -17.22 29.07 56.56
N GLU J 101 -17.84 29.83 55.65
CA GLU J 101 -19.31 29.78 55.43
C GLU J 101 -19.58 29.54 53.95
N ARG J 102 -18.68 29.99 53.08
CA ARG J 102 -18.83 29.81 51.61
C ARG J 102 -18.58 28.34 51.26
N LYS J 103 -17.92 27.62 52.18
CA LYS J 103 -17.63 26.19 52.00
C LYS J 103 -18.06 25.67 50.62
N LEU J 104 -17.47 26.27 49.59
CA LEU J 104 -17.71 25.80 48.21
C LEU J 104 -16.62 24.79 47.84
N ASP J 105 -16.84 24.08 46.72
CA ASP J 105 -15.97 22.99 46.29
C ASP J 105 -14.61 23.52 45.85
N ALA J 106 -13.54 22.89 46.36
CA ALA J 106 -12.17 23.40 46.60
C ALA J 106 -11.63 24.25 45.45
N ASP J 107 -11.94 23.95 44.19
CA ASP J 107 -11.53 24.81 43.09
C ASP J 107 -12.67 25.75 42.71
N GLN J 108 -12.77 26.85 43.44
CA GLN J 108 -13.75 27.86 43.09
C GLN J 108 -13.23 29.28 43.21
N ILE J 109 -12.02 29.50 43.74
CA ILE J 109 -11.60 30.85 44.07
C ILE J 109 -10.48 31.42 43.21
N ARG J 110 -10.15 30.81 42.07
CA ARG J 110 -9.26 31.51 41.17
C ARG J 110 -10.02 32.62 40.44
N GLU J 111 -11.31 32.41 40.19
CA GLU J 111 -12.10 33.39 39.47
C GLU J 111 -12.36 34.63 40.31
N VAL J 112 -12.41 34.47 41.63
CA VAL J 112 -12.45 35.65 42.48
C VAL J 112 -11.05 36.24 42.61
N ALA J 113 -10.02 35.42 42.49
CA ALA J 113 -8.66 35.92 42.63
C ALA J 113 -8.17 36.65 41.39
N LYS J 114 -8.73 36.35 40.23
CA LYS J 114 -8.37 37.04 38.99
C LYS J 114 -9.01 38.42 38.94
N ALA J 115 -10.32 38.50 39.20
CA ALA J 115 -10.98 39.80 39.26
C ALA J 115 -10.54 40.60 40.48
N THR J 116 -10.09 39.91 41.53
CA THR J 116 -9.49 40.59 42.66
C THR J 116 -8.12 41.16 42.30
N LYS J 117 -7.37 40.42 41.48
CA LYS J 117 -6.08 40.93 40.99
C LYS J 117 -6.30 42.13 40.09
N ASP J 118 -7.36 42.11 39.29
CA ASP J 118 -7.74 43.25 38.49
C ASP J 118 -8.24 44.42 39.35
N PHE J 119 -8.86 44.13 40.49
CA PHE J 119 -9.31 45.21 41.37
C PHE J 119 -8.14 45.88 42.05
N CYS J 120 -7.06 45.14 42.30
CA CYS J 120 -5.84 45.70 42.84
C CYS J 120 -4.86 46.09 41.74
N ARG J 121 -5.35 46.40 40.54
CA ARG J 121 -4.46 46.68 39.41
C ARG J 121 -4.48 48.15 39.03
N LEU J 122 -5.67 48.74 38.94
CA LEU J 122 -5.86 50.16 38.69
C LEU J 122 -5.28 50.91 39.88
N PRO J 123 -4.66 52.09 39.68
CA PRO J 123 -3.99 52.75 40.81
C PRO J 123 -4.91 53.23 41.92
N LYS J 124 -6.16 53.50 41.60
CA LYS J 124 -7.11 54.02 42.57
C LYS J 124 -8.29 53.08 42.73
N GLN J 125 -8.61 52.74 43.98
CA GLN J 125 -9.73 51.82 44.29
C GLN J 125 -11.06 52.59 44.24
N PRO J 126 -12.16 51.97 43.76
CA PRO J 126 -13.47 52.65 43.69
C PRO J 126 -14.09 52.80 45.08
N GLU J 127 -15.03 53.74 45.23
CA GLU J 127 -15.70 53.98 46.53
C GLU J 127 -16.78 52.91 46.73
N ASN J 128 -17.20 52.70 47.98
CA ASN J 128 -18.25 51.70 48.31
C ASN J 128 -17.86 50.34 47.70
N PHE J 129 -16.69 49.81 48.07
CA PHE J 129 -16.21 48.50 47.57
C PHE J 129 -15.07 48.00 48.45
N ASP J 130 -14.23 48.92 48.93
CA ASP J 130 -13.07 48.57 49.81
C ASP J 130 -12.27 47.43 49.19
N ARG J 131 -10.95 47.51 49.24
CA ARG J 131 -10.05 46.47 48.68
C ARG J 131 -10.20 45.17 49.50
N HIS J 132 -10.87 44.17 48.92
CA HIS J 132 -11.08 42.86 49.60
C HIS J 132 -11.47 41.80 48.57
N PRO J 133 -11.30 40.50 48.85
CA PRO J 133 -11.65 39.44 47.91
C PRO J 133 -13.17 39.35 47.74
N GLY J 134 -13.91 39.61 48.83
CA GLY J 134 -15.38 39.56 48.79
C GLY J 134 -15.98 40.91 48.45
N ASP J 135 -15.29 41.69 47.61
CA ASP J 135 -15.76 43.01 47.21
C ASP J 135 -15.48 43.17 45.73
N ALA J 136 -14.44 42.51 45.24
CA ALA J 136 -14.22 42.43 43.80
C ALA J 136 -15.33 41.62 43.15
N VAL J 137 -15.89 40.67 43.91
CA VAL J 137 -17.03 39.83 43.46
C VAL J 137 -18.28 40.70 43.55
N ALA J 138 -18.38 41.51 44.61
CA ALA J 138 -19.53 42.42 44.81
C ALA J 138 -19.43 43.58 43.82
N HIS J 139 -18.20 43.94 43.44
CA HIS J 139 -17.95 45.03 42.46
C HIS J 139 -17.76 44.42 41.07
N GLN J 140 -18.00 43.11 40.94
CA GLN J 140 -17.87 42.38 39.65
C GLN J 140 -19.21 42.45 38.90
N CYS J 141 -20.25 42.98 39.56
CA CYS J 141 -21.60 43.13 38.95
C CYS J 141 -21.57 44.27 37.91
N TRP J 142 -20.67 45.24 38.08
CA TRP J 142 -20.55 46.38 37.14
C TRP J 142 -20.00 45.88 35.80
N ARG J 143 -19.16 44.84 35.84
CA ARG J 143 -18.58 44.25 34.60
C ARG J 143 -19.34 42.95 34.28
N LEU J 144 -20.61 42.87 34.68
CA LEU J 144 -21.44 41.66 34.43
C LEU J 144 -22.93 42.03 34.49
N ALA J 145 -23.48 42.21 35.70
CA ALA J 145 -24.91 42.55 35.88
C ALA J 145 -25.26 43.81 35.06
N GLN J 146 -24.42 44.84 35.12
CA GLN J 146 -24.67 46.10 34.37
C GLN J 146 -24.93 45.75 32.89
N GLU J 147 -23.95 45.14 32.22
CA GLU J 147 -24.15 44.72 30.84
C GLU J 147 -25.50 44.05 30.58
N ARG J 148 -25.93 43.12 31.45
CA ARG J 148 -27.00 42.18 31.13
C ARG J 148 -28.36 42.86 31.00
N THR J 149 -29.26 42.22 30.24
CA THR J 149 -30.58 42.77 30.01
C THR J 149 -31.69 41.80 30.39
N ASP J 150 -31.43 40.49 30.35
CA ASP J 150 -32.46 39.51 30.61
C ASP J 150 -32.61 39.25 32.11
N LEU J 151 -33.76 39.66 32.66
CA LEU J 151 -34.05 39.50 34.12
C LEU J 151 -34.11 38.00 34.46
N THR J 152 -32.99 37.29 34.30
CA THR J 152 -32.94 35.84 34.60
C THR J 152 -31.54 35.48 35.13
N GLU J 153 -30.50 36.05 34.52
CA GLU J 153 -29.10 35.76 34.93
C GLU J 153 -28.56 36.93 35.77
N ARG J 154 -29.25 38.07 35.73
CA ARG J 154 -28.81 39.27 36.49
C ARG J 154 -29.23 39.10 37.96
N SER J 155 -30.29 38.33 38.21
CA SER J 155 -30.77 38.08 39.59
C SER J 155 -30.17 36.77 40.12
N ARG J 156 -29.42 36.07 39.25
CA ARG J 156 -28.73 34.82 39.66
C ARG J 156 -27.55 35.25 40.55
N LEU J 157 -27.74 36.35 41.26
CA LEU J 157 -26.72 36.98 42.13
C LEU J 157 -27.29 37.13 43.54
N ILE J 158 -27.92 36.07 44.07
CA ILE J 158 -28.50 36.13 45.44
C ILE J 158 -27.36 36.01 46.46
N ALA J 159 -26.27 35.35 46.05
CA ALA J 159 -25.08 35.18 46.92
C ALA J 159 -23.92 35.99 46.34
N ARG J 160 -23.74 35.94 45.01
CA ARG J 160 -22.67 36.69 44.32
C ARG J 160 -22.98 38.19 44.42
N GLY J 161 -24.07 38.62 43.77
CA GLY J 161 -24.51 40.02 43.81
C GLY J 161 -24.80 40.44 45.24
N LEU J 162 -25.89 39.97 45.84
CA LEU J 162 -26.10 40.32 47.27
C LEU J 162 -25.09 39.50 48.09
N GLN J 163 -25.57 38.86 49.17
CA GLN J 163 -24.78 38.00 50.10
C GLN J 163 -23.38 38.61 50.33
N PHE J 164 -23.33 39.86 50.79
CA PHE J 164 -22.05 40.55 51.06
C PHE J 164 -22.21 41.49 52.26
N ALA J 165 -21.89 40.98 53.46
CA ALA J 165 -21.99 41.78 54.70
C ALA J 165 -20.60 42.29 55.09
N GLN J 166 -19.77 42.59 54.10
CA GLN J 166 -18.39 43.08 54.35
C GLN J 166 -18.18 44.42 53.64
N SER J 167 -19.27 45.09 53.25
CA SER J 167 -19.15 46.38 52.58
C SER J 167 -20.52 47.05 52.56
N ALA J 168 -20.58 48.31 52.97
CA ALA J 168 -21.87 48.99 53.06
C ALA J 168 -22.34 49.46 51.69
N GLY J 169 -21.40 49.81 50.82
CA GLY J 169 -21.73 50.40 49.53
C GLY J 169 -22.44 49.47 48.56
N ALA J 170 -21.90 48.26 48.40
CA ALA J 170 -22.49 47.30 47.47
C ALA J 170 -23.82 46.78 48.01
N ARG J 171 -23.97 46.76 49.33
CA ARG J 171 -25.24 46.36 49.92
C ARG J 171 -26.28 47.46 49.79
N ALA J 172 -25.82 48.71 49.80
CA ALA J 172 -26.73 49.82 49.57
C ALA J 172 -27.12 49.93 48.10
N LEU J 173 -26.26 49.46 47.22
CA LEU J 173 -26.51 49.52 45.78
C LEU J 173 -27.04 48.22 45.20
N ILE J 174 -27.18 47.16 46.01
CA ILE J 174 -27.66 45.90 45.48
C ILE J 174 -29.18 45.78 45.58
N GLU J 175 -29.81 46.48 46.53
CA GLU J 175 -31.26 46.45 46.66
C GLU J 175 -31.95 47.37 45.65
N ALA J 176 -31.20 48.32 45.07
CA ALA J 176 -31.80 49.30 44.16
C ALA J 176 -31.91 48.76 42.73
N LEU J 177 -31.86 47.43 42.57
CA LEU J 177 -32.10 46.83 41.27
C LEU J 177 -33.44 46.11 41.25
N LEU J 178 -34.21 46.21 42.35
CA LEU J 178 -35.52 45.59 42.43
C LEU J 178 -36.57 46.29 41.58
N LEU J 179 -36.23 47.43 40.97
CA LEU J 179 -36.95 47.96 39.83
C LEU J 179 -37.17 46.88 38.77
N ASP J 180 -36.10 46.09 38.52
CA ASP J 180 -36.14 44.95 37.61
C ASP J 180 -37.18 43.89 38.03
N LEU J 181 -37.64 43.94 39.28
CA LEU J 181 -38.83 43.18 39.68
C LEU J 181 -40.07 43.59 38.90
N SER J 182 -40.56 44.83 39.06
CA SER J 182 -41.79 45.18 38.35
C SER J 182 -41.84 46.64 37.89
N GLY J 183 -40.71 47.32 37.90
CA GLY J 183 -40.68 48.72 37.49
C GLY J 183 -41.40 49.63 38.46
N VAL J 184 -41.19 49.44 39.75
CA VAL J 184 -41.81 50.29 40.76
C VAL J 184 -40.74 51.09 41.49
N PRO J 185 -40.83 52.43 41.54
CA PRO J 185 -41.82 53.31 40.89
C PRO J 185 -41.55 53.49 39.40
N SER J 186 -42.31 54.37 38.76
CA SER J 186 -42.30 54.49 37.30
C SER J 186 -41.08 55.24 36.78
N ARG J 187 -41.13 55.62 35.50
CA ARG J 187 -40.04 56.29 34.79
C ARG J 187 -39.63 57.60 35.45
N LYS J 188 -38.33 57.80 35.63
CA LYS J 188 -37.83 59.04 36.22
C LYS J 188 -37.97 60.21 35.26
N GLU K 1 -21.05 -12.97 -57.48
CA GLU K 1 -20.21 -13.72 -58.45
C GLU K 1 -20.26 -15.21 -58.10
N ARG K 2 -20.40 -15.53 -56.81
CA ARG K 2 -20.46 -16.95 -56.36
C ARG K 2 -21.93 -17.40 -56.29
N GLN K 3 -22.16 -18.71 -56.25
CA GLN K 3 -23.54 -19.27 -56.19
C GLN K 3 -23.75 -19.95 -54.82
N GLU K 4 -22.80 -20.79 -54.42
CA GLU K 4 -22.86 -21.51 -53.12
C GLU K 4 -21.49 -22.12 -52.82
N LEU K 5 -20.46 -21.68 -53.55
CA LEU K 5 -19.07 -22.21 -53.37
C LEU K 5 -18.70 -22.16 -51.88
N LEU K 6 -19.61 -21.71 -51.03
CA LEU K 6 -19.33 -21.64 -49.60
C LEU K 6 -19.35 -23.03 -48.98
N GLY K 7 -20.01 -23.98 -49.65
CA GLY K 7 -20.13 -25.32 -49.11
C GLY K 7 -18.88 -26.15 -49.31
N GLN K 8 -18.18 -25.92 -50.43
CA GLN K 8 -16.96 -26.68 -50.71
C GLN K 8 -15.82 -26.22 -49.81
N LEU K 9 -15.94 -25.00 -49.28
CA LEU K 9 -14.95 -24.45 -48.37
C LEU K 9 -15.04 -25.21 -47.05
N ARG K 10 -16.26 -25.63 -46.69
CA ARG K 10 -16.54 -26.42 -45.51
C ARG K 10 -16.17 -27.90 -45.67
N ARG K 11 -16.19 -28.43 -46.89
CA ARG K 11 -15.82 -29.82 -47.11
C ARG K 11 -14.34 -30.08 -46.91
N LYS K 12 -13.51 -29.06 -47.14
CA LYS K 12 -12.05 -29.18 -47.27
C LYS K 12 -11.70 -30.26 -48.28
N GLU K 13 -12.36 -30.16 -49.43
CA GLU K 13 -12.16 -31.04 -50.57
C GLU K 13 -11.24 -30.31 -51.53
N GLY K 14 -10.27 -31.03 -52.08
CA GLY K 14 -9.27 -30.44 -52.94
C GLY K 14 -7.92 -30.53 -52.28
N ARG K 15 -6.88 -30.49 -53.13
CA ARG K 15 -5.48 -30.58 -52.66
C ARG K 15 -5.05 -29.24 -52.03
N TRP K 16 -4.40 -28.38 -52.82
CA TRP K 16 -3.92 -27.06 -52.33
C TRP K 16 -4.21 -25.98 -53.39
N LEU K 17 -4.36 -26.40 -54.65
CA LEU K 17 -4.63 -25.45 -55.77
C LEU K 17 -6.13 -25.15 -55.82
N ALA K 18 -6.94 -25.97 -55.14
CA ALA K 18 -8.41 -25.78 -55.11
C ALA K 18 -8.79 -24.87 -53.94
N TRP K 19 -7.81 -24.52 -53.11
CA TRP K 19 -8.04 -23.63 -51.94
C TRP K 19 -7.79 -22.17 -52.32
N ALA K 20 -6.56 -21.86 -52.73
CA ALA K 20 -6.17 -20.48 -53.14
C ALA K 20 -7.18 -19.93 -54.16
N ARG K 21 -7.46 -20.70 -55.20
CA ARG K 21 -8.42 -20.27 -56.26
C ARG K 21 -9.73 -19.82 -55.62
N ALA K 22 -10.39 -20.71 -54.88
CA ALA K 22 -11.68 -20.39 -54.20
C ALA K 22 -11.52 -19.11 -53.39
N CYS K 23 -10.48 -19.05 -52.55
CA CYS K 23 -10.22 -17.86 -51.70
C CYS K 23 -10.01 -16.63 -52.59
N GLN K 24 -9.25 -16.79 -53.68
CA GLN K 24 -8.97 -15.68 -54.63
C GLN K 24 -10.29 -15.18 -55.24
N THR K 25 -11.19 -16.10 -55.57
CA THR K 25 -12.51 -15.76 -56.17
C THR K 25 -13.41 -15.15 -55.09
N LEU K 26 -13.20 -15.53 -53.83
CA LEU K 26 -14.01 -15.01 -52.69
C LEU K 26 -13.32 -13.77 -52.11
N LEU K 27 -12.15 -13.42 -52.65
CA LEU K 27 -11.39 -12.23 -52.16
C LEU K 27 -11.95 -10.96 -52.81
N LYS K 28 -12.90 -11.12 -53.74
CA LYS K 28 -13.49 -9.98 -54.41
C LYS K 28 -15.03 -10.06 -54.33
N ASN K 29 -15.54 -10.44 -53.17
CA ASN K 29 -16.96 -10.38 -52.87
C ASN K 29 -17.35 -9.08 -52.18
N GLY K 30 -16.50 -8.58 -51.29
CA GLY K 30 -16.88 -7.47 -50.44
C GLY K 30 -16.75 -7.86 -48.98
N LEU K 31 -15.88 -8.81 -48.70
CA LEU K 31 -15.64 -9.32 -47.36
C LEU K 31 -14.20 -9.02 -46.98
N ASN K 32 -13.90 -9.01 -45.68
CA ASN K 32 -12.63 -8.54 -45.14
C ASN K 32 -11.75 -9.76 -44.84
N PRO K 33 -10.46 -9.60 -44.44
CA PRO K 33 -9.69 -10.77 -43.99
C PRO K 33 -10.30 -11.48 -42.78
N GLN K 34 -10.89 -10.73 -41.85
CA GLN K 34 -11.55 -11.29 -40.68
C GLN K 34 -13.05 -11.37 -41.03
N THR K 35 -13.34 -12.04 -42.15
CA THR K 35 -14.69 -12.50 -42.45
C THR K 35 -14.68 -13.95 -42.90
N LEU K 36 -13.66 -14.34 -43.66
CA LEU K 36 -13.61 -15.67 -44.25
C LEU K 36 -13.29 -16.74 -43.21
N PHE K 37 -12.42 -16.44 -42.25
CA PHE K 37 -12.16 -17.38 -41.18
C PHE K 37 -13.38 -17.50 -40.26
N GLU K 38 -14.14 -16.41 -40.14
CA GLU K 38 -15.15 -16.26 -39.11
C GLU K 38 -16.31 -17.24 -39.27
N ALA K 39 -16.53 -17.73 -40.49
CA ALA K 39 -17.54 -18.75 -40.68
C ALA K 39 -16.94 -20.08 -41.15
N THR K 40 -16.27 -20.07 -42.30
CA THR K 40 -15.84 -21.30 -42.94
C THR K 40 -14.57 -21.82 -42.30
N GLY K 41 -13.54 -21.00 -42.28
CA GLY K 41 -12.35 -21.30 -41.51
C GLY K 41 -11.11 -21.59 -42.31
N PHE K 42 -10.26 -20.58 -42.45
CA PHE K 42 -8.89 -20.74 -42.91
C PHE K 42 -8.04 -19.78 -42.09
N GLU K 43 -7.08 -20.35 -41.39
CA GLU K 43 -6.48 -19.74 -40.22
C GLU K 43 -5.65 -18.53 -40.61
N PRO K 44 -5.81 -17.39 -39.92
CA PRO K 44 -5.42 -16.08 -40.49
C PRO K 44 -3.93 -15.86 -40.70
N ILE K 45 -3.08 -16.70 -40.10
CA ILE K 45 -1.66 -16.68 -40.46
C ILE K 45 -1.42 -17.32 -41.82
N GLN K 46 -1.99 -18.50 -42.08
CA GLN K 46 -1.74 -19.16 -43.35
C GLN K 46 -2.82 -18.94 -44.41
N GLN K 47 -3.75 -18.00 -44.19
CA GLN K 47 -4.59 -17.60 -45.31
C GLN K 47 -3.83 -16.69 -46.27
N ASN K 48 -2.70 -16.14 -45.82
CA ASN K 48 -1.78 -15.45 -46.73
C ASN K 48 -0.75 -16.42 -47.30
N GLN K 49 -0.54 -17.56 -46.63
CA GLN K 49 0.41 -18.56 -47.12
C GLN K 49 -0.10 -19.21 -48.41
N ILE K 50 -1.42 -19.37 -48.50
CA ILE K 50 -2.04 -19.87 -49.72
C ILE K 50 -2.27 -18.76 -50.72
N THR K 51 -2.17 -17.50 -50.31
CA THR K 51 -2.47 -16.39 -51.20
C THR K 51 -1.32 -16.12 -52.16
N VAL K 52 -0.09 -16.02 -51.64
CA VAL K 52 1.02 -15.51 -52.44
C VAL K 52 1.67 -16.56 -53.34
N ALA K 53 1.81 -17.80 -52.87
CA ALA K 53 2.47 -18.82 -53.68
C ALA K 53 1.61 -19.22 -54.87
N MET K 54 0.29 -19.00 -54.76
CA MET K 54 -0.59 -19.01 -55.92
C MET K 54 -0.12 -18.05 -57.01
N GLN K 55 -0.02 -16.75 -56.67
CA GLN K 55 0.38 -15.75 -57.65
C GLN K 55 1.85 -15.90 -58.04
N VAL K 56 2.67 -16.47 -57.14
CA VAL K 56 4.01 -16.87 -57.50
C VAL K 56 3.97 -17.92 -58.61
N TYR K 57 3.06 -18.89 -58.52
CA TYR K 57 2.95 -19.93 -59.55
C TYR K 57 2.45 -19.37 -60.86
N ASP K 58 1.53 -18.39 -60.79
CA ASP K 58 1.08 -17.73 -62.01
C ASP K 58 2.19 -16.86 -62.60
N SER K 59 3.17 -16.48 -61.77
CA SER K 59 4.33 -15.76 -62.28
C SER K 59 5.40 -16.72 -62.83
N ILE K 60 5.49 -17.93 -62.29
CA ILE K 60 6.61 -18.79 -62.67
C ILE K 60 6.20 -19.87 -63.66
N LEU K 61 5.07 -19.75 -64.34
CA LEU K 61 4.77 -20.65 -65.45
C LEU K 61 5.58 -20.19 -66.66
N ARG K 62 6.89 -20.44 -66.59
CA ARG K 62 7.86 -20.00 -67.59
C ARG K 62 8.44 -21.23 -68.27
N GLN K 63 9.05 -22.12 -67.47
CA GLN K 63 9.50 -23.39 -68.01
C GLN K 63 8.45 -24.45 -67.73
N ASP K 64 8.36 -25.43 -68.61
CA ASP K 64 7.51 -26.59 -68.36
C ASP K 64 8.23 -27.53 -67.39
N PRO K 65 7.69 -27.75 -66.18
CA PRO K 65 8.28 -28.73 -65.27
C PRO K 65 8.16 -30.13 -65.83
N PRO K 66 9.29 -30.77 -66.15
CA PRO K 66 9.24 -31.94 -67.04
C PRO K 66 8.78 -33.24 -66.37
N ALA K 67 7.58 -33.23 -65.78
CA ALA K 67 6.88 -34.39 -65.23
C ALA K 67 7.64 -35.11 -64.12
N HIS K 68 8.64 -34.44 -63.54
CA HIS K 68 9.38 -34.92 -62.38
C HIS K 68 9.37 -33.85 -61.30
N VAL K 69 8.84 -32.68 -61.64
CA VAL K 69 8.87 -31.53 -60.76
C VAL K 69 7.46 -31.25 -60.26
N ARG K 70 6.46 -31.44 -61.13
CA ARG K 70 5.09 -31.07 -60.84
C ARG K 70 4.31 -32.21 -60.17
N GLU K 71 4.97 -33.35 -59.91
CA GLU K 71 4.28 -34.55 -59.40
C GLU K 71 3.78 -34.37 -57.97
N THR K 72 4.70 -34.20 -57.02
CA THR K 72 4.37 -34.06 -55.61
C THR K 72 4.52 -32.62 -55.15
N TYR K 73 4.08 -31.68 -55.99
CA TYR K 73 4.29 -30.24 -55.83
C TYR K 73 2.97 -29.47 -55.94
N GLN K 74 1.87 -30.18 -56.16
CA GLN K 74 0.58 -29.50 -56.25
C GLN K 74 0.13 -29.03 -54.87
N GLU K 75 0.57 -29.72 -53.83
CA GLU K 75 0.19 -29.37 -52.48
C GLU K 75 1.36 -29.17 -51.52
N TRP K 76 2.56 -29.60 -51.87
CA TRP K 76 3.72 -29.36 -51.02
C TRP K 76 4.34 -28.01 -51.34
N GLY K 77 5.39 -27.68 -50.61
CA GLY K 77 6.04 -26.40 -50.78
C GLY K 77 5.22 -25.21 -50.35
N SER K 78 4.44 -25.34 -49.29
CA SER K 78 3.62 -24.23 -48.83
C SER K 78 4.48 -23.12 -48.23
N ASP K 79 5.20 -23.42 -47.15
CA ASP K 79 6.06 -22.41 -46.56
C ASP K 79 7.37 -22.28 -47.33
N LEU K 80 7.70 -23.29 -48.13
CA LEU K 80 8.87 -23.26 -49.00
C LEU K 80 8.70 -22.16 -50.04
N LEU K 81 7.55 -22.14 -50.72
CA LEU K 81 7.28 -21.10 -51.71
C LEU K 81 6.86 -19.81 -51.03
N TYR K 82 6.31 -19.93 -49.81
CA TYR K 82 5.85 -18.76 -49.03
C TYR K 82 7.04 -17.85 -48.72
N GLU K 83 8.17 -18.45 -48.31
CA GLU K 83 9.39 -17.67 -47.97
C GLU K 83 9.93 -16.99 -49.23
N LEU K 84 10.28 -17.77 -50.25
CA LEU K 84 10.82 -17.22 -51.52
C LEU K 84 9.87 -16.12 -52.02
N ARG K 85 10.16 -14.86 -51.69
CA ARG K 85 9.32 -13.74 -52.08
C ARG K 85 10.13 -12.60 -52.67
N GLU K 86 11.33 -12.92 -53.17
CA GLU K 86 12.24 -11.91 -53.76
C GLU K 86 13.15 -12.58 -54.80
N LEU K 87 12.59 -12.92 -55.97
CA LEU K 87 13.37 -13.58 -57.04
C LEU K 87 13.14 -12.84 -58.37
N ASP K 88 14.05 -13.03 -59.34
CA ASP K 88 13.92 -12.38 -60.67
C ASP K 88 12.82 -13.09 -61.46
N GLN K 89 13.00 -14.38 -61.75
CA GLN K 89 12.01 -15.20 -62.49
C GLN K 89 12.42 -16.67 -62.37
N GLU K 90 13.63 -17.00 -62.87
CA GLU K 90 14.15 -18.39 -62.79
C GLU K 90 14.53 -18.68 -61.34
N GLN K 91 14.97 -17.64 -60.61
CA GLN K 91 15.36 -17.79 -59.18
C GLN K 91 14.21 -18.46 -58.42
N ARG K 92 13.04 -17.83 -58.38
CA ARG K 92 11.89 -18.40 -57.68
C ARG K 92 11.75 -19.87 -58.03
N SER K 93 11.89 -20.20 -59.31
CA SER K 93 11.68 -21.55 -59.78
C SER K 93 12.96 -22.36 -59.88
N LEU K 94 14.11 -21.73 -60.16
CA LEU K 94 15.37 -22.45 -60.21
C LEU K 94 15.80 -22.89 -58.81
N CYS K 95 15.40 -22.14 -57.79
CA CYS K 95 15.60 -22.58 -56.41
C CYS K 95 14.54 -23.57 -55.98
N ALA K 96 13.33 -23.49 -56.54
CA ALA K 96 12.28 -24.44 -56.18
C ALA K 96 12.59 -25.82 -56.73
N GLN K 97 13.04 -25.87 -57.98
CA GLN K 97 13.39 -27.15 -58.64
C GLN K 97 14.58 -27.77 -57.92
N LEU K 98 15.17 -27.04 -56.97
CA LEU K 98 16.33 -27.53 -56.19
C LEU K 98 15.84 -28.21 -54.92
N ALA K 99 14.51 -28.22 -54.71
CA ALA K 99 13.91 -28.85 -53.51
C ALA K 99 13.63 -30.33 -53.78
N LEU K 100 13.85 -30.77 -55.02
CA LEU K 100 13.61 -32.20 -55.41
C LEU K 100 14.97 -32.87 -55.68
N GLU K 101 16.06 -32.14 -55.46
CA GLU K 101 17.43 -32.70 -55.69
C GLU K 101 18.09 -32.99 -54.34
N ARG K 102 17.97 -32.07 -53.38
CA ARG K 102 18.58 -32.25 -52.04
C ARG K 102 17.48 -32.31 -50.98
N LYS K 103 16.21 -32.17 -51.40
CA LYS K 103 15.05 -32.20 -50.47
C LYS K 103 15.30 -31.25 -49.31
N LEU K 104 15.52 -29.97 -49.61
CA LEU K 104 15.78 -28.95 -48.58
C LEU K 104 14.63 -28.96 -47.60
N ASP K 105 14.92 -28.60 -46.36
CA ASP K 105 13.87 -28.41 -45.36
C ASP K 105 13.15 -27.10 -45.67
N ALA K 106 11.99 -26.89 -45.03
CA ALA K 106 11.05 -25.81 -45.33
C ALA K 106 11.70 -24.44 -45.09
N ASP K 107 12.32 -24.20 -43.93
CA ASP K 107 12.82 -22.85 -43.64
C ASP K 107 14.30 -22.88 -43.27
N GLN K 108 15.14 -22.87 -44.29
CA GLN K 108 16.50 -22.37 -44.19
C GLN K 108 16.88 -21.58 -45.43
N ILE K 109 15.98 -21.47 -46.39
CA ILE K 109 16.31 -20.96 -47.72
C ILE K 109 16.11 -19.46 -47.86
N ARG K 110 15.92 -18.72 -46.77
CA ARG K 110 15.88 -17.27 -46.91
C ARG K 110 17.27 -16.73 -47.19
N GLU K 111 18.31 -17.40 -46.65
CA GLU K 111 19.67 -16.91 -46.81
C GLU K 111 20.20 -17.17 -48.22
N VAL K 112 19.75 -18.25 -48.86
CA VAL K 112 20.10 -18.42 -50.27
C VAL K 112 19.29 -17.43 -51.11
N ALA K 113 18.09 -17.08 -50.66
CA ALA K 113 17.28 -16.09 -51.35
C ALA K 113 17.71 -14.67 -51.05
N LYS K 114 18.40 -14.44 -49.92
CA LYS K 114 18.94 -13.12 -49.60
C LYS K 114 20.28 -12.89 -50.28
N ALA K 115 21.21 -13.84 -50.17
CA ALA K 115 22.51 -13.68 -50.79
C ALA K 115 22.41 -13.82 -52.31
N THR K 116 21.44 -14.60 -52.78
CA THR K 116 21.19 -14.68 -54.22
C THR K 116 20.61 -13.36 -54.74
N LYS K 117 19.79 -12.70 -53.92
CA LYS K 117 19.29 -11.38 -54.29
C LYS K 117 20.42 -10.36 -54.27
N ASP K 118 21.35 -10.51 -53.34
CA ASP K 118 22.56 -9.71 -53.29
C ASP K 118 23.45 -9.95 -54.51
N PHE K 119 23.40 -11.15 -55.07
CA PHE K 119 24.15 -11.44 -56.31
C PHE K 119 23.60 -10.64 -57.48
N CYS K 120 22.32 -10.31 -57.46
CA CYS K 120 21.71 -9.49 -58.49
C CYS K 120 21.74 -8.01 -58.15
N ARG K 121 22.64 -7.59 -57.26
CA ARG K 121 22.71 -6.18 -56.88
C ARG K 121 23.93 -5.50 -57.48
N LEU K 122 25.07 -6.18 -57.45
CA LEU K 122 26.26 -5.73 -58.15
C LEU K 122 25.91 -5.82 -59.64
N PRO K 123 26.27 -4.82 -60.45
CA PRO K 123 25.73 -4.76 -61.82
C PRO K 123 26.20 -5.88 -62.74
N LYS K 124 27.38 -6.41 -62.50
CA LYS K 124 27.96 -7.45 -63.35
C LYS K 124 28.21 -8.70 -62.54
N GLN K 125 27.91 -9.84 -63.15
CA GLN K 125 28.28 -11.12 -62.56
C GLN K 125 29.80 -11.29 -62.61
N PRO K 126 30.38 -11.98 -61.64
CA PRO K 126 31.80 -12.33 -61.74
C PRO K 126 32.04 -13.26 -62.91
N GLU K 127 33.12 -13.01 -63.63
CA GLU K 127 33.46 -13.81 -64.79
C GLU K 127 33.84 -15.22 -64.34
N ASN K 128 33.48 -16.20 -65.18
CA ASN K 128 33.53 -17.63 -64.89
C ASN K 128 32.64 -17.98 -63.69
N PHE K 129 31.52 -17.26 -63.60
CA PHE K 129 30.41 -17.58 -62.71
C PHE K 129 29.10 -17.24 -63.41
N ASP K 130 28.01 -17.86 -62.96
CA ASP K 130 26.68 -17.62 -63.59
C ASP K 130 25.66 -17.21 -62.52
N ARG K 131 24.47 -16.78 -62.95
CA ARG K 131 23.39 -16.36 -62.01
C ARG K 131 22.46 -17.54 -61.75
N HIS K 132 22.61 -18.18 -60.60
CA HIS K 132 21.77 -19.35 -60.22
C HIS K 132 21.90 -19.61 -58.72
N PRO K 133 20.97 -20.36 -58.07
CA PRO K 133 21.05 -20.64 -56.64
C PRO K 133 22.30 -21.47 -56.32
N GLY K 134 22.64 -22.39 -57.22
CA GLY K 134 23.84 -23.25 -57.03
C GLY K 134 25.12 -22.44 -57.08
N ASP K 135 25.21 -21.51 -58.04
CA ASP K 135 26.41 -20.64 -58.18
C ASP K 135 26.45 -19.63 -57.03
N ALA K 136 25.32 -18.98 -56.76
CA ALA K 136 25.23 -17.99 -55.65
C ALA K 136 25.75 -18.65 -54.37
N VAL K 137 25.20 -19.82 -54.04
CA VAL K 137 25.64 -20.58 -52.83
C VAL K 137 27.10 -20.99 -53.07
N ALA K 138 27.45 -21.29 -54.32
CA ALA K 138 28.80 -21.69 -54.68
C ALA K 138 29.75 -20.50 -54.72
N HIS K 139 29.22 -19.28 -54.70
CA HIS K 139 30.01 -18.07 -54.54
C HIS K 139 30.06 -17.62 -53.07
N GLN K 140 29.24 -18.24 -52.23
CA GLN K 140 29.19 -17.89 -50.81
C GLN K 140 30.44 -18.31 -50.04
N CYS K 141 31.25 -19.22 -50.57
CA CYS K 141 32.45 -19.62 -49.83
C CYS K 141 33.58 -18.60 -49.97
N TRP K 142 33.51 -17.72 -50.98
CA TRP K 142 34.40 -16.55 -50.95
C TRP K 142 33.74 -15.39 -50.24
N ARG K 143 32.43 -15.45 -50.08
CA ARG K 143 31.74 -14.47 -49.27
C ARG K 143 32.08 -14.66 -47.80
N LEU K 144 32.11 -15.90 -47.33
CA LEU K 144 32.20 -16.21 -45.91
C LEU K 144 33.42 -17.04 -45.52
N ALA K 145 33.88 -17.95 -46.38
CA ALA K 145 34.83 -18.95 -45.91
C ALA K 145 36.27 -18.63 -46.30
N GLN K 146 36.46 -17.94 -47.43
CA GLN K 146 37.74 -17.29 -47.72
C GLN K 146 38.11 -16.28 -46.64
N GLU K 147 37.11 -15.57 -46.13
CA GLU K 147 37.20 -14.68 -44.99
C GLU K 147 37.70 -15.35 -43.71
N ARG K 148 37.36 -16.63 -43.50
CA ARG K 148 37.69 -17.34 -42.27
C ARG K 148 39.20 -17.59 -42.18
N THR K 149 39.66 -17.96 -40.99
CA THR K 149 41.07 -18.29 -40.79
C THR K 149 41.27 -19.65 -40.12
N ASP K 150 40.31 -20.10 -39.32
CA ASP K 150 40.51 -21.32 -38.56
C ASP K 150 39.84 -22.52 -39.21
N LEU K 151 40.45 -23.70 -39.05
CA LEU K 151 39.92 -24.97 -39.53
C LEU K 151 38.61 -25.36 -38.86
N THR K 152 38.31 -24.81 -37.68
CA THR K 152 37.04 -25.08 -37.00
C THR K 152 35.88 -24.46 -37.77
N GLU K 153 36.00 -23.17 -38.12
CA GLU K 153 34.98 -22.49 -38.88
C GLU K 153 35.15 -22.63 -40.39
N ARG K 154 36.09 -23.46 -40.82
CA ARG K 154 36.27 -23.77 -42.23
C ARG K 154 35.64 -25.11 -42.59
N SER K 155 35.72 -26.09 -41.68
CA SER K 155 35.08 -27.39 -41.86
C SER K 155 33.58 -27.34 -41.61
N ARG K 156 33.05 -26.19 -41.19
CA ARG K 156 31.61 -25.98 -41.28
C ARG K 156 31.20 -25.71 -42.72
N LEU K 157 31.80 -24.69 -43.34
CA LEU K 157 31.57 -24.43 -44.76
C LEU K 157 32.56 -25.21 -45.61
N ILE K 158 32.39 -26.53 -45.66
CA ILE K 158 33.27 -27.39 -46.44
C ILE K 158 32.37 -28.20 -47.38
N ALA K 159 31.08 -28.20 -47.10
CA ALA K 159 30.08 -28.80 -47.98
C ALA K 159 28.88 -27.91 -48.21
N ARG K 160 28.81 -26.80 -47.47
CA ARG K 160 27.66 -25.85 -47.60
C ARG K 160 28.11 -24.66 -48.47
N GLY K 161 29.42 -24.40 -48.50
CA GLY K 161 29.97 -23.29 -49.31
C GLY K 161 30.26 -23.74 -50.73
N LEU K 162 30.12 -25.04 -51.00
CA LEU K 162 30.37 -25.62 -52.34
C LEU K 162 29.16 -26.47 -52.75
N GLN K 163 29.40 -27.74 -53.09
CA GLN K 163 28.32 -28.68 -53.50
C GLN K 163 27.48 -28.03 -54.60
N PHE K 164 28.14 -27.53 -55.65
CA PHE K 164 27.45 -26.88 -56.79
C PHE K 164 27.88 -27.56 -58.10
N ALA K 165 27.02 -28.45 -58.62
CA ALA K 165 27.32 -29.18 -59.88
C ALA K 165 26.60 -28.50 -61.05
N GLN K 166 26.42 -27.18 -60.98
CA GLN K 166 25.74 -26.41 -62.06
C GLN K 166 26.60 -25.21 -62.44
N SER K 167 27.91 -25.27 -62.14
CA SER K 167 28.84 -24.15 -62.47
C SER K 167 30.29 -24.65 -62.40
N ALA K 168 30.81 -25.17 -63.51
CA ALA K 168 32.18 -25.66 -63.58
C ALA K 168 33.16 -24.65 -62.99
N GLY K 169 32.76 -23.38 -62.99
CA GLY K 169 33.60 -22.29 -62.45
C GLY K 169 33.84 -22.44 -60.96
N ALA K 170 32.77 -22.65 -60.19
CA ALA K 170 32.88 -22.81 -58.71
C ALA K 170 33.75 -24.02 -58.39
N ARG K 171 33.59 -25.12 -59.14
CA ARG K 171 34.37 -26.37 -58.92
C ARG K 171 35.84 -26.12 -59.27
N ALA K 172 36.09 -25.26 -60.28
CA ALA K 172 37.48 -24.94 -60.70
C ALA K 172 38.11 -23.94 -59.72
N LEU K 173 37.27 -23.22 -58.96
CA LEU K 173 37.77 -22.22 -57.97
C LEU K 173 37.82 -22.87 -56.58
N ILE K 174 37.17 -24.02 -56.41
CA ILE K 174 37.15 -24.73 -55.10
C ILE K 174 38.21 -25.84 -55.13
N GLU K 175 39.42 -25.52 -55.60
CA GLU K 175 40.53 -26.51 -55.68
C GLU K 175 41.83 -25.87 -55.17
N ALA K 176 41.93 -24.53 -55.27
CA ALA K 176 43.14 -23.80 -54.81
C ALA K 176 43.00 -23.49 -53.31
N LEU K 177 41.79 -23.69 -52.76
CA LEU K 177 41.53 -23.43 -51.32
C LEU K 177 41.16 -24.75 -50.64
N LEU K 178 41.74 -25.85 -51.13
CA LEU K 178 41.47 -27.20 -50.55
C LEU K 178 42.62 -27.59 -49.61
N LEU K 179 43.59 -26.69 -49.43
CA LEU K 179 44.75 -26.95 -48.53
C LEU K 179 44.26 -27.02 -47.09
N GLU L 1 50.02 22.51 30.06
CA GLU L 1 50.75 23.73 29.59
C GLU L 1 49.78 24.92 29.62
N ARG L 2 48.48 24.65 29.53
CA ARG L 2 47.45 25.72 29.55
C ARG L 2 46.62 25.62 30.84
N GLN L 3 46.57 26.71 31.62
CA GLN L 3 45.81 26.74 32.89
C GLN L 3 44.41 27.31 32.64
N GLU L 4 44.28 28.64 32.72
CA GLU L 4 42.98 29.33 32.49
C GLU L 4 43.13 30.27 31.29
N LEU L 5 43.45 29.72 30.11
CA LEU L 5 43.64 30.54 28.89
C LEU L 5 42.39 30.48 28.02
N LEU L 6 41.39 29.69 28.41
CA LEU L 6 40.17 29.60 27.60
C LEU L 6 39.08 30.53 28.12
N GLY L 7 39.28 31.15 29.28
CA GLY L 7 38.27 32.04 29.82
C GLY L 7 38.12 33.30 29.01
N GLN L 8 39.23 33.79 28.44
CA GLN L 8 39.19 34.93 27.55
C GLN L 8 38.45 34.57 26.27
N LEU L 9 38.52 33.29 25.88
CA LEU L 9 37.77 32.76 24.77
C LEU L 9 36.32 32.62 25.19
N ARG L 10 36.11 32.18 26.43
CA ARG L 10 34.79 32.03 27.02
C ARG L 10 34.06 33.35 27.22
N ARG L 11 34.75 34.37 27.72
CA ARG L 11 34.14 35.67 27.97
C ARG L 11 34.05 36.56 26.74
N LYS L 12 34.64 36.12 25.63
CA LYS L 12 34.81 36.91 24.40
C LYS L 12 35.53 38.21 24.69
N GLU L 13 36.74 38.07 25.22
CA GLU L 13 37.63 39.17 25.56
C GLU L 13 38.81 39.13 24.61
N GLY L 14 39.22 40.30 24.11
CA GLY L 14 40.25 40.41 23.12
C GLY L 14 39.66 40.85 21.81
N ARG L 15 40.50 41.40 20.95
CA ARG L 15 39.96 41.98 19.73
C ARG L 15 39.74 40.88 18.71
N TRP L 16 40.83 40.38 18.12
CA TRP L 16 40.73 39.20 17.26
C TRP L 16 41.99 38.36 17.33
N LEU L 17 43.12 39.00 17.65
CA LEU L 17 44.39 38.28 17.68
C LEU L 17 44.53 37.49 18.96
N ALA L 18 43.91 37.97 20.05
CA ALA L 18 43.91 37.24 21.31
C ALA L 18 43.04 35.98 21.22
N TRP L 19 42.21 35.89 20.17
CA TRP L 19 41.52 34.64 19.88
C TRP L 19 42.43 33.68 19.12
N ALA L 20 43.10 34.16 18.07
CA ALA L 20 43.81 33.29 17.14
C ALA L 20 45.12 32.77 17.71
N ARG L 21 45.90 33.65 18.36
CA ARG L 21 47.13 33.25 19.05
C ARG L 21 46.84 32.19 20.09
N ALA L 22 45.73 32.33 20.79
CA ALA L 22 45.26 31.39 21.79
C ALA L 22 44.85 30.05 21.21
N CYS L 23 44.03 30.06 20.15
CA CYS L 23 43.54 28.81 19.58
C CYS L 23 44.66 28.01 18.92
N GLN L 24 45.61 28.70 18.29
CA GLN L 24 46.70 27.99 17.62
C GLN L 24 47.64 27.32 18.60
N THR L 25 48.01 28.04 19.67
CA THR L 25 48.83 27.46 20.73
C THR L 25 48.06 26.37 21.48
N LEU L 26 46.75 26.55 21.64
CA LEU L 26 45.94 25.65 22.43
C LEU L 26 45.68 24.34 21.69
N LEU L 27 45.72 24.36 20.35
CA LEU L 27 45.44 23.21 19.51
C LEU L 27 46.42 22.04 19.72
N LYS L 28 47.57 22.27 20.33
CA LYS L 28 48.56 21.23 20.59
C LYS L 28 48.50 20.81 22.08
N ASN L 29 47.29 20.67 22.62
CA ASN L 29 47.08 20.13 23.96
C ASN L 29 46.79 18.64 23.94
N GLY L 30 45.97 18.22 22.98
CA GLY L 30 45.55 16.82 22.82
C GLY L 30 44.11 16.73 22.36
N LEU L 31 43.32 17.78 22.64
CA LEU L 31 41.89 17.83 22.23
C LEU L 31 41.82 18.03 20.72
N ASN L 32 40.76 17.52 20.08
CA ASN L 32 40.59 17.65 18.61
C ASN L 32 39.73 18.89 18.30
N PRO L 33 39.29 19.10 17.05
CA PRO L 33 38.47 20.25 16.69
C PRO L 33 37.11 20.23 17.41
N GLN L 34 36.55 19.04 17.64
CA GLN L 34 35.24 18.89 18.31
C GLN L 34 35.43 18.74 19.82
N THR L 35 36.10 19.70 20.46
CA THR L 35 36.33 19.67 21.92
C THR L 35 36.56 21.10 22.44
N LEU L 36 37.24 21.93 21.63
CA LEU L 36 37.51 23.34 22.03
C LEU L 36 36.24 24.17 21.80
N PHE L 37 35.37 23.70 20.91
CA PHE L 37 34.09 24.41 20.61
C PHE L 37 32.95 23.73 21.36
N GLU L 38 33.21 22.56 21.94
CA GLU L 38 32.17 21.79 22.68
C GLU L 38 32.05 22.32 24.11
N ALA L 39 32.48 23.56 24.34
CA ALA L 39 32.41 24.17 25.70
C ALA L 39 32.55 25.68 25.60
N THR L 40 33.77 26.16 25.30
CA THR L 40 34.08 27.61 25.19
C THR L 40 33.02 28.31 24.32
N GLY L 41 32.79 27.79 23.11
CA GLY L 41 31.80 28.38 22.19
C GLY L 41 32.45 28.91 20.93
N PHE L 42 32.77 28.02 19.99
CA PHE L 42 33.41 28.42 18.71
C PHE L 42 33.01 27.42 17.61
N GLU L 43 32.21 27.87 16.64
CA GLU L 43 31.76 26.99 15.53
C GLU L 43 32.98 26.55 14.72
N PRO L 44 33.06 25.27 14.28
CA PRO L 44 34.21 24.78 13.51
C PRO L 44 34.49 25.66 12.27
N ILE L 45 33.43 26.03 11.55
CA ILE L 45 33.57 26.87 10.33
C ILE L 45 34.42 28.11 10.64
N GLN L 46 34.07 28.84 11.72
CA GLN L 46 34.82 30.06 12.12
C GLN L 46 36.12 29.64 12.82
N GLN L 47 36.09 28.51 13.54
CA GLN L 47 37.30 28.01 14.26
C GLN L 47 38.48 27.96 13.29
N ASN L 48 38.20 27.69 12.02
CA ASN L 48 39.26 27.61 10.96
C ASN L 48 39.39 28.98 10.30
N GLN L 49 38.31 29.76 10.28
CA GLN L 49 38.30 31.11 9.67
C GLN L 49 39.46 31.94 10.23
N ILE L 50 39.59 31.97 11.56
CA ILE L 50 40.69 32.75 12.23
C ILE L 50 41.85 31.79 12.56
N THR L 51 41.82 30.57 12.01
CA THR L 51 42.89 29.57 12.25
C THR L 51 43.85 29.57 11.06
N VAL L 52 43.82 30.65 10.26
CA VAL L 52 44.72 30.74 9.06
C VAL L 52 45.28 32.18 8.97
N ALA L 53 44.40 33.18 9.00
CA ALA L 53 44.87 34.57 8.90
C ALA L 53 45.81 34.92 10.05
N MET L 54 45.79 34.09 11.10
CA MET L 54 46.95 33.88 11.96
C MET L 54 48.21 33.72 11.12
N GLN L 55 48.21 32.73 10.22
CA GLN L 55 49.43 32.43 9.49
C GLN L 55 49.59 33.36 8.29
N VAL L 56 48.50 33.97 7.83
CA VAL L 56 48.63 35.04 6.83
C VAL L 56 49.29 36.26 7.47
N TYR L 57 49.06 36.49 8.76
CA TYR L 57 49.77 37.57 9.44
C TYR L 57 51.23 37.22 9.67
N ASP L 58 51.52 35.94 9.87
CA ASP L 58 52.91 35.50 9.83
C ASP L 58 53.51 35.68 8.43
N SER L 59 52.68 35.61 7.40
CA SER L 59 53.17 35.74 6.03
C SER L 59 53.38 37.20 5.64
N ILE L 60 52.57 38.12 6.19
CA ILE L 60 52.64 39.50 5.70
C ILE L 60 53.65 40.33 6.47
N LEU L 61 54.53 39.71 7.25
CA LEU L 61 55.64 40.44 7.86
C LEU L 61 56.82 40.39 6.91
N ARG L 62 56.59 40.85 5.69
CA ARG L 62 57.62 41.05 4.68
C ARG L 62 57.85 42.55 4.60
N GLN L 63 56.79 43.30 4.34
CA GLN L 63 56.85 44.75 4.44
C GLN L 63 56.16 45.18 5.73
N ASP L 64 56.64 46.27 6.31
CA ASP L 64 55.95 46.87 7.45
C ASP L 64 54.76 47.67 6.94
N PRO L 65 53.53 47.30 7.34
CA PRO L 65 52.37 48.14 7.02
C PRO L 65 52.46 49.49 7.72
N PRO L 66 52.59 50.57 6.95
CA PRO L 66 53.09 51.83 7.52
C PRO L 66 52.07 52.59 8.36
N ALA L 67 51.53 51.96 9.41
CA ALA L 67 50.67 52.56 10.44
C ALA L 67 49.38 53.19 9.92
N HIS L 68 49.03 52.92 8.66
CA HIS L 68 47.77 53.34 8.05
C HIS L 68 47.03 52.12 7.53
N VAL L 69 47.72 50.97 7.60
CA VAL L 69 47.14 49.67 7.12
C VAL L 69 47.32 48.62 8.22
N ARG L 70 46.94 48.97 9.46
CA ARG L 70 47.04 48.03 10.62
C ARG L 70 46.22 48.59 11.78
N GLU L 71 45.69 49.81 11.63
CA GLU L 71 44.89 50.46 12.69
C GLU L 71 43.59 49.67 12.92
N THR L 72 42.72 49.63 11.91
CA THR L 72 41.44 48.88 12.01
C THR L 72 41.61 47.49 11.38
N TYR L 73 42.85 47.12 11.05
CA TYR L 73 43.15 45.80 10.44
C TYR L 73 43.66 44.84 11.52
N GLN L 74 43.42 45.20 12.79
CA GLN L 74 43.87 44.35 13.94
C GLN L 74 43.01 43.09 14.01
N GLU L 75 41.69 43.24 13.89
CA GLU L 75 40.75 42.08 13.95
C GLU L 75 39.69 42.21 12.87
N TRP L 76 40.10 42.57 11.64
CA TRP L 76 39.14 42.73 10.52
C TRP L 76 39.54 41.79 9.37
N GLY L 77 38.93 41.99 8.19
CA GLY L 77 39.22 41.16 7.00
C GLY L 77 39.17 39.68 7.33
N SER L 78 38.20 39.27 8.16
CA SER L 78 38.06 37.87 8.55
C SER L 78 37.90 36.97 7.33
N ASP L 79 36.79 37.11 6.60
CA ASP L 79 36.60 36.30 5.41
C ASP L 79 37.47 36.80 4.27
N LEU L 80 37.82 38.08 4.30
CA LEU L 80 38.68 38.76 3.34
C LEU L 80 40.05 38.09 3.29
N LEU L 81 40.67 37.91 4.46
CA LEU L 81 41.98 37.26 4.50
C LEU L 81 41.83 35.75 4.55
N TYR L 82 40.65 35.28 4.98
CA TYR L 82 40.40 33.84 5.01
C TYR L 82 40.37 33.24 3.61
N GLU L 83 39.81 33.98 2.65
CA GLU L 83 39.64 33.42 1.32
C GLU L 83 40.95 33.43 0.54
N LEU L 84 41.78 34.45 0.76
CA LEU L 84 43.09 34.46 0.11
C LEU L 84 43.97 33.39 0.72
N ARG L 85 44.17 32.30 -0.02
CA ARG L 85 45.00 31.15 0.45
C ARG L 85 45.77 30.56 -0.74
N GLU L 86 45.84 31.30 -1.84
CA GLU L 86 46.56 30.83 -3.06
C GLU L 86 47.33 32.02 -3.66
N LEU L 87 47.59 33.05 -2.85
CA LEU L 87 48.31 34.27 -3.29
C LEU L 87 49.82 34.03 -3.22
N ASP L 88 50.60 34.96 -3.77
CA ASP L 88 52.09 34.86 -3.76
C ASP L 88 52.65 35.81 -2.71
N GLN L 89 53.46 35.29 -1.79
CA GLN L 89 54.05 36.12 -0.74
C GLN L 89 54.21 37.57 -1.17
N GLU L 90 54.52 37.79 -2.45
CA GLU L 90 54.69 39.12 -3.00
C GLU L 90 53.39 39.86 -3.25
N GLN L 91 52.24 39.26 -2.95
CA GLN L 91 50.97 39.91 -3.18
C GLN L 91 50.00 39.82 -2.02
N ARG L 92 50.30 39.05 -0.97
CA ARG L 92 49.36 38.87 0.13
C ARG L 92 49.15 40.17 0.90
N SER L 93 50.22 40.91 1.14
CA SER L 93 50.07 42.25 1.67
C SER L 93 49.67 43.25 0.60
N LEU L 94 49.92 42.95 -0.68
CA LEU L 94 49.58 43.87 -1.75
C LEU L 94 48.10 43.79 -2.09
N CYS L 95 47.49 42.62 -1.93
CA CYS L 95 46.06 42.48 -2.09
C CYS L 95 45.29 43.03 -0.90
N ALA L 96 45.87 42.92 0.30
CA ALA L 96 45.20 43.41 1.50
C ALA L 96 45.17 44.93 1.53
N GLN L 97 46.26 45.57 1.09
CA GLN L 97 46.29 47.02 1.07
C GLN L 97 45.35 47.57 0.01
N LEU L 98 45.13 46.79 -1.06
CA LEU L 98 44.08 47.14 -2.02
C LEU L 98 42.71 47.03 -1.39
N ALA L 99 42.48 45.98 -0.58
CA ALA L 99 41.20 45.79 0.05
C ALA L 99 40.93 46.82 1.15
N LEU L 100 41.98 47.46 1.67
CA LEU L 100 41.83 48.51 2.67
C LEU L 100 42.00 49.90 2.08
N GLU L 101 42.30 50.01 0.79
CA GLU L 101 42.17 51.30 0.11
C GLU L 101 41.00 51.34 -0.85
N ARG L 102 40.24 50.26 -1.03
CA ARG L 102 39.10 50.24 -1.93
C ARG L 102 37.75 50.26 -1.23
N LYS L 103 37.60 49.54 -0.10
CA LYS L 103 36.43 49.55 0.79
C LYS L 103 35.16 49.10 0.08
N LEU L 104 35.18 47.84 -0.36
CA LEU L 104 33.99 47.23 -0.96
C LEU L 104 33.38 46.24 0.02
N ASP L 105 32.32 45.56 -0.43
CA ASP L 105 31.59 44.59 0.38
C ASP L 105 32.45 43.34 0.58
N ALA L 106 32.56 42.91 1.84
CA ALA L 106 33.65 42.15 2.49
C ALA L 106 34.20 41.03 1.60
N ASP L 107 33.36 40.30 0.86
CA ASP L 107 33.87 39.25 -0.02
C ASP L 107 33.76 39.70 -1.47
N GLN L 108 34.82 40.37 -1.93
CA GLN L 108 34.90 40.80 -3.31
C GLN L 108 36.21 40.44 -3.98
N ILE L 109 37.25 40.10 -3.23
CA ILE L 109 38.56 39.81 -3.81
C ILE L 109 38.77 38.33 -4.06
N ARG L 110 37.72 37.51 -3.95
CA ARG L 110 37.84 36.10 -4.28
C ARG L 110 38.02 35.92 -5.78
N GLU L 111 37.53 36.88 -6.57
CA GLU L 111 37.61 36.76 -8.02
C GLU L 111 38.92 37.33 -8.56
N VAL L 112 39.49 38.33 -7.88
CA VAL L 112 40.77 38.87 -8.34
C VAL L 112 41.90 37.92 -7.98
N ALA L 113 41.69 37.10 -6.94
CA ALA L 113 42.73 36.17 -6.48
C ALA L 113 42.86 34.95 -7.36
N LYS L 114 41.89 34.70 -8.24
CA LYS L 114 41.98 33.60 -9.21
C LYS L 114 42.68 34.06 -10.49
N ALA L 115 42.32 35.24 -11.00
CA ALA L 115 43.00 35.77 -12.18
C ALA L 115 44.42 36.19 -11.84
N THR L 116 44.64 36.62 -10.60
CA THR L 116 46.00 36.89 -10.14
C THR L 116 46.81 35.61 -10.04
N LYS L 117 46.17 34.51 -9.61
CA LYS L 117 46.82 33.22 -9.54
C LYS L 117 47.18 32.73 -10.94
N ASP L 118 46.31 33.01 -11.90
CA ASP L 118 46.62 32.71 -13.30
C ASP L 118 47.69 33.63 -13.86
N PHE L 119 47.83 34.84 -13.31
CA PHE L 119 48.83 35.76 -13.84
C PHE L 119 50.24 35.34 -13.44
N CYS L 120 50.36 34.74 -12.26
CA CYS L 120 51.67 34.27 -11.74
C CYS L 120 51.87 32.79 -12.10
N ARG L 121 51.59 32.42 -13.35
CA ARG L 121 51.74 31.02 -13.82
C ARG L 121 52.34 31.00 -15.23
N LEU L 122 51.83 31.88 -16.11
CA LEU L 122 52.31 31.96 -17.52
C LEU L 122 53.85 32.09 -17.50
N PRO L 123 54.60 31.14 -18.10
CA PRO L 123 56.07 31.21 -18.12
C PRO L 123 56.58 32.56 -18.62
N LYS L 124 56.58 33.57 -17.74
CA LYS L 124 57.04 34.90 -18.10
C LYS L 124 55.88 35.89 -17.98
N GLN L 125 56.19 37.04 -17.38
CA GLN L 125 55.23 38.13 -17.32
C GLN L 125 55.11 38.77 -18.70
N PRO L 126 53.96 39.36 -19.02
CA PRO L 126 53.86 40.15 -20.25
C PRO L 126 54.71 41.40 -20.16
N GLU L 127 55.44 41.68 -21.23
CA GLU L 127 56.27 42.87 -21.30
C GLU L 127 55.39 44.11 -21.32
N ASN L 128 55.91 45.19 -20.73
CA ASN L 128 55.17 46.44 -20.45
C ASN L 128 53.98 46.19 -19.54
N PHE L 129 54.13 45.20 -18.66
CA PHE L 129 53.20 44.91 -17.57
C PHE L 129 53.99 44.43 -16.36
N ASP L 130 53.36 44.50 -15.19
CA ASP L 130 54.03 44.06 -13.93
C ASP L 130 53.12 43.10 -13.16
N ARG L 131 53.68 42.37 -12.20
CA ARG L 131 52.90 41.38 -11.39
C ARG L 131 52.24 42.10 -10.21
N HIS L 132 50.93 42.35 -10.30
CA HIS L 132 50.17 43.03 -9.21
C HIS L 132 48.66 42.81 -9.44
N PRO L 133 47.81 42.97 -8.40
CA PRO L 133 46.36 42.79 -8.56
C PRO L 133 45.80 43.89 -9.46
N GLY L 134 46.35 45.10 -9.36
CA GLY L 134 45.90 46.24 -10.19
C GLY L 134 46.16 45.99 -11.66
N ASP L 135 47.28 45.33 -11.98
CA ASP L 135 47.64 45.02 -13.40
C ASP L 135 46.86 43.77 -13.83
N ALA L 136 46.81 42.75 -12.98
CA ALA L 136 46.10 41.49 -13.30
C ALA L 136 44.66 41.83 -13.72
N VAL L 137 43.96 42.64 -12.91
CA VAL L 137 42.56 43.05 -13.22
C VAL L 137 42.55 43.77 -14.57
N ALA L 138 43.52 44.68 -14.78
CA ALA L 138 43.62 45.44 -16.05
C ALA L 138 43.92 44.48 -17.21
N HIS L 139 44.74 43.46 -16.96
CA HIS L 139 45.11 42.46 -18.00
C HIS L 139 44.04 41.36 -18.08
N GLN L 140 43.12 41.33 -17.12
CA GLN L 140 42.03 40.32 -17.10
C GLN L 140 41.02 40.64 -18.21
N CYS L 141 40.87 41.93 -18.54
CA CYS L 141 39.93 42.38 -19.60
C CYS L 141 40.49 42.04 -20.98
N TRP L 142 41.83 41.92 -21.09
CA TRP L 142 42.48 41.57 -22.39
C TRP L 142 41.95 40.23 -22.90
N ARG L 143 41.81 39.25 -21.99
CA ARG L 143 41.29 37.90 -22.38
C ARG L 143 39.81 37.82 -22.01
N LEU L 144 39.12 38.96 -21.91
CA LEU L 144 37.68 39.00 -21.56
C LEU L 144 37.01 40.16 -22.30
N ALA L 145 37.19 41.39 -21.78
CA ALA L 145 36.59 42.60 -22.39
C ALA L 145 36.93 42.63 -23.89
N GLN L 146 38.21 42.57 -24.22
CA GLN L 146 38.66 42.58 -25.64
C GLN L 146 37.98 41.41 -26.38
N GLU L 147 38.02 40.22 -25.78
CA GLU L 147 37.37 39.02 -26.39
C GLU L 147 35.90 39.36 -26.69
N ARG L 148 35.33 40.28 -25.92
CA ARG L 148 33.94 40.69 -26.11
C ARG L 148 33.78 41.44 -27.44
N THR L 149 32.54 41.54 -27.92
CA THR L 149 32.29 42.23 -29.18
C THR L 149 31.21 43.32 -29.05
N ASP L 150 30.27 43.17 -28.12
CA ASP L 150 29.14 44.08 -28.09
C ASP L 150 29.24 45.10 -26.97
N LEU L 151 28.81 46.33 -27.26
CA LEU L 151 28.77 47.45 -26.31
C LEU L 151 27.93 47.18 -25.07
N THR L 152 27.01 46.23 -25.13
CA THR L 152 26.24 45.82 -23.95
C THR L 152 27.13 45.12 -22.94
N GLU L 153 27.91 44.14 -23.43
CA GLU L 153 28.83 43.37 -22.55
C GLU L 153 30.28 43.70 -22.92
N ARG L 154 30.64 44.99 -22.81
CA ARG L 154 32.02 45.46 -23.13
C ARG L 154 32.20 46.87 -22.57
N SER L 155 31.10 47.50 -22.15
CA SER L 155 31.12 48.88 -21.58
C SER L 155 30.97 48.79 -20.06
N ARG L 156 30.77 47.58 -19.53
CA ARG L 156 30.60 47.37 -18.06
C ARG L 156 31.97 47.31 -17.39
N LEU L 157 33.03 47.13 -18.18
CA LEU L 157 34.42 47.06 -17.65
C LEU L 157 35.09 48.42 -17.85
N ILE L 158 34.34 49.50 -17.69
CA ILE L 158 34.88 50.89 -17.85
C ILE L 158 35.35 51.40 -16.49
N ALA L 159 34.99 50.70 -15.42
CA ALA L 159 35.40 51.08 -14.05
C ALA L 159 36.12 49.91 -13.38
N ARG L 160 35.40 48.79 -13.19
CA ARG L 160 35.98 47.58 -12.55
C ARG L 160 36.89 46.86 -13.56
N GLY L 161 36.64 47.06 -14.86
CA GLY L 161 37.45 46.43 -15.92
C GLY L 161 38.89 46.92 -15.87
N LEU L 162 39.10 48.20 -15.53
CA LEU L 162 40.47 48.77 -15.45
C LEU L 162 40.80 49.08 -13.99
N GLN L 163 40.80 50.37 -13.61
CA GLN L 163 41.10 50.80 -12.23
C GLN L 163 42.44 50.19 -11.76
N PHE L 164 43.48 50.28 -12.60
CA PHE L 164 44.82 49.76 -12.27
C PHE L 164 45.81 50.93 -12.23
N ALA L 165 45.38 52.04 -11.64
CA ALA L 165 46.19 53.28 -11.53
C ALA L 165 47.60 52.96 -11.03
N GLN L 166 47.99 51.67 -11.06
CA GLN L 166 49.33 51.23 -10.59
C GLN L 166 50.10 50.63 -11.77
N SER L 167 49.71 50.98 -12.99
CA SER L 167 50.39 50.47 -14.21
C SER L 167 50.01 51.35 -15.42
N ALA L 168 50.96 52.17 -15.89
CA ALA L 168 50.72 53.06 -17.05
C ALA L 168 50.49 52.22 -18.31
N GLY L 169 51.21 51.10 -18.43
CA GLY L 169 51.08 50.20 -19.60
C GLY L 169 49.62 49.88 -19.90
N ALA L 170 48.87 49.46 -18.88
CA ALA L 170 47.44 49.12 -19.05
C ALA L 170 46.68 50.38 -19.47
N ARG L 171 47.01 51.53 -18.88
CA ARG L 171 46.35 52.82 -19.19
C ARG L 171 46.71 53.23 -20.63
N ALA L 172 47.92 52.91 -21.08
CA ALA L 172 48.37 53.25 -22.45
C ALA L 172 47.77 52.24 -23.45
N LEU L 173 47.37 51.07 -22.95
CA LEU L 173 46.77 50.00 -23.82
C LEU L 173 45.25 50.15 -23.80
N ILE L 174 44.71 50.89 -22.82
CA ILE L 174 43.23 51.10 -22.71
C ILE L 174 42.90 52.47 -23.30
N GLU L 175 43.49 52.80 -24.46
CA GLU L 175 43.24 54.11 -25.13
C GLU L 175 42.57 53.88 -26.48
N ALA L 176 42.93 52.79 -27.18
CA ALA L 176 42.34 52.50 -28.48
C ALA L 176 40.94 51.88 -28.35
N LEU L 177 40.23 52.22 -27.26
CA LEU L 177 38.93 51.60 -27.01
C LEU L 177 37.81 52.63 -27.04
N LEU L 178 38.17 53.92 -27.04
CA LEU L 178 37.22 55.01 -27.23
C LEU L 178 36.62 55.06 -28.63
N LEU L 179 37.09 54.18 -29.54
CA LEU L 179 36.34 53.77 -30.73
C LEU L 179 34.88 53.54 -30.43
N GLU M 1 -47.88 -24.36 -32.26
CA GLU M 1 -48.17 -25.76 -31.89
C GLU M 1 -48.57 -25.81 -30.40
N ARG M 2 -48.21 -24.78 -29.64
CA ARG M 2 -48.53 -24.72 -28.19
C ARG M 2 -49.47 -23.54 -27.92
N GLN M 3 -50.63 -23.80 -27.31
CA GLN M 3 -51.61 -22.73 -27.00
C GLN M 3 -51.42 -22.30 -25.54
N GLU M 4 -52.40 -21.58 -24.98
CA GLU M 4 -52.32 -21.11 -23.57
C GLU M 4 -51.99 -22.29 -22.67
N LEU M 5 -51.05 -23.15 -23.10
CA LEU M 5 -50.66 -24.32 -22.32
C LEU M 5 -49.82 -23.97 -21.10
N LEU M 6 -49.32 -22.73 -21.00
CA LEU M 6 -48.45 -22.36 -19.89
C LEU M 6 -49.23 -21.76 -18.73
N GLY M 7 -50.51 -21.44 -18.94
CA GLY M 7 -51.30 -20.85 -17.86
C GLY M 7 -51.59 -21.85 -16.75
N GLN M 8 -51.72 -23.13 -17.11
CA GLN M 8 -51.84 -24.18 -16.12
C GLN M 8 -50.54 -24.33 -15.34
N LEU M 9 -49.43 -24.01 -16.00
CA LEU M 9 -48.11 -24.01 -15.37
C LEU M 9 -48.01 -22.74 -14.54
N ARG M 10 -48.62 -21.67 -15.01
CA ARG M 10 -48.63 -20.40 -14.30
C ARG M 10 -49.48 -20.43 -13.05
N ARG M 11 -50.68 -21.02 -13.10
CA ARG M 11 -51.56 -21.10 -11.95
C ARG M 11 -51.18 -22.19 -10.97
N LYS M 12 -50.20 -23.04 -11.32
CA LYS M 12 -49.80 -24.24 -10.58
C LYS M 12 -50.99 -25.16 -10.36
N GLU M 13 -51.61 -25.53 -11.48
CA GLU M 13 -52.73 -26.46 -11.50
C GLU M 13 -52.24 -27.77 -12.11
N GLY M 14 -52.61 -28.87 -11.46
CA GLY M 14 -52.12 -30.18 -11.83
C GLY M 14 -51.27 -30.74 -10.73
N ARG M 15 -51.20 -32.06 -10.66
CA ARG M 15 -50.53 -32.66 -9.52
C ARG M 15 -49.03 -32.68 -9.75
N TRP M 16 -48.58 -33.55 -10.66
CA TRP M 16 -47.18 -33.55 -11.05
C TRP M 16 -47.03 -34.00 -12.49
N LEU M 17 -48.06 -34.67 -13.00
CA LEU M 17 -48.02 -35.20 -14.36
C LEU M 17 -48.50 -34.17 -15.36
N ALA M 18 -49.43 -33.30 -14.94
CA ALA M 18 -49.86 -32.19 -15.78
C ALA M 18 -48.77 -31.13 -15.92
N TRP M 19 -47.77 -31.18 -15.03
CA TRP M 19 -46.57 -30.38 -15.23
C TRP M 19 -45.65 -31.03 -16.26
N ALA M 20 -45.41 -32.34 -16.11
CA ALA M 20 -44.37 -33.00 -16.87
C ALA M 20 -44.76 -33.24 -18.32
N ARG M 21 -45.99 -33.74 -18.57
CA ARG M 21 -46.52 -33.92 -19.92
C ARG M 21 -46.48 -32.61 -20.69
N ALA M 22 -46.78 -31.52 -20.01
CA ALA M 22 -46.76 -30.18 -20.57
C ALA M 22 -45.37 -29.69 -20.89
N CYS M 23 -44.43 -29.79 -19.95
CA CYS M 23 -43.09 -29.25 -20.17
C CYS M 23 -42.31 -30.04 -21.21
N GLN M 24 -42.48 -31.37 -21.23
CA GLN M 24 -41.72 -32.19 -22.17
C GLN M 24 -42.19 -31.95 -23.61
N THR M 25 -43.50 -31.85 -23.81
CA THR M 25 -44.03 -31.50 -25.12
C THR M 25 -43.72 -30.05 -25.47
N LEU M 26 -43.68 -29.18 -24.46
CA LEU M 26 -43.51 -27.75 -24.67
C LEU M 26 -42.08 -27.41 -25.07
N LEU M 27 -41.13 -28.26 -24.70
CA LEU M 27 -39.70 -28.04 -24.97
C LEU M 27 -39.37 -28.02 -26.47
N LYS M 28 -40.27 -28.47 -27.34
CA LYS M 28 -40.08 -28.43 -28.79
C LYS M 28 -40.87 -27.27 -29.39
N ASN M 29 -40.86 -26.11 -28.73
CA ASN M 29 -41.42 -24.88 -29.27
C ASN M 29 -40.39 -24.05 -30.02
N GLY M 30 -39.16 -23.99 -29.52
CA GLY M 30 -38.20 -23.05 -30.04
C GLY M 30 -37.71 -22.14 -28.93
N LEU M 31 -37.78 -22.64 -27.70
CA LEU M 31 -37.40 -21.89 -26.50
C LEU M 31 -36.27 -22.64 -25.82
N ASN M 32 -35.46 -21.92 -25.04
CA ASN M 32 -34.26 -22.45 -24.43
C ASN M 32 -34.57 -22.82 -22.97
N PRO M 33 -33.67 -23.51 -22.21
CA PRO M 33 -33.93 -23.71 -20.78
C PRO M 33 -34.09 -22.43 -19.98
N GLN M 34 -33.33 -21.39 -20.33
CA GLN M 34 -33.44 -20.08 -19.71
C GLN M 34 -34.33 -19.24 -20.62
N THR M 35 -35.51 -19.77 -20.92
CA THR M 35 -36.63 -18.99 -21.46
C THR M 35 -37.91 -19.31 -20.68
N LEU M 36 -38.04 -20.58 -20.28
CA LEU M 36 -39.23 -21.04 -19.51
C LEU M 36 -39.17 -20.50 -18.08
N PHE M 37 -37.96 -20.32 -17.54
CA PHE M 37 -37.79 -19.81 -16.14
C PHE M 37 -37.64 -18.29 -16.17
N GLU M 38 -37.75 -17.67 -17.35
CA GLU M 38 -37.61 -16.20 -17.47
C GLU M 38 -39.00 -15.55 -17.52
N ALA M 39 -40.03 -16.28 -17.07
CA ALA M 39 -41.42 -15.75 -17.08
C ALA M 39 -42.31 -16.57 -16.14
N THR M 40 -42.76 -17.75 -16.60
CA THR M 40 -43.64 -18.64 -15.81
C THR M 40 -43.11 -18.81 -14.38
N GLY M 41 -41.93 -19.40 -14.24
CA GLY M 41 -41.32 -19.61 -12.91
C GLY M 41 -41.10 -21.08 -12.60
N PHE M 42 -39.87 -21.56 -12.80
CA PHE M 42 -39.49 -22.97 -12.55
C PHE M 42 -37.97 -23.06 -12.40
N GLU M 43 -37.50 -23.27 -11.17
CA GLU M 43 -36.04 -23.35 -10.90
C GLU M 43 -35.41 -24.39 -11.85
N PRO M 44 -34.35 -24.04 -12.60
CA PRO M 44 -33.70 -24.97 -13.54
C PRO M 44 -33.36 -26.33 -12.90
N ILE M 45 -32.81 -26.31 -11.69
CA ILE M 45 -32.42 -27.56 -10.96
C ILE M 45 -33.61 -28.52 -10.97
N GLN M 46 -34.80 -28.05 -10.55
CA GLN M 46 -36.01 -28.90 -10.50
C GLN M 46 -36.69 -28.92 -11.88
N GLN M 47 -36.37 -27.95 -12.74
CA GLN M 47 -36.97 -27.88 -14.09
C GLN M 47 -36.65 -29.17 -14.86
N ASN M 48 -35.40 -29.62 -14.77
CA ASN M 48 -34.96 -30.86 -15.48
C ASN M 48 -35.41 -32.09 -14.68
N GLN M 49 -35.43 -31.97 -13.34
CA GLN M 49 -35.86 -33.07 -12.45
C GLN M 49 -37.19 -33.65 -12.92
N ILE M 50 -38.19 -32.79 -13.10
CA ILE M 50 -39.55 -33.24 -13.55
C ILE M 50 -39.46 -33.71 -15.01
N THR M 51 -38.24 -33.93 -15.51
CA THR M 51 -38.05 -34.38 -16.88
C THR M 51 -37.86 -35.90 -16.97
N VAL M 52 -37.00 -36.47 -16.12
CA VAL M 52 -36.68 -37.90 -16.17
C VAL M 52 -37.88 -38.76 -15.78
N ALA M 53 -38.89 -38.19 -15.13
CA ALA M 53 -39.97 -38.97 -14.54
C ALA M 53 -40.97 -39.40 -15.60
N MET M 54 -40.85 -38.82 -16.80
CA MET M 54 -41.41 -39.38 -18.02
C MET M 54 -41.24 -40.90 -18.10
N GLN M 55 -40.02 -41.39 -17.87
CA GLN M 55 -39.85 -42.82 -18.07
C GLN M 55 -39.73 -43.58 -16.75
N VAL M 56 -39.67 -42.88 -15.63
CA VAL M 56 -40.13 -43.48 -14.37
C VAL M 56 -41.60 -43.91 -14.52
N TYR M 57 -42.42 -43.05 -15.12
CA TYR M 57 -43.81 -43.43 -15.32
C TYR M 57 -43.98 -44.37 -16.50
N ASP M 58 -43.07 -44.34 -17.48
CA ASP M 58 -43.16 -45.35 -18.54
C ASP M 58 -42.68 -46.71 -18.05
N SER M 59 -41.85 -46.72 -17.00
CA SER M 59 -41.30 -47.97 -16.51
C SER M 59 -42.21 -48.59 -15.44
N ILE M 60 -43.08 -47.78 -14.84
CA ILE M 60 -44.11 -48.44 -14.03
C ILE M 60 -45.27 -48.93 -14.89
N LEU M 61 -45.30 -48.62 -16.19
CA LEU M 61 -46.18 -49.33 -17.11
C LEU M 61 -45.36 -50.41 -17.82
N ARG M 62 -44.65 -51.21 -17.02
CA ARG M 62 -44.05 -52.46 -17.49
C ARG M 62 -44.79 -53.57 -16.77
N GLN M 63 -44.77 -53.54 -15.44
CA GLN M 63 -45.63 -54.41 -14.66
C GLN M 63 -46.87 -53.63 -14.24
N ASP M 64 -47.99 -54.32 -14.05
CA ASP M 64 -49.18 -53.67 -13.56
C ASP M 64 -49.04 -53.44 -12.05
N PRO M 65 -49.03 -52.19 -11.59
CA PRO M 65 -48.94 -51.93 -10.15
C PRO M 65 -50.23 -52.31 -9.45
N PRO M 66 -50.18 -53.21 -8.47
CA PRO M 66 -51.41 -53.81 -7.95
C PRO M 66 -52.23 -52.91 -7.02
N ALA M 67 -52.61 -51.72 -7.50
CA ALA M 67 -53.53 -50.78 -6.86
C ALA M 67 -53.08 -50.30 -5.47
N HIS M 68 -51.81 -50.53 -5.13
CA HIS M 68 -51.22 -50.14 -3.86
C HIS M 68 -49.93 -49.36 -4.10
N VAL M 69 -49.58 -49.20 -5.37
CA VAL M 69 -48.31 -48.58 -5.73
C VAL M 69 -48.56 -47.19 -6.29
N ARG M 70 -49.64 -47.01 -7.06
CA ARG M 70 -49.91 -45.76 -7.75
C ARG M 70 -50.84 -44.83 -6.95
N GLU M 71 -51.15 -45.18 -5.69
CA GLU M 71 -52.11 -44.41 -4.91
C GLU M 71 -51.60 -43.04 -4.50
N THR M 72 -50.56 -43.00 -3.67
CA THR M 72 -49.94 -41.77 -3.21
C THR M 72 -48.61 -41.55 -3.93
N TYR M 73 -48.61 -41.83 -5.23
CA TYR M 73 -47.40 -41.73 -6.09
C TYR M 73 -47.70 -40.87 -7.31
N GLN M 74 -48.72 -40.02 -7.21
CA GLN M 74 -49.13 -39.13 -8.34
C GLN M 74 -48.38 -37.79 -8.25
N GLU M 75 -47.50 -37.65 -7.25
CA GLU M 75 -46.72 -36.39 -7.09
C GLU M 75 -45.53 -36.65 -6.16
N TRP M 76 -45.44 -37.86 -5.61
CA TRP M 76 -44.32 -38.21 -4.69
C TRP M 76 -43.16 -38.82 -5.50
N GLY M 77 -42.10 -39.24 -4.81
CA GLY M 77 -40.92 -39.82 -5.47
C GLY M 77 -40.26 -38.84 -6.42
N SER M 78 -40.22 -37.56 -6.05
CA SER M 78 -39.61 -36.50 -6.90
C SER M 78 -38.10 -36.76 -7.03
N ASP M 79 -37.33 -36.47 -5.99
CA ASP M 79 -35.89 -36.68 -6.01
C ASP M 79 -35.55 -38.17 -5.89
N LEU M 80 -36.42 -38.92 -5.22
CA LEU M 80 -36.31 -40.35 -5.03
C LEU M 80 -36.27 -41.09 -6.36
N LEU M 81 -37.19 -40.75 -7.26
CA LEU M 81 -37.22 -41.38 -8.56
C LEU M 81 -36.37 -40.60 -9.55
N TYR M 82 -36.02 -39.36 -9.19
CA TYR M 82 -35.12 -38.58 -10.04
C TYR M 82 -33.71 -39.15 -10.00
N GLU M 83 -33.28 -39.65 -8.85
CA GLU M 83 -31.88 -40.01 -8.70
C GLU M 83 -31.59 -41.37 -9.31
N LEU M 84 -32.57 -42.28 -9.27
CA LEU M 84 -32.36 -43.57 -9.92
C LEU M 84 -32.34 -43.39 -11.43
N ARG M 85 -31.14 -43.45 -12.00
CA ARG M 85 -30.90 -43.18 -13.42
C ARG M 85 -29.86 -44.14 -14.00
N GLU M 86 -29.78 -45.37 -13.51
CA GLU M 86 -28.73 -46.27 -13.97
C GLU M 86 -29.22 -47.67 -14.32
N LEU M 87 -30.49 -47.97 -14.08
CA LEU M 87 -30.93 -49.36 -13.97
C LEU M 87 -31.79 -49.76 -15.16
N ASP M 88 -32.06 -51.05 -15.28
CA ASP M 88 -32.36 -51.62 -16.60
C ASP M 88 -33.80 -51.38 -17.04
N GLN M 89 -34.73 -52.20 -16.53
CA GLN M 89 -36.16 -51.88 -16.51
C GLN M 89 -36.78 -52.36 -15.21
N GLU M 90 -36.04 -53.19 -14.47
CA GLU M 90 -36.54 -53.83 -13.28
C GLU M 90 -36.18 -52.99 -12.08
N GLN M 91 -34.87 -52.77 -11.92
CA GLN M 91 -34.34 -52.15 -10.71
C GLN M 91 -34.67 -50.65 -10.64
N ARG M 92 -35.24 -50.08 -11.70
CA ARG M 92 -35.87 -48.76 -11.59
C ARG M 92 -37.23 -48.88 -10.92
N SER M 93 -38.05 -49.81 -11.40
CA SER M 93 -39.39 -49.95 -10.89
C SER M 93 -39.47 -50.89 -9.69
N LEU M 94 -38.55 -51.85 -9.57
CA LEU M 94 -38.53 -52.70 -8.37
C LEU M 94 -37.99 -51.93 -7.17
N CYS M 95 -37.23 -50.88 -7.42
CA CYS M 95 -36.81 -50.01 -6.33
C CYS M 95 -37.90 -49.04 -5.91
N ALA M 96 -38.77 -48.65 -6.84
CA ALA M 96 -39.86 -47.74 -6.52
C ALA M 96 -40.87 -48.40 -5.60
N GLN M 97 -41.21 -49.66 -5.88
CA GLN M 97 -42.11 -50.40 -5.01
C GLN M 97 -41.43 -50.72 -3.68
N LEU M 98 -40.10 -50.86 -3.70
CA LEU M 98 -39.35 -50.98 -2.46
C LEU M 98 -39.41 -49.70 -1.65
N ALA M 99 -39.29 -48.56 -2.33
CA ALA M 99 -39.29 -47.28 -1.63
C ALA M 99 -40.69 -46.91 -1.14
N LEU M 100 -41.73 -47.49 -1.74
CA LEU M 100 -43.09 -47.26 -1.29
C LEU M 100 -43.61 -48.38 -0.38
N GLU M 101 -42.80 -49.41 -0.17
CA GLU M 101 -43.08 -50.35 0.92
C GLU M 101 -42.14 -50.18 2.11
N ARG M 102 -41.11 -49.33 2.03
CA ARG M 102 -40.16 -49.15 3.10
C ARG M 102 -40.20 -47.76 3.75
N LYS M 103 -40.52 -46.71 2.99
CA LYS M 103 -40.70 -45.32 3.47
C LYS M 103 -39.42 -44.76 4.11
N LEU M 104 -38.40 -44.62 3.28
CA LEU M 104 -37.12 -44.05 3.71
C LEU M 104 -37.06 -42.59 3.31
N ASP M 105 -36.11 -41.85 3.91
CA ASP M 105 -35.95 -40.40 3.60
C ASP M 105 -36.08 -40.18 2.10
N ALA M 106 -35.89 -38.93 1.64
CA ALA M 106 -36.00 -38.60 0.20
C ALA M 106 -34.89 -39.30 -0.58
N ASP M 107 -33.65 -38.82 -0.46
CA ASP M 107 -32.49 -39.42 -1.18
C ASP M 107 -31.65 -40.24 -0.20
N GLN M 108 -31.63 -41.56 -0.38
CA GLN M 108 -30.84 -42.47 0.51
C GLN M 108 -30.48 -43.74 -0.29
N ILE M 109 -31.25 -44.04 -1.33
CA ILE M 109 -30.99 -45.25 -2.18
C ILE M 109 -30.28 -44.82 -3.46
N ARG M 110 -29.53 -43.70 -3.39
CA ARG M 110 -28.80 -43.18 -4.57
C ARG M 110 -27.48 -43.96 -4.73
N GLU M 111 -27.04 -44.63 -3.66
CA GLU M 111 -25.78 -45.42 -3.70
C GLU M 111 -26.12 -46.92 -3.73
N VAL M 112 -27.36 -47.27 -3.36
CA VAL M 112 -27.81 -48.69 -3.34
C VAL M 112 -28.10 -49.13 -4.79
N ALA M 113 -28.42 -48.17 -5.66
CA ALA M 113 -28.69 -48.46 -7.08
C ALA M 113 -27.39 -48.95 -7.74
N LYS M 114 -26.33 -48.16 -7.62
CA LYS M 114 -25.01 -48.53 -8.19
C LYS M 114 -24.52 -49.81 -7.52
N ALA M 115 -24.70 -49.91 -6.21
CA ALA M 115 -24.29 -51.12 -5.44
C ALA M 115 -24.89 -52.36 -6.12
N THR M 116 -26.21 -52.33 -6.36
CA THR M 116 -26.90 -53.47 -7.01
C THR M 116 -26.47 -53.52 -8.49
N LYS M 117 -26.20 -52.35 -9.09
CA LYS M 117 -25.77 -52.27 -10.51
C LYS M 117 -24.40 -52.94 -10.66
N ASP M 118 -23.54 -52.80 -9.65
CA ASP M 118 -22.17 -53.40 -9.66
C ASP M 118 -22.29 -54.92 -9.62
N PHE M 119 -23.30 -55.44 -8.90
CA PHE M 119 -23.53 -56.90 -8.79
C PHE M 119 -23.99 -57.45 -10.15
N CYS M 120 -24.75 -56.63 -10.90
CA CYS M 120 -25.26 -57.02 -12.24
C CYS M 120 -24.17 -56.79 -13.30
N ARG M 121 -23.13 -56.02 -12.94
CA ARG M 121 -22.03 -55.73 -13.90
C ARG M 121 -21.33 -57.04 -14.27
N LEU M 122 -20.80 -57.75 -13.27
CA LEU M 122 -20.10 -59.01 -13.51
C LEU M 122 -20.93 -59.82 -14.50
N PRO M 123 -20.31 -60.58 -15.41
CA PRO M 123 -21.10 -61.27 -16.45
C PRO M 123 -22.06 -62.34 -15.92
N LYS M 124 -21.79 -62.87 -14.73
CA LYS M 124 -22.63 -63.88 -14.12
C LYS M 124 -23.12 -63.40 -12.76
N GLN M 125 -24.39 -63.70 -12.47
CA GLN M 125 -24.93 -63.45 -11.14
C GLN M 125 -24.31 -64.44 -10.15
N PRO M 126 -24.22 -64.06 -8.88
CA PRO M 126 -23.82 -65.03 -7.86
C PRO M 126 -24.87 -66.11 -7.69
N GLU M 127 -24.43 -67.36 -7.73
CA GLU M 127 -25.31 -68.49 -7.55
C GLU M 127 -25.84 -68.48 -6.11
N ASN M 128 -27.07 -68.98 -5.96
CA ASN M 128 -27.87 -68.94 -4.71
C ASN M 128 -28.13 -67.50 -4.29
N PHE M 129 -28.18 -66.61 -5.28
CA PHE M 129 -28.60 -65.22 -5.12
C PHE M 129 -29.32 -64.78 -6.39
N ASP M 130 -30.09 -63.70 -6.32
CA ASP M 130 -30.95 -63.33 -7.44
C ASP M 130 -30.73 -61.86 -7.79
N ARG M 131 -31.20 -61.49 -8.97
CA ARG M 131 -31.08 -60.13 -9.50
C ARG M 131 -32.24 -59.31 -8.97
N HIS M 132 -31.97 -58.51 -7.93
CA HIS M 132 -33.01 -57.64 -7.31
C HIS M 132 -32.34 -56.65 -6.35
N PRO M 133 -32.96 -55.49 -6.05
CA PRO M 133 -32.36 -54.51 -5.13
C PRO M 133 -32.21 -55.12 -3.73
N GLY M 134 -33.20 -55.89 -3.29
CA GLY M 134 -33.17 -56.55 -1.97
C GLY M 134 -32.03 -57.55 -1.89
N ASP M 135 -31.79 -58.28 -2.98
CA ASP M 135 -30.70 -59.29 -3.04
C ASP M 135 -29.35 -58.57 -2.97
N ALA M 136 -29.16 -57.55 -3.82
CA ALA M 136 -27.90 -56.78 -3.85
C ALA M 136 -27.63 -56.19 -2.45
N VAL M 137 -28.66 -55.59 -1.85
CA VAL M 137 -28.52 -55.00 -0.48
C VAL M 137 -28.13 -56.11 0.50
N ALA M 138 -28.78 -57.28 0.38
CA ALA M 138 -28.50 -58.42 1.27
C ALA M 138 -27.12 -59.00 0.95
N HIS M 139 -26.70 -58.91 -0.32
CA HIS M 139 -25.38 -59.43 -0.74
C HIS M 139 -24.33 -58.32 -0.68
N GLN M 140 -24.73 -57.13 -0.20
CA GLN M 140 -23.79 -55.98 -0.08
C GLN M 140 -22.91 -56.19 1.16
N CYS M 141 -23.40 -56.97 2.13
CA CYS M 141 -22.65 -57.24 3.38
C CYS M 141 -21.55 -58.28 3.12
N TRP M 142 -21.69 -59.06 2.03
CA TRP M 142 -20.67 -60.10 1.69
C TRP M 142 -19.33 -59.42 1.39
N ARG M 143 -19.36 -58.27 0.72
CA ARG M 143 -18.13 -57.49 0.40
C ARG M 143 -18.02 -56.33 1.39
N LEU M 144 -18.61 -56.48 2.58
CA LEU M 144 -18.57 -55.42 3.62
C LEU M 144 -18.56 -56.07 5.02
N ALA M 145 -19.73 -56.52 5.49
CA ALA M 145 -19.86 -57.17 6.82
C ALA M 145 -18.79 -58.26 6.96
N GLN M 146 -18.72 -59.18 6.00
CA GLN M 146 -17.70 -60.27 6.03
C GLN M 146 -16.32 -59.63 6.21
N GLU M 147 -16.10 -58.48 5.55
CA GLU M 147 -14.85 -57.74 5.66
C GLU M 147 -14.57 -57.24 7.07
N ARG M 148 -15.60 -56.98 7.87
CA ARG M 148 -15.43 -56.34 9.17
C ARG M 148 -14.82 -57.30 10.19
N THR M 149 -14.40 -56.76 11.33
CA THR M 149 -13.80 -57.56 12.40
C THR M 149 -14.47 -57.34 13.75
N ASP M 150 -15.10 -56.17 13.95
CA ASP M 150 -15.65 -55.86 15.26
C ASP M 150 -17.12 -56.27 15.36
N LEU M 151 -17.44 -57.06 16.38
CA LEU M 151 -18.75 -57.65 16.56
C LEU M 151 -19.83 -56.64 16.93
N THR M 152 -19.45 -55.48 17.46
CA THR M 152 -20.43 -54.53 17.98
C THR M 152 -21.20 -53.85 16.85
N GLU M 153 -20.52 -53.54 15.75
CA GLU M 153 -21.14 -52.87 14.62
C GLU M 153 -21.86 -53.81 13.67
N ARG M 154 -22.25 -54.99 14.14
CA ARG M 154 -23.08 -55.92 13.40
C ARG M 154 -24.42 -56.18 14.08
N SER M 155 -24.46 -56.08 15.42
CA SER M 155 -25.65 -56.39 16.20
C SER M 155 -26.76 -55.35 16.04
N ARG M 156 -26.42 -54.10 15.73
CA ARG M 156 -27.47 -53.16 15.35
C ARG M 156 -27.89 -53.38 13.90
N LEU M 157 -26.96 -53.81 13.04
CA LEU M 157 -27.27 -54.09 11.65
C LEU M 157 -28.03 -55.42 11.49
N ILE M 158 -29.22 -55.48 12.08
CA ILE M 158 -30.14 -56.62 11.95
C ILE M 158 -31.20 -56.15 10.96
N ALA M 159 -31.14 -54.87 10.62
CA ALA M 159 -31.88 -54.34 9.49
C ALA M 159 -31.00 -54.14 8.26
N ARG M 160 -29.81 -54.74 8.24
CA ARG M 160 -28.96 -54.63 7.07
C ARG M 160 -28.84 -55.95 6.30
N GLY M 161 -28.60 -57.06 6.99
CA GLY M 161 -28.51 -58.34 6.33
C GLY M 161 -29.88 -58.96 6.16
N LEU M 162 -30.76 -58.70 7.12
CA LEU M 162 -32.15 -59.13 7.07
C LEU M 162 -33.00 -58.08 6.36
N GLN M 163 -34.32 -58.17 6.58
CA GLN M 163 -35.42 -57.35 6.05
C GLN M 163 -35.46 -57.33 4.53
N PHE M 164 -34.81 -58.30 3.89
CA PHE M 164 -35.09 -58.59 2.48
C PHE M 164 -35.68 -59.98 2.38
N ALA M 165 -37.01 -60.07 2.45
CA ALA M 165 -37.70 -61.35 2.47
C ALA M 165 -38.19 -61.70 1.08
N GLN M 166 -37.26 -61.69 0.12
CA GLN M 166 -37.55 -62.09 -1.26
C GLN M 166 -36.48 -63.03 -1.81
N SER M 167 -35.66 -63.61 -0.94
CA SER M 167 -34.63 -64.55 -1.37
C SER M 167 -34.30 -65.47 -0.21
N ALA M 168 -34.29 -66.78 -0.47
CA ALA M 168 -33.99 -67.75 0.58
C ALA M 168 -32.49 -67.83 0.83
N GLY M 169 -31.68 -67.37 -0.12
CA GLY M 169 -30.24 -67.49 -0.05
C GLY M 169 -29.59 -66.68 1.07
N ALA M 170 -29.91 -65.40 1.16
CA ALA M 170 -29.35 -64.56 2.22
C ALA M 170 -29.96 -64.91 3.56
N ARG M 171 -31.17 -65.45 3.55
CA ARG M 171 -31.82 -65.86 4.80
C ARG M 171 -31.26 -67.18 5.29
N ALA M 172 -30.65 -67.95 4.38
CA ALA M 172 -29.99 -69.19 4.79
C ALA M 172 -28.54 -68.95 5.16
N LEU M 173 -27.90 -68.00 4.49
CA LEU M 173 -26.51 -67.68 4.74
C LEU M 173 -26.34 -66.52 5.71
N ILE M 174 -27.45 -66.02 6.28
CA ILE M 174 -27.36 -65.06 7.38
C ILE M 174 -27.09 -65.78 8.69
N GLU M 175 -27.27 -67.11 8.70
CA GLU M 175 -27.11 -67.97 9.87
C GLU M 175 -25.70 -67.98 10.43
N ALA M 176 -24.68 -67.90 9.57
CA ALA M 176 -23.30 -68.02 10.02
C ALA M 176 -22.70 -66.66 10.36
N LEU M 177 -23.55 -65.63 10.49
CA LEU M 177 -23.07 -64.35 10.99
C LEU M 177 -23.50 -64.14 12.44
N LEU M 178 -24.58 -64.81 12.86
CA LEU M 178 -24.98 -64.82 14.25
C LEU M 178 -24.03 -65.63 15.12
N LEU M 179 -23.20 -66.48 14.51
CA LEU M 179 -21.95 -66.95 15.09
C LEU M 179 -21.18 -65.79 15.70
N ASP M 180 -21.00 -64.72 14.92
CA ASP M 180 -20.36 -63.48 15.38
C ASP M 180 -21.14 -62.84 16.53
N GLU N 1 55.15 -14.99 25.59
CA GLU N 1 56.29 -15.67 24.92
C GLU N 1 56.87 -14.74 23.85
N ARG N 2 56.01 -14.04 23.11
CA ARG N 2 56.45 -13.11 22.04
C ARG N 2 56.58 -11.70 22.63
N GLN N 3 57.78 -11.11 22.51
CA GLN N 3 58.04 -9.74 23.04
C GLN N 3 57.63 -8.71 21.97
N GLU N 4 58.11 -8.91 20.74
CA GLU N 4 57.81 -7.99 19.60
C GLU N 4 58.22 -8.68 18.30
N LEU N 5 57.42 -9.65 17.85
CA LEU N 5 57.73 -10.40 16.60
C LEU N 5 56.70 -10.05 15.52
N LEU N 6 55.45 -9.79 15.90
CA LEU N 6 54.42 -9.47 14.93
C LEU N 6 54.79 -8.25 14.10
N GLY N 7 55.88 -7.57 14.45
CA GLY N 7 56.27 -6.38 13.69
C GLY N 7 56.77 -6.71 12.31
N GLN N 8 57.43 -7.88 12.17
CA GLN N 8 57.86 -8.37 10.87
C GLN N 8 56.66 -8.68 9.99
N LEU N 9 55.55 -9.05 10.63
CA LEU N 9 54.30 -9.35 9.97
C LEU N 9 53.68 -8.06 9.49
N ARG N 10 53.76 -7.02 10.33
CA ARG N 10 53.36 -5.67 9.97
C ARG N 10 54.16 -5.10 8.83
N ARG N 11 55.46 -5.35 8.77
CA ARG N 11 56.32 -4.82 7.73
C ARG N 11 56.24 -5.62 6.44
N LYS N 12 55.64 -6.80 6.45
CA LYS N 12 55.60 -7.75 5.33
C LYS N 12 57.02 -8.07 4.86
N GLU N 13 57.87 -8.36 5.84
CA GLU N 13 59.24 -8.80 5.60
C GLU N 13 59.27 -10.30 5.78
N GLY N 14 59.95 -10.99 4.88
CA GLY N 14 60.01 -12.43 4.90
C GLY N 14 59.36 -13.00 3.67
N ARG N 15 59.79 -14.19 3.29
CA ARG N 15 59.32 -14.76 2.04
C ARG N 15 57.98 -15.45 2.23
N TRP N 16 57.97 -16.57 2.93
CA TRP N 16 56.73 -17.29 3.23
C TRP N 16 56.76 -17.89 4.62
N LEU N 17 57.96 -18.21 5.10
CA LEU N 17 58.10 -19.05 6.27
C LEU N 17 58.18 -18.21 7.54
N ALA N 18 58.74 -17.01 7.45
CA ALA N 18 58.73 -16.09 8.58
C ALA N 18 57.31 -15.60 8.88
N TRP N 19 56.39 -15.77 7.94
CA TRP N 19 54.97 -15.56 8.21
C TRP N 19 54.37 -16.76 8.94
N ALA N 20 54.62 -17.97 8.44
CA ALA N 20 53.88 -19.14 8.90
C ALA N 20 54.35 -19.64 10.26
N ARG N 21 55.68 -19.70 10.45
CA ARG N 21 56.27 -20.05 11.75
C ARG N 21 55.75 -19.12 12.85
N ALA N 22 55.62 -17.85 12.51
CA ALA N 22 55.08 -16.83 13.39
C ALA N 22 53.61 -17.03 13.71
N CYS N 23 52.78 -17.20 12.68
CA CYS N 23 51.34 -17.29 12.90
C CYS N 23 50.94 -18.56 13.65
N GLN N 24 51.64 -19.67 13.39
CA GLN N 24 51.29 -20.93 14.08
C GLN N 24 51.62 -20.86 15.57
N THR N 25 52.83 -20.42 15.91
CA THR N 25 53.24 -20.27 17.30
C THR N 25 52.40 -19.19 18.00
N LEU N 26 52.03 -18.15 17.26
CA LEU N 26 51.27 -17.04 17.82
C LEU N 26 49.82 -17.43 18.04
N LEU N 27 49.34 -18.46 17.33
CA LEU N 27 47.99 -18.96 17.52
C LEU N 27 47.75 -19.56 18.91
N LYS N 28 48.80 -19.96 19.62
CA LYS N 28 48.69 -20.48 20.98
C LYS N 28 49.15 -19.42 21.99
N ASN N 29 48.74 -18.18 21.78
CA ASN N 29 48.94 -17.12 22.76
C ASN N 29 47.69 -16.86 23.59
N GLY N 30 46.52 -16.96 23.00
CA GLY N 30 45.31 -16.62 23.72
C GLY N 30 44.48 -15.59 22.98
N LEU N 31 44.68 -15.48 21.67
CA LEU N 31 43.94 -14.57 20.81
C LEU N 31 43.29 -15.40 19.70
N ASN N 32 42.22 -14.87 19.12
CA ASN N 32 41.33 -15.63 18.25
C ASN N 32 41.68 -15.37 16.78
N PRO N 33 41.10 -16.09 15.78
CA PRO N 33 41.36 -15.73 14.37
C PRO N 33 40.97 -14.30 14.02
N GLN N 34 39.90 -13.78 14.63
CA GLN N 34 39.46 -12.41 14.42
C GLN N 34 40.04 -11.59 15.58
N THR N 35 41.35 -11.72 15.78
CA THR N 35 42.13 -10.79 16.58
C THR N 35 43.37 -10.35 15.81
N LEU N 36 43.94 -11.29 15.04
CA LEU N 36 45.21 -11.06 14.37
C LEU N 36 45.07 -10.09 13.20
N PHE N 37 43.99 -10.19 12.43
CA PHE N 37 43.76 -9.25 11.33
C PHE N 37 43.40 -7.88 11.88
N GLU N 38 42.80 -7.85 13.07
CA GLU N 38 42.16 -6.66 13.61
C GLU N 38 43.16 -5.54 13.89
N ALA N 39 44.42 -5.88 14.11
CA ALA N 39 45.42 -4.82 14.26
C ALA N 39 46.46 -4.84 13.14
N THR N 40 47.18 -5.95 13.00
CA THR N 40 48.30 -6.00 12.06
C THR N 40 47.78 -6.20 10.65
N GLY N 41 47.09 -7.31 10.44
CA GLY N 41 46.36 -7.52 9.20
C GLY N 41 46.92 -8.61 8.32
N PHE N 42 46.30 -9.78 8.42
CA PHE N 42 46.45 -10.85 7.45
C PHE N 42 45.08 -11.43 7.22
N GLU N 43 44.70 -11.47 5.97
CA GLU N 43 43.31 -11.46 5.56
C GLU N 43 42.66 -12.80 5.90
N PRO N 44 41.50 -12.78 6.59
CA PRO N 44 41.03 -13.99 7.31
C PRO N 44 40.66 -15.18 6.43
N ILE N 45 40.57 -14.97 5.11
CA ILE N 45 40.49 -16.10 4.19
C ILE N 45 41.83 -16.79 4.03
N GLN N 46 42.92 -16.06 3.81
CA GLN N 46 44.20 -16.72 3.57
C GLN N 46 45.12 -16.76 4.77
N GLN N 47 44.67 -16.39 5.96
CA GLN N 47 45.47 -16.69 7.14
C GLN N 47 45.37 -18.17 7.51
N ASN N 48 44.33 -18.85 7.02
CA ASN N 48 44.27 -20.30 7.13
C ASN N 48 45.01 -20.97 5.97
N GLN N 49 45.27 -20.22 4.89
CA GLN N 49 45.92 -20.79 3.72
C GLN N 49 47.39 -21.08 4.00
N ILE N 50 48.08 -20.13 4.63
CA ILE N 50 49.47 -20.34 5.01
C ILE N 50 49.59 -21.17 6.28
N THR N 51 48.49 -21.43 6.97
CA THR N 51 48.52 -22.26 8.17
C THR N 51 48.73 -23.73 7.82
N VAL N 52 48.02 -24.24 6.80
CA VAL N 52 47.99 -25.68 6.56
C VAL N 52 49.09 -26.15 5.62
N ALA N 53 49.47 -25.35 4.62
CA ALA N 53 50.55 -25.77 3.72
C ALA N 53 51.89 -25.80 4.46
N MET N 54 52.00 -25.02 5.54
CA MET N 54 53.08 -25.18 6.50
C MET N 54 53.16 -26.62 7.04
N GLN N 55 52.06 -27.10 7.60
CA GLN N 55 52.05 -28.43 8.20
C GLN N 55 52.12 -29.52 7.13
N VAL N 56 51.65 -29.24 5.92
CA VAL N 56 51.85 -30.15 4.79
C VAL N 56 53.33 -30.23 4.44
N TYR N 57 54.05 -29.10 4.53
CA TYR N 57 55.50 -29.13 4.26
C TYR N 57 56.25 -29.89 5.35
N ASP N 58 55.79 -29.77 6.59
CA ASP N 58 56.40 -30.55 7.67
C ASP N 58 56.05 -32.03 7.51
N SER N 59 54.96 -32.32 6.80
CA SER N 59 54.60 -33.71 6.54
C SER N 59 55.33 -34.27 5.32
N ILE N 60 55.75 -33.40 4.39
CA ILE N 60 56.38 -33.94 3.18
C ILE N 60 57.90 -33.87 3.24
N LEU N 61 58.49 -33.64 4.40
CA LEU N 61 59.94 -33.78 4.52
C LEU N 61 60.25 -35.24 4.76
N ARG N 62 60.01 -36.05 3.73
CA ARG N 62 60.19 -37.49 3.74
C ARG N 62 61.34 -37.80 2.79
N GLN N 63 61.18 -37.41 1.52
CA GLN N 63 62.29 -37.40 0.60
C GLN N 63 62.96 -36.04 0.65
N ASP N 64 64.25 -36.00 0.36
CA ASP N 64 64.95 -34.74 0.17
C ASP N 64 64.67 -34.22 -1.23
N PRO N 65 64.00 -33.08 -1.37
CA PRO N 65 63.90 -32.44 -2.69
C PRO N 65 65.27 -31.96 -3.16
N PRO N 66 65.79 -32.55 -4.23
CA PRO N 66 67.24 -32.47 -4.48
C PRO N 66 67.74 -31.14 -5.03
N ALA N 67 67.45 -30.03 -4.33
CA ALA N 67 67.93 -28.68 -4.62
C ALA N 67 67.57 -28.17 -6.01
N HIS N 68 66.54 -28.77 -6.61
CA HIS N 68 65.95 -28.32 -7.88
C HIS N 68 64.44 -28.22 -7.72
N VAL N 69 63.94 -28.72 -6.60
CA VAL N 69 62.51 -28.76 -6.34
C VAL N 69 62.17 -27.67 -5.33
N ARG N 70 63.05 -27.46 -4.35
CA ARG N 70 62.79 -26.54 -3.25
C ARG N 70 63.29 -25.11 -3.55
N GLU N 71 63.74 -24.86 -4.79
CA GLU N 71 64.34 -23.57 -5.14
C GLU N 71 63.31 -22.44 -5.16
N THR N 72 62.35 -22.50 -6.07
CA THR N 72 61.32 -21.48 -6.21
C THR N 72 59.99 -22.00 -5.66
N TYR N 73 60.04 -22.69 -4.52
CA TYR N 73 58.91 -23.42 -3.94
C TYR N 73 58.75 -23.12 -2.45
N GLN N 74 59.59 -22.24 -1.91
CA GLN N 74 59.43 -21.82 -0.52
C GLN N 74 58.19 -20.96 -0.37
N GLU N 75 57.91 -20.14 -1.39
CA GLU N 75 56.79 -19.22 -1.34
C GLU N 75 55.74 -19.44 -2.42
N TRP N 76 56.07 -20.11 -3.53
CA TRP N 76 55.06 -20.38 -4.54
C TRP N 76 54.24 -21.60 -4.16
N GLY N 77 53.18 -21.84 -4.91
CA GLY N 77 52.28 -22.92 -4.60
C GLY N 77 51.45 -22.71 -3.36
N SER N 78 50.92 -21.51 -3.15
CA SER N 78 50.10 -21.24 -1.99
C SER N 78 48.77 -21.97 -2.07
N ASP N 79 47.96 -21.66 -3.08
CA ASP N 79 46.68 -22.34 -3.21
C ASP N 79 46.85 -23.72 -3.83
N LEU N 80 47.97 -23.96 -4.50
CA LEU N 80 48.32 -25.27 -5.04
C LEU N 80 48.45 -26.28 -3.90
N LEU N 81 49.17 -25.90 -2.85
CA LEU N 81 49.35 -26.79 -1.71
C LEU N 81 48.17 -26.69 -0.76
N TYR N 82 47.49 -25.53 -0.76
CA TYR N 82 46.30 -25.36 0.05
C TYR N 82 45.17 -26.27 -0.44
N GLU N 83 45.12 -26.53 -1.74
CA GLU N 83 44.03 -27.34 -2.28
C GLU N 83 44.26 -28.82 -2.00
N LEU N 84 45.50 -29.29 -2.14
CA LEU N 84 45.79 -30.68 -1.82
C LEU N 84 45.77 -30.87 -0.31
N ARG N 85 44.77 -31.62 0.18
CA ARG N 85 44.55 -31.83 1.61
C ARG N 85 44.11 -33.26 1.91
N GLU N 86 44.41 -34.21 1.02
CA GLU N 86 43.79 -35.53 1.13
C GLU N 86 44.79 -36.67 1.17
N LEU N 87 46.05 -36.44 0.84
CA LEU N 87 46.95 -37.51 0.44
C LEU N 87 47.98 -37.80 1.54
N ASP N 88 48.67 -38.94 1.43
CA ASP N 88 49.31 -39.48 2.62
C ASP N 88 50.69 -38.90 2.92
N GLN N 89 51.72 -39.32 2.18
CA GLN N 89 53.03 -38.67 2.21
C GLN N 89 53.65 -38.64 0.81
N GLU N 90 53.09 -39.43 -0.11
CA GLU N 90 53.66 -39.53 -1.45
C GLU N 90 52.93 -38.54 -2.34
N GLN N 91 51.61 -38.72 -2.43
CA GLN N 91 50.82 -38.00 -3.42
C GLN N 91 50.63 -36.53 -3.04
N ARG N 92 50.97 -36.15 -1.80
CA ARG N 92 51.13 -34.73 -1.51
C ARG N 92 52.36 -34.17 -2.20
N SER N 93 53.45 -34.93 -2.19
CA SER N 93 54.71 -34.46 -2.73
C SER N 93 55.00 -34.98 -4.13
N LEU N 94 54.56 -36.19 -4.47
CA LEU N 94 54.80 -36.73 -5.81
C LEU N 94 53.96 -35.99 -6.85
N CYS N 95 52.81 -35.45 -6.43
CA CYS N 95 52.06 -34.56 -7.30
C CYS N 95 52.61 -33.14 -7.28
N ALA N 96 53.22 -32.72 -6.17
CA ALA N 96 53.81 -31.39 -6.10
C ALA N 96 55.05 -31.30 -6.98
N GLN N 97 55.89 -32.33 -6.96
CA GLN N 97 57.04 -32.36 -7.86
C GLN N 97 56.56 -32.54 -9.29
N LEU N 98 55.41 -33.19 -9.49
CA LEU N 98 54.78 -33.21 -10.80
C LEU N 98 54.25 -31.82 -11.15
N ALA N 99 53.80 -31.06 -10.15
CA ALA N 99 53.31 -29.71 -10.41
C ALA N 99 54.45 -28.75 -10.69
N LEU N 100 55.68 -29.10 -10.34
CA LEU N 100 56.83 -28.25 -10.63
C LEU N 100 57.70 -28.77 -11.77
N GLU N 101 57.43 -29.98 -12.26
CA GLU N 101 58.05 -30.42 -13.50
C GLU N 101 57.08 -30.39 -14.68
N ARG N 102 55.78 -30.22 -14.43
CA ARG N 102 54.77 -30.05 -15.46
C ARG N 102 54.32 -28.60 -15.58
N LYS N 103 54.59 -27.78 -14.55
CA LYS N 103 54.08 -26.42 -14.38
C LYS N 103 52.55 -26.40 -14.48
N LEU N 104 51.94 -27.13 -13.53
CA LEU N 104 50.49 -27.14 -13.38
C LEU N 104 50.04 -25.78 -12.85
N ASP N 105 48.84 -25.35 -13.24
CA ASP N 105 48.27 -24.12 -12.74
C ASP N 105 47.76 -24.35 -11.32
N ALA N 106 47.38 -23.27 -10.63
CA ALA N 106 47.07 -23.23 -9.20
C ALA N 106 45.89 -24.15 -8.88
N ASP N 107 44.72 -23.95 -9.49
CA ASP N 107 43.53 -24.69 -9.08
C ASP N 107 42.87 -25.40 -10.26
N GLN N 108 43.39 -26.58 -10.57
CA GLN N 108 42.64 -27.57 -11.33
C GLN N 108 42.88 -28.98 -10.80
N ILE N 109 43.71 -29.15 -9.78
CA ILE N 109 44.20 -30.46 -9.40
C ILE N 109 43.46 -31.07 -8.22
N ARG N 110 42.25 -30.59 -7.90
CA ARG N 110 41.49 -31.22 -6.83
C ARG N 110 40.96 -32.59 -7.27
N GLU N 111 40.57 -32.72 -8.55
CA GLU N 111 39.96 -33.96 -8.99
C GLU N 111 41.00 -35.05 -9.22
N VAL N 112 42.24 -34.66 -9.57
CA VAL N 112 43.29 -35.66 -9.67
C VAL N 112 43.70 -36.11 -8.28
N ALA N 113 43.55 -35.22 -7.29
CA ALA N 113 43.66 -35.63 -5.90
C ALA N 113 42.43 -36.39 -5.43
N LYS N 114 41.29 -36.23 -6.11
CA LYS N 114 40.08 -36.97 -5.80
C LYS N 114 40.03 -38.32 -6.52
N ALA N 115 40.43 -38.35 -7.78
CA ALA N 115 40.55 -39.64 -8.47
C ALA N 115 41.72 -40.44 -7.91
N THR N 116 42.74 -39.75 -7.42
CA THR N 116 43.82 -40.42 -6.71
C THR N 116 43.34 -40.92 -5.36
N LYS N 117 42.40 -40.20 -4.75
CA LYS N 117 41.81 -40.64 -3.49
C LYS N 117 40.97 -41.90 -3.69
N ASP N 118 40.23 -41.94 -4.80
CA ASP N 118 39.54 -43.16 -5.21
C ASP N 118 40.51 -44.26 -5.60
N PHE N 119 41.71 -43.89 -6.08
CA PHE N 119 42.72 -44.89 -6.42
C PHE N 119 43.25 -45.58 -5.18
N CYS N 120 43.22 -44.91 -4.04
CA CYS N 120 43.56 -45.53 -2.77
C CYS N 120 42.32 -46.04 -2.03
N ARG N 121 41.22 -46.29 -2.74
CA ARG N 121 39.98 -46.69 -2.09
C ARG N 121 39.62 -48.12 -2.42
N LEU N 122 39.79 -48.53 -3.69
CA LEU N 122 39.71 -49.92 -4.07
C LEU N 122 40.87 -50.60 -3.34
N PRO N 123 40.63 -51.76 -2.69
CA PRO N 123 41.64 -52.29 -1.75
C PRO N 123 42.97 -52.71 -2.38
N LYS N 124 42.98 -52.95 -3.68
CA LYS N 124 44.17 -53.31 -4.41
C LYS N 124 44.38 -52.34 -5.57
N GLN N 125 45.64 -52.06 -5.88
CA GLN N 125 45.96 -51.33 -7.09
C GLN N 125 45.67 -52.21 -8.31
N PRO N 126 45.44 -51.62 -9.50
CA PRO N 126 45.16 -52.39 -10.71
C PRO N 126 46.42 -53.13 -11.17
N GLU N 127 46.24 -54.24 -11.90
CA GLU N 127 47.40 -55.05 -12.41
C GLU N 127 48.15 -54.24 -13.46
N ASN N 128 49.47 -54.44 -13.54
CA ASN N 128 50.35 -53.72 -14.52
C ASN N 128 50.19 -52.21 -14.31
N PHE N 129 50.22 -51.75 -13.06
CA PHE N 129 50.08 -50.31 -12.71
C PHE N 129 50.86 -50.03 -11.42
N ASP N 130 50.88 -48.77 -10.98
CA ASP N 130 51.61 -48.41 -9.77
C ASP N 130 50.86 -47.32 -9.02
N ARG N 131 51.20 -47.15 -7.75
CA ARG N 131 50.61 -46.12 -6.90
C ARG N 131 51.37 -44.82 -7.15
N HIS N 132 50.74 -43.93 -7.92
CA HIS N 132 51.33 -42.65 -8.28
C HIS N 132 50.20 -41.69 -8.60
N PRO N 133 50.31 -40.42 -8.21
CA PRO N 133 49.20 -39.47 -8.42
C PRO N 133 48.90 -39.19 -9.88
N GLY N 134 49.91 -39.27 -10.75
CA GLY N 134 49.64 -39.13 -12.17
C GLY N 134 49.26 -40.43 -12.84
N ASP N 135 49.17 -41.53 -12.07
CA ASP N 135 48.71 -42.77 -12.68
C ASP N 135 47.19 -42.79 -12.64
N ALA N 136 46.60 -42.13 -11.64
CA ALA N 136 45.16 -41.93 -11.64
C ALA N 136 44.77 -41.02 -12.81
N VAL N 137 45.64 -40.06 -13.13
CA VAL N 137 45.60 -39.35 -14.42
C VAL N 137 45.73 -40.34 -15.58
N ALA N 138 46.69 -41.26 -15.48
CA ALA N 138 46.91 -42.20 -16.57
C ALA N 138 45.86 -43.31 -16.57
N HIS N 139 45.04 -43.38 -15.52
CA HIS N 139 43.87 -44.27 -15.45
C HIS N 139 42.57 -43.50 -15.74
N GLN N 140 42.64 -42.17 -15.84
CA GLN N 140 41.47 -41.35 -16.13
C GLN N 140 40.90 -41.60 -17.53
N CYS N 141 41.69 -42.14 -18.47
CA CYS N 141 41.14 -42.47 -19.78
C CYS N 141 40.26 -43.72 -19.74
N TRP N 142 40.39 -44.53 -18.68
CA TRP N 142 39.37 -45.55 -18.44
C TRP N 142 38.26 -45.03 -17.54
N ARG N 143 38.56 -44.02 -16.73
CA ARG N 143 37.58 -43.57 -15.76
C ARG N 143 36.51 -42.71 -16.42
N LEU N 144 36.93 -41.76 -17.26
CA LEU N 144 36.05 -40.71 -17.76
C LEU N 144 36.00 -40.66 -19.28
N ALA N 145 36.77 -41.50 -19.97
CA ALA N 145 36.83 -41.43 -21.43
C ALA N 145 36.29 -42.68 -22.09
N GLN N 146 36.38 -43.84 -21.42
CA GLN N 146 35.89 -45.12 -21.92
C GLN N 146 34.39 -45.10 -22.25
N GLU N 147 33.62 -44.24 -21.59
CA GLU N 147 32.19 -44.12 -21.84
C GLU N 147 31.85 -43.65 -23.25
N ARG N 148 32.57 -42.66 -23.78
CA ARG N 148 32.18 -41.97 -25.00
C ARG N 148 32.41 -42.84 -26.25
N THR N 149 31.72 -42.50 -27.33
CA THR N 149 31.89 -43.21 -28.59
C THR N 149 32.32 -42.26 -29.72
N ASP N 150 32.02 -40.97 -29.59
CA ASP N 150 32.31 -40.03 -30.66
C ASP N 150 33.76 -39.57 -30.61
N LEU N 151 34.35 -39.33 -31.79
CA LEU N 151 35.76 -38.97 -31.95
C LEU N 151 36.15 -37.68 -31.24
N THR N 152 35.21 -36.79 -30.97
CA THR N 152 35.52 -35.57 -30.22
C THR N 152 35.73 -35.88 -28.74
N GLU N 153 34.82 -36.66 -28.15
CA GLU N 153 34.81 -36.86 -26.71
C GLU N 153 35.41 -38.19 -26.28
N ARG N 154 35.88 -39.02 -27.20
CA ARG N 154 36.59 -40.25 -26.85
C ARG N 154 38.09 -40.05 -26.80
N SER N 155 38.67 -39.41 -27.81
CA SER N 155 40.10 -39.17 -27.86
C SER N 155 40.47 -37.72 -27.57
N ARG N 156 39.62 -37.04 -26.79
CA ARG N 156 39.87 -35.63 -26.42
C ARG N 156 40.97 -35.58 -25.35
N LEU N 157 41.43 -36.76 -24.90
CA LEU N 157 42.50 -36.85 -23.88
C LEU N 157 43.82 -37.14 -24.59
N ILE N 158 44.09 -36.42 -25.68
CA ILE N 158 45.35 -36.59 -26.46
C ILE N 158 46.55 -36.25 -25.57
N ALA N 159 46.41 -35.20 -24.75
CA ALA N 159 47.49 -34.78 -23.83
C ALA N 159 47.33 -35.54 -22.49
N ARG N 160 46.08 -35.72 -22.06
CA ARG N 160 45.80 -36.44 -20.78
C ARG N 160 46.27 -37.90 -20.90
N GLY N 161 45.98 -38.54 -22.04
CA GLY N 161 46.38 -39.95 -22.28
C GLY N 161 47.89 -40.07 -22.48
N LEU N 162 48.52 -39.00 -22.96
CA LEU N 162 49.99 -38.98 -23.18
C LEU N 162 50.66 -38.30 -21.99
N GLN N 163 51.88 -37.77 -22.20
CA GLN N 163 52.69 -37.06 -21.17
C GLN N 163 52.61 -37.81 -19.82
N PHE N 164 52.94 -39.10 -19.83
CA PHE N 164 52.91 -39.94 -18.60
C PHE N 164 54.08 -40.92 -18.61
N ALA N 165 55.26 -40.47 -18.18
CA ALA N 165 56.47 -41.32 -18.15
C ALA N 165 56.69 -41.84 -16.72
N GLN N 166 55.60 -41.95 -15.94
CA GLN N 166 55.70 -42.45 -14.54
C GLN N 166 55.02 -43.82 -14.45
N SER N 167 54.69 -44.41 -15.61
CA SER N 167 54.03 -45.74 -15.66
C SER N 167 54.16 -46.33 -17.07
N ALA N 168 54.82 -47.49 -17.20
CA ALA N 168 55.00 -48.14 -18.49
C ALA N 168 53.77 -48.94 -18.89
N GLY N 169 52.95 -49.35 -17.92
CA GLY N 169 51.73 -50.07 -18.21
C GLY N 169 50.73 -49.21 -18.96
N ALA N 170 50.58 -47.95 -18.52
CA ALA N 170 49.69 -47.02 -19.21
C ALA N 170 50.28 -46.58 -20.54
N ARG N 171 51.61 -46.66 -20.67
CA ARG N 171 52.24 -46.35 -21.96
C ARG N 171 52.08 -47.51 -22.93
N ALA N 172 51.90 -48.72 -22.39
CA ALA N 172 51.63 -49.87 -23.25
C ALA N 172 50.16 -49.94 -23.63
N LEU N 173 49.28 -49.51 -22.71
CA LEU N 173 47.85 -49.56 -22.95
C LEU N 173 47.27 -48.25 -23.45
N ILE N 174 48.11 -47.23 -23.66
CA ILE N 174 47.68 -46.02 -24.35
C ILE N 174 47.68 -46.25 -25.85
N GLU N 175 48.27 -47.36 -26.30
CA GLU N 175 48.23 -47.84 -27.67
C GLU N 175 46.82 -48.12 -28.16
N ALA N 176 45.88 -48.43 -27.25
CA ALA N 176 44.55 -48.86 -27.65
C ALA N 176 43.62 -47.68 -27.93
N LEU N 177 44.18 -46.51 -28.23
CA LEU N 177 43.38 -45.42 -28.76
C LEU N 177 43.57 -45.29 -30.27
N LEU N 178 44.62 -45.92 -30.80
CA LEU N 178 44.74 -46.12 -32.24
C LEU N 178 43.78 -47.20 -32.74
N LEU N 179 43.14 -47.93 -31.82
CA LEU N 179 41.85 -48.56 -32.08
C LEU N 179 40.90 -47.60 -32.79
N ASP N 180 40.81 -46.36 -32.28
CA ASP N 180 40.05 -45.28 -32.92
C ASP N 180 40.54 -44.99 -34.33
N LEU N 181 41.78 -45.35 -34.64
CA LEU N 181 42.22 -45.40 -36.02
C LEU N 181 41.47 -46.43 -36.85
N GLU O 1 27.98 -21.33 50.62
CA GLU O 1 27.84 -22.39 51.61
C GLU O 1 28.14 -23.75 51.00
N ARG O 2 27.87 -23.89 49.70
CA ARG O 2 28.10 -25.16 48.97
C ARG O 2 29.42 -25.08 48.20
N GLN O 3 30.46 -25.75 48.72
CA GLN O 3 31.79 -25.74 48.05
C GLN O 3 31.65 -26.32 46.64
N GLU O 4 31.24 -27.59 46.54
CA GLU O 4 31.05 -28.26 45.22
C GLU O 4 29.78 -29.13 45.29
N LEU O 5 28.62 -28.48 45.23
CA LEU O 5 27.34 -29.17 45.30
C LEU O 5 26.60 -29.21 43.96
N LEU O 6 27.05 -28.43 42.97
CA LEU O 6 26.38 -28.42 41.68
C LEU O 6 26.98 -29.41 40.71
N GLY O 7 28.17 -29.93 41.01
CA GLY O 7 28.82 -30.87 40.10
C GLY O 7 28.09 -32.18 40.01
N GLN O 8 27.39 -32.56 41.08
CA GLN O 8 26.49 -33.71 41.03
C GLN O 8 25.29 -33.41 40.14
N LEU O 9 24.91 -32.13 40.08
CA LEU O 9 23.80 -31.68 39.25
C LEU O 9 24.35 -31.38 37.86
N ARG O 10 25.66 -31.18 37.77
CA ARG O 10 26.32 -31.02 36.48
C ARG O 10 26.61 -32.34 35.79
N ARG O 11 27.11 -33.32 36.52
CA ARG O 11 27.36 -34.65 35.97
C ARG O 11 26.12 -35.51 35.88
N LYS O 12 25.00 -35.05 36.46
CA LYS O 12 23.74 -35.78 36.56
C LYS O 12 23.96 -37.16 37.21
N GLU O 13 24.50 -37.11 38.42
CA GLU O 13 24.70 -38.29 39.26
C GLU O 13 23.71 -38.19 40.42
N GLY O 14 23.08 -39.31 40.75
CA GLY O 14 22.03 -39.32 41.74
C GLY O 14 20.73 -39.70 41.08
N ARG O 15 19.80 -40.22 41.88
CA ARG O 15 18.62 -40.78 41.25
C ARG O 15 17.62 -39.70 40.94
N TRP O 16 16.94 -39.19 41.97
CA TRP O 16 16.07 -38.04 41.81
C TRP O 16 16.03 -37.20 43.08
N LEU O 17 16.27 -37.84 44.23
CA LEU O 17 16.22 -37.12 45.50
C LEU O 17 17.53 -36.42 45.76
N ALA O 18 18.64 -36.94 45.20
CA ALA O 18 19.92 -36.26 45.32
C ALA O 18 19.95 -35.01 44.46
N TRP O 19 19.02 -34.89 43.52
CA TRP O 19 18.76 -33.63 42.84
C TRP O 19 17.96 -32.69 43.74
N ALA O 20 16.90 -33.21 44.38
CA ALA O 20 15.93 -32.34 45.04
C ALA O 20 16.45 -31.78 46.36
N ARG O 21 17.04 -32.64 47.20
CA ARG O 21 17.68 -32.22 48.45
C ARG O 21 18.73 -31.15 48.19
N ALA O 22 19.47 -31.31 47.11
CA ALA O 22 20.51 -30.38 46.70
C ALA O 22 19.95 -29.06 46.20
N CYS O 23 18.95 -29.08 45.31
CA CYS O 23 18.42 -27.84 44.75
C CYS O 23 17.67 -27.01 45.80
N GLN O 24 16.97 -27.68 46.71
CA GLN O 24 16.20 -26.94 47.72
C GLN O 24 17.11 -26.24 48.72
N THR O 25 18.13 -26.94 49.22
CA THR O 25 19.11 -26.34 50.11
C THR O 25 19.96 -25.29 49.38
N LEU O 26 20.20 -25.53 48.08
CA LEU O 26 21.04 -24.66 47.28
C LEU O 26 20.33 -23.35 46.96
N LEU O 27 18.99 -23.37 46.93
CA LEU O 27 18.18 -22.20 46.59
C LEU O 27 18.33 -21.04 47.58
N LYS O 28 18.89 -21.27 48.76
CA LYS O 28 19.15 -20.22 49.73
C LYS O 28 20.63 -19.78 49.67
N ASN O 29 21.17 -19.70 48.46
CA ASN O 29 22.48 -19.09 48.23
C ASN O 29 22.37 -17.61 47.93
N GLY O 30 21.35 -17.20 47.19
CA GLY O 30 21.28 -15.84 46.68
C GLY O 30 21.19 -15.86 45.18
N LEU O 31 20.67 -16.95 44.63
CA LEU O 31 20.55 -17.15 43.19
C LEU O 31 19.07 -17.30 42.86
N ASN O 32 18.68 -16.87 41.66
CA ASN O 32 17.29 -16.75 41.23
C ASN O 32 16.93 -17.95 40.37
N PRO O 33 15.64 -18.15 39.93
CA PRO O 33 15.35 -19.27 39.01
C PRO O 33 16.15 -19.26 37.71
N GLN O 34 16.32 -18.09 37.12
CA GLN O 34 17.14 -17.94 35.92
C GLN O 34 18.53 -17.51 36.40
N THR O 35 19.11 -18.33 37.25
CA THR O 35 20.55 -18.34 37.53
C THR O 35 21.07 -19.77 37.46
N LEU O 36 20.25 -20.71 37.91
CA LEU O 36 20.66 -22.09 38.05
C LEU O 36 20.74 -22.82 36.73
N PHE O 37 19.83 -22.52 35.80
CA PHE O 37 19.84 -23.15 34.49
C PHE O 37 21.02 -22.66 33.66
N GLU O 38 21.52 -21.45 33.96
CA GLU O 38 22.42 -20.75 33.07
C GLU O 38 23.81 -21.40 33.02
N ALA O 39 24.15 -22.17 34.04
CA ALA O 39 25.42 -22.88 33.98
C ALA O 39 25.23 -24.39 33.93
N THR O 40 24.58 -24.96 34.95
CA THR O 40 24.50 -26.41 35.07
C THR O 40 23.37 -26.93 34.20
N GLY O 41 22.18 -26.40 34.43
CA GLY O 41 21.07 -26.59 33.53
C GLY O 41 19.99 -27.48 34.09
N PHE O 42 19.00 -26.86 34.70
CA PHE O 42 17.73 -27.47 35.07
C PHE O 42 16.69 -26.40 34.87
N GLU O 43 15.80 -26.63 33.91
CA GLU O 43 14.95 -25.60 33.38
C GLU O 43 13.90 -25.18 34.40
N PRO O 44 13.53 -23.89 34.44
CA PRO O 44 12.48 -23.44 35.39
C PRO O 44 11.11 -24.08 35.26
N ILE O 45 10.85 -24.86 34.21
CA ILE O 45 9.69 -25.74 34.21
C ILE O 45 9.88 -26.94 35.13
N GLN O 46 10.97 -27.70 34.96
CA GLN O 46 11.13 -28.92 35.75
C GLN O 46 12.07 -28.78 36.93
N GLN O 47 12.60 -27.58 37.21
CA GLN O 47 13.25 -27.42 38.51
C GLN O 47 12.22 -27.07 39.57
N ASN O 48 11.01 -26.69 39.16
CA ASN O 48 9.90 -26.62 40.09
C ASN O 48 9.21 -27.98 40.22
N GLN O 49 9.44 -28.88 39.26
CA GLN O 49 8.87 -30.22 39.34
C GLN O 49 9.52 -31.02 40.46
N ILE O 50 10.82 -30.80 40.68
CA ILE O 50 11.54 -31.43 41.77
C ILE O 50 11.39 -30.66 43.07
N THR O 51 10.84 -29.44 43.01
CA THR O 51 10.80 -28.58 44.18
C THR O 51 9.63 -28.92 45.10
N VAL O 52 8.47 -29.29 44.54
CA VAL O 52 7.30 -29.56 45.37
C VAL O 52 7.25 -30.99 45.91
N ALA O 53 7.69 -31.99 45.13
CA ALA O 53 7.59 -33.38 45.59
C ALA O 53 8.62 -33.68 46.66
N MET O 54 9.67 -32.87 46.73
CA MET O 54 10.47 -32.67 47.95
C MET O 54 9.55 -32.51 49.16
N GLN O 55 8.72 -31.48 49.15
CA GLN O 55 7.94 -31.17 50.34
C GLN O 55 6.73 -32.08 50.44
N VAL O 56 6.24 -32.61 49.31
CA VAL O 56 5.20 -33.63 49.34
C VAL O 56 5.71 -34.89 50.03
N TYR O 57 6.98 -35.23 49.82
CA TYR O 57 7.55 -36.41 50.48
C TYR O 57 7.78 -36.15 51.96
N ASP O 58 8.15 -34.93 52.31
CA ASP O 58 8.23 -34.59 53.73
C ASP O 58 6.85 -34.61 54.38
N SER O 59 5.80 -34.39 53.58
CA SER O 59 4.44 -34.44 54.13
C SER O 59 3.87 -35.86 54.12
N ILE O 60 4.40 -36.76 53.28
CA ILE O 60 3.84 -38.10 53.25
C ILE O 60 4.71 -39.11 53.99
N LEU O 61 5.67 -38.66 54.79
CA LEU O 61 6.40 -39.57 55.68
C LEU O 61 5.59 -39.69 56.98
N ARG O 62 4.37 -40.21 56.84
CA ARG O 62 3.41 -40.38 57.93
C ARG O 62 3.28 -41.87 58.17
N GLN O 63 2.89 -42.62 57.14
CA GLN O 63 2.90 -44.07 57.22
C GLN O 63 4.23 -44.59 56.73
N ASP O 64 4.65 -45.73 57.26
CA ASP O 64 5.80 -46.45 56.72
C ASP O 64 5.36 -47.25 55.49
N PRO O 65 5.86 -46.93 54.30
CA PRO O 65 5.57 -47.74 53.11
C PRO O 65 6.20 -49.12 53.24
N PRO O 66 5.37 -50.18 53.28
CA PRO O 66 5.88 -51.48 53.75
C PRO O 66 6.67 -52.29 52.73
N ALA O 67 7.75 -51.70 52.20
CA ALA O 67 8.76 -52.35 51.36
C ALA O 67 8.20 -52.95 50.07
N HIS O 68 7.05 -52.45 49.64
CA HIS O 68 6.43 -52.75 48.35
C HIS O 68 6.00 -51.45 47.68
N VAL O 69 6.16 -50.35 48.39
CA VAL O 69 5.66 -49.05 47.94
C VAL O 69 6.85 -48.14 47.64
N ARG O 70 7.91 -48.24 48.44
CA ARG O 70 9.04 -47.33 48.31
C ARG O 70 10.16 -47.91 47.42
N GLU O 71 9.95 -49.10 46.85
CA GLU O 71 10.99 -49.78 46.06
C GLU O 71 11.32 -49.05 44.76
N THR O 72 10.36 -48.97 43.86
CA THR O 72 10.52 -48.31 42.57
C THR O 72 9.92 -46.91 42.63
N TYR O 73 10.11 -46.23 43.77
CA TYR O 73 9.52 -44.94 44.09
C TYR O 73 10.58 -43.93 44.48
N GLN O 74 11.85 -44.36 44.53
CA GLN O 74 12.91 -43.46 44.96
C GLN O 74 13.18 -42.40 43.91
N GLU O 75 12.92 -42.74 42.66
CA GLU O 75 13.13 -41.79 41.57
C GLU O 75 11.95 -41.65 40.62
N TRP O 76 10.93 -42.51 40.71
CA TRP O 76 9.78 -42.38 39.83
C TRP O 76 8.73 -41.45 40.44
N GLY O 77 7.66 -41.25 39.69
CA GLY O 77 6.58 -40.39 40.14
C GLY O 77 6.91 -38.92 40.17
N SER O 78 7.62 -38.41 39.15
CA SER O 78 7.94 -36.99 39.11
C SER O 78 6.69 -36.16 38.84
N ASP O 79 6.10 -36.34 37.65
CA ASP O 79 4.90 -35.59 37.32
C ASP O 79 3.68 -36.17 38.04
N LEU O 80 3.76 -37.44 38.44
CA LEU O 80 2.71 -38.11 39.19
C LEU O 80 2.50 -37.44 40.55
N LEU O 81 3.60 -37.26 41.30
CA LEU O 81 3.50 -36.58 42.58
C LEU O 81 3.39 -35.07 42.39
N TYR O 82 3.91 -34.57 41.26
CA TYR O 82 3.84 -33.15 40.95
C TYR O 82 2.41 -32.69 40.73
N GLU O 83 1.57 -33.56 40.18
CA GLU O 83 0.20 -33.13 39.89
C GLU O 83 -0.65 -33.11 41.16
N LEU O 84 -0.47 -34.08 42.03
CA LEU O 84 -1.21 -34.07 43.29
C LEU O 84 -0.65 -32.99 44.21
N ARG O 85 -1.42 -31.92 44.41
CA ARG O 85 -0.99 -30.77 45.21
C ARG O 85 -2.13 -30.19 46.05
N GLU O 86 -3.12 -31.01 46.41
CA GLU O 86 -4.33 -30.45 47.02
C GLU O 86 -4.75 -31.09 48.33
N LEU O 87 -4.19 -32.24 48.69
CA LEU O 87 -4.85 -33.12 49.64
C LEU O 87 -4.15 -33.08 51.00
N ASP O 88 -4.75 -33.77 51.99
CA ASP O 88 -4.50 -33.38 53.37
C ASP O 88 -3.21 -33.96 53.96
N GLN O 89 -3.24 -35.23 54.38
CA GLN O 89 -2.04 -36.02 54.65
C GLN O 89 -2.26 -37.47 54.25
N GLU O 90 -3.49 -37.80 53.85
CA GLU O 90 -3.87 -39.17 53.53
C GLU O 90 -3.96 -39.31 52.03
N GLN O 91 -4.80 -38.47 51.43
CA GLN O 91 -5.15 -38.62 50.02
C GLN O 91 -3.99 -38.21 49.10
N ARG O 92 -2.93 -37.62 49.65
CA ARG O 92 -1.69 -37.52 48.92
C ARG O 92 -0.99 -38.88 48.86
N SER O 93 -0.87 -39.53 50.01
CA SER O 93 -0.15 -40.78 50.09
C SER O 93 -1.05 -41.99 49.83
N LEU O 94 -2.34 -41.85 50.12
CA LEU O 94 -3.32 -42.94 49.88
C LEU O 94 -3.41 -43.17 48.37
N CYS O 95 -3.04 -42.16 47.59
CA CYS O 95 -3.07 -42.24 46.11
C CYS O 95 -1.75 -42.85 45.62
N ALA O 96 -0.63 -42.43 46.21
CA ALA O 96 0.71 -42.95 45.84
C ALA O 96 0.67 -44.49 45.86
N GLN O 97 0.21 -45.06 46.97
CA GLN O 97 0.11 -46.54 47.11
C GLN O 97 -0.75 -47.10 45.97
N LEU O 98 -1.90 -46.46 45.71
CA LEU O 98 -2.82 -46.88 44.63
C LEU O 98 -2.14 -46.72 43.26
N ALA O 99 -1.32 -45.67 43.12
CA ALA O 99 -0.59 -45.40 41.85
C ALA O 99 0.50 -46.45 41.65
N LEU O 100 1.06 -46.98 42.75
CA LEU O 100 2.13 -48.00 42.67
C LEU O 100 1.53 -49.39 42.82
N GLU O 101 0.20 -49.51 42.69
CA GLU O 101 -0.50 -50.81 42.79
C GLU O 101 -1.47 -50.96 41.61
N ARG O 102 -1.64 -49.89 40.82
CA ARG O 102 -2.52 -49.90 39.64
C ARG O 102 -1.74 -49.41 38.41
N LYS O 103 -0.47 -49.05 38.61
CA LYS O 103 0.40 -48.55 37.51
C LYS O 103 -0.33 -47.46 36.73
N LEU O 104 -0.89 -46.48 37.43
CA LEU O 104 -1.61 -45.37 36.78
C LEU O 104 -0.69 -44.69 35.79
N ASP O 105 -1.27 -44.15 34.72
CA ASP O 105 -0.54 -43.20 33.91
C ASP O 105 -0.48 -41.90 34.70
N ALA O 106 0.49 -41.05 34.39
CA ALA O 106 0.88 -39.92 35.24
C ALA O 106 -0.23 -38.87 35.28
N ASP O 107 -0.71 -38.35 34.15
CA ASP O 107 -1.63 -37.22 34.19
C ASP O 107 -2.98 -37.60 33.61
N GLN O 108 -3.77 -38.28 34.43
CA GLN O 108 -5.22 -38.29 34.31
C GLN O 108 -5.88 -38.19 35.67
N ILE O 109 -5.09 -38.14 36.74
CA ILE O 109 -5.61 -38.24 38.09
C ILE O 109 -5.79 -36.88 38.76
N ARG O 110 -5.84 -35.79 37.99
CA ARG O 110 -6.16 -34.51 38.61
C ARG O 110 -7.62 -34.46 39.06
N GLU O 111 -8.51 -35.11 38.30
CA GLU O 111 -9.94 -35.01 38.59
C GLU O 111 -10.32 -35.88 39.78
N VAL O 112 -9.62 -37.00 39.99
CA VAL O 112 -9.85 -37.77 41.20
C VAL O 112 -9.28 -37.01 42.40
N ALA O 113 -8.22 -36.24 42.18
CA ALA O 113 -7.75 -35.32 43.21
C ALA O 113 -8.65 -34.10 43.34
N LYS O 114 -9.46 -33.80 42.32
CA LYS O 114 -10.42 -32.70 42.37
C LYS O 114 -11.76 -33.15 42.94
N ALA O 115 -12.29 -34.27 42.45
CA ALA O 115 -13.56 -34.77 42.99
C ALA O 115 -13.35 -35.36 44.38
N THR O 116 -12.14 -35.81 44.68
CA THR O 116 -11.83 -36.23 46.04
C THR O 116 -11.70 -35.02 46.96
N LYS O 117 -11.24 -33.88 46.42
CA LYS O 117 -11.21 -32.66 47.20
C LYS O 117 -12.63 -32.16 47.47
N ASP O 118 -13.50 -32.29 46.47
CA ASP O 118 -14.92 -31.90 46.65
C ASP O 118 -15.62 -32.96 47.51
N PHE O 119 -14.82 -33.85 48.12
CA PHE O 119 -15.33 -34.94 49.00
C PHE O 119 -14.92 -34.64 50.44
N CYS O 120 -14.49 -33.40 50.70
CA CYS O 120 -14.06 -32.99 52.07
C CYS O 120 -14.47 -31.53 52.31
N ARG O 121 -14.96 -30.85 51.27
CA ARG O 121 -15.39 -29.43 51.39
C ARG O 121 -16.83 -29.39 51.94
N LEU O 122 -17.53 -30.53 51.88
CA LEU O 122 -18.93 -30.63 52.36
C LEU O 122 -18.91 -30.66 53.89
N PRO O 123 -20.00 -30.22 54.58
CA PRO O 123 -20.05 -30.25 56.04
C PRO O 123 -19.67 -31.63 56.59
N LYS O 124 -20.27 -32.69 56.04
CA LYS O 124 -19.98 -34.08 56.48
C LYS O 124 -19.77 -34.96 55.24
N GLN O 125 -19.00 -36.04 55.39
CA GLN O 125 -18.73 -36.97 54.26
C GLN O 125 -19.97 -37.83 53.98
N PRO O 126 -20.14 -38.37 52.76
CA PRO O 126 -21.31 -39.19 52.42
C PRO O 126 -21.53 -40.34 53.43
N GLU O 127 -22.80 -40.56 53.79
CA GLU O 127 -23.17 -41.63 54.77
C GLU O 127 -22.88 -43.01 54.16
N ASN O 128 -22.54 -43.98 55.00
CA ASN O 128 -22.24 -45.36 54.57
C ASN O 128 -21.11 -45.40 53.54
N PHE O 129 -20.19 -44.43 53.65
CA PHE O 129 -18.95 -44.45 52.88
C PHE O 129 -17.81 -43.92 53.74
N ASP O 130 -16.58 -43.99 53.22
CA ASP O 130 -15.41 -43.62 54.00
C ASP O 130 -14.58 -42.61 53.23
N ARG O 131 -13.66 -41.96 53.94
CA ARG O 131 -12.79 -40.93 53.37
C ARG O 131 -11.59 -41.61 52.73
N HIS O 132 -11.65 -41.76 51.40
CA HIS O 132 -10.54 -42.40 50.65
C HIS O 132 -10.65 -42.08 49.16
N PRO O 133 -9.53 -42.13 48.39
CA PRO O 133 -9.58 -41.83 46.95
C PRO O 133 -10.45 -42.86 46.23
N GLY O 134 -10.30 -44.14 46.60
CA GLY O 134 -11.10 -45.22 46.00
C GLY O 134 -12.59 -45.01 46.25
N ASP O 135 -12.92 -44.57 47.47
CA ASP O 135 -14.35 -44.31 47.84
C ASP O 135 -14.88 -43.16 46.97
N ALA O 136 -14.09 -42.09 46.83
CA ALA O 136 -14.51 -40.93 46.01
C ALA O 136 -14.79 -41.39 44.57
N VAL O 137 -13.90 -42.22 44.02
CA VAL O 137 -14.06 -42.75 42.63
C VAL O 137 -15.31 -43.64 42.61
N ALA O 138 -15.52 -44.43 43.68
CA ALA O 138 -16.68 -45.33 43.78
C ALA O 138 -17.96 -44.51 44.00
N HIS O 139 -17.83 -43.34 44.65
CA HIS O 139 -18.99 -42.46 44.91
C HIS O 139 -19.11 -41.42 43.79
N GLN O 140 -18.25 -41.52 42.78
CA GLN O 140 -18.28 -40.57 41.63
C GLN O 140 -19.31 -41.07 40.60
N CYS O 141 -19.75 -42.32 40.73
CA CYS O 141 -20.75 -42.90 39.80
C CYS O 141 -22.11 -42.21 39.99
N TRP O 142 -22.41 -41.78 41.21
CA TRP O 142 -23.69 -41.09 41.53
C TRP O 142 -23.65 -39.65 41.00
N ARG O 143 -22.44 -39.09 40.85
CA ARG O 143 -22.26 -37.71 40.35
C ARG O 143 -21.97 -37.75 38.84
N LEU O 144 -22.11 -38.94 38.22
CA LEU O 144 -21.85 -39.10 36.77
C LEU O 144 -22.79 -40.17 36.19
N ALA O 145 -22.41 -41.45 36.35
CA ALA O 145 -23.20 -42.59 35.83
C ALA O 145 -24.68 -42.44 36.22
N GLN O 146 -24.95 -42.28 37.52
CA GLN O 146 -26.35 -42.14 38.02
C GLN O 146 -27.07 -41.06 37.21
N GLU O 147 -26.46 -39.87 37.09
CA GLU O 147 -27.08 -38.74 36.34
C GLU O 147 -27.26 -39.14 34.87
N ARG O 148 -26.60 -40.22 34.44
CA ARG O 148 -26.69 -40.68 33.06
C ARG O 148 -28.02 -41.42 32.81
N THR O 149 -28.32 -41.69 31.55
CA THR O 149 -29.56 -42.38 31.21
C THR O 149 -29.34 -43.61 30.32
N ASP O 150 -28.26 -43.63 29.54
CA ASP O 150 -28.10 -44.69 28.54
C ASP O 150 -27.38 -45.90 29.09
N LEU O 151 -27.95 -47.09 28.84
CA LEU O 151 -27.43 -48.35 29.33
C LEU O 151 -26.09 -48.74 28.71
N THR O 152 -25.76 -48.22 27.53
CA THR O 152 -24.55 -48.65 26.83
C THR O 152 -23.30 -48.08 27.49
N GLU O 153 -23.33 -46.79 27.83
CA GLU O 153 -22.21 -46.16 28.51
C GLU O 153 -22.31 -46.22 30.03
N ARG O 154 -23.15 -47.11 30.57
CA ARG O 154 -23.35 -47.21 32.00
C ARG O 154 -22.61 -48.40 32.59
N SER O 155 -22.67 -49.56 31.93
CA SER O 155 -22.04 -50.77 32.44
C SER O 155 -20.64 -50.98 31.90
N ARG O 156 -20.14 -50.07 31.05
CA ARG O 156 -18.71 -50.01 30.83
C ARG O 156 -18.00 -49.55 32.09
N LEU O 157 -18.67 -48.72 32.90
CA LEU O 157 -18.18 -48.34 34.21
C LEU O 157 -18.35 -49.50 35.19
N ILE O 158 -17.55 -50.55 35.00
CA ILE O 158 -17.58 -51.76 35.87
C ILE O 158 -16.14 -52.10 36.27
N ALA O 159 -15.21 -52.04 35.31
CA ALA O 159 -13.78 -52.33 35.57
C ALA O 159 -13.07 -51.02 35.90
N ARG O 160 -13.71 -49.89 35.59
CA ARG O 160 -13.13 -48.54 35.86
C ARG O 160 -14.18 -47.70 36.62
N GLY O 161 -15.46 -47.88 36.29
CA GLY O 161 -16.54 -47.13 36.96
C GLY O 161 -16.42 -47.22 38.47
N LEU O 162 -16.27 -48.45 38.99
CA LEU O 162 -16.14 -48.66 40.46
C LEU O 162 -14.68 -48.97 40.80
N GLN O 163 -14.22 -50.19 40.48
CA GLN O 163 -12.83 -50.67 40.73
C GLN O 163 -12.32 -50.22 42.10
N PHE O 164 -13.08 -50.52 43.16
CA PHE O 164 -12.70 -50.14 44.55
C PHE O 164 -12.98 -51.31 45.49
N ALA O 165 -12.13 -52.34 45.45
CA ALA O 165 -12.29 -53.54 46.30
C ALA O 165 -11.70 -53.27 47.68
N GLN O 166 -12.48 -52.62 48.57
CA GLN O 166 -12.01 -52.30 49.94
C GLN O 166 -13.23 -51.92 50.80
N SER O 167 -14.32 -51.50 50.15
CA SER O 167 -15.57 -51.10 50.85
C SER O 167 -16.76 -51.78 50.17
N ALA O 168 -17.55 -52.54 50.94
CA ALA O 168 -18.73 -53.25 50.39
C ALA O 168 -19.81 -52.23 49.96
N GLY O 169 -19.91 -51.11 50.68
CA GLY O 169 -20.91 -50.07 50.38
C GLY O 169 -20.93 -49.70 48.90
N ALA O 170 -19.76 -49.43 48.32
CA ALA O 170 -19.66 -49.06 46.89
C ALA O 170 -20.10 -50.23 46.00
N ARG O 171 -19.79 -51.47 46.42
CA ARG O 171 -20.16 -52.68 45.65
C ARG O 171 -21.61 -53.06 45.93
N ALA O 172 -22.17 -52.51 47.03
CA ALA O 172 -23.59 -52.80 47.41
C ALA O 172 -24.52 -51.86 46.64
N LEU O 173 -23.97 -50.81 46.02
CA LEU O 173 -24.76 -49.84 45.23
C LEU O 173 -24.90 -50.36 43.80
N ILE O 174 -24.11 -51.39 43.45
CA ILE O 174 -24.16 -52.01 42.09
C ILE O 174 -25.18 -53.14 42.10
N GLU O 175 -25.74 -53.45 43.28
CA GLU O 175 -26.75 -54.54 43.42
C GLU O 175 -28.04 -54.13 42.71
N ALA O 176 -28.36 -52.83 42.72
CA ALA O 176 -29.56 -52.30 42.05
C ALA O 176 -29.19 -51.76 40.67
N LEU O 177 -27.96 -52.05 40.21
CA LEU O 177 -27.47 -51.59 38.89
C LEU O 177 -27.72 -52.68 37.85
N LEU O 178 -27.77 -53.95 38.29
CA LEU O 178 -28.02 -55.08 37.37
C LEU O 178 -29.30 -54.80 36.58
N LEU O 179 -30.43 -54.63 37.27
CA LEU O 179 -31.69 -54.32 36.61
C LEU O 179 -31.43 -53.72 35.23
N ASP O 180 -30.44 -52.82 35.15
CA ASP O 180 -29.96 -52.22 33.91
C ASP O 180 -29.47 -53.26 32.90
N LEU O 181 -29.18 -54.49 33.36
CA LEU O 181 -29.01 -55.62 32.45
C LEU O 181 -30.25 -55.87 31.59
N GLU P 1 -56.14 11.44 -24.69
CA GLU P 1 -57.15 11.99 -23.74
C GLU P 1 -56.74 13.40 -23.34
N ARG P 2 -55.45 13.75 -23.50
CA ARG P 2 -54.95 15.09 -23.14
C ARG P 2 -54.59 15.86 -24.43
N GLN P 3 -55.22 17.02 -24.63
CA GLN P 3 -54.96 17.85 -25.84
C GLN P 3 -53.71 18.70 -25.60
N GLU P 4 -53.77 19.60 -24.63
CA GLU P 4 -52.62 20.50 -24.30
C GLU P 4 -52.86 21.14 -22.94
N LEU P 5 -53.05 20.32 -21.90
CA LEU P 5 -53.29 20.83 -20.52
C LEU P 5 -51.97 20.74 -19.73
N LEU P 6 -50.84 20.98 -20.40
CA LEU P 6 -49.51 20.92 -19.73
C LEU P 6 -48.81 22.27 -19.88
N GLY P 7 -48.77 22.81 -21.11
CA GLY P 7 -48.12 24.09 -21.33
C GLY P 7 -48.39 25.08 -20.21
N GLN P 8 -49.55 24.96 -19.58
CA GLN P 8 -49.86 25.79 -18.42
C GLN P 8 -48.96 25.42 -17.25
N LEU P 9 -48.54 24.17 -17.20
CA LEU P 9 -47.60 23.69 -16.20
C LEU P 9 -46.21 24.17 -16.58
N ARG P 10 -45.96 24.25 -17.88
CA ARG P 10 -44.73 24.81 -18.41
C ARG P 10 -44.63 26.31 -18.20
N ARG P 11 -45.71 27.05 -18.40
CA ARG P 11 -45.70 28.50 -18.25
C ARG P 11 -45.87 28.96 -16.80
N LYS P 12 -46.14 28.03 -15.89
CA LYS P 12 -46.43 28.30 -14.48
C LYS P 12 -47.59 29.28 -14.34
N GLU P 13 -48.68 28.94 -15.02
CA GLU P 13 -49.90 29.74 -15.05
C GLU P 13 -50.94 29.04 -14.19
N GLY P 14 -51.64 29.80 -13.37
CA GLY P 14 -52.60 29.25 -12.44
C GLY P 14 -52.09 29.41 -11.03
N ARG P 15 -53.01 29.38 -10.08
CA ARG P 15 -52.60 29.68 -8.71
C ARG P 15 -52.01 28.44 -8.08
N TRP P 16 -52.85 27.47 -7.76
CA TRP P 16 -52.36 26.17 -7.30
C TRP P 16 -53.28 25.03 -7.72
N LEU P 17 -54.53 25.37 -8.03
CA LEU P 17 -55.51 24.34 -8.36
C LEU P 17 -55.51 24.04 -9.84
N ALA P 18 -55.12 25.01 -10.67
CA ALA P 18 -54.89 24.75 -12.09
C ALA P 18 -53.67 23.86 -12.29
N TRP P 19 -52.79 23.79 -11.28
CA TRP P 19 -51.74 22.78 -11.27
C TRP P 19 -52.28 21.41 -10.88
N ALA P 20 -53.10 21.36 -9.81
CA ALA P 20 -53.46 20.10 -9.20
C ALA P 20 -54.48 19.31 -10.02
N ARG P 21 -55.54 19.99 -10.48
CA ARG P 21 -56.54 19.38 -11.36
C ARG P 21 -55.89 18.79 -12.61
N ALA P 22 -54.91 19.51 -13.14
CA ALA P 22 -54.15 19.10 -14.30
C ALA P 22 -53.27 17.88 -14.05
N CYS P 23 -52.45 17.91 -13.00
CA CYS P 23 -51.51 16.82 -12.75
C CYS P 23 -52.23 15.52 -12.37
N GLN P 24 -53.32 15.64 -11.59
CA GLN P 24 -54.00 14.43 -11.14
C GLN P 24 -54.72 13.71 -12.28
N THR P 25 -55.46 14.46 -13.09
CA THR P 25 -56.13 13.89 -14.26
C THR P 25 -55.12 13.44 -15.31
N LEU P 26 -53.99 14.16 -15.39
CA LEU P 26 -52.98 13.87 -16.39
C LEU P 26 -52.20 12.60 -16.06
N LEU P 27 -52.11 12.27 -14.77
CA LEU P 27 -51.37 11.10 -14.28
C LEU P 27 -51.91 9.77 -14.80
N LYS P 28 -53.13 9.72 -15.33
CA LYS P 28 -53.71 8.52 -15.91
C LYS P 28 -53.62 8.57 -17.44
N ASN P 29 -52.49 9.04 -17.95
CA ASN P 29 -52.18 8.98 -19.37
C ASN P 29 -51.44 7.71 -19.76
N GLY P 30 -50.48 7.29 -18.95
CA GLY P 30 -49.55 6.26 -19.36
C GLY P 30 -48.13 6.76 -19.22
N LEU P 31 -47.96 7.78 -18.38
CA LEU P 31 -46.65 8.36 -18.09
C LEU P 31 -46.32 8.06 -16.64
N ASN P 32 -45.04 8.01 -16.32
CA ASN P 32 -44.55 7.56 -15.01
C ASN P 32 -44.17 8.79 -14.18
N PRO P 33 -43.85 8.67 -12.86
CA PRO P 33 -43.38 9.86 -12.12
C PRO P 33 -42.13 10.51 -12.70
N GLN P 34 -41.21 9.72 -13.23
CA GLN P 34 -40.01 10.22 -13.91
C GLN P 34 -40.33 10.20 -15.40
N THR P 35 -41.43 10.86 -15.77
CA THR P 35 -41.69 11.29 -17.14
C THR P 35 -42.11 12.75 -17.16
N LEU P 36 -42.87 13.15 -16.15
CA LEU P 36 -43.44 14.49 -16.10
C LEU P 36 -42.39 15.54 -15.83
N PHE P 37 -41.38 15.22 -15.03
CA PHE P 37 -40.32 16.17 -14.72
C PHE P 37 -39.36 16.32 -15.89
N GLU P 38 -39.30 15.31 -16.75
CA GLU P 38 -38.23 15.17 -17.74
C GLU P 38 -38.27 16.27 -18.80
N ALA P 39 -39.45 16.84 -19.05
CA ALA P 39 -39.50 17.96 -19.97
C ALA P 39 -39.98 19.24 -19.30
N THR P 40 -41.18 19.21 -18.71
CA THR P 40 -41.79 20.43 -18.20
C THR P 40 -41.18 20.81 -16.87
N GLY P 41 -41.29 19.92 -15.89
CA GLY P 41 -40.52 20.04 -14.68
C GLY P 41 -41.33 20.36 -13.44
N PHE P 42 -41.70 19.30 -12.73
CA PHE P 42 -42.24 19.36 -11.38
C PHE P 42 -41.71 18.12 -10.68
N GLU P 43 -40.89 18.33 -9.67
CA GLU P 43 -40.06 17.27 -9.14
C GLU P 43 -40.90 16.22 -8.42
N PRO P 44 -40.53 14.93 -8.51
CA PRO P 44 -41.27 13.88 -7.78
C PRO P 44 -41.34 14.04 -6.27
N ILE P 45 -40.52 14.90 -5.67
CA ILE P 45 -40.75 15.29 -4.28
C ILE P 45 -42.02 16.10 -4.11
N GLN P 46 -42.20 17.17 -4.88
CA GLN P 46 -43.36 18.04 -4.67
C GLN P 46 -44.46 17.86 -5.70
N GLN P 47 -44.36 16.92 -6.63
CA GLN P 47 -45.54 16.60 -7.42
C GLN P 47 -46.44 15.65 -6.65
N ASN P 48 -45.91 15.02 -5.60
CA ASN P 48 -46.77 14.32 -4.65
C ASN P 48 -47.32 15.30 -3.61
N GLN P 49 -46.68 16.46 -3.45
CA GLN P 49 -47.16 17.47 -2.51
C GLN P 49 -48.47 18.08 -3.00
N ILE P 50 -48.60 18.23 -4.32
CA ILE P 50 -49.84 18.70 -4.91
C ILE P 50 -50.81 17.56 -5.18
N THR P 51 -50.39 16.32 -4.97
CA THR P 51 -51.24 15.17 -5.28
C THR P 51 -52.19 14.85 -4.13
N VAL P 52 -51.75 14.98 -2.89
CA VAL P 52 -52.58 14.55 -1.76
C VAL P 52 -53.60 15.61 -1.34
N ALA P 53 -53.26 16.90 -1.44
CA ALA P 53 -54.16 17.94 -0.93
C ALA P 53 -55.32 18.16 -1.88
N MET P 54 -55.15 17.75 -3.15
CA MET P 54 -56.26 17.41 -4.03
C MET P 54 -57.30 16.57 -3.30
N GLN P 55 -56.88 15.41 -2.82
CA GLN P 55 -57.85 14.45 -2.30
C GLN P 55 -58.23 14.80 -0.87
N VAL P 56 -57.36 15.51 -0.15
CA VAL P 56 -57.73 16.02 1.16
C VAL P 56 -58.79 17.13 1.03
N TYR P 57 -58.74 17.89 -0.07
CA TYR P 57 -59.79 18.89 -0.30
C TYR P 57 -61.09 18.23 -0.73
N ASP P 58 -60.99 17.13 -1.47
CA ASP P 58 -62.19 16.35 -1.75
C ASP P 58 -62.76 15.72 -0.46
N SER P 59 -61.89 15.52 0.54
CA SER P 59 -62.35 14.98 1.80
C SER P 59 -62.84 16.06 2.76
N ILE P 60 -62.42 17.32 2.56
CA ILE P 60 -62.90 18.37 3.46
C ILE P 60 -64.02 19.20 2.83
N LEU P 61 -64.62 18.74 1.75
CA LEU P 61 -65.86 19.35 1.27
C LEU P 61 -67.02 18.68 1.99
N ARG P 62 -67.02 18.84 3.32
CA ARG P 62 -68.05 18.36 4.22
C ARG P 62 -68.76 19.60 4.74
N GLN P 63 -68.01 20.52 5.34
CA GLN P 63 -68.55 21.83 5.68
C GLN P 63 -68.11 22.83 4.62
N ASP P 64 -68.93 23.86 4.43
CA ASP P 64 -68.56 24.97 3.58
C ASP P 64 -67.73 25.97 4.39
N PRO P 65 -66.46 26.19 4.04
CA PRO P 65 -65.71 27.31 4.62
C PRO P 65 -66.33 28.63 4.24
N PRO P 66 -66.84 29.39 5.22
CA PRO P 66 -67.77 30.49 4.90
C PRO P 66 -67.11 31.74 4.34
N ALA P 67 -66.39 31.60 3.22
CA ALA P 67 -65.82 32.68 2.42
C ALA P 67 -64.84 33.59 3.19
N HIS P 68 -64.35 33.12 4.33
CA HIS P 68 -63.31 33.78 5.11
C HIS P 68 -62.16 32.81 5.37
N VAL P 69 -62.39 31.54 5.05
CA VAL P 69 -61.42 30.49 5.32
C VAL P 69 -60.73 30.11 4.02
N ARG P 70 -61.44 30.23 2.90
CA ARG P 70 -60.92 29.82 1.60
C ARG P 70 -60.35 31.01 0.81
N GLU P 71 -60.13 32.15 1.46
CA GLU P 71 -59.67 33.35 0.76
C GLU P 71 -58.20 33.26 0.36
N THR P 72 -57.31 33.22 1.35
CA THR P 72 -55.87 33.13 1.13
C THR P 72 -55.38 31.71 1.41
N TYR P 73 -56.15 30.71 0.97
CA TYR P 73 -55.98 29.31 1.26
C TYR P 73 -56.13 28.47 -0.01
N GLN P 74 -56.37 29.14 -1.14
CA GLN P 74 -56.48 28.44 -2.41
C GLN P 74 -55.10 28.01 -2.90
N GLU P 75 -54.06 28.67 -2.41
CA GLU P 75 -52.70 28.33 -2.78
C GLU P 75 -51.74 28.19 -1.61
N TRP P 76 -52.06 28.73 -0.44
CA TRP P 76 -51.20 28.57 0.71
C TRP P 76 -51.47 27.25 1.42
N GLY P 77 -50.60 26.90 2.36
CA GLY P 77 -50.73 25.67 3.08
C GLY P 77 -50.47 24.42 2.28
N SER P 78 -49.48 24.44 1.39
CA SER P 78 -49.15 23.27 0.59
C SER P 78 -48.61 22.14 1.47
N ASP P 79 -47.50 22.41 2.18
CA ASP P 79 -46.94 21.37 3.04
C ASP P 79 -47.79 21.19 4.30
N LEU P 80 -48.59 22.18 4.64
CA LEU P 80 -49.53 22.10 5.75
C LEU P 80 -50.56 21.01 5.50
N LEU P 81 -51.17 21.04 4.31
CA LEU P 81 -52.16 20.02 3.95
C LEU P 81 -51.46 18.73 3.56
N TYR P 82 -50.22 18.83 3.08
CA TYR P 82 -49.44 17.64 2.76
C TYR P 82 -49.12 16.83 4.00
N GLU P 83 -48.89 17.51 5.13
CA GLU P 83 -48.45 16.79 6.32
C GLU P 83 -49.62 16.16 7.06
N LEU P 84 -50.73 16.90 7.18
CA LEU P 84 -51.89 16.33 7.83
C LEU P 84 -52.51 15.28 6.92
N ARG P 85 -52.40 14.01 7.34
CA ARG P 85 -52.83 12.87 6.55
C ARG P 85 -53.47 11.78 7.40
N GLU P 86 -53.89 12.11 8.62
CA GLU P 86 -54.27 11.06 9.57
C GLU P 86 -55.72 11.14 10.04
N LEU P 87 -56.38 12.27 9.89
CA LEU P 87 -57.65 12.51 10.57
C LEU P 87 -58.81 12.25 9.62
N ASP P 88 -60.04 12.25 10.15
CA ASP P 88 -61.13 11.71 9.35
C ASP P 88 -61.75 12.75 8.41
N GLN P 89 -62.63 13.61 8.94
CA GLN P 89 -63.06 14.83 8.28
C GLN P 89 -63.29 15.95 9.28
N GLU P 90 -63.22 15.62 10.57
CA GLU P 90 -63.66 16.56 11.59
C GLU P 90 -62.50 17.50 11.89
N GLN P 91 -61.37 16.92 12.25
CA GLN P 91 -60.23 17.71 12.67
C GLN P 91 -59.54 18.36 11.48
N ARG P 92 -59.70 17.79 10.28
CA ARG P 92 -58.98 18.29 9.11
C ARG P 92 -59.48 19.67 8.70
N SER P 93 -60.78 19.81 8.52
CA SER P 93 -61.33 21.11 8.16
C SER P 93 -61.45 22.05 9.35
N LEU P 94 -61.47 21.52 10.58
CA LEU P 94 -61.41 22.39 11.75
C LEU P 94 -59.98 22.81 12.06
N CYS P 95 -59.01 22.22 11.37
CA CYS P 95 -57.64 22.70 11.42
C CYS P 95 -57.46 23.97 10.62
N ALA P 96 -58.24 24.15 9.55
CA ALA P 96 -58.06 25.30 8.68
C ALA P 96 -58.49 26.59 9.36
N GLN P 97 -59.59 26.54 10.11
CA GLN P 97 -60.02 27.70 10.89
C GLN P 97 -59.04 28.00 12.00
N LEU P 98 -58.41 26.95 12.54
CA LEU P 98 -57.32 27.14 13.48
C LEU P 98 -56.09 27.72 12.78
N ALA P 99 -55.86 27.30 11.53
CA ALA P 99 -54.72 27.81 10.77
C ALA P 99 -54.89 29.27 10.40
N LEU P 100 -56.13 29.75 10.31
CA LEU P 100 -56.39 31.15 9.95
C LEU P 100 -56.71 32.02 11.16
N GLU P 101 -56.92 31.42 12.33
CA GLU P 101 -56.98 32.23 13.55
C GLU P 101 -55.72 32.20 14.37
N ARG P 102 -54.78 31.28 14.10
CA ARG P 102 -53.54 31.18 14.85
C ARG P 102 -52.31 31.57 14.03
N LYS P 103 -52.33 31.34 12.71
CA LYS P 103 -51.21 31.56 11.78
C LYS P 103 -49.97 30.78 12.22
N LEU P 104 -50.14 29.46 12.26
CA LEU P 104 -49.06 28.54 12.61
C LEU P 104 -48.00 28.55 11.51
N ASP P 105 -46.80 28.12 11.86
CA ASP P 105 -45.77 27.87 10.86
C ASP P 105 -46.12 26.58 10.13
N ALA P 106 -45.48 26.33 9.01
CA ALA P 106 -45.85 25.29 8.04
C ALA P 106 -45.69 23.90 8.68
N ASP P 107 -44.53 23.53 9.21
CA ASP P 107 -44.34 22.17 9.70
C ASP P 107 -43.78 22.17 11.11
N GLN P 108 -44.69 22.19 12.08
CA GLN P 108 -44.40 21.77 13.44
C GLN P 108 -45.55 20.96 14.02
N ILE P 109 -46.64 20.80 13.28
CA ILE P 109 -47.87 20.26 13.84
C ILE P 109 -48.16 18.82 13.42
N ARG P 110 -47.12 18.05 13.08
CA ARG P 110 -47.34 16.64 12.77
C ARG P 110 -47.79 15.86 13.99
N GLU P 111 -47.24 16.16 15.17
CA GLU P 111 -47.50 15.33 16.34
C GLU P 111 -48.83 15.69 16.99
N VAL P 112 -49.33 16.91 16.77
CA VAL P 112 -50.64 17.26 17.32
C VAL P 112 -51.73 16.57 16.53
N ALA P 113 -51.46 16.25 15.26
CA ALA P 113 -52.32 15.33 14.54
C ALA P 113 -52.13 13.90 14.99
N LYS P 114 -50.94 13.57 15.50
CA LYS P 114 -50.66 12.24 16.07
C LYS P 114 -51.21 12.11 17.49
N ALA P 115 -51.03 13.15 18.32
CA ALA P 115 -51.60 13.11 19.66
C ALA P 115 -53.11 13.28 19.60
N THR P 116 -53.61 13.98 18.59
CA THR P 116 -55.04 14.03 18.34
C THR P 116 -55.55 12.68 17.86
N LYS P 117 -54.71 11.95 17.12
CA LYS P 117 -55.09 10.61 16.69
C LYS P 117 -55.15 9.64 17.87
N ASP P 118 -54.18 9.75 18.77
CA ASP P 118 -54.21 9.01 20.02
C ASP P 118 -55.38 9.43 20.90
N PHE P 119 -55.78 10.70 20.83
CA PHE P 119 -56.99 11.16 21.49
C PHE P 119 -58.24 10.53 20.87
N CYS P 120 -58.18 10.20 19.58
CA CYS P 120 -59.24 9.47 18.92
C CYS P 120 -58.96 7.98 18.85
N ARG P 121 -58.08 7.46 19.70
CA ARG P 121 -57.71 6.05 19.63
C ARG P 121 -58.33 5.22 20.74
N LEU P 122 -58.33 5.78 21.96
CA LEU P 122 -59.04 5.19 23.09
C LEU P 122 -60.51 5.20 22.70
N PRO P 123 -61.23 4.07 22.87
CA PRO P 123 -62.55 3.93 22.19
C PRO P 123 -63.63 4.89 22.67
N LYS P 124 -63.48 5.43 23.87
CA LYS P 124 -64.34 6.47 24.37
C LYS P 124 -63.53 7.75 24.53
N GLN P 125 -64.19 8.88 24.27
CA GLN P 125 -63.60 10.17 24.58
C GLN P 125 -63.53 10.34 26.10
N PRO P 126 -62.63 11.19 26.60
CA PRO P 126 -62.61 11.49 28.03
C PRO P 126 -63.91 12.14 28.49
N GLU P 127 -64.37 11.71 29.66
CA GLU P 127 -65.67 12.12 30.17
C GLU P 127 -65.67 13.61 30.49
N ASN P 128 -66.73 14.28 30.04
CA ASN P 128 -66.85 15.74 30.00
C ASN P 128 -65.73 16.38 29.17
N PHE P 129 -65.37 15.71 28.07
CA PHE P 129 -64.49 16.30 27.07
C PHE P 129 -64.97 15.93 25.67
N ASP P 130 -64.52 16.65 24.65
CA ASP P 130 -65.10 16.54 23.32
C ASP P 130 -64.02 16.24 22.29
N ARG P 131 -64.45 15.69 21.16
CA ARG P 131 -63.57 15.33 20.05
C ARG P 131 -63.27 16.61 19.26
N HIS P 132 -62.09 17.19 19.51
CA HIS P 132 -61.67 18.41 18.79
C HIS P 132 -60.15 18.58 18.90
N PRO P 133 -59.49 19.28 17.95
CA PRO P 133 -58.03 19.48 18.01
C PRO P 133 -57.64 20.27 19.25
N GLY P 134 -58.34 21.39 19.50
CA GLY P 134 -58.06 22.24 20.67
C GLY P 134 -58.17 21.43 21.95
N ASP P 135 -59.23 20.62 22.07
CA ASP P 135 -59.44 19.77 23.27
C ASP P 135 -58.23 18.82 23.42
N ALA P 136 -57.81 18.21 22.31
CA ALA P 136 -56.65 17.28 22.32
C ALA P 136 -55.42 18.01 22.85
N VAL P 137 -55.17 19.23 22.34
CA VAL P 137 -54.00 20.04 22.79
C VAL P 137 -54.20 20.39 24.27
N ALA P 138 -55.44 20.70 24.66
CA ALA P 138 -55.77 21.06 26.06
C ALA P 138 -55.65 19.82 26.95
N HIS P 139 -55.93 18.64 26.39
CA HIS P 139 -55.85 17.35 27.13
C HIS P 139 -54.44 16.76 26.99
N GLN P 140 -53.58 17.42 26.22
CA GLN P 140 -52.18 16.95 26.01
C GLN P 140 -51.30 17.43 27.17
N CYS P 141 -51.80 18.37 27.97
CA CYS P 141 -51.04 18.91 29.14
C CYS P 141 -51.02 17.89 30.27
N TRP P 142 -52.01 16.99 30.31
CA TRP P 142 -52.10 15.93 31.35
C TRP P 142 -51.06 14.85 31.08
N ARG P 143 -50.66 14.69 29.81
CA ARG P 143 -49.65 13.67 29.41
C ARG P 143 -48.29 14.36 29.26
N LEU P 144 -48.16 15.58 29.79
CA LEU P 144 -46.89 16.35 29.70
C LEU P 144 -46.71 17.20 30.95
N ALA P 145 -47.46 18.31 31.05
CA ALA P 145 -47.36 19.24 32.20
C ALA P 145 -47.69 18.52 33.51
N GLN P 146 -48.70 17.64 33.48
CA GLN P 146 -49.11 16.89 34.70
C GLN P 146 -48.07 15.83 35.05
N GLU P 147 -47.33 15.34 34.05
CA GLU P 147 -46.28 14.31 34.27
C GLU P 147 -44.98 15.00 34.70
N ARG P 148 -44.94 16.34 34.65
CA ARG P 148 -43.76 17.10 35.02
C ARG P 148 -43.69 17.32 36.53
N THR P 149 -42.54 17.81 37.01
CA THR P 149 -42.40 18.04 38.45
C THR P 149 -41.88 19.43 38.81
N ASP P 150 -41.02 20.02 37.99
CA ASP P 150 -40.37 21.27 38.38
C ASP P 150 -41.04 22.49 37.75
N LEU P 151 -41.32 23.50 38.59
CA LEU P 151 -42.18 24.66 38.30
C LEU P 151 -41.79 25.44 37.05
N THR P 152 -40.53 25.39 36.62
CA THR P 152 -40.16 25.99 35.34
C THR P 152 -40.70 25.16 34.18
N GLU P 153 -40.57 23.84 34.29
CA GLU P 153 -41.05 22.94 33.25
C GLU P 153 -42.38 22.27 33.58
N ARG P 154 -42.96 22.55 34.75
CA ARG P 154 -44.28 22.07 35.11
C ARG P 154 -45.38 22.96 34.55
N SER P 155 -45.19 24.28 34.62
CA SER P 155 -46.16 25.23 34.07
C SER P 155 -45.65 25.88 32.79
N ARG P 156 -44.65 25.30 32.13
CA ARG P 156 -44.30 25.78 30.79
C ARG P 156 -45.36 25.35 29.78
N LEU P 157 -45.85 24.13 29.88
CA LEU P 157 -46.94 23.68 29.03
C LEU P 157 -48.28 24.02 29.67
N ILE P 158 -48.60 25.30 29.78
CA ILE P 158 -49.93 25.73 30.22
C ILE P 158 -50.43 26.75 29.20
N ALA P 159 -49.52 27.28 28.39
CA ALA P 159 -49.88 28.20 27.33
C ALA P 159 -50.09 27.51 25.99
N ARG P 160 -50.31 26.19 25.98
CA ARG P 160 -50.36 25.47 24.73
C ARG P 160 -51.78 25.12 24.28
N GLY P 161 -52.66 24.73 25.19
CA GLY P 161 -53.97 24.25 24.78
C GLY P 161 -55.14 25.10 25.20
N LEU P 162 -54.90 26.01 26.14
CA LEU P 162 -55.96 26.70 26.85
C LEU P 162 -56.56 27.84 26.03
N GLN P 163 -57.34 28.71 26.70
CA GLN P 163 -58.08 29.87 26.20
C GLN P 163 -58.86 29.64 24.91
N PHE P 164 -59.39 28.42 24.72
CA PHE P 164 -60.26 28.13 23.59
C PHE P 164 -61.72 28.40 23.96
N ALA P 165 -62.24 29.57 23.59
CA ALA P 165 -63.56 30.02 24.05
C ALA P 165 -64.63 29.74 23.00
N GLN P 166 -64.83 28.45 22.70
CA GLN P 166 -65.91 28.01 21.84
C GLN P 166 -66.65 26.81 22.44
N SER P 167 -66.51 26.61 23.75
CA SER P 167 -67.13 25.45 24.40
C SER P 167 -67.32 25.77 25.88
N ALA P 168 -68.55 25.56 26.37
CA ALA P 168 -68.84 25.83 27.77
C ALA P 168 -68.26 24.74 28.68
N GLY P 169 -67.97 23.57 28.12
CA GLY P 169 -67.37 22.49 28.88
C GLY P 169 -65.95 22.74 29.29
N ALA P 170 -65.12 23.26 28.38
CA ALA P 170 -63.73 23.54 28.68
C ALA P 170 -63.60 24.76 29.60
N ARG P 171 -64.61 25.62 29.61
CA ARG P 171 -64.58 26.79 30.49
C ARG P 171 -65.25 26.49 31.83
N ALA P 172 -66.03 25.39 31.88
CA ALA P 172 -66.47 24.88 33.17
C ALA P 172 -65.38 24.03 33.80
N LEU P 173 -64.50 23.46 32.98
CA LEU P 173 -63.37 22.69 33.46
C LEU P 173 -62.03 23.41 33.30
N ILE P 174 -62.06 24.73 33.10
CA ILE P 174 -60.81 25.48 33.06
C ILE P 174 -60.29 25.76 34.47
N GLU P 175 -61.15 25.68 35.49
CA GLU P 175 -60.74 25.89 36.87
C GLU P 175 -59.83 24.77 37.39
N ALA P 176 -59.93 23.58 36.80
CA ALA P 176 -59.02 22.49 37.13
C ALA P 176 -57.70 22.62 36.37
N LEU P 177 -57.55 23.68 35.59
CA LEU P 177 -56.29 23.90 34.89
C LEU P 177 -55.49 25.03 35.55
N LEU P 178 -56.20 26.04 36.06
CA LEU P 178 -55.54 27.05 36.90
C LEU P 178 -55.15 26.51 38.28
N LEU P 179 -55.53 25.26 38.59
CA LEU P 179 -54.84 24.44 39.58
C LEU P 179 -53.33 24.53 39.41
N ASP P 180 -52.86 24.38 38.16
CA ASP P 180 -51.43 24.47 37.86
C ASP P 180 -50.90 25.89 38.07
N LEU P 181 -51.79 26.88 38.23
CA LEU P 181 -51.41 28.21 38.70
C LEU P 181 -50.81 28.18 40.10
N SER P 182 -51.42 27.48 41.06
CA SER P 182 -50.87 27.53 42.41
C SER P 182 -50.93 26.21 43.16
#